data_9OP5
#
_entry.id   9OP5
#
_cell.length_a   1.00
_cell.length_b   1.00
_cell.length_c   1.00
_cell.angle_alpha   90.00
_cell.angle_beta   90.00
_cell.angle_gamma   90.00
#
_symmetry.space_group_name_H-M   'P 1'
#
loop_
_entity.id
_entity.type
_entity.pdbx_description
1 polymer 'Capsid scaffolding protein'
2 polymer 'Capsid portal protein'
#
loop_
_entity_poly.entity_id
_entity_poly.type
_entity_poly.pdbx_seq_one_letter_code
_entity_poly.pdbx_strand_id
1 'polypeptide(L)'
;MAADAPGDRMEEPLPDRAVPIYVAGFLALYDSGDSGELALDPDTVRAALPPDNPLPINVDHRAGCEVGRVLAVVDDPRGP
FFVGLIACVQLERVLETAASAAIFERRGPPLSREERLLYLITNYLPSVSLATKRLGGEAHPDRTLFAHVALCAIGRRLGT
IVTYDTGLDAAIAPFRHLSPASREGARRLAAEAEIALSGRTWAPGVEALTHTLLSTAVNNMMLRDRWSLVAERRRQAGIA
GHTYLQASEKFKMWGAEPVSAPARGYKNGAPESTDIPPGSIAAAPQGDRCPIVRQRGVALSPVLPPMNPVPTSGTPAPAP
PGDGSYLWIPASHYNQLVAGHAAPQPQPHSAFGFPAAAGAVAYGPHGAGLSQHYPPHVAHQYPGVLFSGPSPLEAQIAAL
VGAIAADRQAGGQPAAGDPGVRGSGKRRRYEAGPSESYCDQDEPDADYPYYPGEARGGPRGVDSRRAARQSPGTNETITA
LMGAVTSLQQELAHMRARTSAPYGMYTPVAHYRPQVGEPEPTTTHPALCPPEAVYRPPPHSAPYGPPQGPASHAPTPPYA
PAACPPGPPPPPCPSTQTRAPLPTEPAFPPAATGSQPEASNAEAGALVNASSAAHVDVDTARAADLFVSQMMGAR
;
A,B,C,D,E,F,G,H,I,J,K,L
2 'polypeptide(L)'
;MTAPRSWAPTTRARGDTEALCSPEDGWVKVHPTPGTMLFREILHGQLGYTEGQGVYNVVRSSEATTRQLQAAIFHALLNA
TTYRDLEADWLGHVAARGLQPQRLVRRYRNAREADIAGVAERVFDTWRNTLRTTLLDFAHGLVACFAPGGPSGPSSFPKY
IDWLTCLGLVPILRKRQEGGVTQGLRAFLKQHPLTRQLATVAEAAERAGPGFFELALAFDSTRVADYDRVYIYYNHRRGD
WLVRDPISGQRGECLVLWPPLWTGDRLVFDSPVQRLFPEIVACHSLREHAHVCRLRNTASVKVLLGRKSDSERGVAGAAR
VVNKVLGEDDETKAGSAASRLVRLIINMKGMRHVGDINDTVRAYLDEAGGHLIDAPAVDGTLPGFGKGGNSRGSAGQDQG
GRAPQLRQAFRTAVVNNINGVLEGYINNLFGTIERLRETNAGLATQLQERDRELRRATAGALERQQRAADLAAESVTGGC
GSRPAGADLLRADYDIIDVSKSMDDDTYVANSFQHPYIPSYAQDLERLSRLWEHELVRCFKILCHRNNQGQETSISYSSG
AIAAFVAPYFESVLRAPRVGAPITGSDVILGEEELWDAVFKKTRLQTYLTDIAALFVADVQHAALPPPPSPVGADFRPGA
SPRGRSRSRSPGRTAPGAPDQGGGIGHRDGRRDGRR
;
a,b,c,d,e,f,g,h,i,j,k,l
#
# COMPACT_ATOMS: atom_id res chain seq x y z
N PRO A 449 -23.50 11.03 -64.59
CA PRO A 449 -22.81 11.15 -63.31
C PRO A 449 -21.38 10.61 -63.36
N TYR A 450 -20.43 11.38 -62.83
CA TYR A 450 -19.03 10.99 -62.83
C TYR A 450 -18.46 11.15 -61.43
N TYR A 451 -17.53 10.28 -61.08
CA TYR A 451 -16.86 10.30 -59.79
C TYR A 451 -15.36 10.21 -59.99
N PRO A 452 -14.56 10.78 -59.08
CA PRO A 452 -13.11 10.88 -59.33
C PRO A 452 -12.41 9.54 -59.48
N GLY A 453 -12.64 8.61 -58.56
CA GLY A 453 -11.94 7.34 -58.61
C GLY A 453 -12.45 6.35 -59.64
N GLU A 454 -13.60 6.62 -60.24
CA GLU A 454 -14.18 5.70 -61.20
C GLU A 454 -13.40 5.70 -62.50
N ALA A 455 -13.50 4.60 -63.23
CA ALA A 455 -12.82 4.45 -64.51
C ALA A 455 -13.58 5.17 -65.63
N PRO B 449 -39.39 -11.69 -56.47
CA PRO B 449 -38.40 -11.18 -55.52
C PRO B 449 -37.08 -11.93 -55.58
N TYR B 450 -35.97 -11.20 -55.64
CA TYR B 450 -34.65 -11.79 -55.75
C TYR B 450 -33.73 -11.15 -54.70
N TYR B 451 -32.79 -11.94 -54.20
CA TYR B 451 -31.81 -11.47 -53.25
C TYR B 451 -30.42 -11.90 -53.69
N PRO B 452 -29.40 -11.08 -53.41
CA PRO B 452 -28.06 -11.37 -53.99
C PRO B 452 -27.49 -12.73 -53.60
N GLY B 453 -27.67 -13.16 -52.36
CA GLY B 453 -27.10 -14.42 -51.93
C GLY B 453 -27.90 -15.65 -52.29
N GLU B 454 -29.16 -15.48 -52.68
CA GLU B 454 -30.02 -16.62 -52.99
C GLU B 454 -29.63 -17.26 -54.31
N ALA B 455 -29.97 -18.53 -54.45
CA ALA B 455 -29.68 -19.29 -55.67
C ALA B 455 -30.66 -18.91 -56.77
N PRO C 449 -10.58 36.08 -58.26
CA PRO C 449 -10.22 35.57 -56.94
C PRO C 449 -8.75 35.16 -56.85
N TYR C 450 -7.98 35.86 -56.01
CA TYR C 450 -6.57 35.59 -55.82
C TYR C 450 -6.31 35.22 -54.36
N TYR C 451 -5.35 34.32 -54.16
CA TYR C 451 -4.99 33.85 -52.83
C TYR C 451 -3.49 33.98 -52.63
N PRO C 452 -3.04 34.16 -51.39
CA PRO C 452 -1.63 34.52 -51.16
C PRO C 452 -0.64 33.50 -51.70
N GLY C 453 -0.74 32.24 -51.28
CA GLY C 453 0.26 31.26 -51.67
C GLY C 453 0.10 30.68 -53.06
N GLU C 454 -0.99 31.02 -53.75
CA GLU C 454 -1.22 30.49 -55.09
C GLU C 454 -0.26 31.14 -56.09
N ALA C 455 -0.02 30.42 -57.18
CA ALA C 455 0.88 30.91 -58.22
C ALA C 455 0.24 32.06 -58.99
N PRO D 449 -3.82 56.93 -40.08
CA PRO D 449 -3.73 56.05 -38.91
C PRO D 449 -2.29 55.74 -38.51
N TYR D 450 -1.99 55.82 -37.21
CA TYR D 450 -0.66 55.59 -36.70
C TYR D 450 -0.74 54.62 -35.53
N TYR D 451 0.30 53.79 -35.38
CA TYR D 451 0.39 52.83 -34.31
C TYR D 451 1.76 52.93 -33.64
N PRO D 452 1.82 52.66 -32.32
CA PRO D 452 3.07 52.92 -31.59
C PRO D 452 4.27 52.15 -32.11
N GLY D 453 4.09 50.89 -32.50
CA GLY D 453 5.22 50.08 -32.94
C GLY D 453 5.64 50.28 -34.38
N GLU D 454 4.79 50.92 -35.20
CA GLU D 454 5.06 51.04 -36.61
C GLU D 454 6.14 52.11 -36.86
N ALA D 455 6.72 52.05 -38.06
CA ALA D 455 7.75 53.01 -38.46
C ALA D 455 7.11 54.26 -39.04
N PRO E 449 -5.52 68.25 -13.55
CA PRO E 449 -5.52 66.94 -12.89
C PRO E 449 -4.17 66.60 -12.28
N TYR E 450 -4.18 66.16 -11.02
CA TYR E 450 -2.98 65.80 -10.29
C TYR E 450 -3.15 64.43 -9.64
N TYR E 451 -2.05 63.69 -9.55
CA TYR E 451 -2.05 62.38 -8.93
C TYR E 451 -0.92 62.29 -7.92
N PRO E 452 -1.11 61.54 -6.83
CA PRO E 452 -0.12 61.55 -5.75
C PRO E 452 1.27 61.10 -6.16
N GLY E 453 1.37 60.10 -7.03
CA GLY E 453 2.67 59.59 -7.42
C GLY E 453 3.38 60.37 -8.50
N GLU E 454 2.68 61.29 -9.17
CA GLU E 454 3.24 62.03 -10.29
C GLU E 454 4.16 63.14 -9.79
N ALA E 455 4.97 63.66 -10.71
CA ALA E 455 5.88 64.76 -10.40
C ALA E 455 5.17 66.09 -10.48
N PRO F 449 -15.05 66.70 13.67
CA PRO F 449 -14.99 65.24 13.79
C PRO F 449 -13.76 64.78 14.57
N TYR F 450 -13.97 63.79 15.46
CA TYR F 450 -12.90 63.26 16.29
C TYR F 450 -12.94 61.74 16.26
N TYR F 451 -11.77 61.13 16.38
CA TYR F 451 -11.65 59.68 16.38
C TYR F 451 -10.78 59.24 17.55
N PRO F 452 -11.05 58.05 18.12
CA PRO F 452 -10.36 57.66 19.37
C PRO F 452 -8.85 57.62 19.25
N GLY F 453 -8.31 57.13 18.14
CA GLY F 453 -6.87 57.01 18.01
C GLY F 453 -6.15 58.25 17.53
N GLU F 454 -6.87 59.24 17.02
CA GLU F 454 -6.26 60.42 16.46
C GLU F 454 -5.73 61.34 17.56
N ALA F 455 -4.76 62.17 17.19
CA ALA F 455 -4.17 63.12 18.12
C ALA F 455 -5.12 64.29 18.36
N PRO G 449 -29.83 53.00 34.30
CA PRO G 449 -29.55 51.61 33.90
C PRO G 449 -28.47 50.96 34.76
N TYR G 450 -28.64 49.67 35.05
CA TYR G 450 -27.71 48.92 35.88
C TYR G 450 -27.42 47.58 35.25
N TYR G 451 -26.20 47.09 35.47
CA TYR G 451 -25.78 45.80 34.98
C TYR G 451 -25.08 45.03 36.09
N PRO G 452 -25.13 43.69 36.06
CA PRO G 452 -24.66 42.92 37.23
C PRO G 452 -23.19 43.14 37.56
N GLY G 453 -22.30 42.94 36.59
CA GLY G 453 -20.88 43.06 36.87
C GLY G 453 -20.36 44.46 37.05
N GLU G 454 -21.17 45.46 36.71
CA GLU G 454 -20.74 46.86 36.82
C GLU G 454 -20.64 47.27 38.28
N ALA G 455 -19.71 48.18 38.57
CA ALA G 455 -19.50 48.68 39.91
C ALA G 455 -20.63 49.62 40.33
N PRO H 449 -45.93 30.37 42.77
CA PRO H 449 -45.29 29.34 41.94
C PRO H 449 -44.28 28.51 42.71
N TYR H 450 -44.39 27.19 42.58
CA TYR H 450 -43.51 26.25 43.27
C TYR H 450 -42.85 25.33 42.26
N TYR H 451 -41.57 25.05 42.46
CA TYR H 451 -40.83 24.17 41.58
C TYR H 451 -40.25 22.99 42.36
N PRO H 452 -40.18 21.81 41.75
CA PRO H 452 -39.83 20.60 42.53
C PRO H 452 -38.47 20.67 43.20
N GLY H 453 -37.46 21.23 42.54
CA GLY H 453 -36.13 21.27 43.12
C GLY H 453 -35.88 22.41 44.09
N GLU H 454 -36.77 23.40 44.13
CA GLU H 454 -36.56 24.57 44.95
C GLU H 454 -36.86 24.28 46.41
N ALA H 455 -36.37 25.16 47.29
CA ALA H 455 -36.59 25.02 48.72
C ALA H 455 -37.95 25.58 49.11
N PRO I 449 -58.95 5.38 36.96
CA PRO I 449 -58.01 4.89 35.94
C PRO I 449 -57.05 3.84 36.49
N TYR I 450 -56.83 2.79 35.72
CA TYR I 450 -55.95 1.70 36.13
C TYR I 450 -55.02 1.34 34.98
N TYR I 451 -53.78 0.99 35.33
CA TYR I 451 -52.79 0.52 34.38
C TYR I 451 -52.18 -0.77 34.91
N PRO I 452 -51.69 -1.64 34.02
CA PRO I 452 -51.25 -2.98 34.47
C PRO I 452 -50.15 -2.96 35.52
N GLY I 453 -49.26 -1.98 35.49
CA GLY I 453 -48.08 -2.03 36.34
C GLY I 453 -48.27 -1.61 37.79
N GLU I 454 -49.32 -0.87 38.10
CA GLU I 454 -49.47 -0.35 39.46
C GLU I 454 -49.92 -1.44 40.42
N ALA I 455 -50.02 -1.05 41.70
CA ALA I 455 -50.49 -1.95 42.74
C ALA I 455 -51.96 -1.69 43.04
N PRO J 449 -65.49 -15.64 18.04
CA PRO J 449 -64.23 -15.57 17.29
C PRO J 449 -63.24 -16.66 17.68
N TYR J 450 -62.66 -17.32 16.69
CA TYR J 450 -61.73 -18.41 16.91
C TYR J 450 -60.47 -18.17 16.09
N TYR J 451 -59.33 -18.64 16.62
CA TYR J 451 -58.05 -18.52 15.93
C TYR J 451 -57.35 -19.87 15.94
N PRO J 452 -56.62 -20.20 14.87
CA PRO J 452 -56.06 -21.56 14.76
C PRO J 452 -55.13 -21.96 15.89
N GLY J 453 -54.30 -21.03 16.39
CA GLY J 453 -53.36 -21.39 17.43
C GLY J 453 -53.95 -21.47 18.82
N GLU J 454 -55.14 -20.91 19.02
CA GLU J 454 -55.73 -20.86 20.36
C GLU J 454 -56.29 -22.22 20.74
N ALA J 455 -56.61 -22.35 22.03
CA ALA J 455 -57.18 -23.58 22.56
C ALA J 455 -58.70 -23.56 22.46
N PRO K 449 -63.80 -26.97 -8.36
CA PRO K 449 -62.44 -26.47 -8.68
C PRO K 449 -61.38 -27.55 -8.53
N TYR K 450 -60.47 -27.61 -9.50
CA TYR K 450 -59.41 -28.61 -9.51
C TYR K 450 -58.07 -27.92 -9.76
N TYR K 451 -57.01 -28.48 -9.18
CA TYR K 451 -55.67 -27.96 -9.35
C TYR K 451 -54.71 -29.10 -9.69
N PRO K 452 -53.66 -28.82 -10.48
CA PRO K 452 -52.81 -29.91 -10.98
C PRO K 452 -52.17 -30.76 -9.89
N GLY K 453 -51.70 -30.15 -8.81
CA GLY K 453 -51.03 -30.90 -7.77
C GLY K 453 -51.94 -31.60 -6.77
N GLU K 454 -53.22 -31.23 -6.75
CA GLU K 454 -54.13 -31.78 -5.75
C GLU K 454 -54.50 -33.22 -6.11
N ALA K 455 -54.91 -33.97 -5.08
CA ALA K 455 -55.32 -35.36 -5.27
C ALA K 455 -56.73 -35.45 -5.83
N PRO L 449 -54.17 -25.48 -35.75
CA PRO L 449 -52.90 -24.82 -35.44
C PRO L 449 -51.71 -25.79 -35.48
N TYR L 450 -50.59 -25.33 -36.03
CA TYR L 450 -49.40 -26.14 -36.17
C TYR L 450 -48.18 -25.34 -35.73
N TYR L 451 -47.20 -26.03 -35.16
CA TYR L 451 -45.97 -25.42 -34.71
C TYR L 451 -44.77 -26.21 -35.22
N PRO L 452 -43.64 -25.54 -35.47
CA PRO L 452 -42.53 -26.23 -36.15
C PRO L 452 -42.01 -27.45 -35.42
N GLY L 453 -41.92 -27.41 -34.08
CA GLY L 453 -41.39 -28.52 -33.34
C GLY L 453 -42.38 -29.59 -32.94
N GLU L 454 -43.67 -29.34 -33.14
CA GLU L 454 -44.70 -30.28 -32.73
C GLU L 454 -44.72 -31.48 -33.66
N ALA L 455 -45.03 -32.65 -33.09
CA ALA L 455 -45.13 -33.88 -33.85
C ALA L 455 -46.42 -33.91 -34.67
N ASP M 25 54.99 14.59 -47.84
CA ASP M 25 55.10 16.04 -47.74
C ASP M 25 53.99 16.61 -46.84
N GLY M 26 53.78 15.96 -45.70
CA GLY M 26 52.76 16.35 -44.76
C GLY M 26 51.50 15.51 -44.80
N TRP M 27 51.28 14.76 -45.89
CA TRP M 27 50.12 13.88 -45.96
C TRP M 27 50.31 12.67 -45.06
N VAL M 28 49.21 11.95 -44.81
CA VAL M 28 49.24 10.78 -43.94
C VAL M 28 47.99 9.96 -44.22
N LYS M 29 48.09 8.66 -43.99
CA LYS M 29 46.94 7.77 -44.13
C LYS M 29 45.95 8.00 -42.99
N VAL M 30 44.67 7.81 -43.27
CA VAL M 30 43.65 7.96 -42.25
C VAL M 30 42.79 6.70 -42.13
N HIS M 31 42.03 6.38 -43.18
CA HIS M 31 41.03 5.33 -43.06
C HIS M 31 41.59 3.91 -43.15
N PRO M 32 42.35 3.53 -44.18
CA PRO M 32 42.71 2.12 -44.36
C PRO M 32 43.74 1.58 -43.38
N THR M 33 44.12 2.33 -42.36
CA THR M 33 44.99 1.81 -41.33
C THR M 33 44.25 0.74 -40.52
N PRO M 34 44.96 -0.28 -40.02
CA PRO M 34 44.27 -1.36 -39.28
C PRO M 34 43.53 -0.88 -38.04
N GLY M 35 44.02 0.17 -37.37
CA GLY M 35 43.33 0.70 -36.21
C GLY M 35 41.97 1.28 -36.50
N THR M 36 41.61 1.40 -37.78
CA THR M 36 40.29 1.81 -38.21
C THR M 36 39.41 0.64 -38.63
N MET M 37 40.00 -0.38 -39.25
CA MET M 37 39.27 -1.62 -39.49
C MET M 37 38.85 -2.28 -38.18
N LEU M 38 39.66 -2.10 -37.13
CA LEU M 38 39.30 -2.67 -35.84
C LEU M 38 37.99 -2.10 -35.32
N PHE M 39 37.73 -0.81 -35.58
CA PHE M 39 36.49 -0.21 -35.13
C PHE M 39 35.28 -0.87 -35.79
N ARG M 40 35.34 -1.07 -37.11
CA ARG M 40 34.23 -1.71 -37.79
C ARG M 40 34.05 -3.16 -37.34
N GLU M 41 35.16 -3.89 -37.17
CA GLU M 41 35.04 -5.26 -36.71
C GLU M 41 34.48 -5.34 -35.30
N ILE M 42 34.79 -4.35 -34.45
CA ILE M 42 34.14 -4.23 -33.15
C ILE M 42 32.64 -4.01 -33.34
N LEU M 43 32.27 -3.15 -34.29
CA LEU M 43 30.87 -2.85 -34.53
C LEU M 43 30.12 -4.09 -34.98
N HIS M 44 30.80 -5.00 -35.69
CA HIS M 44 30.15 -6.24 -36.11
C HIS M 44 30.11 -7.26 -34.97
N GLY M 45 30.87 -7.04 -33.90
CA GLY M 45 30.83 -7.92 -32.75
C GLY M 45 31.96 -8.92 -32.69
N GLN M 46 33.14 -8.54 -33.19
CA GLN M 46 34.30 -9.42 -33.14
C GLN M 46 35.01 -9.40 -31.80
N LEU M 47 34.65 -8.49 -30.91
CA LEU M 47 35.26 -8.37 -29.59
C LEU M 47 34.23 -8.56 -28.49
N GLY M 48 33.38 -9.57 -28.64
CA GLY M 48 32.31 -9.82 -27.71
C GLY M 48 31.05 -9.05 -28.04
N TYR M 49 29.96 -9.46 -27.39
CA TYR M 49 28.67 -8.83 -27.63
C TYR M 49 27.97 -8.63 -26.29
N THR M 50 27.05 -7.66 -26.28
CA THR M 50 26.35 -7.26 -25.06
C THR M 50 24.91 -6.89 -25.41
N GLU M 51 24.07 -6.83 -24.39
CA GLU M 51 22.69 -6.39 -24.60
C GLU M 51 22.63 -4.91 -24.97
N GLY M 52 23.56 -4.10 -24.44
CA GLY M 52 23.55 -2.69 -24.75
C GLY M 52 23.84 -2.39 -26.22
N GLN M 53 24.76 -3.16 -26.82
CA GLN M 53 25.11 -2.94 -28.22
C GLN M 53 23.94 -3.20 -29.15
N GLY M 54 22.90 -3.91 -28.69
CA GLY M 54 21.76 -4.18 -29.53
C GLY M 54 20.87 -2.99 -29.81
N VAL M 55 21.06 -1.88 -29.07
CA VAL M 55 20.32 -0.67 -29.37
C VAL M 55 20.72 -0.10 -30.73
N TYR M 56 21.94 -0.41 -31.18
CA TYR M 56 22.45 0.14 -32.44
C TYR M 56 21.62 -0.31 -33.64
N ASN M 57 20.85 -1.38 -33.52
CA ASN M 57 20.02 -1.82 -34.64
C ASN M 57 18.91 -0.81 -34.92
N VAL M 58 18.40 -0.14 -33.89
CA VAL M 58 17.38 0.87 -34.09
C VAL M 58 17.97 2.12 -34.73
N VAL M 59 19.23 2.44 -34.38
CA VAL M 59 19.85 3.67 -34.85
C VAL M 59 20.01 3.65 -36.37
N ARG M 60 20.16 2.46 -36.95
CA ARG M 60 20.38 2.34 -38.39
C ARG M 60 19.09 2.29 -39.19
N SER M 61 17.92 2.25 -38.55
CA SER M 61 16.68 2.06 -39.27
C SER M 61 16.42 3.23 -40.22
N SER M 62 15.89 2.91 -41.40
CA SER M 62 15.59 3.89 -42.42
C SER M 62 14.15 4.40 -42.34
N GLU M 63 13.53 4.31 -41.16
CA GLU M 63 12.14 4.74 -41.03
C GLU M 63 12.00 6.26 -41.10
N ALA M 64 12.93 6.99 -40.47
CA ALA M 64 12.83 8.44 -40.43
C ALA M 64 12.94 9.05 -41.82
N THR M 65 13.88 8.56 -42.63
CA THR M 65 14.05 9.12 -43.97
C THR M 65 12.85 8.82 -44.85
N THR M 66 12.27 7.63 -44.73
CA THR M 66 11.09 7.31 -45.52
C THR M 66 9.90 8.15 -45.09
N ARG M 67 9.75 8.40 -43.78
CA ARG M 67 8.69 9.28 -43.31
C ARG M 67 8.88 10.70 -43.85
N GLN M 68 10.13 11.18 -43.84
CA GLN M 68 10.43 12.51 -44.36
C GLN M 68 10.11 12.60 -45.85
N LEU M 69 10.46 11.55 -46.61
CA LEU M 69 10.15 11.53 -48.03
C LEU M 69 8.66 11.55 -48.27
N GLN M 70 7.91 10.75 -47.51
CA GLN M 70 6.45 10.74 -47.67
C GLN M 70 5.85 12.10 -47.36
N ALA M 71 6.31 12.73 -46.28
CA ALA M 71 5.80 14.05 -45.93
C ALA M 71 6.12 15.08 -46.99
N ALA M 72 7.36 15.06 -47.51
CA ALA M 72 7.75 16.00 -48.54
C ALA M 72 6.93 15.82 -49.81
N ILE M 73 6.71 14.58 -50.22
CA ILE M 73 5.92 14.32 -51.42
C ILE M 73 4.48 14.79 -51.23
N PHE M 74 3.91 14.51 -50.06
CA PHE M 74 2.53 14.92 -49.80
C PHE M 74 2.41 16.44 -49.81
N HIS M 75 3.34 17.14 -49.15
CA HIS M 75 3.31 18.60 -49.15
C HIS M 75 3.45 19.15 -50.56
N ALA M 76 4.40 18.63 -51.33
CA ALA M 76 4.61 19.14 -52.68
C ALA M 76 3.39 18.91 -53.56
N LEU M 77 2.77 17.73 -53.45
CA LEU M 77 1.61 17.43 -54.28
C LEU M 77 0.41 18.27 -53.89
N LEU M 78 0.15 18.41 -52.59
CA LEU M 78 -1.04 19.14 -52.13
C LEU M 78 -0.88 20.64 -52.18
N ASN M 79 0.36 21.16 -52.27
CA ASN M 79 0.56 22.60 -52.32
C ASN M 79 0.14 23.18 -53.67
N ALA M 80 0.16 22.37 -54.73
CA ALA M 80 -0.16 22.85 -56.07
C ALA M 80 -1.66 22.88 -56.35
N THR M 81 -2.50 22.71 -55.32
CA THR M 81 -3.93 22.77 -55.51
C THR M 81 -4.38 24.20 -55.75
N THR M 82 -5.44 24.37 -56.54
CA THR M 82 -6.01 25.67 -56.82
C THR M 82 -7.51 25.63 -56.62
N TYR M 83 -8.08 26.77 -56.20
CA TYR M 83 -9.50 26.84 -55.92
C TYR M 83 -10.33 26.83 -57.19
N ARG M 84 -9.84 27.53 -58.23
CA ARG M 84 -10.62 27.69 -59.47
C ARG M 84 -10.93 26.34 -60.11
N ASP M 85 -9.89 25.53 -60.32
CA ASP M 85 -10.09 24.28 -61.05
C ASP M 85 -10.84 23.25 -60.23
N LEU M 86 -10.62 23.21 -58.92
CA LEU M 86 -11.39 22.29 -58.08
C LEU M 86 -12.86 22.69 -58.05
N GLU M 87 -13.16 23.99 -57.96
CA GLU M 87 -14.55 24.42 -58.04
C GLU M 87 -15.16 24.09 -59.40
N ALA M 88 -14.37 24.22 -60.47
CA ALA M 88 -14.84 23.85 -61.80
C ALA M 88 -15.19 22.37 -61.87
N ASP M 89 -14.34 21.52 -61.29
CA ASP M 89 -14.61 20.08 -61.29
C ASP M 89 -15.85 19.77 -60.45
N TRP M 90 -16.02 20.45 -59.32
CA TRP M 90 -17.22 20.25 -58.50
C TRP M 90 -18.48 20.65 -59.26
N LEU M 91 -18.42 21.78 -59.98
CA LEU M 91 -19.57 22.21 -60.78
C LEU M 91 -19.84 21.22 -61.91
N GLY M 92 -18.79 20.67 -62.52
CA GLY M 92 -18.99 19.65 -63.54
C GLY M 92 -19.66 18.41 -62.98
N HIS M 93 -19.25 17.98 -61.78
CA HIS M 93 -19.90 16.85 -61.14
C HIS M 93 -21.36 17.14 -60.84
N VAL M 94 -21.65 18.36 -60.36
CA VAL M 94 -23.04 18.73 -60.08
C VAL M 94 -23.87 18.71 -61.36
N ALA M 95 -23.31 19.23 -62.46
CA ALA M 95 -24.01 19.20 -63.73
C ALA M 95 -24.25 17.77 -64.20
N ALA M 96 -23.27 16.89 -64.00
CA ALA M 96 -23.43 15.49 -64.36
C ALA M 96 -24.55 14.83 -63.56
N ARG M 97 -24.60 15.12 -62.25
CA ARG M 97 -25.64 14.54 -61.41
C ARG M 97 -27.01 15.16 -61.68
N GLY M 98 -27.06 16.36 -62.24
CA GLY M 98 -28.33 17.04 -62.43
C GLY M 98 -29.03 17.36 -61.14
N LEU M 99 -28.28 17.78 -60.13
CA LEU M 99 -28.81 18.06 -58.79
C LEU M 99 -28.54 19.51 -58.39
N GLN M 100 -28.78 20.44 -59.31
CA GLN M 100 -28.59 21.85 -59.01
C GLN M 100 -29.63 22.31 -57.98
N PRO M 101 -29.31 23.35 -57.21
CA PRO M 101 -30.28 23.81 -56.18
C PRO M 101 -31.64 24.17 -56.76
N GLN M 102 -31.68 24.78 -57.94
CA GLN M 102 -32.95 25.12 -58.57
C GLN M 102 -33.78 23.87 -58.80
N ARG M 103 -33.20 22.86 -59.45
CA ARG M 103 -33.92 21.62 -59.73
C ARG M 103 -34.31 20.90 -58.45
N LEU M 104 -33.40 20.84 -57.47
CA LEU M 104 -33.68 20.14 -56.23
C LEU M 104 -34.84 20.79 -55.47
N VAL M 105 -34.85 22.12 -55.38
CA VAL M 105 -35.92 22.81 -54.69
C VAL M 105 -37.23 22.69 -55.46
N ARG M 106 -37.18 22.81 -56.79
CA ARG M 106 -38.39 22.67 -57.59
C ARG M 106 -38.94 21.26 -57.56
N ARG M 107 -38.11 20.26 -57.29
CA ARG M 107 -38.58 18.89 -57.17
C ARG M 107 -39.14 18.57 -55.79
N TYR M 108 -38.46 19.01 -54.73
CA TYR M 108 -38.89 18.66 -53.38
C TYR M 108 -40.14 19.43 -52.99
N ARG M 109 -40.20 20.73 -53.30
CA ARG M 109 -41.37 21.56 -53.05
C ARG M 109 -41.81 21.53 -51.58
N ASN M 110 -40.83 21.61 -50.67
CA ASN M 110 -41.12 21.61 -49.25
C ASN M 110 -40.21 22.62 -48.56
N ALA M 111 -40.67 23.10 -47.39
CA ALA M 111 -39.96 24.10 -46.62
C ALA M 111 -39.17 23.50 -45.46
N ARG M 112 -39.00 22.18 -45.44
CA ARG M 112 -38.22 21.52 -44.39
C ARG M 112 -36.74 21.77 -44.67
N GLU M 113 -36.22 22.84 -44.08
CA GLU M 113 -34.86 23.28 -44.38
C GLU M 113 -33.83 22.25 -43.93
N ALA M 114 -34.04 21.64 -42.76
CA ALA M 114 -33.04 20.72 -42.22
C ALA M 114 -32.82 19.52 -43.12
N ASP M 115 -33.91 18.93 -43.64
CA ASP M 115 -33.79 17.73 -44.45
C ASP M 115 -33.04 18.02 -45.75
N ILE M 116 -33.41 19.07 -46.46
CA ILE M 116 -32.76 19.39 -47.72
C ILE M 116 -31.32 19.83 -47.50
N ALA M 117 -31.06 20.55 -46.40
CA ALA M 117 -29.69 20.93 -46.08
C ALA M 117 -28.82 19.71 -45.82
N GLY M 118 -29.35 18.74 -45.06
CA GLY M 118 -28.62 17.51 -44.85
C GLY M 118 -28.40 16.73 -46.13
N VAL M 119 -29.40 16.74 -47.02
CA VAL M 119 -29.26 16.05 -48.31
C VAL M 119 -28.13 16.66 -49.12
N ALA M 120 -28.10 17.99 -49.19
CA ALA M 120 -27.02 18.66 -49.92
C ALA M 120 -25.67 18.39 -49.28
N GLU M 121 -25.62 18.41 -47.94
CA GLU M 121 -24.36 18.16 -47.24
C GLU M 121 -23.85 16.75 -47.52
N ARG M 122 -24.75 15.75 -47.53
CA ARG M 122 -24.34 14.39 -47.85
C ARG M 122 -23.88 14.27 -49.31
N VAL M 123 -24.57 14.96 -50.22
CA VAL M 123 -24.18 14.93 -51.62
C VAL M 123 -22.75 15.48 -51.77
N PHE M 124 -22.44 16.56 -51.07
CA PHE M 124 -21.08 17.08 -51.10
C PHE M 124 -20.10 16.16 -50.39
N ASP M 125 -20.53 15.51 -49.31
CA ASP M 125 -19.64 14.66 -48.51
C ASP M 125 -19.17 13.45 -49.31
N THR M 126 -20.06 12.85 -50.10
CA THR M 126 -19.66 11.71 -50.92
C THR M 126 -18.53 12.10 -51.88
N TRP M 127 -18.71 13.23 -52.57
CA TRP M 127 -17.69 13.70 -53.50
C TRP M 127 -16.39 14.03 -52.78
N ARG M 128 -16.48 14.65 -51.61
CA ARG M 128 -15.29 15.00 -50.85
C ARG M 128 -14.51 13.74 -50.47
N ASN M 129 -15.21 12.72 -49.99
CA ASN M 129 -14.53 11.48 -49.56
C ASN M 129 -13.90 10.77 -50.75
N THR M 130 -14.61 10.72 -51.89
CA THR M 130 -14.04 10.08 -53.07
C THR M 130 -12.81 10.82 -53.57
N LEU M 131 -12.85 12.16 -53.56
CA LEU M 131 -11.68 12.94 -53.95
C LEU M 131 -10.51 12.67 -53.00
N ARG M 132 -10.79 12.60 -51.70
CA ARG M 132 -9.73 12.33 -50.73
C ARG M 132 -9.07 10.99 -50.98
N THR M 133 -9.87 9.94 -51.21
CA THR M 133 -9.26 8.62 -51.42
C THR M 133 -8.52 8.55 -52.75
N THR M 134 -9.01 9.24 -53.79
CA THR M 134 -8.29 9.31 -55.05
C THR M 134 -6.93 9.97 -54.88
N LEU M 135 -6.91 11.10 -54.16
CA LEU M 135 -5.63 11.78 -53.92
C LEU M 135 -4.69 10.94 -53.07
N LEU M 136 -5.23 10.21 -52.10
CA LEU M 136 -4.41 9.30 -51.30
C LEU M 136 -3.76 8.24 -52.18
N ASP M 137 -4.53 7.65 -53.10
CA ASP M 137 -3.98 6.63 -53.97
C ASP M 137 -2.89 7.20 -54.86
N PHE M 138 -3.12 8.38 -55.44
CA PHE M 138 -2.10 8.99 -56.28
C PHE M 138 -0.84 9.31 -55.49
N ALA M 139 -1.00 9.82 -54.27
CA ALA M 139 0.16 10.17 -53.45
C ALA M 139 0.97 8.93 -53.10
N HIS M 140 0.30 7.83 -52.75
CA HIS M 140 1.04 6.59 -52.47
C HIS M 140 1.76 6.11 -53.72
N GLY M 141 1.11 6.20 -54.88
CA GLY M 141 1.77 5.83 -56.12
C GLY M 141 3.03 6.65 -56.37
N LEU M 142 2.96 7.96 -56.12
CA LEU M 142 4.14 8.80 -56.29
C LEU M 142 5.23 8.43 -55.29
N VAL M 143 4.85 8.15 -54.04
CA VAL M 143 5.83 7.82 -53.01
C VAL M 143 6.54 6.51 -53.33
N ALA M 144 5.82 5.56 -53.91
CA ALA M 144 6.37 4.21 -54.10
C ALA M 144 7.64 4.20 -54.96
N CYS M 145 7.87 5.22 -55.78
CA CYS M 145 9.03 5.23 -56.66
C CYS M 145 10.34 5.52 -55.92
N PHE M 146 10.29 6.35 -54.88
CA PHE M 146 11.50 6.78 -54.20
C PHE M 146 11.93 5.84 -53.07
N ALA M 147 10.97 5.38 -52.26
CA ALA M 147 11.28 4.72 -50.99
C ALA M 147 12.24 3.52 -51.11
N PRO M 148 12.07 2.58 -52.04
CA PRO M 148 12.99 1.44 -52.08
C PRO M 148 14.45 1.82 -52.29
N GLY M 149 14.72 2.87 -53.08
CA GLY M 149 16.07 3.26 -53.40
C GLY M 149 16.80 4.05 -52.34
N GLY M 150 16.14 4.35 -51.22
CA GLY M 150 16.76 5.10 -50.15
C GLY M 150 17.79 4.32 -49.36
N PRO M 151 17.34 3.27 -48.66
CA PRO M 151 18.28 2.53 -47.79
C PRO M 151 19.32 1.72 -48.54
N SER M 152 19.10 1.42 -49.81
CA SER M 152 20.02 0.58 -50.57
C SER M 152 20.34 1.23 -51.91
N GLY M 153 21.50 0.85 -52.45
CA GLY M 153 21.99 1.42 -53.68
C GLY M 153 22.68 2.74 -53.44
N PRO M 154 22.67 3.62 -54.45
CA PRO M 154 23.24 4.96 -54.27
C PRO M 154 22.54 5.70 -53.14
N SER M 155 23.33 6.42 -52.34
CA SER M 155 22.84 7.23 -51.24
C SER M 155 22.07 6.38 -50.22
N SER M 156 22.82 5.47 -49.59
CA SER M 156 22.25 4.57 -48.59
C SER M 156 22.37 5.23 -47.20
N PHE M 157 21.29 5.14 -46.42
CA PHE M 157 21.27 5.79 -45.11
C PHE M 157 22.03 4.99 -44.05
N PRO M 158 21.82 3.68 -43.88
CA PRO M 158 22.58 2.96 -42.84
C PRO M 158 24.08 3.02 -43.04
N LYS M 159 24.54 3.05 -44.29
CA LYS M 159 25.97 3.23 -44.54
C LYS M 159 26.45 4.59 -44.04
N TYR M 160 25.64 5.63 -44.26
CA TYR M 160 25.93 6.95 -43.72
C TYR M 160 26.01 6.91 -42.20
N ILE M 161 25.07 6.23 -41.55
CA ILE M 161 25.05 6.18 -40.10
C ILE M 161 26.26 5.44 -39.56
N ASP M 162 26.66 4.34 -40.19
CA ASP M 162 27.82 3.62 -39.68
C ASP M 162 29.12 4.34 -39.98
N TRP M 163 29.18 5.10 -41.08
CA TRP M 163 30.31 6.01 -41.28
C TRP M 163 30.40 7.01 -40.15
N LEU M 164 29.27 7.62 -39.78
CA LEU M 164 29.27 8.57 -38.67
C LEU M 164 29.70 7.90 -37.36
N THR M 165 29.22 6.68 -37.11
CA THR M 165 29.50 6.02 -35.84
C THR M 165 30.95 5.59 -35.75
N CYS M 166 31.59 5.26 -36.88
CA CYS M 166 32.95 4.75 -36.81
C CYS M 166 33.98 5.88 -36.78
N LEU M 167 33.81 6.89 -37.64
CA LEU M 167 34.84 7.91 -37.80
C LEU M 167 34.32 9.33 -37.65
N GLY M 168 33.06 9.56 -38.01
CA GLY M 168 32.54 10.90 -38.13
C GLY M 168 32.72 11.52 -39.49
N LEU M 169 33.39 10.83 -40.42
CA LEU M 169 33.53 11.27 -41.80
C LEU M 169 32.60 10.46 -42.70
N VAL M 170 32.15 11.09 -43.79
CA VAL M 170 31.28 10.44 -44.75
C VAL M 170 31.77 10.74 -46.15
N PRO M 171 32.74 9.98 -46.68
CA PRO M 171 33.16 10.18 -48.07
C PRO M 171 31.99 10.01 -49.03
N ILE M 172 31.93 10.86 -50.04
CA ILE M 172 30.82 10.90 -50.97
C ILE M 172 31.36 11.03 -52.39
N LEU M 173 30.78 10.29 -53.32
CA LEU M 173 31.19 10.29 -54.72
C LEU M 173 30.02 10.74 -55.58
N ARG M 174 30.30 11.58 -56.56
CA ARG M 174 29.24 12.21 -57.35
C ARG M 174 29.47 12.04 -58.84
N LYS M 175 28.37 11.80 -59.56
CA LYS M 175 28.36 11.78 -61.01
C LYS M 175 26.96 12.16 -61.47
N ARG M 176 26.87 13.10 -62.41
CA ARG M 176 25.58 13.59 -62.90
C ARG M 176 25.11 12.68 -64.02
N GLN M 177 24.21 11.75 -63.69
CA GLN M 177 23.68 10.81 -64.67
C GLN M 177 22.28 10.39 -64.25
N GLU M 178 21.51 9.88 -65.21
CA GLU M 178 20.17 9.38 -64.95
C GLU M 178 20.21 7.87 -64.75
N GLY M 179 19.07 7.33 -64.31
CA GLY M 179 18.97 5.92 -64.00
C GLY M 179 17.64 5.50 -63.44
N GLY M 180 17.65 4.53 -62.53
CA GLY M 180 16.43 3.81 -62.18
C GLY M 180 15.31 4.70 -61.69
N VAL M 181 15.62 5.65 -60.81
CA VAL M 181 14.57 6.49 -60.23
C VAL M 181 13.93 7.37 -61.30
N THR M 182 14.74 7.97 -62.17
CA THR M 182 14.20 8.84 -63.22
C THR M 182 13.36 8.05 -64.20
N GLN M 183 13.83 6.87 -64.62
CA GLN M 183 13.03 6.05 -65.52
C GLN M 183 11.73 5.62 -64.86
N GLY M 184 11.78 5.30 -63.56
CA GLY M 184 10.57 4.94 -62.85
C GLY M 184 9.55 6.06 -62.82
N LEU M 185 10.01 7.28 -62.52
CA LEU M 185 9.09 8.42 -62.52
C LEU M 185 8.52 8.67 -63.91
N ARG M 186 9.37 8.59 -64.94
CA ARG M 186 8.89 8.83 -66.30
C ARG M 186 7.85 7.79 -66.70
N ALA M 187 8.08 6.52 -66.37
CA ALA M 187 7.12 5.48 -66.69
C ALA M 187 5.83 5.65 -65.92
N PHE M 188 5.93 6.03 -64.63
CA PHE M 188 4.74 6.14 -63.80
C PHE M 188 3.86 7.32 -64.20
N LEU M 189 4.46 8.50 -64.37
CA LEU M 189 3.66 9.71 -64.48
C LEU M 189 3.01 9.87 -65.85
N LYS M 190 3.71 9.48 -66.91
CA LYS M 190 3.28 9.86 -68.25
C LYS M 190 2.06 9.10 -68.75
N GLN M 191 1.63 8.03 -68.07
CA GLN M 191 0.46 7.29 -68.52
C GLN M 191 -0.45 6.92 -67.36
N HIS M 192 -0.57 7.79 -66.37
CA HIS M 192 -1.46 7.49 -65.26
C HIS M 192 -2.85 8.07 -65.52
N PRO M 193 -3.91 7.25 -65.50
CA PRO M 193 -5.23 7.73 -65.93
C PRO M 193 -5.83 8.82 -65.05
N LEU M 194 -5.39 8.97 -63.81
CA LEU M 194 -6.01 9.97 -62.93
C LEU M 194 -5.76 11.39 -63.42
N THR M 195 -4.65 11.62 -64.14
CA THR M 195 -4.40 12.94 -64.71
C THR M 195 -5.47 13.31 -65.73
N ARG M 196 -5.85 12.38 -66.61
CA ARG M 196 -6.92 12.66 -67.56
C ARG M 196 -8.28 12.71 -66.86
N GLN M 197 -8.48 11.91 -65.82
CA GLN M 197 -9.78 11.84 -65.16
C GLN M 197 -10.11 13.15 -64.45
N LEU M 198 -9.16 13.72 -63.72
CA LEU M 198 -9.38 14.92 -62.94
C LEU M 198 -8.46 16.03 -63.41
N ALA M 199 -9.03 17.21 -63.68
CA ALA M 199 -8.22 18.34 -64.10
C ALA M 199 -7.32 18.82 -62.96
N THR M 200 -7.84 18.84 -61.73
CA THR M 200 -7.05 19.32 -60.60
C THR M 200 -5.82 18.45 -60.38
N VAL M 201 -5.99 17.13 -60.45
CA VAL M 201 -4.86 16.22 -60.22
C VAL M 201 -3.79 16.43 -61.28
N ALA M 202 -4.20 16.54 -62.54
CA ALA M 202 -3.23 16.76 -63.62
C ALA M 202 -2.52 18.10 -63.47
N GLU M 203 -3.26 19.15 -63.11
CA GLU M 203 -2.65 20.45 -62.93
C GLU M 203 -1.63 20.44 -61.80
N ALA M 204 -1.99 19.82 -60.68
CA ALA M 204 -1.06 19.73 -59.56
C ALA M 204 0.17 18.91 -59.94
N ALA M 205 -0.03 17.80 -60.66
CA ALA M 205 1.09 16.95 -61.04
C ALA M 205 2.04 17.70 -61.98
N GLU M 206 1.50 18.41 -62.97
CA GLU M 206 2.37 19.13 -63.88
C GLU M 206 3.05 20.32 -63.21
N ARG M 207 2.39 20.93 -62.21
CA ARG M 207 3.03 22.04 -61.50
C ARG M 207 4.15 21.56 -60.61
N ALA M 208 3.96 20.45 -59.89
CA ALA M 208 4.96 19.93 -58.97
C ALA M 208 5.93 18.96 -59.63
N GLY M 209 5.79 18.72 -60.94
CA GLY M 209 6.62 17.76 -61.64
C GLY M 209 8.11 18.00 -61.57
N PRO M 210 8.58 19.20 -61.97
CA PRO M 210 10.03 19.43 -62.02
C PRO M 210 10.74 19.18 -60.70
N GLY M 211 10.11 19.50 -59.58
CA GLY M 211 10.72 19.22 -58.29
C GLY M 211 10.95 17.74 -58.07
N PHE M 212 9.99 16.91 -58.49
CA PHE M 212 10.14 15.47 -58.36
C PHE M 212 11.32 14.96 -59.20
N PHE M 213 11.46 15.47 -60.42
CA PHE M 213 12.57 15.04 -61.27
C PHE M 213 13.91 15.49 -60.70
N GLU M 214 13.97 16.71 -60.16
CA GLU M 214 15.21 17.17 -59.54
C GLU M 214 15.57 16.33 -58.32
N LEU M 215 14.57 15.99 -57.50
CA LEU M 215 14.83 15.13 -56.36
C LEU M 215 15.28 13.73 -56.79
N ALA M 216 14.71 13.22 -57.88
CA ALA M 216 15.13 11.92 -58.40
C ALA M 216 16.58 11.97 -58.87
N LEU M 217 16.95 13.05 -59.57
CA LEU M 217 18.34 13.19 -60.00
C LEU M 217 19.27 13.30 -58.79
N ALA M 218 18.84 13.99 -57.74
CA ALA M 218 19.63 14.07 -56.52
C ALA M 218 19.82 12.69 -55.90
N PHE M 219 18.75 11.89 -55.85
CA PHE M 219 18.86 10.53 -55.34
C PHE M 219 19.83 9.70 -56.17
N ASP M 220 19.79 9.88 -57.50
CA ASP M 220 20.58 9.03 -58.37
C ASP M 220 22.06 9.41 -58.35
N SER M 221 22.36 10.71 -58.30
CA SER M 221 23.72 11.17 -58.54
C SER M 221 24.69 10.70 -57.45
N THR M 222 24.33 10.93 -56.20
CA THR M 222 25.28 10.69 -55.11
C THR M 222 25.44 9.19 -54.84
N ARG M 223 26.54 8.85 -54.18
CA ARG M 223 26.79 7.47 -53.77
C ARG M 223 27.83 7.48 -52.66
N VAL M 224 27.46 7.05 -51.47
CA VAL M 224 28.40 6.96 -50.36
C VAL M 224 29.33 5.78 -50.60
N ALA M 225 30.63 6.01 -50.40
CA ALA M 225 31.63 4.99 -50.69
C ALA M 225 31.53 3.83 -49.71
N ASP M 226 32.21 2.74 -50.05
CA ASP M 226 32.20 1.52 -49.24
C ASP M 226 33.37 1.53 -48.26
N TYR M 227 33.13 0.93 -47.10
CA TYR M 227 34.08 1.00 -45.99
C TYR M 227 35.36 0.21 -46.23
N ASP M 228 35.40 -0.69 -47.22
CA ASP M 228 36.57 -1.51 -47.43
C ASP M 228 37.37 -1.13 -48.66
N ARG M 229 36.89 -0.21 -49.49
CA ARG M 229 37.55 0.12 -50.75
C ARG M 229 38.23 1.49 -50.77
N VAL M 230 37.70 2.47 -50.06
CA VAL M 230 38.06 3.86 -50.30
C VAL M 230 39.37 4.21 -49.59
N TYR M 231 40.00 5.28 -50.06
CA TYR M 231 41.24 5.82 -49.50
C TYR M 231 40.97 7.25 -49.03
N ILE M 232 41.46 7.58 -47.84
CA ILE M 232 41.24 8.91 -47.25
C ILE M 232 42.58 9.45 -46.78
N TYR M 233 42.88 10.69 -47.16
CA TYR M 233 44.14 11.35 -46.85
C TYR M 233 43.90 12.66 -46.12
N TYR M 234 44.77 12.98 -45.17
CA TYR M 234 44.67 14.18 -44.36
C TYR M 234 46.03 14.86 -44.29
N ASN M 235 46.06 16.17 -44.52
CA ASN M 235 47.27 16.97 -44.43
C ASN M 235 47.06 18.04 -43.36
N HIS M 236 47.74 17.89 -42.22
CA HIS M 236 47.46 18.73 -41.06
C HIS M 236 47.81 20.20 -41.30
N ARG M 237 48.90 20.49 -42.01
CA ARG M 237 49.39 21.86 -42.09
C ARG M 237 48.40 22.80 -42.77
N ARG M 238 47.46 22.28 -43.56
CA ARG M 238 46.43 23.10 -44.17
C ARG M 238 45.02 22.69 -43.76
N GLY M 239 44.78 21.41 -43.51
CA GLY M 239 43.50 20.95 -43.03
C GLY M 239 42.48 20.67 -44.12
N ASP M 240 42.91 20.04 -45.20
CA ASP M 240 42.02 19.63 -46.28
C ASP M 240 42.10 18.12 -46.48
N TRP M 241 41.07 17.57 -47.12
CA TRP M 241 40.91 16.14 -47.29
C TRP M 241 41.01 15.77 -48.77
N LEU M 242 41.68 14.65 -49.04
CA LEU M 242 41.74 14.08 -50.39
C LEU M 242 41.31 12.63 -50.29
N VAL M 243 40.13 12.33 -50.83
CA VAL M 243 39.55 10.99 -50.79
C VAL M 243 39.46 10.46 -52.22
N ARG M 244 40.03 9.28 -52.44
CA ARG M 244 40.07 8.68 -53.76
C ARG M 244 39.53 7.27 -53.71
N ASP M 245 39.01 6.81 -54.85
CA ASP M 245 38.55 5.44 -55.02
C ASP M 245 39.57 4.69 -55.87
N PRO M 246 40.31 3.72 -55.31
CA PRO M 246 41.42 3.13 -56.07
C PRO M 246 40.99 2.23 -57.21
N ILE M 247 39.77 1.70 -57.19
CA ILE M 247 39.34 0.78 -58.25
C ILE M 247 39.11 1.55 -59.55
N SER M 248 38.20 2.51 -59.53
CA SER M 248 37.87 3.30 -60.71
C SER M 248 38.75 4.53 -60.88
N GLY M 249 39.57 4.86 -59.88
CA GLY M 249 40.35 6.08 -59.95
C GLY M 249 39.55 7.35 -59.83
N GLN M 250 38.39 7.29 -59.19
CA GLN M 250 37.48 8.42 -59.14
C GLN M 250 37.73 9.26 -57.88
N ARG M 251 37.89 10.56 -58.07
CA ARG M 251 38.09 11.47 -56.95
C ARG M 251 36.74 11.90 -56.38
N GLY M 252 36.61 11.82 -55.05
CA GLY M 252 35.42 12.27 -54.36
C GLY M 252 35.72 13.43 -53.42
N GLU M 253 34.71 13.75 -52.62
CA GLU M 253 34.84 14.80 -51.61
C GLU M 253 34.43 14.21 -50.25
N CYS M 254 35.10 14.68 -49.20
CA CYS M 254 34.88 14.15 -47.86
C CYS M 254 34.09 15.15 -47.03
N LEU M 255 33.03 14.66 -46.38
CA LEU M 255 32.23 15.45 -45.47
C LEU M 255 32.66 15.15 -44.03
N VAL M 256 32.83 16.21 -43.25
CA VAL M 256 33.23 16.09 -41.86
C VAL M 256 32.15 16.73 -40.99
N LEU M 257 31.75 16.01 -39.95
CA LEU M 257 30.69 16.45 -39.05
C LEU M 257 31.16 16.69 -37.63
N TRP M 258 32.00 15.80 -37.10
CA TRP M 258 32.64 15.97 -35.80
C TRP M 258 34.14 15.94 -36.02
N PRO M 259 34.80 17.10 -36.16
CA PRO M 259 36.18 17.10 -36.64
C PRO M 259 37.12 16.43 -35.66
N PRO M 260 38.18 15.79 -36.13
CA PRO M 260 39.09 15.05 -35.26
C PRO M 260 40.14 15.97 -34.66
N LEU M 261 41.08 15.36 -33.93
CA LEU M 261 42.15 16.05 -33.23
C LEU M 261 43.48 15.42 -33.60
N TRP M 262 44.46 16.24 -33.96
CA TRP M 262 45.78 15.78 -34.38
C TRP M 262 46.77 16.09 -33.27
N THR M 263 47.42 15.05 -32.74
CA THR M 263 48.32 15.17 -31.60
C THR M 263 49.73 14.69 -31.96
N GLY M 264 50.22 15.06 -33.12
CA GLY M 264 51.56 14.64 -33.55
C GLY M 264 51.50 13.38 -34.40
N ASP M 265 52.17 12.32 -33.94
CA ASP M 265 52.14 11.04 -34.63
C ASP M 265 50.93 10.22 -34.20
N ARG M 266 49.75 10.78 -34.50
CA ARG M 266 48.49 10.22 -34.07
C ARG M 266 47.37 11.01 -34.74
N LEU M 267 46.15 10.48 -34.66
CA LEU M 267 44.95 11.21 -35.06
C LEU M 267 43.80 10.59 -34.30
N VAL M 268 43.16 11.39 -33.43
CA VAL M 268 42.12 10.90 -32.54
C VAL M 268 40.80 11.46 -33.02
N PHE M 269 39.90 10.57 -33.44
CA PHE M 269 38.55 10.99 -33.79
C PHE M 269 37.71 11.13 -32.53
N ASP M 270 36.49 11.61 -32.69
CA ASP M 270 35.55 11.75 -31.59
C ASP M 270 34.25 11.02 -31.88
N SER M 271 34.36 9.87 -32.53
CA SER M 271 33.24 8.98 -32.74
C SER M 271 32.93 8.20 -31.47
N PRO M 272 31.69 7.74 -31.30
CA PRO M 272 31.36 6.98 -30.08
C PRO M 272 32.22 5.75 -29.87
N VAL M 273 32.59 5.07 -30.95
CA VAL M 273 33.43 3.87 -30.82
C VAL M 273 34.81 4.25 -30.32
N GLN M 274 35.33 5.40 -30.73
CA GLN M 274 36.63 5.85 -30.24
C GLN M 274 36.58 6.12 -28.74
N ARG M 275 35.50 6.73 -28.26
CA ARG M 275 35.36 6.98 -26.82
C ARG M 275 35.21 5.67 -26.05
N LEU M 276 34.48 4.71 -26.61
CA LEU M 276 34.21 3.45 -25.94
C LEU M 276 35.31 2.41 -26.15
N PHE M 277 36.35 2.74 -26.91
CA PHE M 277 37.32 1.72 -27.32
C PHE M 277 38.12 1.12 -26.16
N PRO M 278 38.78 1.91 -25.29
CA PRO M 278 39.65 1.27 -24.28
C PRO M 278 38.92 0.35 -23.32
N GLU M 279 37.69 0.70 -22.93
CA GLU M 279 36.96 -0.07 -21.93
C GLU M 279 36.68 -1.49 -22.42
N ILE M 280 36.21 -1.61 -23.66
CA ILE M 280 35.87 -2.92 -24.20
C ILE M 280 37.12 -3.75 -24.45
N VAL M 281 38.23 -3.10 -24.81
CA VAL M 281 39.49 -3.82 -24.96
C VAL M 281 39.94 -4.39 -23.63
N ALA M 282 39.84 -3.59 -22.56
CA ALA M 282 40.21 -4.08 -21.24
C ALA M 282 39.33 -5.25 -20.82
N CYS M 283 38.02 -5.15 -21.07
CA CYS M 283 37.13 -6.26 -20.72
C CYS M 283 37.43 -7.52 -21.53
N HIS M 284 37.74 -7.37 -22.82
CA HIS M 284 38.10 -8.52 -23.64
C HIS M 284 39.35 -9.19 -23.12
N SER M 285 40.36 -8.39 -22.76
CA SER M 285 41.59 -8.96 -22.20
C SER M 285 41.31 -9.67 -20.88
N LEU M 286 40.46 -9.10 -20.04
CA LEU M 286 40.11 -9.74 -18.78
C LEU M 286 39.42 -11.08 -19.03
N ARG M 287 38.50 -11.14 -19.98
CA ARG M 287 37.82 -12.39 -20.27
C ARG M 287 38.79 -13.44 -20.80
N GLU M 288 39.72 -13.04 -21.66
CA GLU M 288 40.69 -14.00 -22.18
C GLU M 288 41.60 -14.53 -21.08
N HIS M 289 42.04 -13.64 -20.17
CA HIS M 289 42.85 -14.09 -19.05
C HIS M 289 42.07 -15.02 -18.13
N ALA M 290 40.79 -14.72 -17.91
CA ALA M 290 39.96 -15.61 -17.09
C ALA M 290 39.83 -16.98 -17.72
N HIS M 291 39.67 -17.03 -19.05
CA HIS M 291 39.62 -18.31 -19.74
C HIS M 291 40.92 -19.09 -19.57
N VAL M 292 42.06 -18.40 -19.73
CA VAL M 292 43.35 -19.06 -19.59
C VAL M 292 43.52 -19.62 -18.17
N CYS M 293 43.14 -18.83 -17.16
CA CYS M 293 43.22 -19.32 -15.78
C CYS M 293 42.27 -20.49 -15.57
N ARG M 294 41.10 -20.46 -16.22
CA ARG M 294 40.13 -21.55 -16.07
C ARG M 294 40.69 -22.86 -16.61
N LEU M 295 41.36 -22.82 -17.76
CA LEU M 295 41.88 -24.06 -18.33
C LEU M 295 43.04 -24.65 -17.52
N ARG M 296 43.60 -23.88 -16.58
CA ARG M 296 44.74 -24.36 -15.79
C ARG M 296 44.32 -25.34 -14.69
N ASN M 297 43.14 -25.16 -14.12
CA ASN M 297 42.71 -25.89 -12.94
C ASN M 297 42.03 -27.23 -13.25
N THR M 298 42.31 -27.81 -14.42
CA THR M 298 41.67 -29.08 -14.78
C THR M 298 42.11 -30.21 -13.85
N ALA M 299 43.41 -30.32 -13.60
CA ALA M 299 43.95 -31.39 -12.77
C ALA M 299 43.74 -31.08 -11.29
N SER M 300 43.30 -32.08 -10.54
CA SER M 300 42.99 -31.85 -9.13
C SER M 300 44.22 -31.96 -8.25
N VAL M 301 45.13 -32.89 -8.55
CA VAL M 301 46.31 -33.12 -7.73
C VAL M 301 47.54 -32.65 -8.48
N LYS M 302 48.54 -32.18 -7.73
CA LYS M 302 49.80 -31.70 -8.30
C LYS M 302 50.94 -32.20 -7.43
N VAL M 303 52.10 -32.38 -8.06
CA VAL M 303 53.27 -32.97 -7.41
C VAL M 303 54.48 -32.07 -7.66
N LEU M 304 55.32 -31.90 -6.64
CA LEU M 304 56.53 -31.12 -6.72
C LEU M 304 57.73 -32.00 -6.40
N LEU M 305 58.82 -31.82 -7.14
CA LEU M 305 60.00 -32.66 -7.03
C LEU M 305 61.21 -31.81 -6.65
N GLY M 306 62.33 -32.49 -6.43
CA GLY M 306 63.57 -31.81 -6.08
C GLY M 306 64.68 -32.80 -5.82
N ARG M 307 65.91 -32.29 -5.89
CA ARG M 307 67.08 -33.10 -5.64
C ARG M 307 67.11 -33.61 -4.20
N LYS M 308 67.73 -34.77 -4.00
CA LYS M 308 68.15 -35.16 -2.66
C LYS M 308 69.48 -34.50 -2.34
N SER M 309 69.62 -34.03 -1.10
CA SER M 309 70.91 -33.56 -0.63
C SER M 309 71.85 -34.76 -0.57
N ASP M 310 72.79 -34.81 -1.51
CA ASP M 310 73.63 -35.99 -1.76
C ASP M 310 72.75 -37.17 -2.20
N TYR M 494 44.10 -35.17 -15.18
CA TYR M 494 43.71 -35.66 -13.86
C TYR M 494 44.85 -35.55 -12.85
N ASP M 495 46.08 -35.49 -13.35
CA ASP M 495 47.22 -35.12 -12.53
C ASP M 495 48.22 -34.35 -13.37
N ILE M 496 48.91 -33.41 -12.74
CA ILE M 496 49.95 -32.61 -13.39
C ILE M 496 51.17 -32.60 -12.50
N ILE M 497 52.34 -32.82 -13.09
CA ILE M 497 53.58 -33.02 -12.35
C ILE M 497 54.54 -31.89 -12.67
N ASP M 498 55.06 -31.24 -11.64
CA ASP M 498 56.01 -30.14 -11.77
C ASP M 498 57.40 -30.64 -11.38
N VAL M 499 58.38 -30.35 -12.23
CA VAL M 499 59.74 -30.83 -12.04
C VAL M 499 60.64 -29.61 -11.90
N SER M 500 61.12 -29.35 -10.69
CA SER M 500 62.16 -28.35 -10.43
C SER M 500 63.51 -28.99 -10.20
N LYS M 501 63.67 -30.26 -10.61
CA LYS M 501 64.90 -31.00 -10.35
C LYS M 501 66.10 -30.38 -11.04
N SER M 502 65.94 -29.93 -12.29
CA SER M 502 67.09 -29.53 -13.09
C SER M 502 67.77 -28.28 -12.53
N MET M 503 66.98 -27.27 -12.14
CA MET M 503 67.54 -25.99 -11.73
C MET M 503 68.25 -26.04 -10.38
N ASP M 504 68.03 -27.08 -9.59
CA ASP M 504 68.59 -27.10 -8.24
C ASP M 504 70.09 -27.31 -8.29
N ASP M 505 70.81 -26.61 -7.41
CA ASP M 505 72.24 -26.82 -7.25
C ASP M 505 72.65 -26.27 -5.90
N ASP M 506 72.97 -27.16 -4.96
CA ASP M 506 73.39 -26.79 -3.61
C ASP M 506 72.31 -26.00 -2.86
N THR M 507 71.04 -26.20 -3.23
CA THR M 507 69.93 -25.52 -2.59
C THR M 507 68.86 -26.54 -2.24
N TYR M 508 67.80 -26.07 -1.59
CA TYR M 508 66.70 -26.91 -1.17
C TYR M 508 65.40 -26.14 -1.28
N VAL M 509 64.29 -26.87 -1.34
CA VAL M 509 62.96 -26.26 -1.41
C VAL M 509 62.62 -25.78 0.00
N ALA M 510 62.81 -24.49 0.26
CA ALA M 510 62.54 -23.95 1.59
C ALA M 510 61.05 -23.97 1.90
N ASN M 511 60.23 -23.49 0.98
CA ASN M 511 58.79 -23.48 1.18
C ASN M 511 58.10 -23.41 -0.17
N SER M 512 56.83 -23.81 -0.18
CA SER M 512 56.00 -23.78 -1.38
C SER M 512 54.57 -23.42 -0.99
N PHE M 513 53.87 -22.78 -1.92
CA PHE M 513 52.51 -22.30 -1.67
C PHE M 513 51.61 -22.68 -2.84
N GLN M 514 50.31 -22.63 -2.59
CA GLN M 514 49.32 -22.81 -3.65
C GLN M 514 48.16 -21.86 -3.41
N HIS M 515 47.71 -21.19 -4.48
CA HIS M 515 46.57 -20.27 -4.41
C HIS M 515 45.96 -20.18 -5.80
N PRO M 516 44.90 -20.95 -6.08
CA PRO M 516 44.28 -21.01 -7.42
C PRO M 516 43.32 -19.85 -7.70
N TYR M 517 43.88 -18.73 -8.13
CA TYR M 517 43.09 -17.55 -8.44
C TYR M 517 42.33 -17.72 -9.74
N ILE M 518 41.11 -17.18 -9.79
CA ILE M 518 40.29 -17.16 -11.00
C ILE M 518 39.60 -15.80 -11.10
N PRO M 519 39.97 -14.95 -12.06
CA PRO M 519 39.29 -13.65 -12.19
C PRO M 519 37.83 -13.82 -12.57
N SER M 520 37.02 -12.87 -12.10
CA SER M 520 35.60 -12.83 -12.41
C SER M 520 35.29 -11.62 -13.29
N TYR M 521 34.37 -11.80 -14.25
CA TYR M 521 34.15 -10.79 -15.28
C TYR M 521 32.68 -10.45 -15.51
N ALA M 522 31.78 -10.85 -14.62
CA ALA M 522 30.35 -10.57 -14.84
C ALA M 522 30.03 -9.10 -14.63
N GLN M 523 30.59 -8.51 -13.57
CA GLN M 523 30.30 -7.11 -13.26
C GLN M 523 30.79 -6.18 -14.37
N ASP M 524 31.95 -6.49 -14.95
CA ASP M 524 32.45 -5.68 -16.05
C ASP M 524 31.56 -5.77 -17.27
N LEU M 525 31.02 -6.96 -17.55
CA LEU M 525 30.11 -7.11 -18.67
C LEU M 525 28.82 -6.34 -18.45
N GLU M 526 28.29 -6.37 -17.22
CA GLU M 526 27.11 -5.57 -16.90
C GLU M 526 27.39 -4.09 -17.09
N ARG M 527 28.56 -3.64 -16.62
CA ARG M 527 28.91 -2.23 -16.76
C ARG M 527 29.03 -1.83 -18.23
N LEU M 528 29.63 -2.70 -19.05
CA LEU M 528 29.76 -2.40 -20.48
C LEU M 528 28.40 -2.36 -21.15
N SER M 529 27.50 -3.27 -20.80
CA SER M 529 26.16 -3.24 -21.39
C SER M 529 25.48 -1.91 -21.09
N ARG M 530 25.47 -1.50 -19.81
CA ARG M 530 24.83 -0.25 -19.46
C ARG M 530 25.52 0.94 -20.11
N LEU M 531 26.84 0.93 -20.17
CA LEU M 531 27.58 2.05 -20.76
C LEU M 531 27.31 2.17 -22.25
N TRP M 532 27.33 1.05 -22.97
CA TRP M 532 26.99 1.04 -24.39
C TRP M 532 25.61 1.62 -24.61
N GLU M 533 24.63 1.16 -23.84
CA GLU M 533 23.26 1.62 -24.02
C GLU M 533 23.16 3.12 -23.78
N HIS M 534 23.73 3.61 -22.68
CA HIS M 534 23.63 5.03 -22.35
C HIS M 534 24.34 5.88 -23.40
N GLU M 535 25.53 5.46 -23.85
CA GLU M 535 26.25 6.22 -24.85
C GLU M 535 25.46 6.32 -26.14
N LEU M 536 24.90 5.21 -26.61
CA LEU M 536 24.17 5.24 -27.87
C LEU M 536 22.85 5.99 -27.74
N VAL M 537 22.22 5.97 -26.57
CA VAL M 537 20.99 6.73 -26.38
C VAL M 537 21.28 8.23 -26.39
N ARG M 538 22.32 8.66 -25.67
CA ARG M 538 22.56 10.09 -25.53
C ARG M 538 23.25 10.70 -26.73
N CYS M 539 24.05 9.93 -27.47
CA CYS M 539 24.79 10.50 -28.59
C CYS M 539 23.87 10.75 -29.79
N PHE M 540 22.97 9.83 -30.08
CA PHE M 540 22.11 9.93 -31.25
C PHE M 540 20.70 10.44 -30.93
N LYS M 541 20.47 10.89 -29.70
CA LYS M 541 19.20 11.48 -29.28
C LYS M 541 18.04 10.51 -29.52
N ILE M 542 18.17 9.32 -28.96
CA ILE M 542 17.15 8.29 -29.07
C ILE M 542 16.15 8.45 -27.94
N LEU M 543 14.86 8.49 -28.27
CA LEU M 543 13.80 8.64 -27.30
C LEU M 543 13.16 7.28 -27.04
N CYS M 544 13.19 6.84 -25.78
CA CYS M 544 12.71 5.52 -25.40
C CYS M 544 11.32 5.63 -24.80
N HIS M 545 10.34 5.00 -25.43
CA HIS M 545 9.00 4.90 -24.86
C HIS M 545 8.98 3.83 -23.79
N ARG M 546 8.17 4.06 -22.76
CA ARG M 546 8.09 3.14 -21.63
C ARG M 546 6.64 2.98 -21.20
N ASN M 547 6.36 1.85 -20.56
CA ASN M 547 5.04 1.54 -20.04
C ASN M 547 4.82 2.25 -18.71
N ASN M 548 3.78 1.87 -17.97
CA ASN M 548 3.60 2.40 -16.62
C ASN M 548 4.82 2.07 -15.76
N GLN M 549 5.28 0.82 -15.82
CA GLN M 549 6.56 0.44 -15.22
C GLN M 549 7.43 -0.41 -16.14
N GLY M 550 6.85 -1.08 -17.14
CA GLY M 550 7.67 -1.84 -18.07
C GLY M 550 8.60 -0.94 -18.85
N GLN M 551 9.80 -1.44 -19.11
CA GLN M 551 10.85 -0.66 -19.77
C GLN M 551 10.96 -1.04 -21.24
N GLU M 552 11.12 -0.01 -22.09
CA GLU M 552 11.39 -0.18 -23.51
C GLU M 552 10.28 -0.98 -24.21
N THR M 553 9.08 -0.40 -24.21
CA THR M 553 8.00 -0.97 -25.02
C THR M 553 8.21 -0.69 -26.50
N SER M 554 8.90 0.41 -26.82
CA SER M 554 9.21 0.75 -28.20
C SER M 554 10.29 1.84 -28.18
N ILE M 555 11.06 1.91 -29.26
CA ILE M 555 12.16 2.86 -29.39
C ILE M 555 12.07 3.52 -30.76
N SER M 556 12.24 4.84 -30.79
CA SER M 556 12.17 5.60 -32.04
C SER M 556 12.98 6.87 -31.88
N TYR M 557 13.20 7.56 -33.01
CA TYR M 557 13.92 8.82 -33.01
C TYR M 557 13.15 9.88 -32.23
N SER M 558 13.91 10.76 -31.57
CA SER M 558 13.32 11.91 -30.90
C SER M 558 13.04 13.02 -31.91
N SER M 559 12.41 14.10 -31.42
CA SER M 559 12.09 15.21 -32.30
C SER M 559 13.33 15.93 -32.78
N GLY M 560 14.39 15.96 -31.96
CA GLY M 560 15.62 16.60 -32.35
C GLY M 560 16.60 15.69 -33.08
N ALA M 561 16.46 14.38 -32.90
CA ALA M 561 17.37 13.46 -33.57
C ALA M 561 17.24 13.54 -35.09
N ILE M 562 16.01 13.64 -35.59
CA ILE M 562 15.81 13.73 -37.03
C ILE M 562 16.32 15.07 -37.56
N ALA M 563 16.14 16.15 -36.78
CA ALA M 563 16.66 17.44 -37.22
C ALA M 563 18.19 17.44 -37.23
N ALA M 564 18.81 16.70 -36.32
CA ALA M 564 20.27 16.70 -36.24
C ALA M 564 20.93 15.71 -37.18
N PHE M 565 20.22 14.66 -37.60
CA PHE M 565 20.84 13.61 -38.42
C PHE M 565 20.18 13.44 -39.78
N VAL M 566 18.85 13.41 -39.83
CA VAL M 566 18.17 13.23 -41.12
C VAL M 566 18.32 14.48 -41.98
N ALA M 567 18.15 15.66 -41.39
CA ALA M 567 18.24 16.90 -42.16
C ALA M 567 19.60 17.12 -42.80
N PRO M 568 20.74 16.95 -42.11
CA PRO M 568 22.02 17.06 -42.82
C PRO M 568 22.17 16.06 -43.94
N TYR M 569 21.62 14.85 -43.80
CA TYR M 569 21.63 13.89 -44.88
C TYR M 569 21.00 14.47 -46.14
N PHE M 570 19.73 14.89 -46.03
CA PHE M 570 19.01 15.43 -47.18
C PHE M 570 19.68 16.70 -47.71
N GLU M 571 20.31 17.48 -46.85
CA GLU M 571 20.80 18.79 -47.27
C GLU M 571 22.20 18.75 -47.87
N SER M 572 23.08 17.89 -47.39
CA SER M 572 24.45 17.83 -47.87
C SER M 572 24.79 16.52 -48.57
N VAL M 573 24.35 15.38 -48.01
CA VAL M 573 24.70 14.10 -48.60
C VAL M 573 24.00 13.93 -49.94
N LEU M 574 22.72 14.30 -50.01
CA LEU M 574 21.96 14.20 -51.25
C LEU M 574 21.93 15.50 -52.03
N ARG M 575 22.14 16.64 -51.37
CA ARG M 575 21.98 17.96 -51.98
C ARG M 575 20.60 18.08 -52.63
N ALA M 576 19.58 17.64 -51.90
CA ALA M 576 18.22 17.70 -52.40
C ALA M 576 17.75 19.15 -52.50
N PRO M 577 16.82 19.44 -53.42
CA PRO M 577 16.35 20.83 -53.55
C PRO M 577 15.65 21.35 -52.32
N ARG M 578 14.62 20.67 -51.84
CA ARG M 578 13.90 21.10 -50.64
C ARG M 578 13.13 19.93 -50.06
N VAL M 579 12.86 20.01 -48.76
CA VAL M 579 12.05 19.02 -48.06
C VAL M 579 10.95 19.65 -47.21
N GLY M 580 10.77 20.97 -47.27
CA GLY M 580 9.76 21.60 -46.48
C GLY M 580 10.07 21.59 -44.99
N ALA M 581 9.05 21.91 -44.21
CA ALA M 581 9.20 21.91 -42.75
C ALA M 581 9.40 20.48 -42.25
N PRO M 582 10.38 20.24 -41.40
CA PRO M 582 10.61 18.87 -40.92
C PRO M 582 9.46 18.38 -40.06
N ILE M 583 9.26 17.06 -40.09
CA ILE M 583 8.25 16.43 -39.24
C ILE M 583 8.74 16.42 -37.79
N THR M 584 7.83 16.09 -36.88
CA THR M 584 8.16 15.98 -35.47
C THR M 584 8.58 14.56 -35.14
N GLY M 585 8.91 14.33 -33.86
CA GLY M 585 9.30 13.02 -33.41
C GLY M 585 8.15 12.06 -33.15
N SER M 586 6.92 12.55 -33.24
CA SER M 586 5.75 11.69 -33.06
C SER M 586 5.18 11.19 -34.39
N ASP M 587 5.45 11.88 -35.49
CA ASP M 587 4.97 11.43 -36.79
C ASP M 587 5.72 10.20 -37.30
N VAL M 588 6.88 9.90 -36.71
CA VAL M 588 7.61 8.68 -37.08
C VAL M 588 6.79 7.45 -36.72
N ILE M 589 6.13 7.46 -35.55
CA ILE M 589 5.34 6.32 -35.12
C ILE M 589 4.16 6.09 -36.05
N LEU M 590 3.56 7.16 -36.58
CA LEU M 590 2.38 7.04 -37.41
C LEU M 590 2.68 6.25 -38.68
N GLY M 591 1.65 5.58 -39.20
CA GLY M 591 1.73 4.91 -40.47
C GLY M 591 1.60 5.88 -41.63
N GLU M 592 1.67 5.32 -42.84
CA GLU M 592 1.58 6.14 -44.04
C GLU M 592 0.20 6.79 -44.15
N GLU M 593 -0.86 6.02 -43.90
CA GLU M 593 -2.21 6.57 -43.98
C GLU M 593 -2.44 7.63 -42.90
N GLU M 594 -1.97 7.36 -41.68
CA GLU M 594 -2.12 8.35 -40.61
C GLU M 594 -1.35 9.63 -40.93
N LEU M 595 -0.14 9.49 -41.47
CA LEU M 595 0.63 10.67 -41.85
C LEU M 595 -0.08 11.47 -42.94
N TRP M 596 -0.63 10.77 -43.95
CA TRP M 596 -1.35 11.47 -45.01
C TRP M 596 -2.57 12.18 -44.47
N ASP M 597 -3.29 11.55 -43.54
CA ASP M 597 -4.45 12.20 -42.93
C ASP M 597 -4.03 13.42 -42.12
N ALA M 598 -2.90 13.32 -41.42
CA ALA M 598 -2.42 14.44 -40.60
C ALA M 598 -2.04 15.63 -41.48
N VAL M 599 -1.30 15.37 -42.56
CA VAL M 599 -0.88 16.48 -43.42
C VAL M 599 -2.07 17.04 -44.21
N PHE M 600 -3.04 16.19 -44.56
CA PHE M 600 -4.17 16.64 -45.38
C PHE M 600 -5.04 17.65 -44.64
N LYS M 601 -5.29 17.42 -43.35
CA LYS M 601 -6.22 18.27 -42.62
C LYS M 601 -5.69 19.69 -42.46
N LYS M 602 -4.41 19.83 -42.13
CA LYS M 602 -3.84 21.15 -41.84
C LYS M 602 -3.40 21.91 -43.08
N THR M 603 -3.35 21.26 -44.24
CA THR M 603 -2.82 21.89 -45.45
C THR M 603 -3.90 22.75 -46.12
N ARG M 604 -3.58 23.27 -47.31
CA ARG M 604 -4.43 24.24 -47.97
C ARG M 604 -5.77 23.65 -48.41
N LEU M 605 -5.77 22.40 -48.88
CA LEU M 605 -6.95 21.87 -49.57
C LEU M 605 -8.17 21.82 -48.65
N GLN M 606 -7.96 21.47 -47.38
CA GLN M 606 -9.09 21.35 -46.46
C GLN M 606 -9.84 22.66 -46.31
N THR M 607 -9.11 23.78 -46.31
CA THR M 607 -9.77 25.08 -46.20
C THR M 607 -10.67 25.34 -47.39
N TYR M 608 -10.20 25.04 -48.61
CA TYR M 608 -11.04 25.20 -49.80
C TYR M 608 -12.27 24.30 -49.72
N LEU M 609 -12.07 23.04 -49.33
CA LEU M 609 -13.18 22.10 -49.28
C LEU M 609 -14.24 22.53 -48.27
N THR M 610 -13.82 23.01 -47.10
CA THR M 610 -14.78 23.52 -46.13
C THR M 610 -15.39 24.84 -46.58
N ASP M 611 -14.68 25.60 -47.41
CA ASP M 611 -15.21 26.85 -47.93
C ASP M 611 -16.35 26.59 -48.89
N ILE M 612 -16.16 25.67 -49.84
CA ILE M 612 -17.18 25.44 -50.86
C ILE M 612 -18.45 24.87 -50.23
N ALA M 613 -18.30 23.97 -49.25
CA ALA M 613 -19.48 23.34 -48.64
C ALA M 613 -20.38 24.38 -47.97
N ALA M 614 -19.79 25.36 -47.30
CA ALA M 614 -20.59 26.37 -46.61
C ALA M 614 -21.44 27.17 -47.58
N LEU M 615 -20.85 27.61 -48.69
CA LEU M 615 -21.62 28.37 -49.68
C LEU M 615 -22.72 27.53 -50.30
N PHE M 616 -22.42 26.27 -50.63
CA PHE M 616 -23.44 25.41 -51.22
C PHE M 616 -24.59 25.17 -50.25
N VAL M 617 -24.29 24.93 -48.98
CA VAL M 617 -25.34 24.76 -47.98
C VAL M 617 -26.13 26.05 -47.83
N ALA M 618 -25.47 27.21 -47.96
CA ALA M 618 -26.17 28.48 -47.83
C ALA M 618 -27.14 28.70 -48.97
N ASP M 619 -26.64 28.76 -50.21
CA ASP M 619 -27.46 29.13 -51.35
C ASP M 619 -28.41 28.03 -51.80
N VAL M 620 -28.41 26.87 -51.14
CA VAL M 620 -29.30 25.80 -51.54
C VAL M 620 -30.75 26.14 -51.23
N GLN M 621 -31.01 27.09 -50.33
CA GLN M 621 -32.36 27.48 -49.97
C GLN M 621 -32.67 28.95 -50.17
N HIS M 622 -31.66 29.83 -50.21
CA HIS M 622 -31.93 31.25 -50.45
C HIS M 622 -32.50 31.48 -51.84
N ALA M 623 -31.95 30.79 -52.84
CA ALA M 623 -32.43 30.93 -54.21
C ALA M 623 -33.73 30.14 -54.39
N ASP N 25 40.44 -16.18 -60.34
CA ASP N 25 40.86 -14.83 -60.66
C ASP N 25 40.11 -13.80 -59.82
N GLY N 26 40.13 -13.99 -58.50
CA GLY N 26 39.47 -13.10 -57.57
C GLY N 26 38.16 -13.63 -57.01
N TRP N 27 37.58 -14.65 -57.62
CA TRP N 27 36.33 -15.21 -57.11
C TRP N 27 36.59 -15.99 -55.83
N VAL N 28 35.59 -16.00 -54.95
CA VAL N 28 35.69 -16.62 -53.63
C VAL N 28 34.42 -17.41 -53.35
N LYS N 29 34.57 -18.58 -52.73
CA LYS N 29 33.42 -19.31 -52.22
C LYS N 29 32.78 -18.54 -51.07
N VAL N 30 31.46 -18.58 -51.00
CA VAL N 30 30.76 -17.86 -49.93
C VAL N 30 29.88 -18.78 -49.10
N HIS N 31 28.86 -19.37 -49.73
CA HIS N 31 27.85 -20.08 -48.95
C HIS N 31 28.21 -21.52 -48.59
N PRO N 32 28.65 -22.37 -49.53
CA PRO N 32 28.85 -23.79 -49.18
C PRO N 32 30.02 -24.06 -48.24
N THR N 33 30.71 -23.03 -47.75
CA THR N 33 31.77 -23.24 -46.79
C THR N 33 31.20 -23.73 -45.46
N PRO N 34 31.95 -24.56 -44.73
CA PRO N 34 31.43 -25.08 -43.44
C PRO N 34 31.11 -23.99 -42.43
N GLY N 35 31.85 -22.88 -42.44
CA GLY N 35 31.58 -21.80 -41.51
C GLY N 35 30.24 -21.13 -41.71
N THR N 36 29.57 -21.44 -42.83
CA THR N 36 28.22 -20.97 -43.08
C THR N 36 27.18 -22.01 -42.70
N MET N 37 27.47 -23.29 -42.94
CA MET N 37 26.58 -24.36 -42.49
C MET N 37 26.50 -24.40 -40.97
N LEU N 38 27.57 -24.00 -40.28
CA LEU N 38 27.53 -23.95 -38.82
C LEU N 38 26.48 -22.98 -38.32
N PHE N 39 26.26 -21.87 -39.04
CA PHE N 39 25.25 -20.91 -38.63
C PHE N 39 23.85 -21.54 -38.65
N ARG N 40 23.52 -22.24 -39.73
CA ARG N 40 22.21 -22.88 -39.81
C ARG N 40 22.07 -23.98 -38.76
N GLU N 41 23.10 -24.78 -38.57
CA GLU N 41 23.02 -25.83 -37.55
C GLU N 41 22.88 -25.23 -36.16
N ILE N 42 23.50 -24.07 -35.91
CA ILE N 42 23.27 -23.34 -34.67
C ILE N 42 21.81 -22.92 -34.58
N LEU N 43 21.25 -22.46 -35.69
CA LEU N 43 19.85 -22.05 -35.71
C LEU N 43 18.91 -23.22 -35.43
N HIS N 44 19.31 -24.44 -35.78
CA HIS N 44 18.55 -25.64 -35.44
C HIS N 44 18.88 -26.20 -34.07
N GLY N 45 19.48 -25.41 -33.19
CA GLY N 45 19.76 -25.86 -31.84
C GLY N 45 20.77 -26.98 -31.72
N GLN N 46 21.82 -26.97 -32.55
CA GLN N 46 22.87 -27.97 -32.44
C GLN N 46 23.98 -27.57 -31.49
N LEU N 47 23.93 -26.37 -30.92
CA LEU N 47 24.92 -25.88 -29.96
C LEU N 47 24.24 -25.45 -28.67
N GLY N 48 23.26 -26.21 -28.23
CA GLY N 48 22.49 -25.88 -27.05
C GLY N 48 21.29 -25.00 -27.37
N TYR N 49 20.30 -25.07 -26.49
CA TYR N 49 19.06 -24.33 -26.65
C TYR N 49 18.81 -23.47 -25.44
N THR N 50 18.07 -22.38 -25.64
CA THR N 50 17.78 -21.41 -24.60
C THR N 50 16.34 -20.92 -24.76
N GLU N 51 15.80 -20.35 -23.68
CA GLU N 51 14.46 -19.78 -23.74
C GLU N 51 14.42 -18.56 -24.66
N GLY N 52 15.51 -17.80 -24.74
CA GLY N 52 15.54 -16.63 -25.60
C GLY N 52 15.45 -16.98 -27.07
N GLN N 53 16.07 -18.10 -27.47
CA GLN N 53 16.03 -18.52 -28.86
C GLN N 53 14.62 -18.90 -29.31
N GLY N 54 13.70 -19.12 -28.38
CA GLY N 54 12.34 -19.50 -28.73
C GLY N 54 11.51 -18.37 -29.31
N VAL N 55 11.97 -17.13 -29.21
CA VAL N 55 11.27 -16.02 -29.85
C VAL N 55 11.36 -16.13 -31.37
N TYR N 56 12.37 -16.84 -31.89
CA TYR N 56 12.57 -16.94 -33.33
C TYR N 56 11.41 -17.66 -34.02
N ASN N 57 10.61 -18.43 -33.28
CA ASN N 57 9.48 -19.12 -33.90
C ASN N 57 8.42 -18.13 -34.35
N VAL N 58 8.24 -17.04 -33.62
CA VAL N 58 7.29 -16.00 -34.02
C VAL N 58 7.79 -15.26 -35.25
N VAL N 59 9.11 -15.04 -35.32
CA VAL N 59 9.69 -14.24 -36.40
C VAL N 59 9.44 -14.91 -37.76
N ARG N 60 9.32 -16.23 -37.77
CA ARG N 60 9.12 -16.96 -39.02
C ARG N 60 7.66 -17.08 -39.44
N SER N 61 6.73 -16.61 -38.61
CA SER N 61 5.32 -16.82 -38.90
C SER N 61 4.91 -16.14 -40.20
N SER N 62 4.03 -16.80 -40.95
CA SER N 62 3.53 -16.29 -42.23
C SER N 62 2.22 -15.52 -42.06
N GLU N 63 1.97 -14.98 -40.86
CA GLU N 63 0.71 -14.29 -40.61
C GLU N 63 0.66 -12.92 -41.30
N ALA N 64 1.77 -12.17 -41.26
CA ALA N 64 1.77 -10.83 -41.83
C ALA N 64 1.54 -10.86 -43.33
N THR N 65 2.18 -11.81 -44.03
CA THR N 65 2.02 -11.88 -45.48
C THR N 65 0.59 -12.29 -45.87
N THR N 66 -0.01 -13.21 -45.11
CA THR N 66 -1.39 -13.57 -45.40
C THR N 66 -2.34 -12.41 -45.14
N ARG N 67 -2.10 -11.65 -44.06
CA ARG N 67 -2.91 -10.46 -43.82
C ARG N 67 -2.76 -9.45 -44.95
N GLN N 68 -1.53 -9.25 -45.42
CA GLN N 68 -1.30 -8.32 -46.52
C GLN N 68 -2.00 -8.77 -47.79
N LEU N 69 -1.95 -10.08 -48.09
CA LEU N 69 -2.64 -10.60 -49.26
C LEU N 69 -4.15 -10.39 -49.15
N GLN N 70 -4.71 -10.67 -47.97
CA GLN N 70 -6.15 -10.47 -47.78
C GLN N 70 -6.53 -9.00 -47.97
N ALA N 71 -5.74 -8.09 -47.40
CA ALA N 71 -6.02 -6.67 -47.54
C ALA N 71 -5.92 -6.23 -48.99
N ALA N 72 -4.90 -6.70 -49.70
CA ALA N 72 -4.72 -6.31 -51.11
C ALA N 72 -5.88 -6.81 -51.96
N ILE N 73 -6.30 -8.06 -51.75
CA ILE N 73 -7.41 -8.61 -52.51
C ILE N 73 -8.70 -7.85 -52.22
N PHE N 74 -8.94 -7.53 -50.95
CA PHE N 74 -10.15 -6.80 -50.59
C PHE N 74 -10.17 -5.41 -51.21
N HIS N 75 -9.03 -4.70 -51.15
CA HIS N 75 -8.95 -3.38 -51.77
C HIS N 75 -9.17 -3.46 -53.27
N ALA N 76 -8.52 -4.42 -53.94
CA ALA N 76 -8.67 -4.54 -55.38
C ALA N 76 -10.10 -4.87 -55.76
N LEU N 77 -10.77 -5.72 -55.00
CA LEU N 77 -12.13 -6.11 -55.34
C LEU N 77 -13.12 -4.98 -55.09
N LEU N 78 -12.99 -4.29 -53.96
CA LEU N 78 -13.94 -3.22 -53.63
C LEU N 78 -13.68 -1.93 -54.40
N ASN N 79 -12.45 -1.69 -54.86
CA ASN N 79 -12.16 -0.45 -55.55
C ASN N 79 -12.78 -0.39 -56.94
N ALA N 80 -13.16 -1.53 -57.52
CA ALA N 80 -13.74 -1.58 -58.84
C ALA N 80 -15.26 -1.42 -58.81
N THR N 81 -15.84 -1.17 -57.64
CA THR N 81 -17.29 -1.01 -57.54
C THR N 81 -17.75 0.25 -58.26
N THR N 82 -18.88 0.14 -58.94
CA THR N 82 -19.46 1.23 -59.72
C THR N 82 -20.82 1.61 -59.15
N TYR N 83 -21.04 2.91 -58.94
CA TYR N 83 -22.28 3.39 -58.35
C TYR N 83 -23.47 3.11 -59.25
N ARG N 84 -23.33 3.34 -60.56
CA ARG N 84 -24.45 3.21 -61.48
C ARG N 84 -25.00 1.78 -61.47
N ASP N 85 -24.13 0.79 -61.54
CA ASP N 85 -24.58 -0.59 -61.70
C ASP N 85 -25.23 -1.11 -60.42
N LEU N 86 -24.69 -0.75 -59.26
CA LEU N 86 -25.32 -1.18 -58.02
C LEU N 86 -26.63 -0.45 -57.79
N GLU N 87 -26.74 0.81 -58.21
CA GLU N 87 -28.02 1.49 -58.16
C GLU N 87 -29.04 0.81 -59.06
N ALA N 88 -28.61 0.37 -60.25
CA ALA N 88 -29.49 -0.37 -61.13
C ALA N 88 -29.95 -1.68 -60.49
N ASP N 89 -29.03 -2.38 -59.82
CA ASP N 89 -29.40 -3.61 -59.13
C ASP N 89 -30.39 -3.36 -58.02
N TRP N 90 -30.20 -2.28 -57.25
CA TRP N 90 -31.15 -1.93 -56.19
C TRP N 90 -32.52 -1.60 -56.77
N LEU N 91 -32.55 -0.87 -57.89
CA LEU N 91 -33.81 -0.57 -58.53
C LEU N 91 -34.50 -1.83 -59.04
N GLY N 92 -33.72 -2.77 -59.57
CA GLY N 92 -34.29 -4.05 -59.97
C GLY N 92 -34.87 -4.81 -58.80
N HIS N 93 -34.18 -4.79 -57.66
CA HIS N 93 -34.71 -5.41 -56.46
C HIS N 93 -36.02 -4.76 -56.03
N VAL N 94 -36.08 -3.43 -56.08
CA VAL N 94 -37.30 -2.72 -55.72
C VAL N 94 -38.44 -3.10 -56.66
N ALA N 95 -38.14 -3.19 -57.95
CA ALA N 95 -39.15 -3.59 -58.93
C ALA N 95 -39.64 -5.01 -58.66
N ALA N 96 -38.72 -5.91 -58.31
CA ALA N 96 -39.10 -7.28 -57.99
C ALA N 96 -40.01 -7.33 -56.76
N ARG N 97 -39.67 -6.55 -55.73
CA ARG N 97 -40.50 -6.52 -54.52
C ARG N 97 -41.83 -5.81 -54.75
N GLY N 98 -41.93 -4.98 -55.78
CA GLY N 98 -43.13 -4.19 -55.97
C GLY N 98 -43.39 -3.24 -54.83
N LEU N 99 -42.34 -2.64 -54.29
CA LEU N 99 -42.43 -1.76 -53.13
C LEU N 99 -41.93 -0.36 -53.47
N GLN N 100 -42.33 0.15 -54.63
CA GLN N 100 -41.96 1.51 -55.02
C GLN N 100 -42.64 2.52 -54.10
N PRO N 101 -42.06 3.70 -53.94
CA PRO N 101 -42.67 4.70 -53.03
C PRO N 101 -44.10 5.04 -53.39
N GLN N 102 -44.41 5.12 -54.69
CA GLN N 102 -45.79 5.41 -55.09
C GLN N 102 -46.75 4.35 -54.60
N ARG N 103 -46.46 3.08 -54.89
CA ARG N 103 -47.33 1.98 -54.46
C ARG N 103 -47.39 1.89 -52.95
N LEU N 104 -46.25 2.03 -52.27
CA LEU N 104 -46.21 1.89 -50.82
C LEU N 104 -47.05 2.98 -50.14
N VAL N 105 -46.91 4.23 -50.60
CA VAL N 105 -47.66 5.32 -50.01
C VAL N 105 -49.15 5.18 -50.34
N ARG N 106 -49.47 4.80 -51.58
CA ARG N 106 -50.86 4.63 -51.96
C ARG N 106 -51.52 3.45 -51.24
N ARG N 107 -50.73 2.50 -50.77
CA ARG N 107 -51.26 1.39 -49.99
C ARG N 107 -51.42 1.75 -48.51
N TYR N 108 -50.44 2.44 -47.94
CA TYR N 108 -50.51 2.73 -46.51
C TYR N 108 -51.53 3.82 -46.20
N ARG N 109 -51.57 4.87 -47.02
CA ARG N 109 -52.56 5.94 -46.90
C ARG N 109 -52.58 6.56 -45.50
N ASN N 110 -51.38 6.86 -44.98
CA ASN N 110 -51.27 7.49 -43.66
C ASN N 110 -50.16 8.52 -43.70
N ALA N 111 -50.25 9.48 -42.77
CA ALA N 111 -49.29 10.57 -42.67
C ALA N 111 -48.25 10.35 -41.57
N ARG N 112 -48.19 9.14 -41.01
CA ARG N 112 -47.22 8.83 -39.96
C ARG N 112 -45.85 8.67 -40.61
N GLU N 113 -45.09 9.77 -40.61
CA GLU N 113 -43.81 9.80 -41.31
C GLU N 113 -42.79 8.85 -40.68
N ALA N 114 -42.77 8.76 -39.35
CA ALA N 114 -41.76 7.96 -38.68
C ALA N 114 -41.88 6.48 -39.05
N ASP N 115 -43.11 5.96 -39.05
CA ASP N 115 -43.32 4.54 -39.32
C ASP N 115 -42.93 4.19 -40.75
N ILE N 116 -43.37 5.00 -41.71
CA ILE N 116 -43.07 4.69 -43.11
C ILE N 116 -41.57 4.87 -43.40
N ALA N 117 -40.95 5.87 -42.78
CA ALA N 117 -39.51 6.06 -42.95
C ALA N 117 -38.75 4.87 -42.37
N GLY N 118 -39.15 4.39 -41.20
CA GLY N 118 -38.51 3.22 -40.63
C GLY N 118 -38.71 1.98 -41.49
N VAL N 119 -39.91 1.83 -42.08
CA VAL N 119 -40.18 0.69 -42.95
C VAL N 119 -39.25 0.72 -44.16
N ALA N 120 -39.12 1.90 -44.80
CA ALA N 120 -38.22 2.01 -45.94
C ALA N 120 -36.77 1.76 -45.54
N GLU N 121 -36.37 2.27 -44.38
CA GLU N 121 -35.00 2.08 -43.92
C GLU N 121 -34.70 0.61 -43.66
N ARG N 122 -35.67 -0.12 -43.09
CA ARG N 122 -35.48 -1.55 -42.86
C ARG N 122 -35.44 -2.32 -44.17
N VAL N 123 -36.27 -1.93 -45.14
CA VAL N 123 -36.25 -2.55 -46.45
C VAL N 123 -34.87 -2.40 -47.08
N PHE N 124 -34.28 -1.20 -46.97
CA PHE N 124 -32.92 -1.02 -47.49
C PHE N 124 -31.89 -1.75 -46.65
N ASP N 125 -32.12 -1.86 -45.33
CA ASP N 125 -31.14 -2.47 -44.45
C ASP N 125 -30.99 -3.96 -44.73
N THR N 126 -32.10 -4.65 -45.00
CA THR N 126 -32.01 -6.07 -45.34
C THR N 126 -31.15 -6.27 -46.58
N TRP N 127 -31.38 -5.45 -47.61
CA TRP N 127 -30.61 -5.57 -48.85
C TRP N 127 -29.13 -5.27 -48.63
N ARG N 128 -28.82 -4.23 -47.85
CA ARG N 128 -27.41 -3.91 -47.63
C ARG N 128 -26.73 -5.02 -46.84
N ASN N 129 -27.41 -5.60 -45.86
CA ASN N 129 -26.82 -6.68 -45.08
C ASN N 129 -26.54 -7.90 -45.95
N THR N 130 -27.50 -8.30 -46.78
CA THR N 130 -27.28 -9.47 -47.61
C THR N 130 -26.22 -9.22 -48.68
N LEU N 131 -26.15 -7.99 -49.21
CA LEU N 131 -25.09 -7.65 -50.16
C LEU N 131 -23.72 -7.72 -49.49
N ARG N 132 -23.61 -7.23 -48.25
CA ARG N 132 -22.35 -7.32 -47.53
C ARG N 132 -21.94 -8.77 -47.32
N THR N 133 -22.90 -9.63 -46.94
CA THR N 133 -22.58 -11.04 -46.73
C THR N 133 -22.11 -11.70 -48.04
N THR N 134 -22.80 -11.41 -49.14
CA THR N 134 -22.40 -11.98 -50.43
C THR N 134 -21.00 -11.54 -50.83
N LEU N 135 -20.70 -10.25 -50.66
CA LEU N 135 -19.38 -9.75 -51.00
C LEU N 135 -18.31 -10.38 -50.13
N LEU N 136 -18.59 -10.55 -48.83
CA LEU N 136 -17.63 -11.20 -47.95
C LEU N 136 -17.35 -12.64 -48.40
N ASP N 137 -18.41 -13.38 -48.77
CA ASP N 137 -18.22 -14.75 -49.22
C ASP N 137 -17.36 -14.79 -50.48
N PHE N 138 -17.66 -13.93 -51.45
CA PHE N 138 -16.88 -13.92 -52.68
C PHE N 138 -15.43 -13.53 -52.41
N ALA N 139 -15.20 -12.56 -51.52
CA ALA N 139 -13.84 -12.13 -51.22
C ALA N 139 -13.05 -13.26 -50.56
N HIS N 140 -13.67 -13.99 -49.63
CA HIS N 140 -12.98 -15.13 -49.02
C HIS N 140 -12.67 -16.20 -50.07
N GLY N 141 -13.62 -16.46 -50.97
CA GLY N 141 -13.37 -17.42 -52.03
C GLY N 141 -12.19 -17.03 -52.90
N LEU N 142 -12.10 -15.73 -53.23
CA LEU N 142 -10.97 -15.26 -54.03
C LEU N 142 -9.66 -15.37 -53.26
N VAL N 143 -9.68 -15.05 -51.97
CA VAL N 143 -8.46 -15.10 -51.16
C VAL N 143 -7.96 -16.53 -51.02
N ALA N 144 -8.87 -17.50 -50.94
CA ALA N 144 -8.48 -18.87 -50.64
C ALA N 144 -7.51 -19.46 -51.66
N CYS N 145 -7.44 -18.92 -52.87
CA CYS N 145 -6.57 -19.50 -53.89
C CYS N 145 -5.10 -19.18 -53.64
N PHE N 146 -4.80 -18.02 -53.06
CA PHE N 146 -3.41 -17.59 -52.91
C PHE N 146 -2.76 -18.09 -51.63
N ALA N 147 -3.48 -18.01 -50.50
CA ALA N 147 -2.88 -18.16 -49.18
C ALA N 147 -2.10 -19.46 -48.98
N PRO N 148 -2.60 -20.65 -49.36
CA PRO N 148 -1.80 -21.87 -49.11
C PRO N 148 -0.45 -21.89 -49.79
N GLY N 149 -0.32 -21.30 -50.97
CA GLY N 149 0.93 -21.32 -51.71
C GLY N 149 1.98 -20.33 -51.28
N GLY N 150 1.67 -19.50 -50.29
CA GLY N 150 2.61 -18.50 -49.81
C GLY N 150 3.75 -19.08 -48.98
N PRO N 151 3.43 -19.64 -47.82
CA PRO N 151 4.51 -20.12 -46.92
C PRO N 151 5.25 -21.33 -47.45
N SER N 152 4.68 -22.11 -48.35
CA SER N 152 5.32 -23.32 -48.84
C SER N 152 5.30 -23.34 -50.37
N GLY N 153 6.24 -24.07 -50.94
CA GLY N 153 6.39 -24.15 -52.37
C GLY N 153 7.21 -22.99 -52.90
N PRO N 154 6.98 -22.61 -54.16
CA PRO N 154 7.67 -21.43 -54.70
C PRO N 154 7.34 -20.18 -53.89
N SER N 155 8.36 -19.36 -53.68
CA SER N 155 8.23 -18.09 -52.96
C SER N 155 7.76 -18.31 -51.52
N SER N 156 8.54 -19.08 -50.78
CA SER N 156 8.24 -19.36 -49.38
C SER N 156 8.76 -18.24 -48.49
N PHE N 157 7.94 -17.82 -47.51
CA PHE N 157 8.35 -16.71 -46.64
C PHE N 157 9.31 -17.15 -45.54
N PRO N 158 9.05 -18.23 -44.78
CA PRO N 158 10.01 -18.59 -43.71
C PRO N 158 11.40 -18.89 -44.23
N LYS N 159 11.53 -19.47 -45.43
CA LYS N 159 12.85 -19.67 -46.01
C LYS N 159 13.53 -18.33 -46.27
N TYR N 160 12.77 -17.35 -46.75
CA TYR N 160 13.30 -16.00 -46.92
C TYR N 160 13.78 -15.42 -45.59
N ILE N 161 13.00 -15.60 -44.52
CA ILE N 161 13.37 -15.03 -43.23
C ILE N 161 14.63 -15.69 -42.69
N ASP N 162 14.74 -17.02 -42.81
CA ASP N 162 15.95 -17.66 -42.29
C ASP N 162 17.16 -17.39 -43.18
N TRP N 163 16.95 -17.16 -44.48
CA TRP N 163 18.03 -16.69 -45.33
C TRP N 163 18.54 -15.35 -44.84
N LEU N 164 17.63 -14.43 -44.51
CA LEU N 164 18.04 -13.14 -43.98
C LEU N 164 18.76 -13.30 -42.64
N THR N 165 18.26 -14.18 -41.77
CA THR N 165 18.84 -14.32 -40.44
C THR N 165 20.23 -14.95 -40.49
N CYS N 166 20.48 -15.84 -41.46
CA CYS N 166 21.77 -16.53 -41.47
C CYS N 166 22.88 -15.66 -42.07
N LEU N 167 22.63 -15.06 -43.23
CA LEU N 167 23.67 -14.29 -43.91
C LEU N 167 23.23 -12.86 -44.23
N GLY N 168 21.97 -12.68 -44.61
CA GLY N 168 21.50 -11.45 -45.18
C GLY N 168 21.32 -11.48 -46.68
N LEU N 169 21.78 -12.53 -47.34
CA LEU N 169 21.56 -12.75 -48.76
C LEU N 169 20.32 -13.60 -48.96
N VAL N 170 19.64 -13.37 -50.08
CA VAL N 170 18.46 -14.16 -50.44
C VAL N 170 18.57 -14.56 -51.91
N PRO N 171 19.29 -15.63 -52.24
CA PRO N 171 19.32 -16.08 -53.64
C PRO N 171 17.92 -16.40 -54.13
N ILE N 172 17.64 -16.01 -55.37
CA ILE N 172 16.31 -16.14 -55.96
C ILE N 172 16.47 -16.69 -57.37
N LEU N 173 15.62 -17.66 -57.71
CA LEU N 173 15.62 -18.27 -59.04
C LEU N 173 14.30 -17.94 -59.73
N ARG N 174 14.37 -17.63 -61.02
CA ARG N 174 13.21 -17.17 -61.76
C ARG N 174 13.04 -17.95 -63.05
N LYS N 175 11.78 -18.17 -63.42
CA LYS N 175 11.43 -18.83 -64.68
C LYS N 175 9.97 -18.53 -64.96
N ARG N 176 9.70 -17.91 -66.11
CA ARG N 176 8.33 -17.50 -66.45
C ARG N 176 7.56 -18.73 -66.93
N GLN N 177 6.58 -19.16 -66.15
CA GLN N 177 5.77 -20.32 -66.49
C GLN N 177 4.45 -20.23 -65.74
N GLU N 178 3.49 -21.04 -66.18
CA GLU N 178 2.17 -21.09 -65.58
C GLU N 178 2.05 -22.30 -64.67
N GLY N 179 1.33 -22.14 -63.57
CA GLY N 179 1.33 -23.13 -62.53
C GLY N 179 0.03 -23.20 -61.76
N GLY N 180 0.11 -23.85 -60.59
CA GLY N 180 -1.09 -24.24 -59.86
C GLY N 180 -1.98 -23.07 -59.48
N VAL N 181 -1.38 -21.95 -59.10
CA VAL N 181 -2.18 -20.79 -58.68
C VAL N 181 -3.03 -20.29 -59.83
N THR N 182 -2.45 -20.22 -61.03
CA THR N 182 -3.20 -19.72 -62.18
C THR N 182 -4.34 -20.66 -62.56
N GLN N 183 -4.10 -21.97 -62.53
CA GLN N 183 -5.18 -22.92 -62.81
C GLN N 183 -6.26 -22.84 -61.76
N GLY N 184 -5.89 -22.66 -60.49
CA GLY N 184 -6.88 -22.50 -59.45
C GLY N 184 -7.74 -21.27 -59.67
N LEU N 185 -7.12 -20.15 -60.03
CA LEU N 185 -7.89 -18.94 -60.33
C LEU N 185 -8.81 -19.15 -61.52
N ARG N 186 -8.32 -19.81 -62.57
CA ARG N 186 -9.16 -20.07 -63.74
C ARG N 186 -10.35 -20.95 -63.37
N ALA N 187 -10.13 -22.00 -62.59
CA ALA N 187 -11.22 -22.89 -62.22
C ALA N 187 -12.22 -22.20 -61.30
N PHE N 188 -11.74 -21.31 -60.43
CA PHE N 188 -12.64 -20.65 -59.49
C PHE N 188 -13.48 -19.58 -60.17
N LEU N 189 -12.87 -18.79 -61.05
CA LEU N 189 -13.54 -17.57 -61.53
C LEU N 189 -14.54 -17.87 -62.64
N LYS N 190 -14.16 -18.71 -63.60
CA LYS N 190 -14.92 -18.82 -64.84
C LYS N 190 -16.27 -19.51 -64.69
N GLN N 191 -16.56 -20.13 -63.54
CA GLN N 191 -17.86 -20.77 -63.35
C GLN N 191 -18.44 -20.47 -61.97
N HIS N 192 -18.23 -19.26 -61.46
CA HIS N 192 -18.81 -18.87 -60.19
C HIS N 192 -20.22 -18.33 -60.41
N PRO N 193 -21.24 -18.86 -59.75
CA PRO N 193 -22.62 -18.38 -59.98
C PRO N 193 -22.84 -16.94 -59.55
N LEU N 194 -22.00 -16.40 -58.66
CA LEU N 194 -22.22 -15.04 -58.17
C LEU N 194 -22.10 -14.00 -59.29
N THR N 195 -21.24 -14.25 -60.27
CA THR N 195 -21.10 -13.31 -61.39
C THR N 195 -22.39 -13.20 -62.18
N ARG N 196 -23.05 -14.33 -62.47
CA ARG N 196 -24.31 -14.28 -63.20
C ARG N 196 -25.42 -13.68 -62.36
N GLN N 197 -25.40 -13.93 -61.04
CA GLN N 197 -26.48 -13.47 -60.18
C GLN N 197 -26.48 -11.96 -60.02
N LEU N 198 -25.31 -11.39 -59.76
CA LEU N 198 -25.16 -9.96 -59.51
C LEU N 198 -24.33 -9.33 -60.61
N ALA N 199 -24.83 -8.23 -61.19
CA ALA N 199 -24.08 -7.53 -62.22
C ALA N 199 -22.90 -6.77 -61.62
N THR N 200 -23.07 -6.24 -60.40
CA THR N 200 -21.98 -5.51 -59.75
C THR N 200 -20.78 -6.42 -59.50
N VAL N 201 -21.02 -7.62 -58.96
CA VAL N 201 -19.93 -8.55 -58.66
C VAL N 201 -19.21 -8.95 -59.95
N ALA N 202 -19.98 -9.28 -61.00
CA ALA N 202 -19.38 -9.68 -62.26
C ALA N 202 -18.55 -8.54 -62.86
N GLU N 203 -19.07 -7.32 -62.84
CA GLU N 203 -18.34 -6.19 -63.40
C GLU N 203 -17.05 -5.94 -62.63
N ALA N 204 -17.12 -5.97 -61.29
CA ALA N 204 -15.93 -5.75 -60.49
C ALA N 204 -14.89 -6.85 -60.73
N ALA N 205 -15.34 -8.10 -60.80
CA ALA N 205 -14.41 -9.21 -61.04
C ALA N 205 -13.76 -9.08 -62.41
N GLU N 206 -14.53 -8.72 -63.43
CA GLU N 206 -13.97 -8.55 -64.76
C GLU N 206 -12.96 -7.40 -64.78
N ARG N 207 -13.27 -6.30 -64.11
CA ARG N 207 -12.37 -5.15 -64.12
C ARG N 207 -11.07 -5.46 -63.37
N ALA N 208 -11.17 -6.16 -62.24
CA ALA N 208 -9.99 -6.44 -61.43
C ALA N 208 -9.30 -7.75 -61.80
N GLY N 209 -9.80 -8.47 -62.79
CA GLY N 209 -9.27 -9.78 -63.15
C GLY N 209 -7.80 -9.82 -63.55
N PRO N 210 -7.37 -8.94 -64.47
CA PRO N 210 -5.96 -9.00 -64.90
C PRO N 210 -4.96 -8.85 -63.76
N GLY N 211 -5.26 -8.02 -62.77
CA GLY N 211 -4.35 -7.89 -61.63
C GLY N 211 -4.19 -9.18 -60.86
N PHE N 212 -5.30 -9.90 -60.66
CA PHE N 212 -5.23 -11.18 -59.96
C PHE N 212 -4.37 -12.18 -60.74
N PHE N 213 -4.53 -12.22 -62.06
CA PHE N 213 -3.72 -13.14 -62.86
C PHE N 213 -2.25 -12.77 -62.82
N GLU N 214 -1.94 -11.47 -62.87
CA GLU N 214 -0.55 -11.05 -62.79
C GLU N 214 0.06 -11.40 -61.43
N LEU N 215 -0.72 -11.21 -60.36
CA LEU N 215 -0.23 -11.59 -59.03
C LEU N 215 -0.03 -13.11 -58.94
N ALA N 216 -0.91 -13.89 -59.54
CA ALA N 216 -0.75 -15.34 -59.54
C ALA N 216 0.51 -15.75 -60.30
N LEU N 217 0.77 -15.12 -61.44
CA LEU N 217 1.99 -15.40 -62.18
C LEU N 217 3.22 -15.02 -61.35
N ALA N 218 3.16 -13.89 -60.64
CA ALA N 218 4.27 -13.49 -59.78
C ALA N 218 4.51 -14.53 -58.68
N PHE N 219 3.44 -15.04 -58.07
CA PHE N 219 3.58 -16.09 -57.07
C PHE N 219 4.19 -17.35 -57.68
N ASP N 220 3.80 -17.71 -58.90
CA ASP N 220 4.27 -18.95 -59.50
C ASP N 220 5.75 -18.87 -59.86
N SER N 221 6.16 -17.78 -60.53
CA SER N 221 7.45 -17.79 -61.22
C SER N 221 8.63 -17.89 -60.25
N THR N 222 8.63 -17.06 -59.21
CA THR N 222 9.79 -16.98 -58.33
C THR N 222 9.92 -18.22 -57.46
N ARG N 223 11.15 -18.51 -57.04
CA ARG N 223 11.43 -19.62 -56.13
C ARG N 223 12.73 -19.35 -55.40
N VAL N 224 12.69 -19.33 -54.07
CA VAL N 224 13.87 -19.11 -53.26
C VAL N 224 14.62 -20.43 -53.15
N ALA N 225 15.93 -20.37 -53.37
CA ALA N 225 16.74 -21.58 -53.41
C ALA N 225 16.83 -22.22 -52.02
N ASP N 226 17.16 -23.51 -52.01
CA ASP N 226 17.26 -24.27 -50.77
C ASP N 226 18.65 -24.08 -50.16
N TYR N 227 18.70 -24.10 -48.83
CA TYR N 227 19.93 -23.78 -48.12
C TYR N 227 21.03 -24.81 -48.32
N ASP N 228 20.69 -26.04 -48.70
CA ASP N 228 21.66 -27.12 -48.77
C ASP N 228 22.06 -27.46 -50.20
N ARG N 229 21.71 -26.63 -51.16
CA ARG N 229 22.00 -26.97 -52.55
C ARG N 229 22.75 -25.89 -53.31
N VAL N 230 22.45 -24.62 -53.05
CA VAL N 230 22.86 -23.55 -53.96
C VAL N 230 24.33 -23.19 -53.72
N TYR N 231 24.94 -22.58 -54.73
CA TYR N 231 26.31 -22.08 -54.68
C TYR N 231 26.30 -20.57 -54.89
N ILE N 232 27.12 -19.86 -54.11
CA ILE N 232 27.18 -18.40 -54.17
C ILE N 232 28.64 -17.98 -54.29
N TYR N 233 28.93 -17.11 -55.26
CA TYR N 233 30.28 -16.65 -55.54
C TYR N 233 30.34 -15.13 -55.43
N TYR N 234 31.44 -14.64 -54.83
CA TYR N 234 31.65 -13.22 -54.61
C TYR N 234 33.03 -12.82 -55.09
N ASN N 235 33.11 -11.75 -55.88
CA ASN N 235 34.36 -11.22 -56.39
C ASN N 235 34.51 -9.79 -55.87
N HIS N 236 35.46 -9.59 -54.96
CA HIS N 236 35.58 -8.31 -54.27
C HIS N 236 35.99 -7.18 -55.20
N ARG N 237 36.83 -7.47 -56.21
CA ARG N 237 37.41 -6.41 -57.02
C ARG N 237 36.34 -5.61 -57.74
N ARG N 238 35.35 -6.27 -58.34
CA ARG N 238 34.25 -5.56 -58.99
C ARG N 238 33.00 -5.46 -58.14
N GLY N 239 32.73 -6.47 -57.30
CA GLY N 239 31.63 -6.40 -56.36
C GLY N 239 30.30 -6.88 -56.90
N ASP N 240 30.29 -8.01 -57.62
CA ASP N 240 29.06 -8.58 -58.14
C ASP N 240 28.96 -10.04 -57.70
N TRP N 241 27.75 -10.59 -57.79
CA TRP N 241 27.44 -11.91 -57.30
C TRP N 241 27.08 -12.85 -58.45
N LEU N 242 27.59 -14.07 -58.39
CA LEU N 242 27.19 -15.15 -59.30
C LEU N 242 26.68 -16.31 -58.47
N VAL N 243 25.37 -16.55 -58.53
CA VAL N 243 24.71 -17.60 -57.76
C VAL N 243 24.16 -18.63 -58.73
N ARG N 244 24.51 -19.90 -58.49
CA ARG N 244 24.17 -20.97 -59.41
C ARG N 244 23.59 -22.15 -58.66
N ASP N 245 22.78 -22.93 -59.37
CA ASP N 245 22.18 -24.15 -58.85
C ASP N 245 22.90 -25.34 -59.47
N PRO N 246 23.63 -26.14 -58.69
CA PRO N 246 24.47 -27.18 -59.30
C PRO N 246 23.71 -28.36 -59.86
N ILE N 247 22.47 -28.59 -59.44
CA ILE N 247 21.72 -29.75 -59.90
C ILE N 247 21.24 -29.53 -61.34
N SER N 248 20.41 -28.51 -61.54
CA SER N 248 19.86 -28.22 -62.85
C SER N 248 20.75 -27.31 -63.69
N GLY N 249 21.81 -26.76 -63.11
CA GLY N 249 22.66 -25.83 -63.85
C GLY N 249 22.02 -24.47 -64.09
N GLN N 250 21.01 -24.11 -63.31
CA GLN N 250 20.28 -22.87 -63.52
C GLN N 250 20.93 -21.72 -62.78
N ARG N 251 21.16 -20.61 -63.47
CA ARG N 251 21.76 -19.42 -62.88
C ARG N 251 20.66 -18.54 -62.29
N GLY N 252 20.91 -18.02 -61.08
CA GLY N 252 19.95 -17.21 -60.38
C GLY N 252 20.38 -15.77 -60.21
N GLU N 253 19.57 -15.04 -59.45
CA GLU N 253 19.78 -13.63 -59.17
C GLU N 253 19.85 -13.44 -57.65
N CYS N 254 20.95 -12.88 -57.17
CA CYS N 254 21.18 -12.74 -55.74
C CYS N 254 20.71 -11.38 -55.25
N LEU N 255 20.11 -11.38 -54.07
CA LEU N 255 19.64 -10.17 -53.40
C LEU N 255 20.44 -9.94 -52.13
N VAL N 256 20.62 -8.67 -51.77
CA VAL N 256 21.35 -8.30 -50.57
C VAL N 256 20.64 -7.13 -49.90
N LEU N 257 20.40 -7.26 -48.59
CA LEU N 257 19.83 -6.20 -47.77
C LEU N 257 20.84 -5.56 -46.84
N TRP N 258 21.68 -6.38 -46.19
CA TRP N 258 22.69 -5.92 -45.26
C TRP N 258 24.04 -6.34 -45.81
N PRO N 259 24.72 -5.45 -46.55
CA PRO N 259 25.91 -5.88 -47.30
C PRO N 259 27.02 -6.30 -46.35
N PRO N 260 27.83 -7.27 -46.76
CA PRO N 260 28.89 -7.78 -45.90
C PRO N 260 30.15 -6.92 -45.98
N LEU N 261 31.18 -7.36 -45.26
CA LEU N 261 32.46 -6.66 -45.20
C LEU N 261 33.58 -7.62 -45.57
N TRP N 262 34.54 -7.12 -46.36
CA TRP N 262 35.66 -7.93 -46.83
C TRP N 262 36.93 -7.42 -46.17
N THR N 263 37.62 -8.32 -45.46
CA THR N 263 38.78 -7.96 -44.65
C THR N 263 39.98 -8.82 -45.02
N GLY N 264 40.23 -8.96 -46.31
CA GLY N 264 41.36 -9.75 -46.79
C GLY N 264 40.96 -11.20 -47.05
N ASP N 265 41.57 -12.13 -46.33
CA ASP N 265 41.26 -13.54 -46.52
C ASP N 265 40.06 -13.96 -45.67
N ARG N 266 38.98 -13.19 -45.75
CA ARG N 266 37.79 -13.41 -44.94
C ARG N 266 36.59 -12.82 -45.66
N LEU N 267 35.44 -12.95 -45.02
CA LEU N 267 34.23 -12.23 -45.38
C LEU N 267 33.32 -12.26 -44.17
N VAL N 268 33.03 -11.09 -43.61
CA VAL N 268 32.27 -10.97 -42.36
C VAL N 268 30.89 -10.42 -42.70
N PHE N 269 29.87 -11.24 -42.48
CA PHE N 269 28.50 -10.79 -42.66
C PHE N 269 28.05 -9.98 -41.45
N ASP N 270 26.89 -9.36 -41.56
CA ASP N 270 26.30 -8.60 -40.47
C ASP N 270 24.90 -9.12 -40.13
N SER N 271 24.75 -10.43 -40.17
CA SER N 271 23.52 -11.09 -39.74
C SER N 271 23.51 -11.23 -38.23
N PRO N 272 22.33 -11.36 -37.62
CA PRO N 272 22.28 -11.51 -36.15
C PRO N 272 23.07 -12.70 -35.63
N VAL N 273 23.07 -13.81 -36.36
CA VAL N 273 23.83 -14.99 -35.92
C VAL N 273 25.33 -14.71 -35.94
N GLN N 274 25.79 -13.92 -36.91
CA GLN N 274 27.20 -13.57 -36.95
C GLN N 274 27.59 -12.70 -35.75
N ARG N 275 26.73 -11.76 -35.37
CA ARG N 275 27.02 -10.94 -34.20
C ARG N 275 26.99 -11.76 -32.92
N LEU N 276 26.08 -12.74 -32.84
CA LEU N 276 25.92 -13.56 -31.65
C LEU N 276 26.85 -14.76 -31.61
N PHE N 277 27.64 -14.99 -32.67
CA PHE N 277 28.37 -16.24 -32.80
C PHE N 277 29.43 -16.47 -31.72
N PRO N 278 30.34 -15.54 -31.42
CA PRO N 278 31.40 -15.85 -30.44
C PRO N 278 30.87 -16.19 -29.05
N GLU N 279 29.80 -15.52 -28.61
CA GLU N 279 29.33 -15.69 -27.24
C GLU N 279 28.79 -17.09 -27.01
N ILE N 280 27.99 -17.60 -27.96
CA ILE N 280 27.43 -18.94 -27.81
C ILE N 280 28.51 -19.99 -27.91
N VAL N 281 29.54 -19.76 -28.72
CA VAL N 281 30.66 -20.70 -28.79
C VAL N 281 31.38 -20.75 -27.45
N ALA N 282 31.63 -19.58 -26.84
CA ALA N 282 32.28 -19.56 -25.53
C ALA N 282 31.45 -20.28 -24.48
N CYS N 283 30.12 -20.06 -24.49
CA CYS N 283 29.26 -20.73 -23.53
C CYS N 283 29.28 -22.25 -23.73
N HIS N 284 29.23 -22.69 -24.99
CA HIS N 284 29.27 -24.12 -25.28
C HIS N 284 30.58 -24.75 -24.81
N SER N 285 31.70 -24.08 -25.06
CA SER N 285 32.98 -24.60 -24.61
C SER N 285 33.05 -24.66 -23.09
N LEU N 286 32.51 -23.65 -22.41
CA LEU N 286 32.48 -23.67 -20.95
C LEU N 286 31.66 -24.85 -20.44
N ARG N 287 30.50 -25.09 -21.05
CA ARG N 287 29.66 -26.21 -20.62
C ARG N 287 30.37 -27.54 -20.84
N GLU N 288 31.05 -27.71 -21.97
CA GLU N 288 31.76 -28.96 -22.23
C GLU N 288 32.89 -29.16 -21.23
N HIS N 289 33.65 -28.10 -20.93
CA HIS N 289 34.71 -28.22 -19.93
C HIS N 289 34.14 -28.55 -18.55
N ALA N 290 32.99 -27.95 -18.20
CA ALA N 290 32.37 -28.25 -16.92
C ALA N 290 31.95 -29.71 -16.85
N HIS N 291 31.42 -30.25 -17.96
CA HIS N 291 31.08 -31.68 -17.99
C HIS N 291 32.32 -32.54 -17.79
N VAL N 292 33.42 -32.20 -18.47
CA VAL N 292 34.65 -32.98 -18.33
C VAL N 292 35.15 -32.95 -16.90
N CYS N 293 35.14 -31.76 -16.26
CA CYS N 293 35.55 -31.67 -14.87
C CYS N 293 34.62 -32.46 -13.96
N ARG N 294 33.31 -32.47 -14.27
CA ARG N 294 32.35 -33.22 -13.48
C ARG N 294 32.64 -34.71 -13.52
N LEU N 295 32.99 -35.24 -14.69
CA LEU N 295 33.26 -36.67 -14.79
C LEU N 295 34.52 -37.09 -14.07
N ARG N 296 35.38 -36.14 -13.68
CA ARG N 296 36.64 -36.47 -13.03
C ARG N 296 36.49 -36.81 -11.55
N ASN N 297 35.56 -36.15 -10.86
CA ASN N 297 35.42 -36.27 -9.41
C ASN N 297 34.56 -37.45 -8.97
N THR N 298 34.43 -38.48 -9.81
CA THR N 298 33.55 -39.60 -9.46
C THR N 298 34.16 -40.56 -8.45
N ALA N 299 35.46 -40.44 -8.16
CA ALA N 299 36.13 -41.31 -7.20
C ALA N 299 36.40 -40.52 -5.92
N SER N 300 36.00 -41.11 -4.78
CA SER N 300 36.08 -40.37 -3.52
C SER N 300 37.53 -40.29 -3.01
N VAL N 301 38.29 -41.37 -3.14
CA VAL N 301 39.63 -41.45 -2.57
C VAL N 301 40.65 -41.56 -3.70
N LYS N 302 41.83 -40.98 -3.48
CA LYS N 302 42.92 -41.02 -4.45
C LYS N 302 44.22 -41.36 -3.71
N VAL N 303 45.11 -42.04 -4.43
CA VAL N 303 46.37 -42.53 -3.86
C VAL N 303 47.52 -42.05 -4.75
N LEU N 304 48.57 -41.55 -4.12
CA LEU N 304 49.76 -41.09 -4.82
C LEU N 304 50.96 -41.89 -4.36
N LEU N 305 51.70 -42.45 -5.30
CA LEU N 305 52.83 -43.33 -5.01
C LEU N 305 54.13 -42.66 -5.44
N GLY N 306 55.24 -43.22 -4.97
CA GLY N 306 56.56 -42.72 -5.34
C GLY N 306 57.64 -43.68 -4.91
N ARG N 307 58.78 -43.61 -5.60
CA ARG N 307 59.88 -44.52 -5.32
C ARG N 307 60.45 -44.28 -3.93
N LYS N 308 60.95 -45.36 -3.32
CA LYS N 308 61.70 -45.21 -2.08
C LYS N 308 63.12 -44.75 -2.40
N SER N 309 63.66 -43.88 -1.54
CA SER N 309 65.07 -43.54 -1.62
C SER N 309 65.88 -44.77 -1.24
N ASP N 310 66.61 -45.32 -2.21
CA ASP N 310 67.31 -46.59 -2.05
C ASP N 310 66.33 -47.71 -1.74
N TYR N 494 35.32 -45.94 -7.64
CA TYR N 494 35.25 -45.67 -6.21
C TYR N 494 36.62 -45.37 -5.62
N ASP N 495 37.68 -45.82 -6.32
CA ASP N 495 39.03 -45.38 -6.03
C ASP N 495 39.81 -45.23 -7.32
N ILE N 496 40.70 -44.25 -7.35
CA ILE N 496 41.60 -44.01 -8.48
C ILE N 496 42.99 -43.83 -7.93
N ILE N 497 43.96 -44.57 -8.47
CA ILE N 497 45.32 -44.59 -7.95
C ILE N 497 46.27 -44.03 -9.01
N ASP N 498 47.13 -43.12 -8.58
CA ASP N 498 48.07 -42.44 -9.47
C ASP N 498 49.47 -42.99 -9.24
N VAL N 499 50.15 -43.33 -10.32
CA VAL N 499 51.49 -43.91 -10.26
C VAL N 499 52.45 -42.92 -10.89
N SER N 500 53.32 -42.34 -10.05
CA SER N 500 54.38 -41.45 -10.52
C SER N 500 55.76 -41.97 -10.21
N LYS N 501 55.90 -43.26 -9.89
CA LYS N 501 57.19 -43.82 -9.54
C LYS N 501 58.10 -44.00 -10.75
N SER N 502 57.52 -44.07 -11.95
CA SER N 502 58.33 -44.31 -13.14
C SER N 502 59.24 -43.12 -13.45
N MET N 503 58.72 -41.90 -13.31
CA MET N 503 59.50 -40.73 -13.69
C MET N 503 60.44 -40.25 -12.58
N ASP N 504 60.26 -40.73 -11.36
CA ASP N 504 61.19 -40.38 -10.29
C ASP N 504 62.56 -40.97 -10.58
N ASP N 505 63.59 -40.14 -10.43
CA ASP N 505 64.98 -40.58 -10.56
C ASP N 505 65.83 -39.59 -9.80
N ASP N 506 66.39 -40.02 -8.67
CA ASP N 506 67.19 -39.16 -7.80
C ASP N 506 66.39 -37.94 -7.35
N THR N 507 65.10 -38.15 -7.07
CA THR N 507 64.18 -37.09 -6.67
C THR N 507 63.34 -37.58 -5.52
N TYR N 508 62.47 -36.71 -5.02
CA TYR N 508 61.51 -37.08 -3.98
C TYR N 508 60.30 -36.16 -4.09
N VAL N 509 59.18 -36.61 -3.52
CA VAL N 509 57.94 -35.85 -3.54
C VAL N 509 58.03 -34.79 -2.45
N ALA N 510 58.31 -33.54 -2.84
CA ALA N 510 58.46 -32.47 -1.87
C ALA N 510 57.11 -32.10 -1.24
N ASN N 511 56.08 -31.95 -2.06
CA ASN N 511 54.76 -31.58 -1.56
C ASN N 511 53.71 -31.99 -2.57
N SER N 512 52.47 -32.09 -2.09
CA SER N 512 51.32 -32.42 -2.91
C SER N 512 50.15 -31.54 -2.53
N PHE N 513 49.25 -31.32 -3.49
CA PHE N 513 48.09 -30.46 -3.30
C PHE N 513 46.87 -31.10 -3.93
N GLN N 514 45.70 -30.73 -3.44
CA GLN N 514 44.44 -31.11 -4.06
C GLN N 514 43.49 -29.92 -4.07
N HIS N 515 42.83 -29.70 -5.20
CA HIS N 515 41.83 -28.63 -5.31
C HIS N 515 40.85 -29.02 -6.41
N PRO N 516 39.72 -29.64 -6.05
CA PRO N 516 38.74 -30.12 -7.04
C PRO N 516 37.84 -29.02 -7.60
N TYR N 517 38.35 -28.31 -8.61
CA TYR N 517 37.62 -27.22 -9.22
C TYR N 517 36.50 -27.75 -10.12
N ILE N 518 35.36 -27.06 -10.10
CA ILE N 518 34.24 -27.35 -10.98
C ILE N 518 33.65 -26.05 -11.48
N PRO N 519 33.83 -25.71 -12.77
CA PRO N 519 33.25 -24.46 -13.28
C PRO N 519 31.74 -24.46 -13.24
N SER N 520 31.17 -23.27 -13.06
CA SER N 520 29.73 -23.07 -13.04
C SER N 520 29.32 -22.32 -14.30
N TYR N 521 28.14 -22.66 -14.83
CA TYR N 521 27.72 -22.15 -16.13
C TYR N 521 26.28 -21.65 -16.17
N ALA N 522 25.60 -21.55 -15.03
CA ALA N 522 24.19 -21.14 -15.05
C ALA N 522 24.04 -19.66 -15.40
N GLN N 523 24.91 -18.81 -14.83
CA GLN N 523 24.82 -17.39 -15.08
C GLN N 523 25.07 -17.08 -16.55
N ASP N 524 26.03 -17.78 -17.17
CA ASP N 524 26.28 -17.58 -18.59
C ASP N 524 25.08 -17.97 -19.42
N LEU N 525 24.41 -19.07 -19.06
CA LEU N 525 23.22 -19.49 -19.81
C LEU N 525 22.11 -18.46 -19.70
N GLU N 526 21.87 -17.93 -18.49
CA GLU N 526 20.84 -16.90 -18.34
C GLU N 526 21.18 -15.65 -19.13
N ARG N 527 22.44 -15.21 -19.06
CA ARG N 527 22.88 -14.05 -19.83
C ARG N 527 22.68 -14.28 -21.32
N LEU N 528 23.01 -15.48 -21.81
CA LEU N 528 22.89 -15.77 -23.23
C LEU N 528 21.42 -15.80 -23.65
N SER N 529 20.54 -16.34 -22.81
CA SER N 529 19.11 -16.33 -23.14
C SER N 529 18.59 -14.89 -23.26
N ARG N 530 18.93 -14.05 -22.28
CA ARG N 530 18.47 -12.66 -22.33
C ARG N 530 19.04 -11.95 -23.55
N LEU N 531 20.31 -12.19 -23.86
CA LEU N 531 20.94 -11.56 -25.02
C LEU N 531 20.26 -11.99 -26.33
N TRP N 532 19.99 -13.29 -26.47
CA TRP N 532 19.29 -13.78 -27.65
C TRP N 532 17.94 -13.09 -27.79
N GLU N 533 17.17 -13.02 -26.70
CA GLU N 533 15.84 -12.44 -26.77
C GLU N 533 15.91 -10.97 -27.17
N HIS N 534 16.80 -10.21 -26.53
CA HIS N 534 16.89 -8.78 -26.83
C HIS N 534 17.34 -8.55 -28.28
N GLU N 535 18.33 -9.32 -28.74
CA GLU N 535 18.80 -9.16 -30.11
C GLU N 535 17.69 -9.43 -31.11
N LEU N 536 16.94 -10.52 -30.91
CA LEU N 536 15.89 -10.85 -31.86
C LEU N 536 14.73 -9.87 -31.79
N VAL N 537 14.44 -9.33 -30.61
CA VAL N 537 13.37 -8.33 -30.51
C VAL N 537 13.76 -7.05 -31.23
N ARG N 538 14.98 -6.57 -31.01
CA ARG N 538 15.37 -5.27 -31.57
C ARG N 538 15.71 -5.35 -33.05
N CYS N 539 16.22 -6.49 -33.53
CA CYS N 539 16.65 -6.55 -34.93
C CYS N 539 15.46 -6.62 -35.88
N PHE N 540 14.44 -7.41 -35.54
CA PHE N 540 13.30 -7.62 -36.41
C PHE N 540 12.09 -6.77 -36.05
N LYS N 541 12.24 -5.85 -35.09
CA LYS N 541 11.19 -4.90 -34.71
C LYS N 541 9.93 -5.63 -34.26
N ILE N 542 10.09 -6.47 -33.23
CA ILE N 542 9.00 -7.27 -32.70
C ILE N 542 8.33 -6.49 -31.57
N LEU N 543 7.01 -6.39 -31.62
CA LEU N 543 6.22 -5.68 -30.62
C LEU N 543 5.63 -6.70 -29.65
N CYS N 544 6.02 -6.59 -28.37
CA CYS N 544 5.60 -7.54 -27.35
C CYS N 544 4.43 -6.96 -26.55
N HIS N 545 3.26 -7.55 -26.70
CA HIS N 545 2.11 -7.19 -25.87
C HIS N 545 2.29 -7.75 -24.47
N ARG N 546 1.82 -7.00 -23.48
CA ARG N 546 1.99 -7.37 -22.09
C ARG N 546 0.71 -7.09 -21.31
N ASN N 547 0.56 -7.80 -20.19
CA ASN N 547 -0.58 -7.64 -19.30
C ASN N 547 -0.35 -6.40 -18.42
N ASN N 548 -1.16 -6.25 -17.37
CA ASN N 548 -0.91 -5.21 -16.39
C ASN N 548 0.46 -5.39 -15.75
N GLN N 549 0.80 -6.62 -15.38
CA GLN N 549 2.15 -6.97 -14.96
C GLN N 549 2.68 -8.23 -15.59
N GLY N 550 1.82 -9.12 -16.10
CA GLY N 550 2.30 -10.31 -16.77
C GLY N 550 3.05 -9.96 -18.04
N GLN N 551 4.08 -10.75 -18.33
CA GLN N 551 4.97 -10.49 -19.46
C GLN N 551 4.65 -11.41 -20.63
N GLU N 552 4.66 -10.84 -21.83
CA GLU N 552 4.50 -11.58 -23.08
C GLU N 552 3.17 -12.34 -23.12
N THR N 553 2.07 -11.57 -23.08
CA THR N 553 0.76 -12.15 -23.31
C THR N 553 0.63 -12.64 -24.74
N SER N 554 1.13 -11.87 -25.70
CA SER N 554 1.14 -12.26 -27.10
C SER N 554 2.23 -11.44 -27.81
N ILE N 555 2.70 -11.97 -28.94
CA ILE N 555 3.80 -11.38 -29.68
C ILE N 555 3.40 -11.31 -31.15
N SER N 556 3.62 -10.14 -31.77
CA SER N 556 3.26 -9.93 -33.16
C SER N 556 4.16 -8.86 -33.75
N TYR N 557 4.15 -8.77 -35.08
CA TYR N 557 4.94 -7.76 -35.78
C TYR N 557 4.48 -6.35 -35.41
N SER N 558 5.45 -5.44 -35.33
CA SER N 558 5.17 -4.03 -35.12
C SER N 558 4.74 -3.39 -36.44
N SER N 559 4.33 -2.12 -36.36
CA SER N 559 3.89 -1.40 -37.56
C SER N 559 5.05 -1.19 -38.53
N GLY N 560 6.26 -0.97 -38.01
CA GLY N 560 7.41 -0.80 -38.86
C GLY N 560 8.05 -2.10 -39.33
N ALA N 561 7.85 -3.19 -38.58
CA ALA N 561 8.45 -4.46 -38.96
C ALA N 561 7.90 -4.96 -40.30
N ILE N 562 6.59 -4.83 -40.51
CA ILE N 562 6.01 -5.29 -41.76
C ILE N 562 6.47 -4.42 -42.92
N ALA N 563 6.60 -3.11 -42.69
CA ALA N 563 7.10 -2.23 -43.75
C ALA N 563 8.56 -2.51 -44.07
N ALA N 564 9.34 -2.94 -43.08
CA ALA N 564 10.76 -3.18 -43.30
C ALA N 564 11.04 -4.57 -43.87
N PHE N 565 10.17 -5.55 -43.61
CA PHE N 565 10.45 -6.92 -44.01
C PHE N 565 9.41 -7.49 -44.97
N VAL N 566 8.12 -7.33 -44.68
CA VAL N 566 7.09 -7.86 -45.56
C VAL N 566 7.06 -7.10 -46.87
N ALA N 567 7.18 -5.76 -46.82
CA ALA N 567 7.11 -4.95 -48.03
C ALA N 567 8.23 -5.24 -49.02
N PRO N 568 9.50 -5.32 -48.63
CA PRO N 568 10.53 -5.69 -49.62
C PRO N 568 10.31 -7.07 -50.21
N TYR N 569 9.72 -7.99 -49.46
CA TYR N 569 9.41 -9.32 -50.00
C TYR N 569 8.51 -9.19 -51.23
N PHE N 570 7.40 -8.47 -51.09
CA PHE N 570 6.49 -8.27 -52.22
C PHE N 570 7.14 -7.44 -53.32
N GLU N 571 7.96 -6.46 -52.94
CA GLU N 571 8.50 -5.53 -53.93
C GLU N 571 9.55 -6.19 -54.82
N SER N 572 10.47 -6.95 -54.24
CA SER N 572 11.60 -7.51 -54.97
C SER N 572 11.56 -9.03 -55.07
N VAL N 573 11.26 -9.73 -53.97
CA VAL N 573 11.33 -11.19 -54.00
C VAL N 573 10.27 -11.75 -54.93
N LEU N 574 9.05 -11.20 -54.87
CA LEU N 574 7.96 -11.66 -55.70
C LEU N 574 7.79 -10.85 -56.99
N ARG N 575 8.31 -9.61 -57.02
CA ARG N 575 8.09 -8.70 -58.14
C ARG N 575 6.59 -8.53 -58.40
N ALA N 576 5.81 -8.42 -57.33
CA ALA N 576 4.37 -8.29 -57.45
C ALA N 576 4.01 -6.95 -58.09
N PRO N 577 2.87 -6.89 -58.80
CA PRO N 577 2.49 -5.62 -59.42
C PRO N 577 2.21 -4.51 -58.42
N ARG N 578 1.30 -4.73 -57.47
CA ARG N 578 0.98 -3.72 -56.47
C ARG N 578 0.31 -4.39 -55.29
N VAL N 579 0.39 -3.72 -54.14
CA VAL N 579 -0.26 -4.19 -52.92
C VAL N 579 -1.07 -3.11 -52.23
N GLY N 580 -1.18 -1.92 -52.82
CA GLY N 580 -1.94 -0.86 -52.18
C GLY N 580 -1.25 -0.33 -50.93
N ALA N 581 -2.02 0.40 -50.15
CA ALA N 581 -1.49 0.95 -48.91
C ALA N 581 -1.19 -0.16 -47.91
N PRO N 582 -0.02 -0.12 -47.25
CA PRO N 582 0.30 -1.17 -46.28
C PRO N 582 -0.62 -1.12 -45.07
N ILE N 583 -0.83 -2.28 -44.47
CA ILE N 583 -1.66 -2.38 -43.28
C ILE N 583 -0.87 -1.90 -42.06
N THR N 584 -1.58 -1.73 -40.95
CA THR N 584 -0.98 -1.34 -39.69
C THR N 584 -0.64 -2.59 -38.88
N GLY N 585 0.31 -2.43 -37.95
CA GLY N 585 0.69 -3.54 -37.09
C GLY N 585 -0.43 -3.99 -36.17
N SER N 586 -1.45 -3.15 -35.96
CA SER N 586 -2.60 -3.55 -35.17
C SER N 586 -3.59 -4.41 -35.95
N ASP N 587 -3.53 -4.38 -37.28
CA ASP N 587 -4.43 -5.19 -38.10
C ASP N 587 -3.97 -6.63 -38.22
N VAL N 588 -2.73 -6.94 -37.83
CA VAL N 588 -2.27 -8.32 -37.83
C VAL N 588 -3.05 -9.14 -36.81
N ILE N 589 -3.39 -8.53 -35.67
CA ILE N 589 -4.13 -9.24 -34.63
C ILE N 589 -5.52 -9.62 -35.11
N LEU N 590 -6.14 -8.77 -35.92
CA LEU N 590 -7.52 -8.97 -36.33
C LEU N 590 -7.67 -10.25 -37.16
N GLY N 591 -8.87 -10.81 -37.13
CA GLY N 591 -9.20 -11.97 -37.93
C GLY N 591 -9.58 -11.59 -39.34
N GLU N 592 -9.98 -12.60 -40.11
CA GLU N 592 -10.36 -12.39 -41.50
C GLU N 592 -11.61 -11.52 -41.60
N GLU N 593 -12.66 -11.89 -40.87
CA GLU N 593 -13.91 -11.12 -40.91
C GLU N 593 -13.71 -9.71 -40.37
N GLU N 594 -12.95 -9.58 -39.29
CA GLU N 594 -12.69 -8.25 -38.73
C GLU N 594 -11.92 -7.39 -39.72
N LEU N 595 -10.92 -7.96 -40.39
CA LEU N 595 -10.16 -7.20 -41.40
C LEU N 595 -11.06 -6.78 -42.56
N TRP N 596 -11.92 -7.70 -43.03
CA TRP N 596 -12.83 -7.35 -44.12
C TRP N 596 -13.78 -6.24 -43.70
N ASP N 597 -14.30 -6.30 -42.47
CA ASP N 597 -15.19 -5.24 -42.00
C ASP N 597 -14.43 -3.92 -41.86
N ALA N 598 -13.17 -3.96 -41.44
CA ALA N 598 -12.38 -2.75 -41.30
C ALA N 598 -12.13 -2.09 -42.65
N VAL N 599 -11.78 -2.89 -43.66
CA VAL N 599 -11.52 -2.31 -44.98
C VAL N 599 -12.83 -1.94 -45.67
N PHE N 600 -13.94 -2.53 -45.25
CA PHE N 600 -15.23 -2.26 -45.90
C PHE N 600 -15.78 -0.90 -45.51
N LYS N 601 -15.58 -0.49 -44.26
CA LYS N 601 -16.19 0.76 -43.79
C LYS N 601 -15.56 1.98 -44.45
N LYS N 602 -14.24 1.99 -44.59
CA LYS N 602 -13.51 3.16 -45.09
C LYS N 602 -13.33 3.15 -46.60
N THR N 603 -13.87 2.17 -47.31
CA THR N 603 -13.64 2.07 -48.74
C THR N 603 -14.72 2.85 -49.51
N ARG N 604 -14.74 2.70 -50.83
CA ARG N 604 -15.58 3.52 -51.69
C ARG N 604 -17.05 3.12 -51.59
N LEU N 605 -17.34 1.84 -51.43
CA LEU N 605 -18.71 1.36 -51.56
C LEU N 605 -19.62 1.91 -50.46
N GLN N 606 -19.09 2.13 -49.26
CA GLN N 606 -19.92 2.58 -48.15
C GLN N 606 -20.52 3.95 -48.43
N THR N 607 -19.75 4.84 -49.07
CA THR N 607 -20.28 6.16 -49.38
C THR N 607 -21.46 6.08 -50.35
N TYR N 608 -21.35 5.22 -51.38
CA TYR N 608 -22.46 5.04 -52.29
C TYR N 608 -23.67 4.45 -51.58
N LEU N 609 -23.44 3.44 -50.73
CA LEU N 609 -24.55 2.79 -50.03
C LEU N 609 -25.28 3.76 -49.11
N THR N 610 -24.53 4.61 -48.39
CA THR N 610 -25.17 5.60 -47.54
C THR N 610 -25.82 6.71 -48.37
N ASP N 611 -25.29 7.00 -49.55
CA ASP N 611 -25.90 7.99 -50.42
C ASP N 611 -27.27 7.53 -50.90
N ILE N 612 -27.37 6.26 -51.30
CA ILE N 612 -28.64 5.75 -51.80
C ILE N 612 -29.70 5.74 -50.70
N ALA N 613 -29.31 5.32 -49.49
CA ALA N 613 -30.27 5.21 -48.41
C ALA N 613 -30.90 6.55 -48.07
N ALA N 614 -30.08 7.60 -47.98
CA ALA N 614 -30.61 8.93 -47.66
C ALA N 614 -31.57 9.43 -48.74
N LEU N 615 -31.19 9.25 -50.01
CA LEU N 615 -32.05 9.69 -51.10
C LEU N 615 -33.37 8.94 -51.10
N PHE N 616 -33.34 7.63 -50.88
CA PHE N 616 -34.56 6.84 -50.84
C PHE N 616 -35.44 7.25 -49.66
N VAL N 617 -34.84 7.49 -48.50
CA VAL N 617 -35.60 7.90 -47.32
C VAL N 617 -36.24 9.26 -47.56
N ALA N 618 -35.53 10.15 -48.27
CA ALA N 618 -36.11 11.44 -48.58
C ALA N 618 -37.27 11.31 -49.57
N ASP N 619 -37.02 10.68 -50.71
CA ASP N 619 -38.01 10.62 -51.79
C ASP N 619 -39.18 9.69 -51.47
N VAL N 620 -39.14 8.95 -50.36
CA VAL N 620 -40.20 8.00 -50.09
C VAL N 620 -41.50 8.71 -49.71
N GLN N 621 -41.42 9.96 -49.24
CA GLN N 621 -42.61 10.68 -48.81
C GLN N 621 -42.81 12.02 -49.49
N HIS N 622 -41.76 12.65 -50.03
CA HIS N 622 -41.94 13.92 -50.71
C HIS N 622 -42.77 13.76 -51.98
N ALA N 623 -42.56 12.67 -52.71
CA ALA N 623 -43.32 12.39 -53.93
C ALA N 623 -44.78 12.10 -53.60
N ASP O 25 60.47 38.48 -21.04
CA ASP O 25 59.98 39.56 -20.18
C ASP O 25 58.55 39.27 -19.73
N GLY O 26 58.41 38.42 -18.72
CA GLY O 26 57.13 38.18 -18.10
C GLY O 26 56.19 37.27 -18.86
N TRP O 27 56.38 37.17 -20.18
CA TRP O 27 55.48 36.36 -21.00
C TRP O 27 55.61 34.89 -20.65
N VAL O 28 54.46 34.21 -20.65
CA VAL O 28 54.40 32.78 -20.33
C VAL O 28 53.57 32.08 -21.40
N LYS O 29 54.07 30.95 -21.89
CA LYS O 29 53.32 30.13 -22.83
C LYS O 29 52.36 29.24 -22.05
N VAL O 30 51.07 29.32 -22.39
CA VAL O 30 50.01 28.73 -21.56
C VAL O 30 49.28 27.60 -22.28
N HIS O 31 48.89 27.81 -23.54
CA HIS O 31 48.02 26.83 -24.17
C HIS O 31 48.73 25.54 -24.56
N PRO O 32 49.73 25.56 -25.47
CA PRO O 32 50.17 24.29 -26.07
C PRO O 32 51.05 23.43 -25.19
N THR O 33 51.16 23.76 -23.90
CA THR O 33 51.83 22.87 -22.97
C THR O 33 51.04 21.58 -22.86
N PRO O 34 51.70 20.45 -22.59
CA PRO O 34 50.98 19.16 -22.54
C PRO O 34 49.88 19.11 -21.49
N GLY O 35 49.90 20.01 -20.50
CA GLY O 35 48.86 20.02 -19.48
C GLY O 35 47.47 20.31 -20.00
N THR O 36 47.35 20.84 -21.21
CA THR O 36 46.04 21.07 -21.82
C THR O 36 45.69 20.05 -22.88
N MET O 37 46.70 19.54 -23.61
CA MET O 37 46.45 18.40 -24.49
C MET O 37 45.98 17.20 -23.68
N LEU O 38 46.49 17.05 -22.45
CA LEU O 38 45.99 16.01 -21.57
C LEU O 38 44.53 16.24 -21.21
N PHE O 39 44.14 17.50 -20.98
CA PHE O 39 42.73 17.79 -20.68
C PHE O 39 41.84 17.43 -21.85
N ARG O 40 42.26 17.81 -23.07
CA ARG O 40 41.43 17.50 -24.23
C ARG O 40 41.34 15.99 -24.47
N GLU O 41 42.45 15.27 -24.33
CA GLU O 41 42.41 13.83 -24.49
C GLU O 41 41.61 13.15 -23.38
N ILE O 42 41.57 13.76 -22.19
CA ILE O 42 40.64 13.32 -21.16
C ILE O 42 39.21 13.47 -21.65
N LEU O 43 38.92 14.61 -22.28
CA LEU O 43 37.58 14.84 -22.79
C LEU O 43 37.23 13.83 -23.89
N HIS O 44 38.22 13.41 -24.67
CA HIS O 44 38.00 12.37 -25.69
C HIS O 44 38.03 10.97 -25.11
N GLY O 45 38.15 10.82 -23.80
CA GLY O 45 38.15 9.50 -23.18
C GLY O 45 39.38 8.68 -23.45
N GLN O 46 40.56 9.28 -23.32
CA GLN O 46 41.81 8.55 -23.54
C GLN O 46 42.33 7.84 -22.30
N LEU O 47 41.72 8.07 -21.13
CA LEU O 47 42.01 7.27 -19.93
C LEU O 47 40.70 7.09 -19.17
N GLY O 48 40.01 5.99 -19.46
CA GLY O 48 38.78 5.64 -18.81
C GLY O 48 37.56 6.26 -19.46
N TYR O 49 36.41 5.64 -19.22
CA TYR O 49 35.14 6.20 -19.63
C TYR O 49 34.07 5.74 -18.65
N THR O 50 32.99 6.52 -18.58
CA THR O 50 31.97 6.32 -17.57
C THR O 50 30.60 6.67 -18.16
N GLU O 51 29.55 6.22 -17.47
CA GLU O 51 28.20 6.62 -17.86
C GLU O 51 27.98 8.10 -17.63
N GLY O 52 28.57 8.64 -16.57
CA GLY O 52 28.37 10.05 -16.26
C GLY O 52 28.95 10.97 -17.32
N GLN O 53 30.09 10.60 -17.90
CA GLN O 53 30.70 11.42 -18.93
C GLN O 53 29.83 11.52 -20.18
N GLY O 54 28.86 10.62 -20.35
CA GLY O 54 27.99 10.66 -21.51
C GLY O 54 26.97 11.79 -21.51
N VAL O 55 26.81 12.48 -20.37
CA VAL O 55 25.93 13.65 -20.35
C VAL O 55 26.53 14.78 -21.19
N TYR O 56 27.85 14.77 -21.38
CA TYR O 56 28.51 15.83 -22.13
C TYR O 56 28.08 15.86 -23.60
N ASN O 57 27.51 14.76 -24.11
CA ASN O 57 27.05 14.76 -25.49
C ASN O 57 25.84 15.65 -25.70
N VAL O 58 25.15 16.03 -24.63
CA VAL O 58 24.01 16.94 -24.75
C VAL O 58 24.46 18.40 -24.59
N VAL O 59 25.49 18.64 -23.79
CA VAL O 59 25.99 20.00 -23.56
C VAL O 59 26.48 20.62 -24.86
N ARG O 60 26.93 19.79 -25.80
CA ARG O 60 27.46 20.30 -27.07
C ARG O 60 26.41 20.46 -28.15
N SER O 61 25.16 20.08 -27.90
CA SER O 61 24.14 20.13 -28.95
C SER O 61 23.90 21.56 -29.41
N SER O 62 23.68 21.72 -30.71
CA SER O 62 23.43 23.01 -31.32
C SER O 62 21.95 23.32 -31.46
N GLU O 63 21.10 22.73 -30.62
CA GLU O 63 19.66 22.96 -30.72
C GLU O 63 19.28 24.35 -30.22
N ALA O 64 19.90 24.80 -29.13
CA ALA O 64 19.53 26.09 -28.54
C ALA O 64 19.81 27.23 -29.50
N THR O 65 20.99 27.22 -30.13
CA THR O 65 21.34 28.33 -31.03
C THR O 65 20.45 28.35 -32.25
N THR O 66 20.11 27.18 -32.81
CA THR O 66 19.21 27.15 -33.96
C THR O 66 17.81 27.63 -33.58
N ARG O 67 17.33 27.23 -32.39
CA ARG O 67 16.03 27.73 -31.94
C ARG O 67 16.05 29.24 -31.74
N GLN O 68 17.14 29.77 -31.18
CA GLN O 68 17.27 31.21 -31.01
C GLN O 68 17.29 31.93 -32.35
N LEU O 69 18.01 31.36 -33.33
CA LEU O 69 18.04 31.95 -34.66
C LEU O 69 16.66 31.97 -35.29
N GLN O 70 15.92 30.86 -35.17
CA GLN O 70 14.57 30.81 -35.72
C GLN O 70 13.66 31.84 -35.06
N ALA O 71 13.75 31.97 -33.73
CA ALA O 71 12.93 32.95 -33.03
C ALA O 71 13.29 34.38 -33.46
N ALA O 72 14.59 34.67 -33.58
CA ALA O 72 15.01 36.01 -33.99
C ALA O 72 14.52 36.33 -35.40
N ILE O 73 14.63 35.37 -36.33
CA ILE O 73 14.17 35.61 -37.69
C ILE O 73 12.67 35.84 -37.71
N PHE O 74 11.92 35.04 -36.94
CA PHE O 74 10.46 35.20 -36.92
C PHE O 74 10.07 36.57 -36.35
N HIS O 75 10.71 36.98 -35.26
CA HIS O 75 10.43 38.29 -34.69
C HIS O 75 10.75 39.41 -35.67
N ALA O 76 11.91 39.33 -36.33
CA ALA O 76 12.29 40.38 -37.27
C ALA O 76 11.33 40.44 -38.44
N LEU O 77 10.87 39.28 -38.93
CA LEU O 77 9.98 39.27 -40.08
C LEU O 77 8.59 39.76 -39.71
N LEU O 78 8.04 39.32 -38.58
CA LEU O 78 6.69 39.68 -38.21
C LEU O 78 6.59 41.12 -37.72
N ASN O 79 7.64 41.63 -37.07
CA ASN O 79 7.57 42.98 -36.50
C ASN O 79 7.44 44.05 -37.58
N ALA O 80 7.90 43.76 -38.80
CA ALA O 80 7.86 44.73 -39.89
C ALA O 80 6.51 44.79 -40.58
N THR O 81 5.54 43.98 -40.16
CA THR O 81 4.23 43.97 -40.79
C THR O 81 3.51 45.29 -40.54
N THR O 82 2.84 45.79 -41.56
CA THR O 82 2.10 47.05 -41.48
C THR O 82 0.61 46.81 -41.71
N TYR O 83 -0.20 47.42 -40.84
CA TYR O 83 -1.65 47.22 -40.91
C TYR O 83 -2.23 47.74 -42.22
N ARG O 84 -1.75 48.90 -42.68
CA ARG O 84 -2.31 49.53 -43.88
C ARG O 84 -2.17 48.61 -45.10
N ASP O 85 -0.98 48.05 -45.30
CA ASP O 85 -0.72 47.29 -46.52
C ASP O 85 -1.51 45.98 -46.52
N LEU O 86 -1.59 45.30 -45.38
CA LEU O 86 -2.34 44.04 -45.34
C LEU O 86 -3.84 44.30 -45.44
N GLU O 87 -4.32 45.43 -44.90
CA GLU O 87 -5.72 45.79 -45.12
C GLU O 87 -5.98 46.06 -46.60
N ALA O 88 -5.04 46.72 -47.27
CA ALA O 88 -5.18 46.95 -48.71
C ALA O 88 -5.22 45.64 -49.48
N ASP O 89 -4.37 44.69 -49.09
CA ASP O 89 -4.38 43.38 -49.75
C ASP O 89 -5.70 42.64 -49.51
N TRP O 90 -6.23 42.73 -48.29
CA TRP O 90 -7.52 42.12 -48.01
C TRP O 90 -8.62 42.75 -48.84
N LEU O 91 -8.60 44.08 -48.97
CA LEU O 91 -9.60 44.75 -49.80
C LEU O 91 -9.47 44.34 -51.27
N GLY O 92 -8.24 44.19 -51.75
CA GLY O 92 -8.04 43.71 -53.10
C GLY O 92 -8.57 42.30 -53.30
N HIS O 93 -8.36 41.43 -52.31
CA HIS O 93 -8.92 40.07 -52.38
C HIS O 93 -10.45 40.11 -52.40
N VAL O 94 -11.05 40.97 -51.57
CA VAL O 94 -12.50 41.09 -51.56
C VAL O 94 -13.01 41.58 -52.90
N ALA O 95 -12.32 42.55 -53.50
CA ALA O 95 -12.70 43.03 -54.83
C ALA O 95 -12.57 41.92 -55.87
N ALA O 96 -11.52 41.11 -55.77
CA ALA O 96 -11.34 40.00 -56.71
C ALA O 96 -12.46 38.99 -56.58
N ARG O 97 -12.86 38.66 -55.35
CA ARG O 97 -13.97 37.72 -55.15
C ARG O 97 -15.32 38.32 -55.50
N GLY O 98 -15.42 39.65 -55.52
CA GLY O 98 -16.71 40.29 -55.74
C GLY O 98 -17.72 39.97 -54.66
N LEU O 99 -17.27 39.92 -53.40
CA LEU O 99 -18.10 39.53 -52.27
C LEU O 99 -18.20 40.67 -51.26
N GLN O 100 -18.38 41.88 -51.75
CA GLN O 100 -18.54 43.03 -50.87
C GLN O 100 -19.86 42.92 -50.10
N PRO O 101 -19.94 43.54 -48.92
CA PRO O 101 -21.19 43.43 -48.13
C PRO O 101 -22.42 43.90 -48.88
N GLN O 102 -22.30 44.95 -49.69
CA GLN O 102 -23.45 45.44 -50.46
C GLN O 102 -23.96 44.36 -51.41
N ARG O 103 -23.07 43.80 -52.23
CA ARG O 103 -23.47 42.78 -53.18
C ARG O 103 -23.97 41.53 -52.48
N LEU O 104 -23.29 41.12 -51.41
CA LEU O 104 -23.66 39.89 -50.71
C LEU O 104 -25.06 40.02 -50.10
N VAL O 105 -25.33 41.16 -49.45
CA VAL O 105 -26.64 41.35 -48.83
C VAL O 105 -27.72 41.51 -49.90
N ARG O 106 -27.42 42.23 -50.98
CA ARG O 106 -28.39 42.37 -52.06
C ARG O 106 -28.66 41.06 -52.78
N ARG O 107 -27.73 40.11 -52.71
CA ARG O 107 -27.96 38.80 -53.32
C ARG O 107 -28.75 37.89 -52.38
N TYR O 108 -28.41 37.90 -51.08
CA TYR O 108 -29.06 36.97 -50.16
C TYR O 108 -30.50 37.39 -49.86
N ARG O 109 -30.72 38.69 -49.65
CA ARG O 109 -32.07 39.24 -49.43
C ARG O 109 -32.79 38.56 -48.28
N ASN O 110 -32.08 38.33 -47.18
CA ASN O 110 -32.67 37.72 -46.00
C ASN O 110 -32.13 38.39 -44.74
N ALA O 111 -32.91 38.28 -43.66
CA ALA O 111 -32.57 38.91 -42.39
C ALA O 111 -31.95 37.93 -41.40
N ARG O 112 -31.57 36.73 -41.85
CA ARG O 112 -30.94 35.76 -40.96
C ARG O 112 -29.50 36.19 -40.66
N GLU O 113 -29.32 36.86 -39.53
CA GLU O 113 -28.02 37.46 -39.21
C GLU O 113 -26.96 36.39 -38.95
N ALA O 114 -27.33 35.30 -38.27
CA ALA O 114 -26.33 34.30 -37.89
C ALA O 114 -25.70 33.65 -39.11
N ASP O 115 -26.51 33.27 -40.09
CA ASP O 115 -25.99 32.58 -41.27
C ASP O 115 -25.05 33.47 -42.07
N ILE O 116 -25.46 34.72 -42.32
CA ILE O 116 -24.64 35.63 -43.10
C ILE O 116 -23.37 36.01 -42.36
N ALA O 117 -23.46 36.17 -41.03
CA ALA O 117 -22.28 36.45 -40.24
C ALA O 117 -21.29 35.29 -40.29
N GLY O 118 -21.79 34.05 -40.18
CA GLY O 118 -20.92 32.90 -40.30
C GLY O 118 -20.29 32.79 -41.67
N VAL O 119 -21.06 33.10 -42.71
CA VAL O 119 -20.53 33.07 -44.07
C VAL O 119 -19.38 34.07 -44.22
N ALA O 120 -19.58 35.29 -43.72
CA ALA O 120 -18.53 36.30 -43.79
C ALA O 120 -17.31 35.86 -42.99
N GLU O 121 -17.53 35.30 -41.80
CA GLU O 121 -16.42 34.88 -40.96
C GLU O 121 -15.61 33.77 -41.61
N ARG O 122 -16.27 32.83 -42.28
CA ARG O 122 -15.55 31.76 -42.97
C ARG O 122 -14.82 32.31 -44.19
N VAL O 123 -15.44 33.25 -44.92
CA VAL O 123 -14.75 33.89 -46.04
C VAL O 123 -13.47 34.56 -45.55
N PHE O 124 -13.51 35.16 -44.36
CA PHE O 124 -12.31 35.80 -43.82
C PHE O 124 -11.30 34.77 -43.32
N ASP O 125 -11.76 33.69 -42.68
CA ASP O 125 -10.80 32.80 -42.04
C ASP O 125 -10.09 31.90 -43.05
N THR O 126 -10.69 31.67 -44.21
CA THR O 126 -9.95 31.00 -45.28
C THR O 126 -8.74 31.84 -45.69
N TRP O 127 -8.96 33.15 -45.86
CA TRP O 127 -7.88 34.05 -46.22
C TRP O 127 -6.82 34.12 -45.13
N ARG O 128 -7.25 34.17 -43.86
CA ARG O 128 -6.26 34.26 -42.78
C ARG O 128 -5.44 32.98 -42.68
N ASN O 129 -6.06 31.82 -42.89
CA ASN O 129 -5.31 30.57 -42.86
C ASN O 129 -4.30 30.49 -44.01
N THR O 130 -4.73 30.88 -45.22
CA THR O 130 -3.79 30.85 -46.34
C THR O 130 -2.64 31.83 -46.11
N LEU O 131 -2.93 33.01 -45.54
CA LEU O 131 -1.88 33.97 -45.26
C LEU O 131 -0.89 33.43 -44.23
N ARG O 132 -1.40 32.77 -43.18
CA ARG O 132 -0.50 32.26 -42.14
C ARG O 132 0.39 31.15 -42.70
N THR O 133 -0.16 30.28 -43.55
CA THR O 133 0.68 29.21 -44.09
C THR O 133 1.70 29.76 -45.10
N THR O 134 1.31 30.79 -45.86
CA THR O 134 2.27 31.44 -46.76
C THR O 134 3.41 32.07 -45.97
N LEU O 135 3.09 32.77 -44.88
CA LEU O 135 4.12 33.40 -44.07
C LEU O 135 5.01 32.36 -43.41
N LEU O 136 4.44 31.23 -42.98
CA LEU O 136 5.24 30.16 -42.42
C LEU O 136 6.22 29.60 -43.43
N ASP O 137 5.75 29.38 -44.67
CA ASP O 137 6.65 28.89 -45.71
C ASP O 137 7.79 29.87 -45.98
N PHE O 138 7.47 31.16 -46.10
CA PHE O 138 8.51 32.15 -46.33
C PHE O 138 9.50 32.20 -45.18
N ALA O 139 8.99 32.13 -43.94
CA ALA O 139 9.88 32.21 -42.79
C ALA O 139 10.82 31.01 -42.73
N HIS O 140 10.31 29.81 -43.02
CA HIS O 140 11.19 28.64 -43.05
C HIS O 140 12.23 28.76 -44.15
N GLY O 141 11.82 29.24 -45.33
CA GLY O 141 12.77 29.44 -46.41
C GLY O 141 13.86 30.42 -46.03
N LEU O 142 13.50 31.49 -45.30
CA LEU O 142 14.50 32.47 -44.88
C LEU O 142 15.41 31.91 -43.79
N VAL O 143 14.86 31.10 -42.90
CA VAL O 143 15.67 30.51 -41.83
C VAL O 143 16.67 29.52 -42.40
N ALA O 144 16.30 28.80 -43.45
CA ALA O 144 17.14 27.71 -43.95
C ALA O 144 18.53 28.16 -44.38
N CYS O 145 18.71 29.44 -44.68
CA CYS O 145 20.02 29.90 -45.14
C CYS O 145 21.04 29.98 -44.00
N PHE O 146 20.59 30.24 -42.78
CA PHE O 146 21.49 30.46 -41.65
C PHE O 146 21.86 29.18 -40.92
N ALA O 147 20.88 28.30 -40.69
CA ALA O 147 21.05 27.21 -39.72
C ALA O 147 22.24 26.30 -40.00
N PRO O 148 22.50 25.83 -41.23
CA PRO O 148 23.63 24.90 -41.42
C PRO O 148 24.98 25.48 -41.04
N GLY O 149 25.19 26.79 -41.23
CA GLY O 149 26.49 27.39 -40.99
C GLY O 149 26.82 27.65 -39.54
N GLY O 150 25.90 27.40 -38.62
CA GLY O 150 26.13 27.63 -37.21
C GLY O 150 27.02 26.60 -36.56
N PRO O 151 26.57 25.33 -36.51
CA PRO O 151 27.36 24.30 -35.81
C PRO O 151 28.71 24.02 -36.44
N SER O 152 28.85 24.21 -37.75
CA SER O 152 30.09 23.87 -38.45
C SER O 152 30.56 25.05 -39.29
N GLY O 153 31.86 25.05 -39.57
CA GLY O 153 32.47 26.13 -40.31
C GLY O 153 32.88 27.27 -39.41
N PRO O 154 32.88 28.50 -39.94
CA PRO O 154 33.14 29.67 -39.10
C PRO O 154 32.11 29.77 -37.99
N SER O 155 32.59 30.19 -36.82
CA SER O 155 31.77 30.38 -35.61
C SER O 155 30.96 29.13 -35.28
N SER O 156 31.68 28.06 -34.97
CA SER O 156 31.05 26.80 -34.59
C SER O 156 30.74 26.80 -33.10
N PHE O 157 29.56 26.28 -32.74
CA PHE O 157 29.13 26.30 -31.34
C PHE O 157 29.77 25.19 -30.52
N PRO O 158 29.79 23.92 -30.95
CA PRO O 158 30.41 22.89 -30.09
C PRO O 158 31.88 23.13 -29.82
N LYS O 159 32.62 23.71 -30.77
CA LYS O 159 34.01 24.07 -30.50
C LYS O 159 34.09 25.12 -29.41
N TYR O 160 33.17 26.09 -29.44
CA TYR O 160 33.10 27.08 -28.37
C TYR O 160 32.81 26.42 -27.03
N ILE O 161 31.89 25.47 -26.99
CA ILE O 161 31.52 24.81 -25.74
C ILE O 161 32.71 24.01 -25.19
N ASP O 162 33.42 23.29 -26.06
CA ASP O 162 34.53 22.51 -25.52
C ASP O 162 35.75 23.38 -25.18
N TRP O 163 35.92 24.52 -25.86
CA TRP O 163 36.89 25.51 -25.38
C TRP O 163 36.56 25.95 -23.97
N LEU O 164 35.28 26.27 -23.71
CA LEU O 164 34.86 26.66 -22.37
C LEU O 164 35.10 25.53 -21.37
N THR O 165 34.79 24.30 -21.76
CA THR O 165 34.90 23.17 -20.82
C THR O 165 36.35 22.86 -20.48
N CYS O 166 37.27 23.05 -21.43
CA CYS O 166 38.64 22.66 -21.16
C CYS O 166 39.45 23.74 -20.47
N LEU O 167 39.31 25.01 -20.87
CA LEU O 167 40.15 26.07 -20.34
C LEU O 167 39.35 27.24 -19.77
N GLY O 168 38.22 27.57 -20.39
CA GLY O 168 37.50 28.78 -20.08
C GLY O 168 37.83 29.96 -20.96
N LEU O 169 38.81 29.81 -21.86
CA LEU O 169 39.13 30.82 -22.85
C LEU O 169 38.60 30.39 -24.21
N VAL O 170 38.26 31.38 -25.04
CA VAL O 170 37.76 31.13 -26.39
C VAL O 170 38.48 32.03 -27.37
N PRO O 171 39.67 31.66 -27.86
CA PRO O 171 40.33 32.48 -28.88
C PRO O 171 39.45 32.62 -30.11
N ILE O 172 39.43 33.82 -30.68
CA ILE O 172 38.54 34.15 -31.77
C ILE O 172 39.33 34.95 -32.81
N LEU O 173 39.17 34.59 -34.08
CA LEU O 173 39.86 35.23 -35.19
C LEU O 173 38.84 35.94 -36.07
N ARG O 174 39.14 37.19 -36.44
CA ARG O 174 38.19 38.02 -37.16
C ARG O 174 38.81 38.56 -38.45
N LYS O 175 37.99 38.65 -39.49
CA LYS O 175 38.36 39.28 -40.74
C LYS O 175 37.09 39.61 -41.52
N ARG O 176 37.07 40.79 -42.13
CA ARG O 176 35.89 41.29 -42.82
C ARG O 176 35.89 40.79 -44.26
N GLN O 177 34.94 39.93 -44.60
CA GLN O 177 34.80 39.41 -45.95
C GLN O 177 33.39 38.86 -46.12
N GLU O 178 33.00 38.66 -47.37
CA GLU O 178 31.72 38.04 -47.70
C GLU O 178 31.92 36.57 -48.01
N GLY O 179 30.87 35.79 -47.80
CA GLY O 179 30.97 34.35 -47.90
C GLY O 179 29.63 33.70 -48.17
N GLY O 180 29.57 32.40 -47.85
CA GLY O 180 28.44 31.59 -48.29
C GLY O 180 27.09 32.11 -47.85
N VAL O 181 27.01 32.62 -46.61
CA VAL O 181 25.72 33.04 -46.07
C VAL O 181 25.18 34.24 -46.85
N THR O 182 26.05 35.22 -47.15
CA THR O 182 25.59 36.42 -47.85
C THR O 182 25.15 36.10 -49.27
N GLN O 183 25.93 35.30 -49.99
CA GLN O 183 25.51 34.91 -51.34
C GLN O 183 24.23 34.09 -51.30
N GLY O 184 24.09 33.23 -50.29
CA GLY O 184 22.86 32.46 -50.16
C GLY O 184 21.64 33.35 -49.96
N LEU O 185 21.76 34.34 -49.07
CA LEU O 185 20.64 35.27 -48.87
C LEU O 185 20.35 36.07 -50.14
N ARG O 186 21.39 36.53 -50.82
CA ARG O 186 21.17 37.31 -52.04
C ARG O 186 20.49 36.47 -53.12
N ALA O 187 20.90 35.21 -53.27
CA ALA O 187 20.27 34.36 -54.27
C ALA O 187 18.85 33.98 -53.87
N PHE O 188 18.58 33.83 -52.58
CA PHE O 188 17.24 33.42 -52.15
C PHE O 188 16.24 34.57 -52.21
N LEU O 189 16.67 35.79 -51.90
CA LEU O 189 15.73 36.89 -51.75
C LEU O 189 15.42 37.61 -53.06
N LYS O 190 16.44 37.85 -53.89
CA LYS O 190 16.27 38.75 -55.03
C LYS O 190 15.38 38.19 -56.13
N GLN O 191 15.03 36.90 -56.09
CA GLN O 191 14.15 36.32 -57.10
C GLN O 191 13.10 35.41 -56.47
N HIS O 192 12.62 35.76 -55.28
CA HIS O 192 11.54 35.00 -54.67
C HIS O 192 10.20 35.48 -55.21
N PRO O 193 9.37 34.58 -55.76
CA PRO O 193 8.08 35.03 -56.34
C PRO O 193 7.12 35.61 -55.33
N LEU O 194 7.26 35.28 -54.04
CA LEU O 194 6.29 35.72 -53.06
C LEU O 194 6.29 37.23 -52.87
N THR O 195 7.45 37.88 -53.03
CA THR O 195 7.51 39.32 -52.88
C THR O 195 6.63 40.04 -53.89
N ARG O 196 6.65 39.59 -55.14
CA ARG O 196 5.77 40.17 -56.14
C ARG O 196 4.32 39.78 -55.91
N GLN O 197 4.08 38.59 -55.35
CA GLN O 197 2.71 38.12 -55.14
C GLN O 197 1.98 38.95 -54.10
N LEU O 198 2.61 39.18 -52.95
CA LEU O 198 2.00 39.91 -51.85
C LEU O 198 2.80 41.18 -51.56
N ALA O 199 2.11 42.30 -51.47
CA ALA O 199 2.78 43.56 -51.15
C ALA O 199 3.27 43.58 -49.72
N THR O 200 2.50 42.98 -48.79
CA THR O 200 2.91 42.97 -47.38
C THR O 200 4.21 42.20 -47.19
N VAL O 201 4.33 41.03 -47.82
CA VAL O 201 5.53 40.22 -47.69
C VAL O 201 6.74 40.97 -48.24
N ALA O 202 6.59 41.59 -49.42
CA ALA O 202 7.69 42.33 -50.01
C ALA O 202 8.10 43.52 -49.15
N GLU O 203 7.12 44.24 -48.61
CA GLU O 203 7.43 45.39 -47.77
C GLU O 203 8.16 44.96 -46.51
N ALA O 204 7.69 43.89 -45.86
CA ALA O 204 8.36 43.41 -44.66
C ALA O 204 9.76 42.92 -44.97
N ALA O 205 9.93 42.21 -46.09
CA ALA O 205 11.25 41.71 -46.46
C ALA O 205 12.22 42.83 -46.74
N GLU O 206 11.79 43.86 -47.47
CA GLU O 206 12.69 44.97 -47.77
C GLU O 206 12.96 45.82 -46.54
N ARG O 207 12.02 45.87 -45.59
CA ARG O 207 12.25 46.65 -44.38
C ARG O 207 13.21 45.94 -43.43
N ALA O 208 13.07 44.62 -43.28
CA ALA O 208 13.92 43.85 -42.38
C ALA O 208 15.17 43.30 -43.05
N GLY O 209 15.36 43.57 -44.34
CA GLY O 209 16.47 43.02 -45.09
C GLY O 209 17.85 43.38 -44.59
N PRO O 210 18.11 44.67 -44.32
CA PRO O 210 19.45 45.05 -43.84
C PRO O 210 19.90 44.30 -42.60
N GLY O 211 18.99 44.07 -41.65
CA GLY O 211 19.36 43.32 -40.46
C GLY O 211 19.80 41.91 -40.78
N PHE O 212 19.12 41.26 -41.72
CA PHE O 212 19.53 39.91 -42.13
C PHE O 212 20.93 39.93 -42.73
N PHE O 213 21.24 40.93 -43.55
CA PHE O 213 22.58 41.02 -44.14
C PHE O 213 23.64 41.26 -43.08
N GLU O 214 23.35 42.13 -42.10
CA GLU O 214 24.30 42.35 -41.02
C GLU O 214 24.53 41.07 -40.22
N LEU O 215 23.47 40.33 -39.94
CA LEU O 215 23.63 39.07 -39.21
C LEU O 215 24.41 38.05 -40.02
N ALA O 216 24.19 38.02 -41.35
CA ALA O 216 24.95 37.12 -42.20
C ALA O 216 26.44 37.47 -42.19
N LEU O 217 26.75 38.76 -42.26
CA LEU O 217 28.15 39.18 -42.20
C LEU O 217 28.76 38.82 -40.84
N ALA O 218 27.99 38.97 -39.76
CA ALA O 218 28.46 38.59 -38.45
C ALA O 218 28.76 37.09 -38.38
N PHE O 219 27.87 36.27 -38.96
CA PHE O 219 28.13 34.83 -39.04
C PHE O 219 29.40 34.54 -39.82
N ASP O 220 29.61 35.25 -40.92
CA ASP O 220 30.76 34.96 -41.77
C ASP O 220 32.08 35.33 -41.11
N SER O 221 32.16 36.54 -40.56
CA SER O 221 33.47 37.12 -40.23
C SER O 221 34.21 36.31 -39.17
N THR O 222 33.53 35.96 -38.08
CA THR O 222 34.20 35.31 -36.96
C THR O 222 34.51 33.86 -37.27
N ARG O 223 35.51 33.33 -36.56
CA ARG O 223 35.87 31.92 -36.68
C ARG O 223 36.65 31.51 -35.44
N VAL O 224 36.11 30.59 -34.67
CA VAL O 224 36.77 30.09 -33.47
C VAL O 224 37.96 29.23 -33.89
N ALA O 225 39.10 29.44 -33.25
CA ALA O 225 40.32 28.73 -33.63
C ALA O 225 40.23 27.25 -33.30
N ASP O 226 41.18 26.49 -33.83
CA ASP O 226 41.25 25.05 -33.61
C ASP O 226 42.16 24.74 -32.43
N TYR O 227 41.78 23.69 -31.68
CA TYR O 227 42.44 23.41 -30.41
C TYR O 227 43.90 22.99 -30.55
N ASP O 228 44.32 22.53 -31.72
CA ASP O 228 45.66 21.99 -31.89
C ASP O 228 46.62 22.95 -32.56
N ARG O 229 46.13 24.00 -33.21
CA ARG O 229 46.97 24.90 -33.99
C ARG O 229 47.37 26.17 -33.25
N VAL O 230 46.47 26.73 -32.44
CA VAL O 230 46.62 28.11 -32.00
C VAL O 230 47.66 28.21 -30.88
N TYR O 231 48.26 29.40 -30.76
CA TYR O 231 49.23 29.73 -29.72
C TYR O 231 48.63 30.82 -28.84
N ILE O 232 48.71 30.65 -27.52
CA ILE O 232 48.18 31.61 -26.57
C ILE O 232 49.26 31.97 -25.57
N TYR O 233 49.43 33.26 -25.30
CA TYR O 233 50.44 33.76 -24.37
C TYR O 233 49.78 34.64 -23.31
N TYR O 234 50.28 34.54 -22.08
CA TYR O 234 49.73 35.28 -20.95
C TYR O 234 50.87 35.92 -20.16
N ASN O 235 50.74 37.22 -19.90
CA ASN O 235 51.72 37.99 -19.12
C ASN O 235 51.06 38.36 -17.80
N HIS O 236 51.46 37.70 -16.72
CA HIS O 236 50.78 37.86 -15.45
C HIS O 236 50.98 39.24 -14.83
N ARG O 237 52.04 39.95 -15.21
CA ARG O 237 52.32 41.24 -14.58
C ARG O 237 51.29 42.30 -14.97
N ARG O 238 50.90 42.35 -16.24
CA ARG O 238 49.91 43.31 -16.72
C ARG O 238 48.55 42.69 -16.99
N GLY O 239 48.46 41.38 -17.12
CA GLY O 239 47.19 40.70 -17.29
C GLY O 239 46.51 40.89 -18.63
N ASP O 240 47.25 40.78 -19.73
CA ASP O 240 46.67 40.81 -21.06
C ASP O 240 47.05 39.55 -21.82
N TRP O 241 46.32 39.29 -22.90
CA TRP O 241 46.48 38.06 -23.68
C TRP O 241 46.94 38.37 -25.09
N LEU O 242 47.86 37.55 -25.60
CA LEU O 242 48.29 37.62 -26.99
C LEU O 242 48.09 36.24 -27.61
N VAL O 243 47.13 36.13 -28.52
CA VAL O 243 46.79 34.87 -29.17
C VAL O 243 47.09 34.98 -30.65
N ARG O 244 47.82 34.00 -31.18
CA ARG O 244 48.30 34.05 -32.55
C ARG O 244 48.08 32.70 -33.23
N ASP O 245 47.98 32.75 -34.56
CA ASP O 245 47.86 31.56 -35.39
C ASP O 245 49.18 31.34 -36.10
N PRO O 246 49.92 30.27 -35.80
CA PRO O 246 51.28 30.12 -36.35
C PRO O 246 51.32 29.83 -37.84
N ILE O 247 50.26 29.27 -38.42
CA ILE O 247 50.29 28.90 -39.83
C ILE O 247 50.21 30.16 -40.71
N SER O 248 49.12 30.91 -40.58
CA SER O 248 48.93 32.10 -41.39
C SER O 248 49.57 33.34 -40.78
N GLY O 249 50.01 33.28 -39.52
CA GLY O 249 50.55 34.45 -38.87
C GLY O 249 49.51 35.47 -38.46
N GLN O 250 48.25 35.06 -38.35
CA GLN O 250 47.16 35.98 -38.06
C GLN O 250 47.00 36.15 -36.55
N ARG O 251 46.97 37.40 -36.11
CA ARG O 251 46.79 37.72 -34.69
C ARG O 251 45.30 37.81 -34.38
N GLY O 252 44.88 37.15 -33.31
CA GLY O 252 43.50 37.08 -32.94
C GLY O 252 43.16 37.87 -31.69
N GLU O 253 42.00 37.56 -31.12
CA GLU O 253 41.48 38.23 -29.93
C GLU O 253 40.97 37.17 -28.97
N CYS O 254 41.48 37.20 -27.74
CA CYS O 254 41.17 36.16 -26.76
C CYS O 254 40.05 36.62 -25.83
N LEU O 255 39.05 35.77 -25.67
CA LEU O 255 37.96 36.00 -24.74
C LEU O 255 38.18 35.18 -23.48
N VAL O 256 37.79 35.72 -22.34
CA VAL O 256 37.87 35.02 -21.06
C VAL O 256 36.54 35.14 -20.35
N LEU O 257 36.03 34.01 -19.85
CA LEU O 257 34.76 33.95 -19.16
C LEU O 257 34.90 33.60 -17.68
N TRP O 258 35.76 32.63 -17.36
CA TRP O 258 36.09 32.28 -15.98
C TRP O 258 37.59 32.47 -15.79
N PRO O 259 38.03 33.61 -15.25
CA PRO O 259 39.46 33.94 -15.30
C PRO O 259 40.27 32.98 -14.46
N PRO O 260 41.51 32.70 -14.86
CA PRO O 260 42.35 31.75 -14.13
C PRO O 260 43.08 32.42 -12.98
N LEU O 261 43.85 31.62 -12.25
CA LEU O 261 44.59 32.06 -11.07
C LEU O 261 46.06 31.75 -11.27
N TRP O 262 46.92 32.76 -11.10
CA TRP O 262 48.36 32.61 -11.25
C TRP O 262 48.97 32.48 -9.86
N THR O 263 49.66 31.37 -9.62
CA THR O 263 50.17 31.04 -8.29
C THR O 263 51.66 30.72 -8.37
N GLY O 264 52.41 31.59 -9.04
CA GLY O 264 53.85 31.43 -9.15
C GLY O 264 54.24 30.72 -10.44
N ASP O 265 55.03 29.65 -10.32
CA ASP O 265 55.42 28.84 -11.47
C ASP O 265 54.30 27.86 -11.81
N ARG O 266 53.16 28.42 -12.21
CA ARG O 266 51.95 27.65 -12.46
C ARG O 266 50.93 28.58 -13.10
N LEU O 267 49.80 27.99 -13.49
CA LEU O 267 48.61 28.74 -13.87
C LEU O 267 47.44 27.77 -13.76
N VAL O 268 46.54 28.03 -12.84
CA VAL O 268 45.45 27.11 -12.52
C VAL O 268 44.16 27.70 -13.07
N PHE O 269 43.56 27.02 -14.04
CA PHE O 269 42.27 27.42 -14.56
C PHE O 269 41.17 26.94 -13.63
N ASP O 270 39.94 27.35 -13.91
CA ASP O 270 38.77 26.93 -13.15
C ASP O 270 37.72 26.30 -14.05
N SER O 271 38.18 25.56 -15.05
CA SER O 271 37.29 24.78 -15.90
C SER O 271 36.87 23.50 -15.18
N PRO O 272 35.73 22.91 -15.56
CA PRO O 272 35.29 21.67 -14.89
C PRO O 272 36.31 20.55 -14.94
N VAL O 273 37.03 20.42 -16.06
CA VAL O 273 38.03 19.37 -16.18
C VAL O 273 39.17 19.60 -15.21
N GLN O 274 39.54 20.86 -14.97
CA GLN O 274 40.59 21.16 -14.01
C GLN O 274 40.16 20.76 -12.60
N ARG O 275 38.90 21.01 -12.24
CA ARG O 275 38.42 20.61 -10.93
C ARG O 275 38.35 19.10 -10.79
N LEU O 276 37.97 18.41 -11.86
CA LEU O 276 37.82 16.96 -11.85
C LEU O 276 39.12 16.20 -12.12
N PHE O 277 40.21 16.90 -12.40
CA PHE O 277 41.42 16.24 -12.89
C PHE O 277 42.05 15.26 -11.90
N PRO O 278 42.33 15.63 -10.63
CA PRO O 278 43.03 14.68 -9.76
C PRO O 278 42.28 13.38 -9.52
N GLU O 279 40.96 13.45 -9.40
CA GLU O 279 40.16 12.26 -9.05
C GLU O 279 40.27 11.19 -10.13
N ILE O 280 40.14 11.60 -11.40
CA ILE O 280 40.18 10.64 -12.49
C ILE O 280 41.59 10.07 -12.66
N VAL O 281 42.62 10.87 -12.40
CA VAL O 281 43.98 10.36 -12.45
C VAL O 281 44.20 9.30 -11.38
N ALA O 282 43.71 9.56 -10.16
CA ALA O 282 43.83 8.56 -9.09
C ALA O 282 43.09 7.28 -9.45
N CYS O 283 41.89 7.39 -10.01
CA CYS O 283 41.14 6.20 -10.41
C CYS O 283 41.88 5.42 -11.50
N HIS O 284 42.43 6.12 -12.48
CA HIS O 284 43.17 5.46 -13.56
C HIS O 284 44.39 4.73 -13.02
N SER O 285 45.14 5.37 -12.11
CA SER O 285 46.31 4.71 -11.54
C SER O 285 45.91 3.50 -10.71
N LEU O 286 44.79 3.60 -9.98
CA LEU O 286 44.31 2.44 -9.22
C LEU O 286 43.96 1.29 -10.15
N ARG O 287 43.30 1.58 -11.28
CA ARG O 287 42.94 0.52 -12.21
C ARG O 287 44.17 -0.14 -12.81
N GLU O 288 45.18 0.67 -13.15
CA GLU O 288 46.41 0.09 -13.71
C GLU O 288 47.13 -0.79 -12.67
N HIS O 289 47.18 -0.34 -11.42
CA HIS O 289 47.79 -1.17 -10.39
C HIS O 289 47.01 -2.47 -10.18
N ALA O 290 45.68 -2.39 -10.23
CA ALA O 290 44.86 -3.60 -10.09
C ALA O 290 45.13 -4.57 -11.23
N HIS O 291 45.26 -4.06 -12.45
CA HIS O 291 45.60 -4.94 -13.57
C HIS O 291 46.95 -5.59 -13.38
N VAL O 292 47.95 -4.83 -12.94
CA VAL O 292 49.29 -5.38 -12.73
C VAL O 292 49.25 -6.48 -11.67
N CYS O 293 48.55 -6.23 -10.56
CA CYS O 293 48.42 -7.25 -9.53
C CYS O 293 47.67 -8.47 -10.05
N ARG O 294 46.70 -8.26 -10.95
CA ARG O 294 45.95 -9.37 -11.52
C ARG O 294 46.84 -10.27 -12.36
N LEU O 295 47.75 -9.69 -13.15
CA LEU O 295 48.61 -10.50 -13.98
C LEU O 295 49.64 -11.29 -13.19
N ARG O 296 49.85 -10.95 -11.92
CA ARG O 296 50.87 -11.63 -11.11
C ARG O 296 50.39 -13.01 -10.63
N ASN O 297 49.10 -13.14 -10.33
CA ASN O 297 48.54 -14.34 -9.71
C ASN O 297 48.20 -15.44 -10.71
N THR O 298 48.78 -15.43 -11.91
CA THR O 298 48.43 -16.40 -12.92
C THR O 298 49.05 -17.78 -12.68
N ALA O 299 49.99 -17.91 -11.75
CA ALA O 299 50.61 -19.19 -11.43
C ALA O 299 50.10 -19.70 -10.10
N SER O 300 49.66 -20.96 -10.08
CA SER O 300 49.02 -21.49 -8.88
C SER O 300 50.03 -21.79 -7.78
N VAL O 301 51.19 -22.35 -8.14
CA VAL O 301 52.18 -22.80 -7.16
C VAL O 301 53.45 -21.98 -7.31
N LYS O 302 54.13 -21.76 -6.19
CA LYS O 302 55.38 -21.02 -6.15
C LYS O 302 56.39 -21.76 -5.29
N VAL O 303 57.66 -21.61 -5.63
CA VAL O 303 58.75 -22.32 -4.95
C VAL O 303 59.81 -21.30 -4.52
N LEU O 304 60.29 -21.45 -3.29
CA LEU O 304 61.33 -20.59 -2.74
C LEU O 304 62.54 -21.44 -2.36
N LEU O 305 63.70 -21.08 -2.88
CA LEU O 305 64.93 -21.81 -2.65
C LEU O 305 65.85 -21.03 -1.71
N GLY O 306 66.84 -21.73 -1.18
CA GLY O 306 67.82 -21.11 -0.31
C GLY O 306 69.05 -21.99 -0.19
N ARG O 307 70.19 -21.36 0.07
CA ARG O 307 71.45 -22.08 0.19
C ARG O 307 71.44 -22.98 1.41
N LYS O 308 72.11 -24.13 1.28
CA LYS O 308 72.33 -24.97 2.45
C LYS O 308 73.36 -24.34 3.37
N SER O 309 73.24 -24.65 4.66
CA SER O 309 74.31 -24.36 5.61
C SER O 309 75.41 -25.40 5.37
N ASP O 310 76.55 -24.94 4.85
CA ASP O 310 77.62 -25.81 4.36
C ASP O 310 77.08 -26.71 3.25
N TYR O 494 51.96 -21.72 -14.89
CA TYR O 494 51.46 -22.79 -14.03
C TYR O 494 52.38 -23.02 -12.84
N ASP O 495 53.64 -22.59 -12.94
CA ASP O 495 54.52 -22.50 -11.80
C ASP O 495 55.52 -21.37 -12.02
N ILE O 496 55.88 -20.69 -10.94
CA ILE O 496 56.88 -19.62 -10.97
C ILE O 496 57.85 -19.86 -9.83
N ILE O 497 59.14 -19.63 -10.09
CA ILE O 497 60.22 -20.03 -9.19
C ILE O 497 60.94 -18.78 -8.72
N ASP O 498 61.08 -18.65 -7.40
CA ASP O 498 61.83 -17.55 -6.78
C ASP O 498 63.17 -18.09 -6.30
N VAL O 499 64.25 -17.47 -6.75
CA VAL O 499 65.60 -17.90 -6.42
C VAL O 499 66.23 -16.82 -5.56
N SER O 500 66.65 -17.19 -4.35
CA SER O 500 67.36 -16.29 -3.45
C SER O 500 68.67 -16.88 -2.96
N LYS O 501 69.24 -17.83 -3.72
CA LYS O 501 70.49 -18.46 -3.30
C LYS O 501 71.66 -17.49 -3.41
N SER O 502 71.59 -16.55 -4.36
CA SER O 502 72.71 -15.64 -4.58
C SER O 502 72.83 -14.60 -3.47
N MET O 503 71.71 -14.13 -2.95
CA MET O 503 71.70 -13.10 -1.92
C MET O 503 71.86 -13.65 -0.51
N ASP O 504 71.95 -14.97 -0.36
CA ASP O 504 72.24 -15.57 0.94
C ASP O 504 73.74 -15.64 1.17
N ASP O 505 74.16 -15.27 2.37
CA ASP O 505 75.56 -15.45 2.78
C ASP O 505 75.60 -15.41 4.30
N ASP O 506 76.04 -16.50 4.92
CA ASP O 506 76.17 -16.64 6.37
C ASP O 506 74.84 -16.54 7.10
N THR O 507 73.72 -16.64 6.38
CA THR O 507 72.40 -16.46 6.97
C THR O 507 71.48 -17.56 6.44
N TYR O 508 70.23 -17.54 6.93
CA TYR O 508 69.24 -18.55 6.60
C TYR O 508 67.89 -17.88 6.42
N VAL O 509 66.92 -18.65 5.92
CA VAL O 509 65.56 -18.17 5.74
C VAL O 509 64.82 -18.37 7.07
N ALA O 510 64.70 -17.30 7.86
CA ALA O 510 64.06 -17.40 9.16
C ALA O 510 62.56 -17.69 9.02
N ASN O 511 61.88 -16.94 8.15
CA ASN O 511 60.45 -17.12 7.96
C ASN O 511 60.04 -16.50 6.63
N SER O 512 58.95 -17.00 6.07
CA SER O 512 58.41 -16.50 4.81
C SER O 512 56.89 -16.44 4.89
N PHE O 513 56.31 -15.50 4.15
CA PHE O 513 54.88 -15.26 4.17
C PHE O 513 54.34 -15.19 2.75
N GLN O 514 53.02 -15.32 2.62
CA GLN O 514 52.34 -15.10 1.35
C GLN O 514 51.00 -14.43 1.61
N HIS O 515 50.69 -13.43 0.78
CA HIS O 515 49.40 -12.72 0.87
C HIS O 515 49.09 -12.14 -0.50
N PRO O 516 48.24 -12.81 -1.28
CA PRO O 516 47.90 -12.36 -2.65
C PRO O 516 46.84 -11.27 -2.69
N TYR O 517 47.28 -10.02 -2.52
CA TYR O 517 46.38 -8.89 -2.49
C TYR O 517 45.98 -8.48 -3.90
N ILE O 518 44.71 -8.12 -4.07
CA ILE O 518 44.18 -7.62 -5.33
C ILE O 518 43.28 -6.41 -5.07
N PRO O 519 43.71 -5.21 -5.42
CA PRO O 519 42.85 -4.03 -5.21
C PRO O 519 41.58 -4.10 -6.04
N SER O 520 40.51 -3.53 -5.48
CA SER O 520 39.22 -3.46 -6.14
C SER O 520 38.91 -2.01 -6.51
N TYR O 521 38.23 -1.82 -7.65
CA TYR O 521 38.04 -0.50 -8.21
C TYR O 521 36.61 -0.21 -8.65
N ALA O 522 35.63 -0.98 -8.20
CA ALA O 522 34.25 -0.73 -8.62
C ALA O 522 33.65 0.49 -7.93
N GLN O 523 33.91 0.63 -6.63
CA GLN O 523 33.37 1.76 -5.88
C GLN O 523 33.89 3.09 -6.42
N ASP O 524 35.18 3.13 -6.74
CA ASP O 524 35.76 4.35 -7.29
C ASP O 524 35.15 4.71 -8.63
N LEU O 525 34.92 3.71 -9.48
CA LEU O 525 34.30 3.98 -10.78
C LEU O 525 32.87 4.50 -10.61
N GLU O 526 32.10 3.91 -9.69
CA GLU O 526 30.74 4.39 -9.45
C GLU O 526 30.75 5.83 -8.95
N ARG O 527 31.62 6.12 -7.97
CA ARG O 527 31.71 7.47 -7.43
C ARG O 527 32.12 8.46 -8.51
N LEU O 528 33.09 8.09 -9.35
CA LEU O 528 33.57 8.98 -10.38
C LEU O 528 32.49 9.25 -11.43
N SER O 529 31.71 8.23 -11.79
CA SER O 529 30.62 8.43 -12.73
C SER O 529 29.58 9.40 -12.17
N ARG O 530 29.16 9.18 -10.92
CA ARG O 530 28.17 10.08 -10.33
C ARG O 530 28.72 11.50 -10.20
N LEU O 531 30.01 11.62 -9.85
CA LEU O 531 30.62 12.94 -9.71
C LEU O 531 30.67 13.67 -11.06
N TRP O 532 31.06 12.97 -12.12
CA TRP O 532 31.06 13.55 -13.46
C TRP O 532 29.66 14.05 -13.81
N GLU O 533 28.65 13.22 -13.58
CA GLU O 533 27.29 13.60 -13.94
C GLU O 533 26.84 14.84 -13.18
N HIS O 534 27.06 14.85 -11.87
CA HIS O 534 26.61 15.98 -11.06
C HIS O 534 27.35 17.26 -11.44
N GLU O 535 28.66 17.16 -11.67
CA GLU O 535 29.43 18.34 -12.06
C GLU O 535 28.92 18.92 -13.37
N LEU O 536 28.69 18.06 -14.37
CA LEU O 536 28.24 18.57 -15.66
C LEU O 536 26.81 19.10 -15.60
N VAL O 537 25.96 18.51 -14.75
CA VAL O 537 24.60 19.02 -14.62
C VAL O 537 24.60 20.39 -13.96
N ARG O 538 25.38 20.56 -12.88
CA ARG O 538 25.30 21.79 -12.13
C ARG O 538 26.10 22.93 -12.75
N CYS O 539 27.19 22.62 -13.46
CA CYS O 539 28.01 23.69 -14.01
C CYS O 539 27.34 24.36 -15.21
N PHE O 540 26.73 23.57 -16.09
CA PHE O 540 26.12 24.09 -17.31
C PHE O 540 24.62 24.28 -17.20
N LYS O 541 24.04 24.08 -16.01
CA LYS O 541 22.63 24.34 -15.74
C LYS O 541 21.72 23.54 -16.68
N ILE O 542 21.84 22.21 -16.56
CA ILE O 542 21.10 21.28 -17.41
C ILE O 542 19.83 20.86 -16.69
N LEU O 543 18.69 20.95 -17.38
CA LEU O 543 17.41 20.57 -16.82
C LEU O 543 17.08 19.14 -17.22
N CYS O 544 16.88 18.28 -16.22
CA CYS O 544 16.62 16.87 -16.43
C CYS O 544 15.14 16.59 -16.30
N HIS O 545 14.49 16.26 -17.42
CA HIS O 545 13.10 15.84 -17.39
C HIS O 545 13.01 14.39 -16.95
N ARG O 546 12.00 14.08 -16.14
CA ARG O 546 11.85 12.74 -15.58
C ARG O 546 10.40 12.30 -15.65
N ASN O 547 10.21 10.98 -15.60
CA ASN O 547 8.89 10.37 -15.62
C ASN O 547 8.26 10.47 -14.24
N ASN O 548 7.15 9.74 -14.02
CA ASN O 548 6.58 9.65 -12.69
C ASN O 548 7.60 9.07 -11.71
N GLN O 549 8.28 7.99 -12.12
CA GLN O 549 9.43 7.48 -11.39
C GLN O 549 10.63 7.17 -12.27
N GLY O 550 10.44 7.03 -13.59
CA GLY O 550 11.58 6.82 -14.46
C GLY O 550 12.49 8.03 -14.48
N GLN O 551 13.78 7.76 -14.69
CA GLN O 551 14.81 8.79 -14.61
C GLN O 551 15.35 9.11 -16.00
N GLU O 552 15.49 10.41 -16.28
CA GLU O 552 16.09 10.92 -17.51
C GLU O 552 15.30 10.47 -18.75
N THR O 553 14.03 10.90 -18.79
CA THR O 553 13.24 10.72 -20.00
C THR O 553 13.83 11.53 -21.16
N SER O 554 14.24 12.77 -20.88
CA SER O 554 14.88 13.62 -21.88
C SER O 554 15.66 14.69 -21.16
N ILE O 555 16.63 15.26 -21.86
CA ILE O 555 17.53 16.27 -21.30
C ILE O 555 17.60 17.45 -22.25
N SER O 556 17.46 18.66 -21.70
CA SER O 556 17.53 19.88 -22.49
C SER O 556 18.12 20.99 -21.64
N TYR O 557 18.34 22.15 -22.26
CA TYR O 557 18.85 23.32 -21.57
C TYR O 557 17.78 23.91 -20.66
N SER O 558 18.20 24.38 -19.49
CA SER O 558 17.31 25.11 -18.61
C SER O 558 17.11 26.54 -19.14
N SER O 559 16.13 27.23 -18.55
CA SER O 559 15.86 28.60 -18.99
C SER O 559 17.03 29.53 -18.71
N GLY O 560 17.78 29.25 -17.64
CA GLY O 560 18.96 30.05 -17.34
C GLY O 560 20.21 29.64 -18.10
N ALA O 561 20.27 28.38 -18.53
CA ALA O 561 21.47 27.92 -19.24
C ALA O 561 21.65 28.66 -20.57
N ILE O 562 20.57 28.88 -21.30
CA ILE O 562 20.68 29.59 -22.57
C ILE O 562 21.04 31.04 -22.34
N ALA O 563 20.51 31.65 -21.28
CA ALA O 563 20.87 33.03 -20.96
C ALA O 563 22.34 33.14 -20.56
N ALA O 564 22.88 32.10 -19.91
CA ALA O 564 24.25 32.15 -19.42
C ALA O 564 25.27 31.76 -20.48
N PHE O 565 24.88 30.94 -21.47
CA PHE O 565 25.84 30.44 -22.44
C PHE O 565 25.51 30.80 -23.88
N VAL O 566 24.24 30.70 -24.29
CA VAL O 566 23.87 31.05 -25.66
C VAL O 566 23.96 32.55 -25.87
N ALA O 567 23.47 33.34 -24.92
CA ALA O 567 23.49 34.79 -25.07
C ALA O 567 24.89 35.37 -25.19
N PRO O 568 25.87 35.00 -24.35
CA PRO O 568 27.24 35.51 -24.59
C PRO O 568 27.79 35.11 -25.94
N TYR O 569 27.46 33.92 -26.43
CA TYR O 569 27.91 33.52 -27.77
C TYR O 569 27.47 34.54 -28.81
N PHE O 570 26.16 34.83 -28.85
CA PHE O 570 25.63 35.77 -29.84
C PHE O 570 26.17 37.18 -29.62
N GLU O 571 26.36 37.59 -28.35
CA GLU O 571 26.66 38.98 -28.08
C GLU O 571 28.15 39.31 -28.20
N SER O 572 29.03 38.34 -27.98
CA SER O 572 30.47 38.61 -28.06
C SER O 572 31.18 37.74 -29.10
N VAL O 573 30.86 36.46 -29.17
CA VAL O 573 31.58 35.58 -30.09
C VAL O 573 31.22 35.91 -31.53
N LEU O 574 29.94 36.18 -31.79
CA LEU O 574 29.47 36.52 -33.12
C LEU O 574 29.36 38.02 -33.35
N ARG O 575 29.26 38.81 -32.28
CA ARG O 575 29.01 40.26 -32.38
C ARG O 575 27.78 40.55 -33.22
N ALA O 576 26.73 39.76 -32.99
CA ALA O 576 25.50 39.90 -33.75
C ALA O 576 24.81 41.22 -33.42
N PRO O 577 24.07 41.79 -34.37
CA PRO O 577 23.38 43.07 -34.11
C PRO O 577 22.36 42.98 -32.99
N ARG O 578 21.41 42.07 -33.12
CA ARG O 578 20.37 41.91 -32.10
C ARG O 578 19.68 40.57 -32.30
N VAL O 579 19.10 40.06 -31.22
CA VAL O 579 18.33 38.82 -31.26
C VAL O 579 16.98 38.96 -30.57
N GLY O 580 16.60 40.15 -30.12
CA GLY O 580 15.33 40.31 -29.46
C GLY O 580 15.30 39.64 -28.09
N ALA O 581 14.08 39.49 -27.58
CA ALA O 581 13.89 38.85 -26.29
C ALA O 581 14.26 37.38 -26.38
N PRO O 582 15.04 36.86 -25.42
CA PRO O 582 15.42 35.45 -25.48
C PRO O 582 14.24 34.53 -25.25
N ILE O 583 14.35 33.32 -25.80
CA ILE O 583 13.35 32.29 -25.62
C ILE O 583 13.50 31.70 -24.21
N THR O 584 12.54 30.89 -23.80
CA THR O 584 12.59 30.25 -22.49
C THR O 584 13.16 28.83 -22.63
N GLY O 585 13.26 28.13 -21.52
CA GLY O 585 13.76 26.77 -21.52
C GLY O 585 12.77 25.72 -21.99
N SER O 586 11.52 26.10 -22.20
CA SER O 586 10.51 25.19 -22.71
C SER O 586 10.35 25.27 -24.22
N ASP O 587 10.73 26.39 -24.84
CA ASP O 587 10.60 26.52 -26.28
C ASP O 587 11.65 25.72 -27.03
N VAL O 588 12.76 25.35 -26.38
CA VAL O 588 13.76 24.51 -27.02
C VAL O 588 13.19 23.12 -27.30
N ILE O 589 12.19 22.69 -26.54
CA ILE O 589 11.55 21.39 -26.78
C ILE O 589 10.73 21.43 -28.07
N LEU O 590 10.04 22.54 -28.31
CA LEU O 590 9.11 22.63 -29.43
C LEU O 590 9.84 22.52 -30.77
N GLY O 591 9.09 22.10 -31.78
CA GLY O 591 9.60 22.01 -33.13
C GLY O 591 9.53 23.33 -33.87
N GLU O 592 9.82 23.25 -35.17
CA GLU O 592 9.81 24.44 -36.02
C GLU O 592 8.42 25.05 -36.09
N GLU O 593 7.42 24.24 -36.46
CA GLU O 593 6.06 24.77 -36.64
C GLU O 593 5.47 25.20 -35.30
N GLU O 594 5.74 24.45 -34.23
CA GLU O 594 5.24 24.84 -32.92
C GLU O 594 5.83 26.17 -32.48
N LEU O 595 7.14 26.37 -32.68
CA LEU O 595 7.76 27.64 -32.33
C LEU O 595 7.18 28.78 -33.16
N TRP O 596 7.00 28.56 -34.47
CA TRP O 596 6.42 29.60 -35.31
C TRP O 596 5.02 29.95 -34.85
N ASP O 597 4.21 28.95 -34.52
CA ASP O 597 2.85 29.22 -34.04
C ASP O 597 2.86 29.96 -32.71
N ALA O 598 3.78 29.59 -31.81
CA ALA O 598 3.85 30.27 -30.52
C ALA O 598 4.25 31.72 -30.67
N VAL O 599 5.23 32.01 -31.53
CA VAL O 599 5.66 33.39 -31.72
C VAL O 599 4.68 34.20 -32.56
N PHE O 600 3.87 33.53 -33.39
CA PHE O 600 2.93 34.23 -34.26
C PHE O 600 1.69 34.70 -33.53
N LYS O 601 1.26 33.97 -32.49
CA LYS O 601 0.03 34.33 -31.80
C LYS O 601 0.18 35.63 -31.00
N LYS O 602 1.31 35.79 -30.31
CA LYS O 602 1.51 36.92 -29.41
C LYS O 602 2.17 38.12 -30.09
N THR O 603 2.42 38.05 -31.39
CA THR O 603 3.11 39.13 -32.09
C THR O 603 2.09 40.17 -32.58
N ARG O 604 2.58 41.15 -33.35
CA ARG O 604 1.75 42.28 -33.74
C ARG O 604 0.66 41.90 -34.73
N LEU O 605 0.93 40.91 -35.60
CA LEU O 605 0.03 40.63 -36.71
C LEU O 605 -1.35 40.18 -36.22
N GLN O 606 -1.39 39.39 -35.16
CA GLN O 606 -2.67 38.82 -34.71
C GLN O 606 -3.64 39.91 -34.28
N THR O 607 -3.16 40.96 -33.63
CA THR O 607 -4.06 42.04 -33.23
C THR O 607 -4.69 42.71 -34.44
N TYR O 608 -3.90 42.97 -35.48
CA TYR O 608 -4.46 43.55 -36.71
C TYR O 608 -5.47 42.60 -37.34
N LEU O 609 -5.14 41.31 -37.43
CA LEU O 609 -6.02 40.35 -38.08
C LEU O 609 -7.35 40.23 -37.35
N THR O 610 -7.31 40.19 -36.02
CA THR O 610 -8.55 40.15 -35.24
C THR O 610 -9.30 41.48 -35.30
N ASP O 611 -8.58 42.59 -35.46
CA ASP O 611 -9.23 43.89 -35.59
C ASP O 611 -10.03 43.97 -36.88
N ILE O 612 -9.46 43.48 -37.99
CA ILE O 612 -10.17 43.53 -39.27
C ILE O 612 -11.42 42.67 -39.22
N ALA O 613 -11.32 41.47 -38.64
CA ALA O 613 -12.46 40.55 -38.63
C ALA O 613 -13.64 41.13 -37.88
N ALA O 614 -13.38 41.80 -36.75
CA ALA O 614 -14.47 42.36 -35.94
C ALA O 614 -15.25 43.41 -36.72
N LEU O 615 -14.53 44.38 -37.31
CA LEU O 615 -15.20 45.42 -38.08
C LEU O 615 -15.90 44.86 -39.31
N PHE O 616 -15.28 43.90 -40.00
CA PHE O 616 -15.91 43.32 -41.18
C PHE O 616 -17.20 42.59 -40.82
N VAL O 617 -17.18 41.83 -39.71
CA VAL O 617 -18.40 41.16 -39.26
C VAL O 617 -19.44 42.19 -38.82
N ALA O 618 -18.99 43.31 -38.24
CA ALA O 618 -19.93 44.33 -37.81
C ALA O 618 -20.65 44.96 -39.00
N ASP O 619 -19.89 45.58 -39.91
CA ASP O 619 -20.49 46.35 -40.98
C ASP O 619 -21.09 45.49 -42.10
N VAL O 620 -21.02 44.16 -41.99
CA VAL O 620 -21.55 43.32 -43.04
C VAL O 620 -23.08 43.35 -43.07
N GLN O 621 -23.72 43.72 -41.96
CA GLN O 621 -25.18 43.80 -41.92
C GLN O 621 -25.73 45.17 -41.58
N HIS O 622 -24.96 46.04 -40.93
CA HIS O 622 -25.45 47.38 -40.61
C HIS O 622 -25.70 48.18 -41.89
N ALA O 623 -24.81 48.07 -42.86
CA ALA O 623 -24.97 48.78 -44.13
C ALA O 623 -26.06 48.12 -44.97
N ASP P 25 55.16 48.46 13.86
CA ASP P 25 54.16 49.03 14.74
C ASP P 25 52.90 48.17 14.75
N GLY P 26 53.09 46.87 14.97
CA GLY P 26 51.98 45.95 15.10
C GLY P 26 51.26 45.59 13.82
N TRP P 27 51.68 46.13 12.68
CA TRP P 27 51.04 45.75 11.42
C TRP P 27 51.35 44.30 11.08
N VAL P 28 50.37 43.62 10.51
CA VAL P 28 50.49 42.21 10.15
C VAL P 28 50.02 42.04 8.71
N LYS P 29 50.79 41.30 7.92
CA LYS P 29 50.37 40.98 6.56
C LYS P 29 49.35 39.85 6.61
N VAL P 30 48.26 40.02 5.87
CA VAL P 30 47.09 39.14 5.96
C VAL P 30 46.94 38.26 4.72
N HIS P 31 46.76 38.88 3.55
CA HIS P 31 46.28 38.15 2.39
C HIS P 31 47.32 37.25 1.72
N PRO P 32 48.50 37.73 1.32
CA PRO P 32 49.39 36.90 0.51
C PRO P 32 50.11 35.79 1.26
N THR P 33 49.73 35.51 2.50
CA THR P 33 50.30 34.37 3.21
C THR P 33 49.91 33.07 2.52
N PRO P 34 50.78 32.06 2.56
CA PRO P 34 50.45 30.78 1.89
C PRO P 34 49.20 30.12 2.41
N GLY P 35 48.92 30.27 3.72
CA GLY P 35 47.71 29.68 4.29
C GLY P 35 46.43 30.32 3.79
N THR P 36 46.54 31.39 3.01
CA THR P 36 45.39 32.02 2.38
C THR P 36 45.25 31.62 0.92
N MET P 37 46.38 31.47 0.21
CA MET P 37 46.35 30.92 -1.13
C MET P 37 45.88 29.47 -1.12
N LEU P 38 46.16 28.75 -0.03
CA LEU P 38 45.69 27.37 0.08
C LEU P 38 44.18 27.29 0.07
N PHE P 39 43.49 28.28 0.65
CA PHE P 39 42.03 28.27 0.64
C PHE P 39 41.49 28.35 -0.78
N ARG P 40 42.01 29.27 -1.59
CA ARG P 40 41.56 29.39 -2.97
C ARG P 40 41.91 28.14 -3.77
N GLU P 41 43.11 27.59 -3.57
CA GLU P 41 43.47 26.38 -4.30
C GLU P 41 42.58 25.20 -3.91
N ILE P 42 42.19 25.12 -2.64
CA ILE P 42 41.18 24.14 -2.23
C ILE P 42 39.87 24.40 -2.96
N LEU P 43 39.50 25.68 -3.10
CA LEU P 43 38.27 26.02 -3.79
C LEU P 43 38.32 25.60 -5.26
N HIS P 44 39.52 25.56 -5.85
CA HIS P 44 39.72 25.06 -7.20
C HIS P 44 39.95 23.55 -7.24
N GLY P 45 39.62 22.82 -6.17
CA GLY P 45 39.79 21.39 -6.15
C GLY P 45 41.22 20.91 -6.28
N GLN P 46 42.17 21.56 -5.61
CA GLN P 46 43.56 21.13 -5.65
C GLN P 46 43.89 20.05 -4.64
N LEU P 47 42.96 19.70 -3.75
CA LEU P 47 43.12 18.56 -2.85
C LEU P 47 41.74 17.91 -2.72
N GLY P 48 41.49 16.91 -3.56
CA GLY P 48 40.24 16.18 -3.53
C GLY P 48 39.10 16.94 -4.18
N TYR P 49 38.07 16.19 -4.55
CA TYR P 49 36.82 16.77 -5.04
C TYR P 49 35.68 15.86 -4.63
N THR P 50 34.50 16.45 -4.51
CA THR P 50 33.34 15.76 -3.98
C THR P 50 32.09 16.21 -4.71
N GLU P 51 31.03 15.41 -4.62
CA GLU P 51 29.74 15.82 -5.18
C GLU P 51 29.17 17.03 -4.45
N GLY P 52 29.44 17.13 -3.14
CA GLY P 52 28.91 18.25 -2.38
C GLY P 52 29.50 19.58 -2.81
N GLN P 53 30.78 19.60 -3.16
CA GLN P 53 31.43 20.83 -3.59
C GLN P 53 30.84 21.37 -4.90
N GLY P 54 30.09 20.56 -5.63
CA GLY P 54 29.50 20.99 -6.88
C GLY P 54 28.32 21.94 -6.73
N VAL P 55 27.80 22.09 -5.51
CA VAL P 55 26.75 23.08 -5.27
C VAL P 55 27.30 24.50 -5.37
N TYR P 56 28.61 24.68 -5.19
CA TYR P 56 29.20 26.00 -5.24
C TYR P 56 29.07 26.67 -6.60
N ASN P 57 28.81 25.90 -7.65
CA ASN P 57 28.66 26.49 -8.98
C ASN P 57 27.38 27.31 -9.06
N VAL P 58 26.32 26.89 -8.36
CA VAL P 58 25.08 27.66 -8.33
C VAL P 58 25.25 28.92 -7.52
N VAL P 59 26.02 28.85 -6.41
CA VAL P 59 26.19 29.99 -5.53
C VAL P 59 26.86 31.15 -6.25
N ARG P 60 27.65 30.86 -7.29
CA ARG P 60 28.38 31.88 -8.02
C ARG P 60 27.60 32.46 -9.19
N SER P 61 26.39 31.96 -9.46
CA SER P 61 25.66 32.39 -10.65
C SER P 61 25.29 33.86 -10.55
N SER P 62 25.32 34.55 -11.70
CA SER P 62 24.97 35.96 -11.80
C SER P 62 23.52 36.18 -12.20
N GLU P 63 22.64 35.22 -11.90
CA GLU P 63 21.24 35.34 -12.31
C GLU P 63 20.49 36.35 -11.44
N ALA P 64 20.75 36.32 -10.13
CA ALA P 64 20.02 37.20 -9.22
C ALA P 64 20.29 38.68 -9.52
N THR P 65 21.55 39.03 -9.78
CA THR P 65 21.88 40.43 -10.03
C THR P 65 21.30 40.91 -11.35
N THR P 66 21.29 40.05 -12.38
CA THR P 66 20.67 40.43 -13.64
C THR P 66 19.16 40.60 -13.48
N ARG P 67 18.52 39.73 -12.71
CA ARG P 67 17.09 39.90 -12.44
C ARG P 67 16.84 41.20 -11.71
N GLN P 68 17.69 41.54 -10.72
CA GLN P 68 17.54 42.77 -9.98
C GLN P 68 17.70 43.99 -10.89
N LEU P 69 18.69 43.95 -11.78
CA LEU P 69 18.88 45.04 -12.73
C LEU P 69 17.67 45.20 -13.64
N GLN P 70 17.13 44.09 -14.16
CA GLN P 70 15.96 44.17 -15.02
C GLN P 70 14.78 44.76 -14.28
N ALA P 71 14.54 44.32 -13.04
CA ALA P 71 13.43 44.85 -12.26
C ALA P 71 13.62 46.34 -11.97
N ALA P 72 14.84 46.75 -11.62
CA ALA P 72 15.10 48.15 -11.33
C ALA P 72 14.87 49.02 -12.56
N ILE P 73 15.35 48.57 -13.73
CA ILE P 73 15.16 49.35 -14.95
C ILE P 73 13.69 49.44 -15.30
N PHE P 74 12.95 48.34 -15.15
CA PHE P 74 11.53 48.36 -15.45
C PHE P 74 10.77 49.31 -14.52
N HIS P 75 11.08 49.26 -13.22
CA HIS P 75 10.43 50.18 -12.28
C HIS P 75 10.76 51.62 -12.60
N ALA P 76 12.02 51.92 -12.89
CA ALA P 76 12.42 53.29 -13.20
C ALA P 76 11.73 53.79 -14.47
N LEU P 77 11.62 52.92 -15.48
CA LEU P 77 11.04 53.36 -16.76
C LEU P 77 9.53 53.55 -16.65
N LEU P 78 8.83 52.62 -15.99
CA LEU P 78 7.38 52.73 -15.88
C LEU P 78 6.94 53.69 -14.79
N ASN P 79 7.81 54.07 -13.86
CA ASN P 79 7.43 54.97 -12.80
C ASN P 79 7.33 56.42 -13.26
N ALA P 80 7.95 56.77 -14.39
CA ALA P 80 7.99 58.14 -14.87
C ALA P 80 6.87 58.47 -15.84
N THR P 81 6.02 57.51 -16.20
CA THR P 81 4.91 57.79 -17.09
C THR P 81 3.87 58.64 -16.38
N THR P 82 3.11 59.40 -17.18
CA THR P 82 2.05 60.25 -16.66
C THR P 82 0.78 60.05 -17.48
N TYR P 83 -0.35 60.43 -16.85
CA TYR P 83 -1.65 60.22 -17.47
C TYR P 83 -1.90 61.18 -18.64
N ARG P 84 -1.34 62.39 -18.56
CA ARG P 84 -1.67 63.43 -19.53
C ARG P 84 -1.22 63.04 -20.94
N ASP P 85 0.05 62.67 -21.11
CA ASP P 85 0.53 62.37 -22.44
C ASP P 85 -0.02 61.05 -22.97
N LEU P 86 -0.32 60.10 -22.07
CA LEU P 86 -0.98 58.87 -22.52
C LEU P 86 -2.35 59.17 -23.09
N GLU P 87 -3.14 60.00 -22.40
CA GLU P 87 -4.44 60.40 -22.92
C GLU P 87 -4.30 61.18 -24.22
N ALA P 88 -3.28 62.06 -24.30
CA ALA P 88 -3.06 62.83 -25.52
C ALA P 88 -2.73 61.92 -26.69
N ASP P 89 -1.89 60.92 -26.48
CA ASP P 89 -1.52 60.00 -27.56
C ASP P 89 -2.70 59.14 -27.97
N TRP P 90 -3.52 58.70 -27.00
CA TRP P 90 -4.72 57.95 -27.35
C TRP P 90 -5.67 58.81 -28.17
N LEU P 91 -5.85 60.08 -27.79
CA LEU P 91 -6.71 60.97 -28.56
C LEU P 91 -6.16 61.21 -29.96
N GLY P 92 -4.83 61.35 -30.08
CA GLY P 92 -4.23 61.48 -31.39
C GLY P 92 -4.47 60.25 -32.26
N HIS P 93 -4.36 59.06 -31.65
CA HIS P 93 -4.62 57.83 -32.40
C HIS P 93 -6.07 57.75 -32.86
N VAL P 94 -7.01 58.09 -31.97
CA VAL P 94 -8.42 58.00 -32.35
C VAL P 94 -8.77 59.07 -33.38
N ALA P 95 -8.08 60.21 -33.34
CA ALA P 95 -8.28 61.22 -34.38
C ALA P 95 -7.72 60.76 -35.72
N ALA P 96 -6.56 60.09 -35.70
CA ALA P 96 -6.00 59.54 -36.93
C ALA P 96 -6.91 58.48 -37.53
N ARG P 97 -7.46 57.60 -36.69
CA ARG P 97 -8.38 56.59 -37.19
C ARG P 97 -9.71 57.17 -37.63
N GLY P 98 -10.08 58.35 -37.15
CA GLY P 98 -11.38 58.92 -37.47
C GLY P 98 -12.52 58.10 -36.93
N LEU P 99 -12.37 57.56 -35.71
CA LEU P 99 -13.35 56.69 -35.09
C LEU P 99 -13.88 57.29 -33.81
N GLN P 100 -14.18 58.60 -33.84
CA GLN P 100 -14.74 59.26 -32.68
C GLN P 100 -16.13 58.72 -32.38
N PRO P 101 -16.56 58.77 -31.11
CA PRO P 101 -17.89 58.23 -30.77
C PRO P 101 -19.02 58.87 -31.57
N GLN P 102 -18.93 60.18 -31.83
CA GLN P 102 -19.97 60.83 -32.62
C GLN P 102 -20.06 60.24 -34.01
N ARG P 103 -18.93 60.15 -34.72
CA ARG P 103 -18.93 59.60 -36.07
C ARG P 103 -19.34 58.14 -36.08
N LEU P 104 -18.83 57.36 -35.12
CA LEU P 104 -19.13 55.93 -35.08
C LEU P 104 -20.61 55.69 -34.85
N VAL P 105 -21.21 56.41 -33.90
CA VAL P 105 -22.64 56.24 -33.63
C VAL P 105 -23.48 56.74 -34.79
N ARG P 106 -23.10 57.87 -35.39
CA ARG P 106 -23.84 58.39 -36.54
C ARG P 106 -23.70 57.49 -37.76
N ARG P 107 -22.65 56.67 -37.82
CA ARG P 107 -22.49 55.74 -38.93
C ARG P 107 -23.28 54.45 -38.70
N TYR P 108 -23.22 53.91 -37.48
CA TYR P 108 -23.86 52.63 -37.23
C TYR P 108 -25.38 52.76 -37.16
N ARG P 109 -25.88 53.82 -36.53
CA ARG P 109 -27.32 54.12 -36.48
C ARG P 109 -28.13 52.94 -35.94
N ASN P 110 -27.64 52.32 -34.87
CA ASN P 110 -28.34 51.21 -34.24
C ASN P 110 -28.19 51.30 -32.72
N ALA P 111 -29.13 50.67 -32.02
CA ALA P 111 -29.18 50.71 -30.57
C ALA P 111 -28.63 49.44 -29.92
N ARG P 112 -27.95 48.60 -30.69
CA ARG P 112 -27.36 47.37 -30.15
C ARG P 112 -26.13 47.76 -29.33
N GLU P 113 -26.34 47.92 -28.02
CA GLU P 113 -25.28 48.42 -27.15
C GLU P 113 -24.12 47.43 -27.04
N ALA P 114 -24.42 46.14 -26.97
CA ALA P 114 -23.37 45.14 -26.73
C ALA P 114 -22.37 45.13 -27.88
N ASP P 115 -22.85 45.12 -29.13
CA ASP P 115 -21.96 45.03 -30.28
C ASP P 115 -21.08 46.26 -30.38
N ILE P 116 -21.66 47.45 -30.24
CA ILE P 116 -20.87 48.67 -30.38
C ILE P 116 -19.89 48.82 -29.22
N ALA P 117 -20.30 48.43 -28.01
CA ALA P 117 -19.39 48.47 -26.88
C ALA P 117 -18.22 47.52 -27.08
N GLY P 118 -18.49 46.31 -27.58
CA GLY P 118 -17.40 45.39 -27.87
C GLY P 118 -16.47 45.90 -28.96
N VAL P 119 -17.04 46.55 -29.97
CA VAL P 119 -16.23 47.12 -31.05
C VAL P 119 -15.29 48.18 -30.49
N ALA P 120 -15.82 49.08 -29.67
CA ALA P 120 -14.99 50.13 -29.07
C ALA P 120 -13.92 49.53 -28.17
N GLU P 121 -14.29 48.52 -27.38
CA GLU P 121 -13.33 47.88 -26.49
C GLU P 121 -12.20 47.21 -27.26
N ARG P 122 -12.52 46.56 -28.38
CA ARG P 122 -11.49 45.93 -29.19
C ARG P 122 -10.60 46.98 -29.87
N VAL P 123 -11.19 48.08 -30.32
CA VAL P 123 -10.39 49.17 -30.87
C VAL P 123 -9.40 49.69 -29.85
N PHE P 124 -9.83 49.84 -28.61
CA PHE P 124 -8.90 50.24 -27.55
C PHE P 124 -7.87 49.15 -27.27
N ASP P 125 -8.30 47.88 -27.30
CA ASP P 125 -7.43 46.77 -26.92
C ASP P 125 -6.27 46.61 -27.88
N THR P 126 -6.51 46.81 -29.18
CA THR P 126 -5.42 46.73 -30.15
C THR P 126 -4.33 47.74 -29.84
N TRP P 127 -4.73 48.99 -29.59
CA TRP P 127 -3.77 50.04 -29.25
C TRP P 127 -3.06 49.73 -27.94
N ARG P 128 -3.78 49.23 -26.94
CA ARG P 128 -3.17 48.89 -25.67
C ARG P 128 -2.10 47.81 -25.83
N ASN P 129 -2.41 46.76 -26.61
CA ASN P 129 -1.45 45.68 -26.80
C ASN P 129 -0.23 46.16 -27.57
N THR P 130 -0.44 46.96 -28.61
CA THR P 130 0.71 47.49 -29.36
C THR P 130 1.59 48.37 -28.48
N LEU P 131 0.98 49.20 -27.64
CA LEU P 131 1.76 50.03 -26.73
C LEU P 131 2.54 49.18 -25.75
N ARG P 132 1.92 48.11 -25.23
CA ARG P 132 2.63 47.21 -24.32
C ARG P 132 3.84 46.58 -25.01
N THR P 133 3.67 46.13 -26.26
CA THR P 133 4.79 45.53 -26.98
C THR P 133 5.90 46.54 -27.21
N THR P 134 5.55 47.77 -27.59
CA THR P 134 6.55 48.81 -27.80
C THR P 134 7.33 49.08 -26.51
N LEU P 135 6.63 49.20 -25.38
CA LEU P 135 7.30 49.45 -24.12
C LEU P 135 8.20 48.28 -23.73
N LEU P 136 7.75 47.05 -23.99
CA LEU P 136 8.60 45.89 -23.72
C LEU P 136 9.89 45.95 -24.53
N ASP P 137 9.77 46.28 -25.82
CA ASP P 137 10.95 46.36 -26.67
C ASP P 137 11.92 47.43 -26.18
N PHE P 138 11.40 48.61 -25.83
CA PHE P 138 12.27 49.68 -25.36
C PHE P 138 12.94 49.31 -24.04
N ALA P 139 12.18 48.65 -23.14
CA ALA P 139 12.76 48.25 -21.86
C ALA P 139 13.85 47.22 -22.04
N HIS P 140 13.66 46.25 -22.94
CA HIS P 140 14.72 45.29 -23.22
C HIS P 140 15.94 45.98 -23.83
N GLY P 141 15.71 46.95 -24.71
CA GLY P 141 16.82 47.71 -25.26
C GLY P 141 17.63 48.42 -24.19
N LEU P 142 16.93 49.03 -23.22
CA LEU P 142 17.64 49.67 -22.11
C LEU P 142 18.38 48.65 -21.26
N VAL P 143 17.77 47.50 -20.99
CA VAL P 143 18.37 46.51 -20.11
C VAL P 143 19.64 45.93 -20.74
N ALA P 144 19.64 45.74 -22.06
CA ALA P 144 20.74 45.05 -22.71
C ALA P 144 22.08 45.76 -22.55
N CYS P 145 22.08 47.04 -22.20
CA CYS P 145 23.33 47.78 -22.08
C CYS P 145 24.09 47.44 -20.81
N PHE P 146 23.37 47.16 -19.71
CA PHE P 146 24.01 46.91 -18.42
C PHE P 146 24.42 45.47 -18.22
N ALA P 147 23.56 44.52 -18.56
CA ALA P 147 23.71 43.13 -18.15
C ALA P 147 25.05 42.49 -18.48
N PRO P 148 25.61 42.63 -19.70
CA PRO P 148 26.89 41.96 -19.97
C PRO P 148 28.03 42.38 -19.06
N GLY P 149 28.07 43.65 -18.65
CA GLY P 149 29.16 44.13 -17.81
C GLY P 149 29.04 43.84 -16.34
N GLY P 150 27.92 43.28 -15.91
CA GLY P 150 27.70 42.94 -14.52
C GLY P 150 28.63 41.88 -13.96
N PRO P 151 28.69 40.70 -14.61
CA PRO P 151 29.48 39.61 -14.04
C PRO P 151 30.96 39.63 -14.41
N SER P 152 31.32 40.41 -15.43
CA SER P 152 32.70 40.46 -15.91
C SER P 152 33.16 41.91 -16.05
N GLY P 153 34.47 42.09 -15.94
CA GLY P 153 35.06 43.40 -15.97
C GLY P 153 34.99 44.07 -14.61
N PRO P 154 34.91 45.40 -14.60
CA PRO P 154 34.74 46.12 -13.34
C PRO P 154 33.47 45.69 -12.63
N SER P 155 33.56 45.54 -11.30
CA SER P 155 32.43 45.17 -10.45
C SER P 155 31.85 43.81 -10.84
N SER P 156 32.71 42.79 -10.81
CA SER P 156 32.28 41.43 -11.11
C SER P 156 31.66 40.79 -9.87
N PHE P 157 30.56 40.07 -10.06
CA PHE P 157 29.84 39.44 -8.97
C PHE P 157 30.46 38.13 -8.49
N PRO P 158 30.81 37.19 -9.39
CA PRO P 158 31.41 35.94 -8.91
C PRO P 158 32.72 36.15 -8.15
N LYS P 159 33.52 37.14 -8.55
CA LYS P 159 34.72 37.45 -7.78
C LYS P 159 34.37 37.93 -6.38
N TYR P 160 33.31 38.74 -6.28
CA TYR P 160 32.81 39.15 -4.97
C TYR P 160 32.39 37.96 -4.12
N ILE P 161 31.67 37.00 -4.73
CA ILE P 161 31.20 35.85 -3.98
C ILE P 161 32.35 34.98 -3.51
N ASP P 162 33.35 34.77 -4.36
CA ASP P 162 34.48 33.93 -3.92
C ASP P 162 35.37 34.67 -2.94
N TRP P 163 35.44 36.00 -3.01
CA TRP P 163 36.09 36.77 -1.96
C TRP P 163 35.41 36.55 -0.63
N LEU P 164 34.08 36.60 -0.63
CA LEU P 164 33.33 36.34 0.60
C LEU P 164 33.56 34.92 1.11
N THR P 165 33.57 33.95 0.20
CA THR P 165 33.71 32.55 0.61
C THR P 165 35.09 32.26 1.17
N CYS P 166 36.14 32.89 0.63
CA CYS P 166 37.48 32.55 1.08
C CYS P 166 37.83 33.20 2.41
N LEU P 167 37.55 34.49 2.58
CA LEU P 167 37.96 35.20 3.79
C LEU P 167 36.80 35.92 4.46
N GLY P 168 35.90 36.50 3.67
CA GLY P 168 34.90 37.41 4.18
C GLY P 168 35.20 38.87 3.94
N LEU P 169 36.41 39.20 3.48
CA LEU P 169 36.76 40.56 3.08
C LEU P 169 36.60 40.71 1.57
N VAL P 170 36.26 41.93 1.15
CA VAL P 170 36.10 42.24 -0.26
C VAL P 170 36.83 43.54 -0.58
N PRO P 171 38.14 43.50 -0.84
CA PRO P 171 38.85 44.72 -1.22
C PRO P 171 38.24 45.34 -2.48
N ILE P 172 38.12 46.66 -2.48
CA ILE P 172 37.45 47.38 -3.55
C ILE P 172 38.31 48.58 -3.94
N LEU P 173 38.48 48.78 -5.24
CA LEU P 173 39.29 49.86 -5.79
C LEU P 173 38.41 50.79 -6.61
N ARG P 174 38.56 52.09 -6.39
CA ARG P 174 37.63 53.08 -6.96
C ARG P 174 38.39 54.16 -7.72
N LYS P 175 37.81 54.56 -8.86
CA LYS P 175 38.25 55.72 -9.63
C LYS P 175 37.05 56.28 -10.38
N ARG P 176 36.88 57.60 -10.32
CA ARG P 176 35.74 58.26 -10.97
C ARG P 176 36.13 58.58 -12.41
N GLN P 177 35.55 57.85 -13.36
CA GLN P 177 35.82 58.06 -14.77
C GLN P 177 34.67 57.48 -15.58
N GLU P 178 34.63 57.85 -16.86
CA GLU P 178 33.62 57.35 -17.78
C GLU P 178 34.14 56.12 -18.52
N GLY P 179 33.22 55.21 -18.83
CA GLY P 179 33.60 53.93 -19.40
C GLY P 179 32.60 53.39 -20.42
N GLY P 180 32.73 52.11 -20.75
CA GLY P 180 31.96 51.55 -21.84
C GLY P 180 30.46 51.66 -21.64
N VAL P 181 30.00 51.53 -20.39
CA VAL P 181 28.58 51.56 -20.11
C VAL P 181 27.98 52.93 -20.45
N THR P 182 28.67 54.00 -20.08
CA THR P 182 28.15 55.34 -20.34
C THR P 182 28.13 55.64 -21.84
N GLN P 183 29.18 55.26 -22.57
CA GLN P 183 29.16 55.44 -24.02
C GLN P 183 28.06 54.61 -24.67
N GLY P 184 27.84 53.39 -24.15
CA GLY P 184 26.75 52.58 -24.68
C GLY P 184 25.40 53.23 -24.49
N LEU P 185 25.14 53.75 -23.29
CA LEU P 185 23.88 54.44 -23.05
C LEU P 185 23.74 55.68 -23.94
N ARG P 186 24.82 56.45 -24.08
CA ARG P 186 24.76 57.65 -24.91
C ARG P 186 24.46 57.30 -26.37
N ALA P 187 25.11 56.25 -26.87
CA ALA P 187 24.86 55.84 -28.26
C ALA P 187 23.46 55.29 -28.45
N PHE P 188 22.94 54.58 -27.44
CA PHE P 188 21.63 53.96 -27.58
C PHE P 188 20.50 54.98 -27.48
N LEU P 189 20.59 55.91 -26.55
CA LEU P 189 19.44 56.74 -26.21
C LEU P 189 19.25 57.89 -27.20
N LYS P 190 20.35 58.55 -27.59
CA LYS P 190 20.23 59.81 -28.31
C LYS P 190 19.72 59.67 -29.74
N GLN P 191 19.63 58.44 -30.27
CA GLN P 191 19.12 58.26 -31.63
C GLN P 191 18.15 57.10 -31.71
N HIS P 192 17.36 56.86 -30.67
CA HIS P 192 16.34 55.83 -30.73
C HIS P 192 15.06 56.38 -31.34
N PRO P 193 14.52 55.75 -32.39
CA PRO P 193 13.33 56.31 -33.04
C PRO P 193 12.09 56.30 -32.16
N LEU P 194 12.04 55.47 -31.12
CA LEU P 194 10.84 55.35 -30.31
C LEU P 194 10.51 56.65 -29.58
N THR P 195 11.53 57.41 -29.17
CA THR P 195 11.29 58.67 -28.47
C THR P 195 10.54 59.65 -29.37
N ARG P 196 10.96 59.77 -30.63
CA ARG P 196 10.27 60.67 -31.54
C ARG P 196 8.87 60.16 -31.87
N GLN P 197 8.69 58.84 -31.93
CA GLN P 197 7.40 58.28 -32.33
C GLN P 197 6.31 58.56 -31.29
N LEU P 198 6.63 58.40 -30.01
CA LEU P 198 5.65 58.52 -28.94
C LEU P 198 6.10 59.59 -27.95
N ALA P 199 5.18 60.50 -27.60
CA ALA P 199 5.50 61.54 -26.63
C ALA P 199 5.67 60.96 -25.23
N THR P 200 4.81 60.01 -24.85
CA THR P 200 4.86 59.44 -23.50
C THR P 200 6.19 58.75 -23.26
N VAL P 201 6.64 57.93 -24.22
CA VAL P 201 7.89 57.20 -24.06
C VAL P 201 9.07 58.17 -23.97
N ALA P 202 9.07 59.20 -24.82
CA ALA P 202 10.15 60.18 -24.78
C ALA P 202 10.19 60.92 -23.46
N GLU P 203 9.02 61.33 -22.95
CA GLU P 203 8.98 62.04 -21.67
C GLU P 203 9.45 61.16 -20.53
N ALA P 204 9.01 59.90 -20.50
CA ALA P 204 9.46 58.98 -19.46
C ALA P 204 10.96 58.74 -19.54
N ALA P 205 11.49 58.58 -20.76
CA ALA P 205 12.91 58.35 -20.93
C ALA P 205 13.73 59.55 -20.49
N GLU P 206 13.30 60.75 -20.85
CA GLU P 206 14.06 61.94 -20.46
C GLU P 206 13.95 62.21 -18.97
N ARG P 207 12.83 61.85 -18.35
CA ARG P 207 12.71 62.05 -16.89
C ARG P 207 13.56 61.05 -16.13
N ALA P 208 13.52 59.77 -16.53
CA ALA P 208 14.28 58.74 -15.84
C ALA P 208 15.73 58.63 -16.30
N GLY P 209 16.14 59.44 -17.28
CA GLY P 209 17.46 59.36 -17.84
C GLY P 209 18.61 59.53 -16.87
N PRO P 210 18.61 60.61 -16.07
CA PRO P 210 19.76 60.84 -15.17
C PRO P 210 20.08 59.68 -14.25
N GLY P 211 19.05 58.99 -13.74
CA GLY P 211 19.30 57.84 -12.89
C GLY P 211 20.06 56.75 -13.61
N PHE P 212 19.75 56.53 -14.90
CA PHE P 212 20.47 55.54 -15.68
C PHE P 212 21.94 55.92 -15.82
N PHE P 213 22.23 57.20 -16.06
CA PHE P 213 23.62 57.64 -16.18
C PHE P 213 24.36 57.49 -14.86
N GLU P 214 23.71 57.81 -13.74
CA GLU P 214 24.34 57.62 -12.43
C GLU P 214 24.63 56.15 -12.17
N LEU P 215 23.68 55.27 -12.53
CA LEU P 215 23.91 53.83 -12.35
C LEU P 215 25.04 53.34 -13.24
N ALA P 216 25.14 53.87 -14.47
CA ALA P 216 26.24 53.51 -15.36
C ALA P 216 27.58 53.94 -14.79
N LEU P 217 27.64 55.16 -14.23
CA LEU P 217 28.87 55.61 -13.60
C LEU P 217 29.23 54.74 -12.41
N ALA P 218 28.22 54.32 -11.63
CA ALA P 218 28.47 53.42 -10.50
C ALA P 218 29.02 52.08 -10.98
N PHE P 219 28.46 51.55 -12.07
CA PHE P 219 28.98 50.31 -12.63
C PHE P 219 30.43 50.46 -13.08
N ASP P 220 30.75 51.58 -13.72
CA ASP P 220 32.09 51.77 -14.25
C ASP P 220 33.12 51.95 -13.15
N SER P 221 32.83 52.79 -12.16
CA SER P 221 33.86 53.28 -11.26
C SER P 221 34.52 52.16 -10.47
N THR P 222 33.71 51.34 -9.80
CA THR P 222 34.26 50.32 -8.92
C THR P 222 34.85 49.15 -9.70
N ARG P 223 35.79 48.45 -9.08
CA ARG P 223 36.31 47.20 -9.61
C ARG P 223 36.96 46.42 -8.48
N VAL P 224 36.42 45.23 -8.19
CA VAL P 224 36.97 44.39 -7.14
C VAL P 224 38.36 43.90 -7.56
N ALA P 225 39.28 43.89 -6.59
CA ALA P 225 40.66 43.51 -6.88
C ALA P 225 40.75 42.02 -7.22
N ASP P 226 41.91 41.63 -7.73
CA ASP P 226 42.16 40.25 -8.12
C ASP P 226 42.85 39.50 -6.98
N TYR P 227 42.49 38.22 -6.85
CA TYR P 227 42.93 37.44 -5.71
C TYR P 227 44.44 37.18 -5.68
N ASP P 228 45.12 37.29 -6.81
CA ASP P 228 46.53 36.94 -6.88
C ASP P 228 47.45 38.17 -6.92
N ARG P 229 46.91 39.37 -6.76
CA ARG P 229 47.71 40.58 -6.86
C ARG P 229 47.70 41.46 -5.62
N VAL P 230 46.58 41.55 -4.92
CA VAL P 230 46.38 42.63 -3.95
C VAL P 230 47.12 42.31 -2.64
N TYR P 231 47.35 43.36 -1.85
CA TYR P 231 47.99 43.30 -0.56
C TYR P 231 47.02 43.81 0.50
N ILE P 232 46.92 43.11 1.63
CA ILE P 232 46.00 43.48 2.69
C ILE P 232 46.75 43.47 4.02
N TYR P 233 46.68 44.57 4.76
CA TYR P 233 47.34 44.73 6.04
C TYR P 233 46.33 45.03 7.14
N TYR P 234 46.51 44.41 8.29
CA TYR P 234 45.60 44.55 9.43
C TYR P 234 46.41 44.82 10.68
N ASN P 235 45.99 45.83 11.45
CA ASN P 235 46.65 46.22 12.69
C ASN P 235 45.66 46.04 13.83
N HIS P 236 45.96 45.11 14.75
CA HIS P 236 45.00 44.71 15.77
C HIS P 236 44.67 45.85 16.74
N ARG P 237 45.65 46.71 17.03
CA ARG P 237 45.45 47.72 18.08
C ARG P 237 44.31 48.67 17.74
N ARG P 238 44.24 49.12 16.50
CA ARG P 238 43.17 50.03 16.07
C ARG P 238 42.06 49.33 15.30
N GLY P 239 42.31 48.13 14.78
CA GLY P 239 41.35 47.49 13.91
C GLY P 239 41.16 48.22 12.60
N ASP P 240 42.25 48.66 11.98
CA ASP P 240 42.21 49.45 10.76
C ASP P 240 42.81 48.66 9.61
N TRP P 241 42.19 48.79 8.44
CA TRP P 241 42.59 48.03 7.25
C TRP P 241 43.29 48.96 6.25
N LEU P 242 44.44 48.51 5.76
CA LEU P 242 45.15 49.18 4.66
C LEU P 242 45.33 48.17 3.54
N VAL P 243 44.68 48.42 2.41
CA VAL P 243 44.72 47.52 1.27
C VAL P 243 45.43 48.23 0.12
N ARG P 244 46.44 47.58 -0.44
CA ARG P 244 47.32 48.19 -1.43
C ARG P 244 47.38 47.33 -2.69
N ASP P 245 47.45 47.99 -3.83
CA ASP P 245 47.68 47.33 -5.11
C ASP P 245 49.14 47.53 -5.49
N PRO P 246 49.96 46.48 -5.53
CA PRO P 246 51.40 46.69 -5.69
C PRO P 246 51.83 47.09 -7.08
N ILE P 247 51.06 46.76 -8.11
CA ILE P 247 51.48 47.06 -9.48
C ILE P 247 51.33 48.54 -9.78
N SER P 248 50.10 49.05 -9.68
CA SER P 248 49.84 50.45 -9.96
C SER P 248 50.08 51.37 -8.77
N GLY P 249 50.29 50.81 -7.58
CA GLY P 249 50.47 51.64 -6.40
C GLY P 249 49.21 52.31 -5.92
N GLN P 250 48.05 51.77 -6.26
CA GLN P 250 46.76 52.40 -5.95
C GLN P 250 46.22 51.85 -4.63
N ARG P 251 45.92 52.76 -3.70
CA ARG P 251 45.33 52.36 -2.42
C ARG P 251 43.83 52.19 -2.58
N GLY P 252 43.27 51.22 -1.86
CA GLY P 252 41.88 50.88 -1.95
C GLY P 252 41.11 51.10 -0.67
N GLU P 253 39.98 50.41 -0.56
CA GLU P 253 39.09 50.52 0.59
C GLU P 253 38.55 49.14 0.92
N CYS P 254 39.05 48.54 2.00
CA CYS P 254 38.64 47.18 2.35
C CYS P 254 37.27 47.17 2.98
N LEU P 255 36.48 46.15 2.64
CA LEU P 255 35.17 45.93 3.22
C LEU P 255 35.20 44.62 4.01
N VAL P 256 34.50 44.61 5.15
CA VAL P 256 34.43 43.43 5.99
C VAL P 256 32.94 43.14 6.27
N LEU P 257 32.53 41.90 6.02
CA LEU P 257 31.16 41.47 6.24
C LEU P 257 31.04 40.57 7.45
N TRP P 258 31.94 39.60 7.60
CA TRP P 258 31.99 38.72 8.76
C TRP P 258 33.33 38.94 9.44
N PRO P 259 33.39 39.72 10.52
CA PRO P 259 34.68 40.16 11.04
C PRO P 259 35.47 39.00 11.59
N PRO P 260 36.81 39.05 11.49
CA PRO P 260 37.64 37.92 11.96
C PRO P 260 37.99 38.02 13.43
N LEU P 261 38.78 37.07 13.92
CA LEU P 261 39.19 36.99 15.31
C LEU P 261 40.71 36.95 15.40
N TRP P 262 41.27 37.67 16.35
CA TRP P 262 42.71 37.77 16.54
C TRP P 262 43.07 37.09 17.86
N THR P 263 43.96 36.10 17.79
CA THR P 263 44.32 35.26 18.94
C THR P 263 45.82 35.25 19.15
N GLY P 264 46.44 36.43 19.12
CA GLY P 264 47.87 36.54 19.34
C GLY P 264 48.64 36.47 18.03
N ASP P 265 49.52 35.47 17.90
CA ASP P 265 50.29 35.29 16.68
C ASP P 265 49.48 34.52 15.66
N ARG P 266 48.26 34.98 15.38
CA ARG P 266 47.34 34.28 14.49
C ARG P 266 46.31 35.28 13.97
N LEU P 267 45.44 34.78 13.10
CA LEU P 267 44.23 35.51 12.71
C LEU P 267 43.29 34.47 12.12
N VAL P 268 42.13 34.30 12.73
CA VAL P 268 41.19 33.24 12.36
C VAL P 268 39.97 33.90 11.74
N PHE P 269 39.75 33.64 10.45
CA PHE P 269 38.57 34.13 9.78
C PHE P 269 37.38 33.24 10.11
N ASP P 270 36.19 33.69 9.72
CA ASP P 270 34.96 32.93 9.91
C ASP P 270 34.27 32.66 8.58
N SER P 271 35.08 32.37 7.56
CA SER P 271 34.57 31.98 6.26
C SER P 271 34.24 30.49 6.24
N PRO P 272 33.35 30.05 5.35
CA PRO P 272 33.01 28.61 5.31
C PRO P 272 34.21 27.71 5.09
N VAL P 273 35.16 28.14 4.26
CA VAL P 273 36.35 27.31 4.00
C VAL P 273 37.19 27.18 5.26
N GLN P 274 37.25 28.24 6.07
CA GLN P 274 38.00 28.16 7.33
C GLN P 274 37.35 27.16 8.28
N ARG P 275 36.02 27.15 8.35
CA ARG P 275 35.33 26.19 9.21
C ARG P 275 35.52 24.77 8.70
N LEU P 276 35.53 24.59 7.39
CA LEU P 276 35.64 23.26 6.79
C LEU P 276 37.08 22.80 6.61
N PHE P 277 38.06 23.63 6.94
CA PHE P 277 39.45 23.33 6.58
C PHE P 277 40.03 22.08 7.25
N PRO P 278 39.95 21.91 8.58
CA PRO P 278 40.61 20.73 9.18
C PRO P 278 40.09 19.40 8.67
N GLU P 279 38.78 19.30 8.43
CA GLU P 279 38.19 18.02 8.05
C GLU P 279 38.70 17.54 6.70
N ILE P 280 38.76 18.44 5.72
CA ILE P 280 39.22 18.05 4.39
C ILE P 280 40.71 17.71 4.42
N VAL P 281 41.50 18.40 5.25
CA VAL P 281 42.91 18.06 5.38
C VAL P 281 43.08 16.68 5.96
N ALA P 282 42.30 16.34 6.99
CA ALA P 282 42.37 14.99 7.56
C ALA P 282 41.99 13.95 6.52
N CYS P 283 40.93 14.20 5.75
CA CYS P 283 40.53 13.24 4.71
C CYS P 283 41.62 13.07 3.66
N HIS P 284 42.25 14.18 3.24
CA HIS P 284 43.32 14.10 2.24
C HIS P 284 44.51 13.30 2.76
N SER P 285 44.89 13.53 4.02
CA SER P 285 45.99 12.78 4.61
C SER P 285 45.66 11.30 4.71
N LEU P 286 44.42 10.98 5.07
CA LEU P 286 44.00 9.57 5.13
C LEU P 286 44.09 8.93 3.75
N ARG P 287 43.65 9.64 2.71
CA ARG P 287 43.72 9.08 1.36
C ARG P 287 45.16 8.84 0.92
N GLU P 288 46.06 9.78 1.22
CA GLU P 288 47.46 9.58 0.85
C GLU P 288 48.08 8.40 1.60
N HIS P 289 47.77 8.27 2.89
CA HIS P 289 48.28 7.12 3.63
C HIS P 289 47.73 5.81 3.08
N ALA P 290 46.46 5.80 2.69
CA ALA P 290 45.88 4.60 2.10
C ALA P 290 46.57 4.24 0.79
N HIS P 291 46.89 5.25 -0.03
CA HIS P 291 47.64 5.00 -1.26
C HIS P 291 49.00 4.41 -0.97
N VAL P 292 49.71 4.97 0.01
CA VAL P 292 51.04 4.47 0.36
C VAL P 292 50.96 3.02 0.83
N CYS P 293 49.99 2.71 1.69
CA CYS P 293 49.82 1.33 2.15
C CYS P 293 49.46 0.41 0.98
N ARG P 294 48.69 0.92 0.02
CA ARG P 294 48.30 0.11 -1.13
C ARG P 294 49.50 -0.27 -1.97
N LEU P 295 50.43 0.67 -2.18
CA LEU P 295 51.60 0.36 -3.01
C LEU P 295 52.56 -0.61 -2.34
N ARG P 296 52.42 -0.85 -1.04
CA ARG P 296 53.35 -1.73 -0.33
C ARG P 296 53.03 -3.20 -0.57
N ASN P 297 51.75 -3.55 -0.70
CA ASN P 297 51.30 -4.93 -0.77
C ASN P 297 51.39 -5.54 -2.17
N THR P 298 52.20 -4.98 -3.07
CA THR P 298 52.24 -5.48 -4.43
C THR P 298 53.06 -6.76 -4.58
N ALA P 299 53.84 -7.14 -3.57
CA ALA P 299 54.64 -8.36 -3.61
C ALA P 299 53.95 -9.45 -2.81
N SER P 300 53.73 -10.60 -3.43
CA SER P 300 52.94 -11.65 -2.80
C SER P 300 53.72 -12.34 -1.68
N VAL P 301 55.00 -12.65 -1.91
CA VAL P 301 55.80 -13.40 -0.96
C VAL P 301 56.88 -12.50 -0.38
N LYS P 302 57.25 -12.76 0.86
CA LYS P 302 58.27 -12.00 1.57
C LYS P 302 59.20 -12.97 2.31
N VAL P 303 60.47 -12.59 2.40
CA VAL P 303 61.50 -13.43 2.99
C VAL P 303 62.21 -12.64 4.07
N LEU P 304 62.48 -13.28 5.21
CA LEU P 304 63.19 -12.67 6.32
C LEU P 304 64.43 -13.50 6.64
N LEU P 305 65.59 -12.84 6.70
CA LEU P 305 66.86 -13.50 6.92
C LEU P 305 67.42 -13.14 8.30
N GLY P 306 68.38 -13.93 8.75
CA GLY P 306 69.03 -13.67 10.03
C GLY P 306 70.31 -14.47 10.14
N ARG P 307 71.23 -13.96 10.95
CA ARG P 307 72.54 -14.59 11.10
C ARG P 307 72.43 -15.95 11.76
N LYS P 308 73.32 -16.86 11.39
CA LYS P 308 73.46 -18.11 12.12
C LYS P 308 74.18 -17.86 13.43
N SER P 309 73.75 -18.57 14.48
CA SER P 309 74.53 -18.60 15.71
C SER P 309 75.82 -19.36 15.43
N ASP P 310 76.94 -18.64 15.43
CA ASP P 310 78.24 -19.17 14.99
C ASP P 310 78.16 -19.62 13.53
N TYR P 494 57.32 -8.22 -6.82
CA TYR P 494 56.81 -9.58 -6.83
C TYR P 494 57.29 -10.38 -5.62
N ASP P 495 58.60 -10.49 -5.46
CA ASP P 495 59.21 -11.02 -4.24
C ASP P 495 60.11 -9.95 -3.65
N ILE P 496 60.03 -9.78 -2.33
CA ILE P 496 60.84 -8.79 -1.63
C ILE P 496 61.47 -9.45 -0.42
N ILE P 497 62.78 -9.30 -0.28
CA ILE P 497 63.54 -9.90 0.82
C ILE P 497 63.93 -8.80 1.79
N ASP P 498 63.79 -9.09 3.09
CA ASP P 498 64.18 -8.18 4.16
C ASP P 498 65.47 -8.68 4.77
N VAL P 499 66.48 -7.83 4.80
CA VAL P 499 67.80 -8.18 5.30
C VAL P 499 67.96 -7.55 6.67
N SER P 500 67.94 -8.36 7.71
CA SER P 500 68.20 -7.91 9.08
C SER P 500 69.46 -8.55 9.66
N LYS P 501 70.32 -9.11 8.82
CA LYS P 501 71.53 -9.76 9.31
C LYS P 501 72.54 -8.75 9.83
N SER P 502 72.43 -7.49 9.43
CA SER P 502 73.41 -6.49 9.85
C SER P 502 73.22 -6.09 11.30
N MET P 503 71.97 -5.97 11.75
CA MET P 503 71.70 -5.53 13.12
C MET P 503 71.90 -6.64 14.15
N ASP P 504 71.91 -7.90 13.73
CA ASP P 504 72.04 -9.00 14.68
C ASP P 504 73.43 -9.03 15.27
N ASP P 505 73.51 -9.33 16.58
CA ASP P 505 74.79 -9.51 17.26
C ASP P 505 74.52 -10.31 18.53
N ASP P 506 74.99 -11.56 18.56
CA ASP P 506 74.83 -12.44 19.72
C ASP P 506 73.37 -12.59 20.13
N THR P 507 72.47 -12.61 19.16
CA THR P 507 71.03 -12.67 19.44
C THR P 507 70.38 -13.57 18.40
N TYR P 508 69.04 -13.56 18.37
CA TYR P 508 68.28 -14.40 17.46
C TYR P 508 66.92 -13.75 17.24
N VAL P 509 66.23 -14.22 16.20
CA VAL P 509 64.88 -13.76 15.91
C VAL P 509 63.92 -14.55 16.79
N ALA P 510 63.46 -13.94 17.88
CA ALA P 510 62.57 -14.63 18.81
C ALA P 510 61.23 -14.95 18.16
N ASN P 511 60.63 -13.95 17.51
CA ASN P 511 59.35 -14.15 16.83
C ASN P 511 59.17 -13.08 15.77
N SER P 512 58.31 -13.38 14.80
CA SER P 512 57.99 -12.45 13.72
C SER P 512 56.51 -12.53 13.41
N PHE P 513 55.96 -11.42 12.91
CA PHE P 513 54.53 -11.31 12.66
C PHE P 513 54.31 -10.70 11.28
N GLN P 514 53.07 -10.81 10.80
CA GLN P 514 52.66 -10.12 9.59
C GLN P 514 51.19 -9.74 9.71
N HIS P 515 50.88 -8.50 9.34
CA HIS P 515 49.49 -8.01 9.35
C HIS P 515 49.38 -6.90 8.31
N PRO P 516 48.89 -7.21 7.11
CA PRO P 516 48.80 -6.23 6.01
C PRO P 516 47.59 -5.30 6.10
N TYR P 517 47.73 -4.24 6.88
CA TYR P 517 46.66 -3.28 7.08
C TYR P 517 46.49 -2.38 5.86
N ILE P 518 45.24 -2.06 5.53
CA ILE P 518 44.92 -1.12 4.47
C ILE P 518 43.77 -0.23 4.94
N PRO P 519 44.02 1.06 5.20
CA PRO P 519 42.93 1.95 5.63
C PRO P 519 41.87 2.12 4.56
N SER P 520 40.63 2.34 5.02
CA SER P 520 39.49 2.57 4.16
C SER P 520 39.03 4.02 4.29
N TYR P 521 38.65 4.62 3.15
CA TYR P 521 38.37 6.05 3.12
C TYR P 521 37.04 6.41 2.45
N ALA P 522 36.18 5.43 2.16
CA ALA P 522 34.92 5.73 1.48
C ALA P 522 33.95 6.45 2.40
N GLN P 523 33.85 6.00 3.65
CA GLN P 523 32.92 6.61 4.60
C GLN P 523 33.28 8.08 4.85
N ASP P 524 34.58 8.36 4.97
CA ASP P 524 35.02 9.74 5.17
C ASP P 524 34.65 10.62 3.98
N LEU P 525 34.82 10.08 2.76
CA LEU P 525 34.45 10.85 1.58
C LEU P 525 32.95 11.14 1.53
N GLU P 526 32.13 10.13 1.86
CA GLU P 526 30.69 10.35 1.89
C GLU P 526 30.32 11.43 2.92
N ARG P 527 30.88 11.32 4.13
CA ARG P 527 30.59 12.30 5.16
C ARG P 527 31.03 13.68 4.74
N LEU P 528 32.21 13.80 4.12
CA LEU P 528 32.72 15.10 3.73
C LEU P 528 31.88 15.71 2.62
N SER P 529 31.40 14.89 1.67
CA SER P 529 30.52 15.42 0.64
C SER P 529 29.23 15.96 1.23
N ARG P 530 28.60 15.18 2.12
CA ARG P 530 27.36 15.65 2.73
C ARG P 530 27.59 16.90 3.56
N LEU P 531 28.72 16.97 4.26
CA LEU P 531 29.04 18.14 5.08
C LEU P 531 29.24 19.38 4.22
N TRP P 532 29.98 19.24 3.11
CA TRP P 532 30.15 20.35 2.18
C TRP P 532 28.79 20.86 1.69
N GLU P 533 27.93 19.93 1.26
CA GLU P 533 26.64 20.33 0.72
C GLU P 533 25.81 21.06 1.76
N HIS P 534 25.72 20.51 2.97
CA HIS P 534 24.90 21.15 4.01
C HIS P 534 25.45 22.51 4.40
N GLU P 535 26.77 22.62 4.53
CA GLU P 535 27.37 23.90 4.89
C GLU P 535 27.07 24.96 3.83
N LEU P 536 27.23 24.61 2.56
CA LEU P 536 26.99 25.60 1.51
C LEU P 536 25.51 25.94 1.37
N VAL P 537 24.62 24.97 1.61
CA VAL P 537 23.19 25.27 1.55
C VAL P 537 22.78 26.21 2.67
N ARG P 538 23.26 25.95 3.90
CA ARG P 538 22.79 26.74 5.03
C ARG P 538 23.49 28.09 5.14
N CYS P 539 24.73 28.21 4.67
CA CYS P 539 25.46 29.47 4.83
C CYS P 539 24.95 30.55 3.88
N PHE P 540 24.67 30.17 2.62
CA PHE P 540 24.27 31.13 1.61
C PHE P 540 22.77 31.15 1.36
N LYS P 541 21.99 30.44 2.17
CA LYS P 541 20.53 30.44 2.11
C LYS P 541 20.02 30.03 0.74
N ILE P 542 20.39 28.81 0.35
CA ILE P 542 20.05 28.26 -0.96
C ILE P 542 18.76 27.47 -0.83
N LEU P 543 17.80 27.75 -1.72
CA LEU P 543 16.51 27.07 -1.73
C LEU P 543 16.55 25.95 -2.75
N CYS P 544 16.36 24.72 -2.28
CA CYS P 544 16.42 23.54 -3.13
C CYS P 544 15.01 23.11 -3.50
N HIS P 545 14.67 23.22 -4.78
CA HIS P 545 13.40 22.73 -5.30
C HIS P 545 13.49 21.22 -5.52
N ARG P 546 12.39 20.52 -5.25
CA ARG P 546 12.37 19.07 -5.33
C ARG P 546 11.09 18.60 -5.98
N ASN P 547 11.15 17.38 -6.51
CA ASN P 547 10.00 16.74 -7.15
C ASN P 547 9.07 16.18 -6.08
N ASN P 548 8.13 15.34 -6.48
CA ASN P 548 7.30 14.64 -5.51
C ASN P 548 8.16 13.80 -4.58
N GLN P 549 9.12 13.07 -5.15
CA GLN P 549 10.16 12.41 -4.37
C GLN P 549 11.57 12.61 -4.92
N GLY P 550 11.72 13.00 -6.18
CA GLY P 550 13.03 13.29 -6.71
C GLY P 550 13.69 14.48 -6.00
N GLN P 551 15.00 14.43 -5.92
CA GLN P 551 15.77 15.43 -5.17
C GLN P 551 16.51 16.35 -6.13
N GLU P 552 16.47 17.65 -5.83
CA GLU P 552 17.23 18.67 -6.54
C GLU P 552 16.85 18.74 -8.02
N THR P 553 15.57 19.02 -8.26
CA THR P 553 15.12 19.29 -9.63
C THR P 553 15.75 20.58 -10.16
N SER P 554 15.81 21.61 -9.32
CA SER P 554 16.46 22.87 -9.67
C SER P 554 16.84 23.59 -8.39
N ILE P 555 17.86 24.44 -8.49
CA ILE P 555 18.42 25.14 -7.33
C ILE P 555 18.50 26.63 -7.66
N SER P 556 18.06 27.47 -6.73
CA SER P 556 18.06 28.91 -6.93
C SER P 556 18.11 29.61 -5.59
N TYR P 557 18.42 30.90 -5.63
CA TYR P 557 18.48 31.70 -4.42
C TYR P 557 17.12 31.75 -3.73
N SER P 558 17.14 31.77 -2.40
CA SER P 558 15.94 31.95 -1.61
C SER P 558 15.56 33.43 -1.56
N SER P 559 14.41 33.72 -0.94
CA SER P 559 13.95 35.10 -0.85
C SER P 559 14.86 35.93 0.06
N GLY P 560 15.41 35.31 1.11
CA GLY P 560 16.30 36.01 1.99
C GLY P 560 17.75 36.04 1.53
N ALA P 561 18.14 35.09 0.68
CA ALA P 561 19.53 35.06 0.20
C ALA P 561 19.85 36.29 -0.64
N ILE P 562 18.92 36.71 -1.50
CA ILE P 562 19.18 37.89 -2.32
C ILE P 562 19.22 39.15 -1.48
N ALA P 563 18.37 39.22 -0.43
CA ALA P 563 18.42 40.38 0.45
C ALA P 563 19.69 40.41 1.28
N ALA P 564 20.25 39.24 1.59
CA ALA P 564 21.45 39.19 2.42
C ALA P 564 22.73 39.35 1.62
N PHE P 565 22.72 38.99 0.33
CA PHE P 565 23.95 39.00 -0.47
C PHE P 565 23.88 39.94 -1.66
N VAL P 566 22.80 39.92 -2.43
CA VAL P 566 22.69 40.79 -3.59
C VAL P 566 22.54 42.25 -3.16
N ALA P 567 21.72 42.49 -2.14
CA ALA P 567 21.49 43.86 -1.68
C ALA P 567 22.74 44.55 -1.16
N PRO P 568 23.57 43.95 -0.30
CA PRO P 568 24.81 44.64 0.10
C PRO P 568 25.74 44.91 -1.07
N TYR P 569 25.73 44.05 -2.09
CA TYR P 569 26.50 44.32 -3.30
C TYR P 569 26.11 45.67 -3.89
N PHE P 570 24.84 45.81 -4.28
CA PHE P 570 24.36 47.05 -4.87
C PHE P 570 24.50 48.24 -3.93
N GLU P 571 24.47 48.01 -2.62
CA GLU P 571 24.48 49.11 -1.68
C GLU P 571 25.88 49.64 -1.43
N SER P 572 26.80 48.78 -0.99
CA SER P 572 28.14 49.19 -0.62
C SER P 572 29.18 48.91 -1.71
N VAL P 573 29.11 47.73 -2.35
CA VAL P 573 30.16 47.38 -3.30
C VAL P 573 30.08 48.27 -4.55
N LEU P 574 28.87 48.59 -4.97
CA LEU P 574 28.65 49.38 -6.18
C LEU P 574 28.29 50.83 -5.90
N ARG P 575 27.75 51.13 -4.71
CA ARG P 575 27.23 52.46 -4.38
C ARG P 575 26.21 52.91 -5.43
N ALA P 576 25.28 52.02 -5.75
CA ALA P 576 24.25 52.35 -6.71
C ALA P 576 23.27 53.36 -6.10
N PRO P 577 22.64 54.20 -6.94
CA PRO P 577 21.69 55.18 -6.42
C PRO P 577 20.49 54.55 -5.73
N ARG P 578 19.77 53.69 -6.43
CA ARG P 578 18.61 53.01 -5.87
C ARG P 578 18.24 51.84 -6.76
N VAL P 579 17.59 50.84 -6.15
CA VAL P 579 17.13 49.66 -6.89
C VAL P 579 15.68 49.38 -6.57
N GLY P 580 15.02 50.32 -5.88
CA GLY P 580 13.63 50.13 -5.55
C GLY P 580 13.42 48.97 -4.58
N ALA P 581 12.18 48.48 -4.56
CA ALA P 581 11.84 47.36 -3.71
C ALA P 581 12.52 46.09 -4.23
N PRO P 582 13.15 45.29 -3.36
CA PRO P 582 13.80 44.07 -3.83
C PRO P 582 12.79 43.06 -4.35
N ILE P 583 13.24 42.25 -5.31
CA ILE P 583 12.40 41.21 -5.86
C ILE P 583 12.27 40.05 -4.88
N THR P 584 11.36 39.15 -5.18
CA THR P 584 11.17 37.94 -4.39
C THR P 584 12.01 36.81 -4.98
N GLY P 585 12.36 35.85 -4.12
CA GLY P 585 13.14 34.70 -4.57
C GLY P 585 12.43 33.85 -5.60
N SER P 586 11.10 33.96 -5.69
CA SER P 586 10.37 33.24 -6.72
C SER P 586 10.48 33.90 -8.09
N ASP P 587 10.81 35.20 -8.13
CA ASP P 587 10.94 35.89 -9.40
C ASP P 587 12.24 35.58 -10.11
N VAL P 588 13.21 34.98 -9.41
CA VAL P 588 14.45 34.55 -10.05
C VAL P 588 14.16 33.48 -11.10
N ILE P 589 13.20 32.61 -10.81
CA ILE P 589 12.83 31.55 -11.76
C ILE P 589 12.31 32.15 -13.06
N LEU P 590 11.48 33.19 -12.96
CA LEU P 590 10.83 33.75 -14.13
C LEU P 590 11.85 34.28 -15.13
N GLY P 591 11.48 34.20 -16.41
CA GLY P 591 12.29 34.74 -17.48
C GLY P 591 12.15 36.24 -17.59
N GLU P 592 12.83 36.79 -18.59
CA GLU P 592 12.80 38.23 -18.81
C GLU P 592 11.39 38.72 -19.13
N GLU P 593 10.72 38.05 -20.08
CA GLU P 593 9.37 38.46 -20.46
C GLU P 593 8.38 38.27 -19.32
N GLU P 594 8.50 37.15 -18.58
CA GLU P 594 7.62 36.93 -17.44
C GLU P 594 7.84 37.99 -16.37
N LEU P 595 9.09 38.37 -16.11
CA LEU P 595 9.36 39.41 -15.13
C LEU P 595 8.78 40.75 -15.57
N TRP P 596 8.94 41.09 -16.86
CA TRP P 596 8.35 42.34 -17.34
C TRP P 596 6.84 42.32 -17.23
N ASP P 597 6.21 41.19 -17.55
CA ASP P 597 4.76 41.11 -17.43
C ASP P 597 4.32 41.23 -15.98
N ALA P 598 5.05 40.59 -15.06
CA ALA P 598 4.68 40.66 -13.65
C ALA P 598 4.82 42.07 -13.12
N VAL P 599 5.90 42.78 -13.47
CA VAL P 599 6.08 44.14 -12.99
C VAL P 599 5.13 45.11 -13.69
N PHE P 600 4.55 44.72 -14.82
CA PHE P 600 3.66 45.62 -15.54
C PHE P 600 2.29 45.71 -14.88
N LYS P 601 1.80 44.61 -14.30
CA LYS P 601 0.45 44.60 -13.75
C LYS P 601 0.37 45.45 -12.49
N LYS P 602 1.31 45.27 -11.56
CA LYS P 602 1.24 45.94 -10.27
C LYS P 602 1.76 47.37 -10.30
N THR P 603 2.24 47.85 -11.44
CA THR P 603 2.82 49.19 -11.51
C THR P 603 1.73 50.22 -11.81
N ARG P 604 2.14 51.46 -12.07
CA ARG P 604 1.22 52.58 -12.19
C ARG P 604 0.46 52.59 -13.51
N LEU P 605 1.07 52.13 -14.60
CA LEU P 605 0.50 52.35 -15.92
C LEU P 605 -0.84 51.67 -16.12
N GLN P 606 -0.99 50.43 -15.63
CA GLN P 606 -2.20 49.68 -15.92
C GLN P 606 -3.43 50.33 -15.31
N THR P 607 -3.28 51.03 -14.18
CA THR P 607 -4.42 51.71 -13.59
C THR P 607 -4.94 52.80 -14.53
N TYR P 608 -4.03 53.60 -15.10
CA TYR P 608 -4.46 54.59 -16.09
C TYR P 608 -5.07 53.92 -17.31
N LEU P 609 -4.45 52.83 -17.78
CA LEU P 609 -4.93 52.18 -19.00
C LEU P 609 -6.34 51.63 -18.81
N THR P 610 -6.64 51.08 -17.63
CA THR P 610 -7.98 50.60 -17.36
C THR P 610 -8.95 51.75 -17.08
N ASP P 611 -8.46 52.85 -16.50
CA ASP P 611 -9.33 54.00 -16.24
C ASP P 611 -9.81 54.63 -17.54
N ILE P 612 -8.90 54.83 -18.49
CA ILE P 612 -9.27 55.51 -19.73
C ILE P 612 -10.21 54.64 -20.56
N ALA P 613 -9.99 53.31 -20.54
CA ALA P 613 -10.85 52.42 -21.31
C ALA P 613 -12.28 52.44 -20.79
N ALA P 614 -12.44 52.42 -19.47
CA ALA P 614 -13.79 52.43 -18.89
C ALA P 614 -14.53 53.72 -19.26
N LEU P 615 -13.83 54.86 -19.20
CA LEU P 615 -14.45 56.12 -19.58
C LEU P 615 -14.87 56.11 -21.04
N PHE P 616 -14.02 55.60 -21.93
CA PHE P 616 -14.36 55.54 -23.34
C PHE P 616 -15.56 54.63 -23.60
N VAL P 617 -15.60 53.48 -22.92
CA VAL P 617 -16.73 52.57 -23.06
C VAL P 617 -18.01 53.21 -22.54
N ALA P 618 -17.89 54.01 -21.48
CA ALA P 618 -19.07 54.67 -20.93
C ALA P 618 -19.59 55.75 -21.89
N ASP P 619 -18.70 56.61 -22.37
CA ASP P 619 -19.11 57.75 -23.18
C ASP P 619 -19.48 57.40 -24.61
N VAL P 620 -19.29 56.14 -25.05
CA VAL P 620 -19.60 55.80 -26.43
C VAL P 620 -21.10 55.80 -26.67
N GLN P 621 -21.92 55.68 -25.62
CA GLN P 621 -23.36 55.64 -25.74
C GLN P 621 -24.06 56.88 -25.21
N HIS P 622 -23.63 57.40 -24.05
CA HIS P 622 -24.30 58.57 -23.49
C HIS P 622 -24.13 59.80 -24.37
N ALA P 623 -22.98 59.94 -25.03
CA ALA P 623 -22.74 61.07 -25.91
C ALA P 623 -23.64 61.01 -27.14
N ASP Q 25 41.25 41.63 46.02
CA ASP Q 25 40.37 41.76 47.17
C ASP Q 25 39.01 41.12 46.89
N GLY Q 26 39.03 39.93 46.33
CA GLY Q 26 37.82 39.21 45.99
C GLY Q 26 37.46 39.23 44.52
N TRP Q 27 38.05 40.13 43.74
CA TRP Q 27 37.77 40.18 42.32
C TRP Q 27 38.36 38.97 41.60
N VAL Q 28 37.74 38.59 40.50
CA VAL Q 28 38.16 37.45 39.70
C VAL Q 28 38.16 37.85 38.23
N LYS Q 29 39.16 37.39 37.49
CA LYS Q 29 39.21 37.60 36.05
C LYS Q 29 38.34 36.56 35.37
N VAL Q 30 37.50 37.00 34.43
CA VAL Q 30 36.47 36.15 33.84
C VAL Q 30 36.73 35.89 32.35
N HIS Q 31 36.70 36.94 31.53
CA HIS Q 31 36.59 36.73 30.09
C HIS Q 31 37.90 36.30 29.43
N PRO Q 32 39.03 37.00 29.60
CA PRO Q 32 40.23 36.68 28.81
C PRO Q 32 40.96 35.41 29.26
N THR Q 33 40.37 34.60 30.13
CA THR Q 33 40.97 33.32 30.48
C THR Q 33 41.03 32.43 29.25
N PRO Q 34 41.99 31.49 29.19
CA PRO Q 34 42.13 30.66 27.98
C PRO Q 34 40.90 29.84 27.66
N GLY Q 35 40.12 29.42 28.66
CA GLY Q 35 38.94 28.62 28.38
C GLY Q 35 37.93 29.34 27.51
N THR Q 36 37.76 30.65 27.72
CA THR Q 36 36.82 31.42 26.90
C THR Q 36 37.28 31.49 25.44
N MET Q 37 38.57 31.73 25.22
CA MET Q 37 39.09 31.72 23.86
C MET Q 37 38.96 30.34 23.24
N LEU Q 38 39.10 29.29 24.05
CA LEU Q 38 38.83 27.94 23.54
C LEU Q 38 37.39 27.78 23.13
N PHE Q 39 36.45 28.33 23.91
CA PHE Q 39 35.04 28.27 23.53
C PHE Q 39 34.81 28.93 22.18
N ARG Q 40 35.36 30.14 22.01
CA ARG Q 40 35.16 30.84 20.74
C ARG Q 40 35.79 30.08 19.58
N GLU Q 41 37.00 29.56 19.77
CA GLU Q 41 37.65 28.82 18.69
C GLU Q 41 36.91 27.53 18.36
N ILE Q 42 36.31 26.90 19.36
CA ILE Q 42 35.39 25.78 19.08
C ILE Q 42 34.23 26.26 18.24
N LEU Q 43 33.69 27.43 18.55
CA LEU Q 43 32.59 27.96 17.75
C LEU Q 43 33.03 28.22 16.32
N HIS Q 44 34.31 28.57 16.11
CA HIS Q 44 34.85 28.72 14.76
C HIS Q 44 35.27 27.41 14.13
N GLY Q 45 35.00 26.28 14.78
CA GLY Q 45 35.32 24.98 14.21
C GLY Q 45 36.80 24.65 14.21
N GLN Q 46 37.50 25.00 15.29
CA GLN Q 46 38.93 24.75 15.39
C GLN Q 46 39.26 23.38 15.98
N LEU Q 47 38.25 22.59 16.36
CA LEU Q 47 38.44 21.20 16.73
C LEU Q 47 37.23 20.43 16.20
N GLY Q 48 37.38 19.89 15.00
CA GLY Q 48 36.32 19.13 14.35
C GLY Q 48 35.23 20.01 13.79
N TYR Q 49 34.41 19.39 12.93
CA TYR Q 49 33.22 20.04 12.41
C TYR Q 49 32.20 18.96 12.09
N THR Q 50 30.94 19.37 12.06
CA THR Q 50 29.83 18.44 11.93
C THR Q 50 28.72 19.07 11.12
N GLU Q 51 27.80 18.22 10.62
CA GLU Q 51 26.62 18.73 9.94
C GLU Q 51 25.69 19.43 10.90
N GLY Q 52 25.66 19.00 12.16
CA GLY Q 52 24.78 19.63 13.13
C GLY Q 52 25.18 21.06 13.45
N GLN Q 53 26.48 21.31 13.54
CA GLN Q 53 26.98 22.66 13.86
C GLN Q 53 26.61 23.67 12.78
N GLY Q 54 26.25 23.21 11.58
CA GLY Q 54 25.88 24.12 10.50
C GLY Q 54 24.55 24.80 10.69
N VAL Q 55 23.73 24.34 11.64
CA VAL Q 55 22.47 25.03 11.95
C VAL Q 55 22.76 26.41 12.54
N TYR Q 56 23.93 26.59 13.16
CA TYR Q 56 24.26 27.85 13.80
C TYR Q 56 24.36 29.00 12.81
N ASN Q 57 24.50 28.72 11.52
CA ASN Q 57 24.55 29.79 10.52
C ASN Q 57 23.20 30.46 10.34
N VAL Q 58 22.10 29.81 10.74
CA VAL Q 58 20.80 30.43 10.67
C VAL Q 58 20.47 31.21 11.94
N VAL Q 59 21.05 30.80 13.08
CA VAL Q 59 20.78 31.48 14.35
C VAL Q 59 21.33 32.90 14.31
N ARG Q 60 22.42 33.12 13.57
CA ARG Q 60 23.05 34.43 13.52
C ARG Q 60 22.40 35.39 12.52
N SER Q 61 21.47 34.91 11.70
CA SER Q 61 20.94 35.74 10.63
C SER Q 61 20.21 36.96 11.18
N SER Q 62 20.36 38.09 10.49
CA SER Q 62 19.74 39.35 10.89
C SER Q 62 18.39 39.58 10.22
N GLU Q 63 17.71 38.50 9.80
CA GLU Q 63 16.43 38.66 9.11
C GLU Q 63 15.34 39.14 10.05
N ALA Q 64 15.26 38.57 11.25
CA ALA Q 64 14.20 38.92 12.18
C ALA Q 64 14.30 40.38 12.60
N THR Q 65 15.51 40.87 12.87
CA THR Q 65 15.68 42.26 13.29
C THR Q 65 15.26 43.22 12.19
N THR Q 66 15.63 42.92 10.93
CA THR Q 66 15.23 43.80 9.83
C THR Q 66 13.72 43.76 9.62
N ARG Q 67 13.10 42.58 9.77
CA ARG Q 67 11.65 42.50 9.67
C ARG Q 67 10.98 43.34 10.76
N GLN Q 68 11.51 43.27 11.99
CA GLN Q 68 10.96 44.06 13.08
C GLN Q 68 11.11 45.56 12.80
N LEU Q 69 12.26 45.98 12.28
CA LEU Q 69 12.46 47.37 11.93
C LEU Q 69 11.48 47.83 10.87
N GLN Q 70 11.29 47.02 9.82
CA GLN Q 70 10.35 47.38 8.78
C GLN Q 70 8.93 47.50 9.33
N ALA Q 71 8.52 46.55 10.17
CA ALA Q 71 7.19 46.60 10.76
C ALA Q 71 7.02 47.84 11.64
N ALA Q 72 8.02 48.16 12.45
CA ALA Q 72 7.93 49.33 13.32
C ALA Q 72 7.85 50.61 12.51
N ILE Q 73 8.66 50.74 11.46
CA ILE Q 73 8.62 51.94 10.63
C ILE Q 73 7.26 52.07 9.95
N PHE Q 74 6.73 50.96 9.42
CA PHE Q 74 5.44 51.01 8.75
C PHE Q 74 4.32 51.41 9.71
N HIS Q 75 4.32 50.82 10.90
CA HIS Q 75 3.30 51.17 11.90
C HIS Q 75 3.40 52.65 12.29
N ALA Q 76 4.61 53.12 12.55
CA ALA Q 76 4.78 54.52 12.95
C ALA Q 76 4.34 55.47 11.85
N LEU Q 77 4.69 55.17 10.60
CA LEU Q 77 4.30 56.04 9.49
C LEU Q 77 2.80 56.03 9.27
N LEU Q 78 2.18 54.85 9.27
CA LEU Q 78 0.76 54.75 8.95
C LEU Q 78 -0.15 55.21 10.09
N ASN Q 79 0.32 55.15 11.34
CA ASN Q 79 -0.53 55.56 12.46
C ASN Q 79 -0.76 57.07 12.48
N ALA Q 80 0.14 57.85 11.89
CA ALA Q 80 0.07 59.30 11.99
C ALA Q 80 -0.91 59.93 11.02
N THR Q 81 -1.49 59.16 10.10
CA THR Q 81 -2.44 59.71 9.16
C THR Q 81 -3.73 60.11 9.85
N THR Q 82 -4.45 61.06 9.24
CA THR Q 82 -5.71 61.55 9.79
C THR Q 82 -6.75 61.62 8.68
N TYR Q 83 -8.02 61.59 9.09
CA TYR Q 83 -9.12 61.52 8.13
C TYR Q 83 -9.32 62.84 7.40
N ARG Q 84 -9.18 63.96 8.11
CA ARG Q 84 -9.55 65.25 7.55
C ARG Q 84 -8.66 65.62 6.37
N ASP Q 85 -7.35 65.48 6.51
CA ASP Q 85 -6.44 65.87 5.43
C ASP Q 85 -6.57 64.93 4.24
N LEU Q 86 -6.79 63.64 4.49
CA LEU Q 86 -6.99 62.71 3.39
C LEU Q 86 -8.26 63.05 2.62
N GLU Q 87 -9.34 63.39 3.33
CA GLU Q 87 -10.56 63.82 2.65
C GLU Q 87 -10.32 65.10 1.87
N ALA Q 88 -9.55 66.03 2.43
CA ALA Q 88 -9.24 67.28 1.73
C ALA Q 88 -8.46 67.01 0.45
N ASP Q 89 -7.48 66.12 0.50
CA ASP Q 89 -6.71 65.79 -0.71
C ASP Q 89 -7.58 65.09 -1.74
N TRP Q 90 -8.47 64.19 -1.30
CA TRP Q 90 -9.38 63.55 -2.24
C TRP Q 90 -10.29 64.57 -2.91
N LEU Q 91 -10.81 65.52 -2.14
CA LEU Q 91 -11.66 66.56 -2.72
C LEU Q 91 -10.88 67.45 -3.68
N GLY Q 92 -9.62 67.75 -3.35
CA GLY Q 92 -8.79 68.50 -4.27
C GLY Q 92 -8.55 67.77 -5.57
N HIS Q 93 -8.32 66.46 -5.49
CA HIS Q 93 -8.17 65.66 -6.70
C HIS Q 93 -9.47 65.66 -7.52
N VAL Q 94 -10.62 65.54 -6.85
CA VAL Q 94 -11.89 65.58 -7.55
C VAL Q 94 -12.09 66.92 -8.26
N ALA Q 95 -11.74 68.02 -7.56
CA ALA Q 95 -11.85 69.34 -8.17
C ALA Q 95 -10.91 69.46 -9.37
N ALA Q 96 -9.70 68.92 -9.27
CA ALA Q 96 -8.77 68.96 -10.38
C ALA Q 96 -9.30 68.19 -11.59
N ARG Q 97 -9.89 67.01 -11.34
CA ARG Q 97 -10.44 66.23 -12.43
C ARG Q 97 -11.72 66.83 -13.00
N GLY Q 98 -12.39 67.70 -12.24
CA GLY Q 98 -13.66 68.24 -12.68
C GLY Q 98 -14.72 67.18 -12.85
N LEU Q 99 -14.78 66.22 -11.93
CA LEU Q 99 -15.69 65.08 -12.01
C LEU Q 99 -16.58 65.02 -10.78
N GLN Q 100 -17.10 66.16 -10.36
CA GLN Q 100 -18.00 66.20 -9.21
C GLN Q 100 -19.30 65.48 -9.55
N PRO Q 101 -20.00 64.95 -8.53
CA PRO Q 101 -21.26 64.23 -8.83
C PRO Q 101 -22.29 65.06 -9.57
N GLN Q 102 -22.39 66.35 -9.26
CA GLN Q 102 -23.34 67.21 -9.97
C GLN Q 102 -23.03 67.26 -11.45
N ARG Q 103 -21.77 67.60 -11.79
CA ARG Q 103 -21.38 67.69 -13.19
C ARG Q 103 -21.48 66.33 -13.89
N LEU Q 104 -21.05 65.27 -13.22
CA LEU Q 104 -21.07 63.95 -13.82
C LEU Q 104 -22.50 63.50 -14.14
N VAL Q 105 -23.42 63.69 -13.21
CA VAL Q 105 -24.80 63.30 -13.44
C VAL Q 105 -25.44 64.20 -14.50
N ARG Q 106 -25.18 65.50 -14.46
CA ARG Q 106 -25.73 66.41 -15.45
C ARG Q 106 -25.17 66.14 -16.85
N ARG Q 107 -23.98 65.53 -16.94
CA ARG Q 107 -23.42 65.16 -18.23
C ARG Q 107 -23.97 63.83 -18.73
N TYR Q 108 -24.10 62.84 -17.85
CA TYR Q 108 -24.53 61.52 -18.30
C TYR Q 108 -26.01 61.50 -18.64
N ARG Q 109 -26.85 62.12 -17.80
CA ARG Q 109 -28.28 62.25 -18.06
C ARG Q 109 -28.95 60.89 -18.29
N ASN Q 110 -28.73 59.97 -17.36
CA ASN Q 110 -29.34 58.65 -17.45
C ASN Q 110 -29.59 58.10 -16.06
N ALA Q 111 -30.49 57.12 -15.99
CA ALA Q 111 -30.88 56.50 -14.73
C ALA Q 111 -30.22 55.14 -14.51
N ARG Q 112 -29.23 54.78 -15.33
CA ARG Q 112 -28.54 53.52 -15.18
C ARG Q 112 -27.61 53.57 -13.96
N GLU Q 113 -28.10 53.10 -12.82
CA GLU Q 113 -27.36 53.26 -11.56
C GLU Q 113 -26.08 52.44 -11.55
N ALA Q 114 -26.13 51.22 -12.10
CA ALA Q 114 -24.97 50.33 -12.01
C ALA Q 114 -23.76 50.90 -12.74
N ASP Q 115 -23.97 51.44 -13.94
CA ASP Q 115 -22.85 51.95 -14.73
C ASP Q 115 -22.21 53.16 -14.07
N ILE Q 116 -23.03 54.10 -13.61
CA ILE Q 116 -22.48 55.31 -13.00
C ILE Q 116 -21.82 54.99 -11.65
N ALA Q 117 -22.40 54.06 -10.89
CA ALA Q 117 -21.78 53.65 -9.64
C ALA Q 117 -20.43 52.99 -9.88
N GLY Q 118 -20.35 52.12 -10.90
CA GLY Q 118 -19.07 51.51 -11.23
C GLY Q 118 -18.05 52.53 -11.71
N VAL Q 119 -18.49 53.53 -12.48
CA VAL Q 119 -17.59 54.57 -12.94
C VAL Q 119 -17.01 55.33 -11.76
N ALA Q 120 -17.87 55.72 -10.81
CA ALA Q 120 -17.39 56.44 -9.63
C ALA Q 120 -16.45 55.56 -8.80
N GLU Q 121 -16.80 54.29 -8.64
CA GLU Q 121 -15.97 53.39 -7.86
C GLU Q 121 -14.58 53.21 -8.48
N ARG Q 122 -14.51 53.09 -9.80
CA ARG Q 122 -13.23 52.95 -10.47
C ARG Q 122 -12.42 54.25 -10.41
N VAL Q 123 -13.11 55.39 -10.50
CA VAL Q 123 -12.44 56.68 -10.36
C VAL Q 123 -11.78 56.78 -8.99
N PHE Q 124 -12.50 56.35 -7.94
CA PHE Q 124 -11.89 56.32 -6.61
C PHE Q 124 -10.78 55.28 -6.51
N ASP Q 125 -10.96 54.14 -7.19
CA ASP Q 125 -10.00 53.03 -7.06
C ASP Q 125 -8.64 53.40 -7.64
N THR Q 126 -8.63 54.12 -8.77
CA THR Q 126 -7.35 54.54 -9.34
C THR Q 126 -6.57 55.41 -8.36
N TRP Q 127 -7.25 56.37 -7.75
CA TRP Q 127 -6.61 57.23 -6.76
C TRP Q 127 -6.13 56.42 -5.55
N ARG Q 128 -6.93 55.44 -5.12
CA ARG Q 128 -6.53 54.60 -4.00
C ARG Q 128 -5.25 53.83 -4.31
N ASN Q 129 -5.17 53.25 -5.51
CA ASN Q 129 -3.97 52.50 -5.89
C ASN Q 129 -2.76 53.41 -5.95
N THR Q 130 -2.91 54.60 -6.52
CA THR Q 130 -1.77 55.52 -6.62
C THR Q 130 -1.30 55.96 -5.23
N LEU Q 131 -2.25 56.24 -4.33
CA LEU Q 131 -1.88 56.60 -2.96
C LEU Q 131 -1.15 55.44 -2.27
N ARG Q 132 -1.63 54.21 -2.46
CA ARG Q 132 -0.99 53.07 -1.83
C ARG Q 132 0.45 52.90 -2.32
N THR Q 133 0.67 53.00 -3.64
CA THR Q 133 2.03 52.81 -4.14
C THR Q 133 2.95 53.97 -3.74
N THR Q 134 2.41 55.19 -3.66
CA THR Q 134 3.21 56.31 -3.19
C THR Q 134 3.65 56.10 -1.74
N LEU Q 135 2.72 55.66 -0.88
CA LEU Q 135 3.05 55.41 0.51
C LEU Q 135 4.04 54.26 0.64
N LEU Q 136 3.90 53.23 -0.20
CA LEU Q 136 4.87 52.14 -0.20
C LEU Q 136 6.27 52.64 -0.53
N ASP Q 137 6.38 53.48 -1.56
CA ASP Q 137 7.69 54.00 -1.93
C ASP Q 137 8.29 54.83 -0.81
N PHE Q 138 7.49 55.70 -0.20
CA PHE Q 138 8.02 56.52 0.91
C PHE Q 138 8.44 55.66 2.08
N ALA Q 139 7.65 54.62 2.41
CA ALA Q 139 7.99 53.76 3.52
C ALA Q 139 9.28 53.00 3.27
N HIS Q 140 9.47 52.50 2.04
CA HIS Q 140 10.73 51.83 1.72
C HIS Q 140 11.91 52.80 1.81
N GLY Q 141 11.71 54.04 1.35
CA GLY Q 141 12.75 55.03 1.47
C GLY Q 141 13.14 55.29 2.92
N LEU Q 142 12.15 55.38 3.80
CA LEU Q 142 12.43 55.56 5.23
C LEU Q 142 13.15 54.35 5.81
N VAL Q 143 12.74 53.14 5.42
CA VAL Q 143 13.34 51.93 5.96
C VAL Q 143 14.80 51.82 5.54
N ALA Q 144 15.12 52.26 4.32
CA ALA Q 144 16.44 52.03 3.75
C ALA Q 144 17.56 52.64 4.59
N CYS Q 145 17.26 53.63 5.42
CA CYS Q 145 18.33 54.29 6.18
C CYS Q 145 18.80 53.43 7.35
N PHE Q 146 17.88 52.71 8.01
CA PHE Q 146 18.24 51.97 9.21
C PHE Q 146 18.88 50.62 8.92
N ALA Q 147 18.34 49.89 7.95
CA ALA Q 147 18.65 48.47 7.79
C ALA Q 147 20.13 48.16 7.64
N PRO Q 148 20.91 48.85 6.78
CA PRO Q 148 22.33 48.48 6.63
C PRO Q 148 23.13 48.57 7.92
N GLY Q 149 22.84 49.53 8.78
CA GLY Q 149 23.61 49.75 9.99
C GLY Q 149 23.31 48.82 11.14
N GLY Q 150 22.35 47.92 10.98
CA GLY Q 150 21.97 47.01 12.03
C GLY Q 150 22.96 45.87 12.25
N PRO Q 151 23.13 45.00 11.24
CA PRO Q 151 23.99 43.82 11.44
C PRO Q 151 25.47 44.14 11.56
N SER Q 152 25.91 45.32 11.15
CA SER Q 152 27.33 45.66 11.19
C SER Q 152 27.52 47.06 11.76
N GLY Q 153 28.71 47.31 12.28
CA GLY Q 153 29.01 48.56 12.93
C GLY Q 153 28.55 48.58 14.37
N PRO Q 154 28.20 49.75 14.87
CA PRO Q 154 27.62 49.82 16.22
C PRO Q 154 26.35 49.00 16.32
N SER Q 155 26.19 48.35 17.47
CA SER Q 155 24.99 47.55 17.81
C SER Q 155 24.71 46.49 16.73
N SER Q 156 25.65 45.57 16.60
CA SER Q 156 25.49 44.46 15.65
C SER Q 156 24.78 43.29 16.31
N PHE Q 157 23.92 42.62 15.55
CA PHE Q 157 23.11 41.51 16.04
C PHE Q 157 23.89 40.20 16.11
N PRO Q 158 24.62 39.79 15.06
CA PRO Q 158 25.37 38.52 15.17
C PRO Q 158 26.40 38.51 16.28
N LYS Q 159 27.03 39.65 16.55
CA LYS Q 159 27.96 39.72 17.68
C LYS Q 159 27.22 39.50 18.99
N TYR Q 160 26.03 40.08 19.12
CA TYR Q 160 25.17 39.83 20.28
C TYR Q 160 24.85 38.36 20.42
N ILE Q 161 24.50 37.70 19.32
CA ILE Q 161 24.12 36.29 19.38
C ILE Q 161 25.31 35.42 19.75
N ASP Q 162 26.50 35.71 19.22
CA ASP Q 162 27.64 34.87 19.58
C ASP Q 162 28.14 35.16 20.99
N TRP Q 163 27.95 36.38 21.48
CA TRP Q 163 28.15 36.64 22.91
C TRP Q 163 27.24 35.77 23.75
N LEU Q 164 25.95 35.72 23.40
CA LEU Q 164 25.01 34.89 24.14
C LEU Q 164 25.39 33.42 24.08
N THR Q 165 25.80 32.95 22.90
CA THR Q 165 26.11 31.53 22.74
C THR Q 165 27.39 31.13 23.47
N CYS Q 166 28.37 32.03 23.56
CA CYS Q 166 29.63 31.65 24.18
C CYS Q 166 29.56 31.72 25.70
N LEU Q 167 29.01 32.80 26.25
CA LEU Q 167 29.04 33.02 27.69
C LEU Q 167 27.67 33.25 28.30
N GLY Q 168 26.79 33.94 27.57
CA GLY Q 168 25.57 34.45 28.13
C GLY Q 168 25.65 35.90 28.59
N LEU Q 169 26.83 36.50 28.54
CA LEU Q 169 27.02 37.91 28.85
C LEU Q 169 27.14 38.71 27.56
N VAL Q 170 26.72 39.98 27.62
CA VAL Q 170 26.79 40.87 26.47
C VAL Q 170 27.32 42.22 26.93
N PRO Q 171 28.65 42.40 27.05
CA PRO Q 171 29.18 43.72 27.39
C PRO Q 171 28.76 44.76 26.36
N ILE Q 172 28.42 45.95 26.84
CA ILE Q 172 27.89 47.02 26.00
C ILE Q 172 28.55 48.33 26.41
N LEU Q 173 28.99 49.10 25.43
CA LEU Q 173 29.61 50.40 25.65
C LEU Q 173 28.71 51.48 25.06
N ARG Q 174 28.55 52.59 25.78
CA ARG Q 174 27.61 53.63 25.39
C ARG Q 174 28.28 54.99 25.35
N LYS Q 175 27.91 55.78 24.34
CA LYS Q 175 28.32 57.17 24.22
C LYS Q 175 27.25 57.91 23.44
N ARG Q 176 26.87 59.09 23.93
CA ARG Q 176 25.82 59.89 23.30
C ARG Q 176 26.44 60.81 22.27
N GLN Q 177 26.24 60.50 20.99
CA GLN Q 177 26.79 61.29 19.90
C GLN Q 177 25.96 61.03 18.65
N GLU Q 178 26.12 61.89 17.66
CA GLU Q 178 25.42 61.77 16.38
C GLU Q 178 26.31 61.08 15.36
N GLY Q 179 25.69 60.30 14.48
CA GLY Q 179 26.44 59.48 13.55
C GLY Q 179 25.77 59.32 12.20
N GLY Q 180 26.20 58.30 11.45
CA GLY Q 180 25.76 58.17 10.07
C GLY Q 180 24.26 58.08 9.90
N VAL Q 181 23.58 57.41 10.84
CA VAL Q 181 22.14 57.22 10.72
C VAL Q 181 21.42 58.56 10.81
N THR Q 182 21.82 59.41 11.77
CA THR Q 182 21.14 60.70 11.94
C THR Q 182 21.37 61.61 10.74
N GLN Q 183 22.61 61.67 10.23
CA GLN Q 183 22.86 62.48 9.03
C GLN Q 183 22.11 61.93 7.82
N GLY Q 184 22.02 60.60 7.69
CA GLY Q 184 21.23 60.04 6.61
C GLY Q 184 19.77 60.42 6.70
N LEU Q 185 19.20 60.36 7.89
CA LEU Q 185 17.81 60.76 8.07
C LEU Q 185 17.62 62.23 7.75
N ARG Q 186 18.54 63.09 8.19
CA ARG Q 186 18.43 64.52 7.92
C ARG Q 186 18.52 64.81 6.43
N ALA Q 187 19.47 64.17 5.74
CA ALA Q 187 19.61 64.39 4.31
C ALA Q 187 18.49 63.75 3.51
N PHE Q 188 17.78 62.78 4.08
CA PHE Q 188 16.69 62.13 3.37
C PHE Q 188 15.39 62.91 3.49
N LEU Q 189 15.00 63.24 4.73
CA LEU Q 189 13.65 63.77 4.96
C LEU Q 189 13.51 65.21 4.48
N LYS Q 190 14.55 66.03 4.67
CA LYS Q 190 14.39 67.48 4.50
C LYS Q 190 14.13 67.90 3.06
N GLN Q 191 14.43 67.07 2.07
CA GLN Q 191 14.28 67.46 0.67
C GLN Q 191 13.63 66.33 -0.12
N HIS Q 192 12.55 65.75 0.42
CA HIS Q 192 11.82 64.72 -0.30
C HIS Q 192 10.59 65.32 -0.97
N PRO Q 193 10.44 65.21 -2.29
CA PRO Q 193 9.33 65.89 -2.97
C PRO Q 193 7.94 65.44 -2.55
N LEU Q 194 7.80 64.21 -2.03
CA LEU Q 194 6.47 63.73 -1.68
C LEU Q 194 5.83 64.52 -0.55
N THR Q 195 6.66 65.08 0.36
CA THR Q 195 6.13 65.92 1.42
C THR Q 195 5.42 67.15 0.86
N ARG Q 196 6.04 67.81 -0.13
CA ARG Q 196 5.40 68.95 -0.76
C ARG Q 196 4.24 68.51 -1.66
N GLN Q 197 4.30 67.29 -2.17
CA GLN Q 197 3.27 66.84 -3.10
C GLN Q 197 1.95 66.52 -2.38
N LEU Q 198 2.03 65.88 -1.21
CA LEU Q 198 0.84 65.43 -0.49
C LEU Q 198 0.85 66.01 0.91
N ALA Q 199 -0.28 66.59 1.31
CA ALA Q 199 -0.38 67.16 2.65
C ALA Q 199 -0.36 66.06 3.72
N THR Q 200 -1.08 64.97 3.48
CA THR Q 200 -1.16 63.89 4.48
C THR Q 200 0.21 63.28 4.74
N VAL Q 201 0.98 63.03 3.67
CA VAL Q 201 2.30 62.43 3.83
C VAL Q 201 3.21 63.36 4.63
N ALA Q 202 3.17 64.66 4.30
CA ALA Q 202 4.02 65.63 5.00
C ALA Q 202 3.65 65.71 6.47
N GLU Q 203 2.35 65.77 6.78
CA GLU Q 203 1.95 65.88 8.18
C GLU Q 203 2.29 64.60 8.94
N ALA Q 204 2.09 63.44 8.33
CA ALA Q 204 2.46 62.19 9.00
C ALA Q 204 3.96 62.13 9.26
N ALA Q 205 4.76 62.56 8.28
CA ALA Q 205 6.22 62.57 8.45
C ALA Q 205 6.63 63.51 9.57
N GLU Q 206 6.04 64.71 9.63
CA GLU Q 206 6.43 65.65 10.66
C GLU Q 206 5.93 65.23 12.03
N ARG Q 207 4.80 64.52 12.10
CA ARG Q 207 4.29 64.05 13.38
C ARG Q 207 5.10 62.87 13.92
N ALA Q 208 5.49 61.96 13.03
CA ALA Q 208 6.26 60.79 13.45
C ALA Q 208 7.77 61.01 13.40
N GLY Q 209 8.22 62.21 13.02
CA GLY Q 209 9.63 62.50 12.89
C GLY Q 209 10.47 62.29 14.14
N PRO Q 210 10.07 62.89 15.27
CA PRO Q 210 10.90 62.76 16.48
C PRO Q 210 11.19 61.33 16.89
N GLY Q 211 10.23 60.43 16.73
CA GLY Q 211 10.48 59.03 17.04
C GLY Q 211 11.57 58.44 16.17
N PHE Q 212 11.58 58.78 14.89
CA PHE Q 212 12.61 58.29 13.98
C PHE Q 212 13.99 58.79 14.41
N PHE Q 213 14.09 60.06 14.77
CA PHE Q 213 15.39 60.60 15.20
C PHE Q 213 15.85 59.97 16.50
N GLU Q 214 14.92 59.74 17.44
CA GLU Q 214 15.30 59.07 18.69
C GLU Q 214 15.77 57.65 18.44
N LEU Q 215 15.09 56.93 17.54
CA LEU Q 215 15.52 55.57 17.20
C LEU Q 215 16.88 55.59 16.51
N ALA Q 216 17.13 56.58 15.66
CA ALA Q 216 18.43 56.70 15.01
C ALA Q 216 19.53 56.97 16.03
N LEU Q 217 19.26 57.83 17.01
CA LEU Q 217 20.24 58.08 18.06
C LEU Q 217 20.48 56.81 18.88
N ALA Q 218 19.42 56.04 19.14
CA ALA Q 218 19.59 54.77 19.85
C ALA Q 218 20.47 53.81 19.06
N PHE Q 219 20.25 53.74 17.74
CA PHE Q 219 21.10 52.89 16.90
C PHE Q 219 22.55 53.35 16.95
N ASP Q 220 22.79 54.66 16.91
CA ASP Q 220 24.17 55.15 16.88
C ASP Q 220 24.88 54.95 18.21
N SER Q 221 24.21 55.22 19.32
CA SER Q 221 24.89 55.39 20.59
C SER Q 221 25.57 54.10 21.05
N THR Q 222 24.85 52.99 21.02
CA THR Q 222 25.37 51.77 21.62
C THR Q 222 26.40 51.11 20.70
N ARG Q 223 27.23 50.25 21.31
CA ARG Q 223 28.21 49.48 20.56
C ARG Q 223 28.62 48.27 21.38
N VAL Q 224 28.26 47.08 20.92
CA VAL Q 224 28.65 45.85 21.59
C VAL Q 224 30.15 45.66 21.42
N ALA Q 225 30.83 45.32 22.51
CA ALA Q 225 32.29 45.23 22.51
C ALA Q 225 32.75 44.06 21.65
N ASP Q 226 34.06 44.04 21.38
CA ASP Q 226 34.67 43.01 20.56
C ASP Q 226 35.21 41.88 21.44
N TYR Q 227 35.15 40.66 20.92
CA TYR Q 227 35.46 39.47 21.72
C TYR Q 227 36.92 39.38 22.11
N ASP Q 228 37.82 40.00 21.35
CA ASP Q 228 39.25 39.84 21.58
C ASP Q 228 39.88 41.03 22.29
N ARG Q 229 39.09 42.00 22.73
CA ARG Q 229 39.64 43.21 23.34
C ARG Q 229 39.17 43.45 24.76
N VAL Q 230 37.91 43.18 25.07
CA VAL Q 230 37.32 43.68 26.32
C VAL Q 230 37.82 42.87 27.52
N TYR Q 231 37.71 43.49 28.70
CA TYR Q 231 38.05 42.89 29.97
C TYR Q 231 36.78 42.78 30.81
N ILE Q 232 36.57 41.64 31.46
CA ILE Q 232 35.39 41.40 32.28
C ILE Q 232 35.83 40.91 33.65
N TYR Q 233 35.34 41.57 34.70
CA TYR Q 233 35.68 41.23 36.08
C TYR Q 233 34.42 40.95 36.88
N TYR Q 234 34.48 39.94 37.74
CA TYR Q 234 33.34 39.50 38.54
C TYR Q 234 33.79 39.31 39.98
N ASN Q 235 33.04 39.92 40.92
CA ASN Q 235 33.30 39.82 42.35
C ASN Q 235 32.15 39.04 42.98
N HIS Q 236 32.45 37.83 43.46
CA HIS Q 236 31.41 36.93 43.94
C HIS Q 236 30.68 37.49 45.16
N ARG Q 237 31.42 38.14 46.07
CA ARG Q 237 30.84 38.53 47.35
C ARG Q 237 29.66 39.49 47.18
N ARG Q 238 29.69 40.34 46.17
CA ARG Q 238 28.60 41.27 45.91
C ARG Q 238 27.81 40.97 44.64
N GLY Q 239 28.37 40.20 43.72
CA GLY Q 239 27.69 39.87 42.48
C GLY Q 239 27.48 41.05 41.54
N ASP Q 240 28.49 41.91 41.38
CA ASP Q 240 28.44 42.99 40.42
C ASP Q 240 29.52 42.79 39.36
N TRP Q 241 29.37 43.52 38.25
CA TRP Q 241 30.22 43.35 37.08
C TRP Q 241 30.96 44.64 36.76
N LEU Q 242 32.21 44.50 36.35
CA LEU Q 242 33.03 45.63 35.91
C LEU Q 242 33.70 45.25 34.59
N VAL Q 243 33.28 45.90 33.51
CA VAL Q 243 33.83 45.64 32.18
C VAL Q 243 34.62 46.86 31.74
N ARG Q 244 35.85 46.63 31.30
CA ARG Q 244 36.75 47.69 30.89
C ARG Q 244 37.25 47.43 29.48
N ASP Q 245 37.35 48.51 28.70
CA ASP Q 245 38.01 48.45 27.40
C ASP Q 245 39.44 48.90 27.58
N PRO Q 246 40.43 48.03 27.41
CA PRO Q 246 41.80 48.40 27.79
C PRO Q 246 42.45 49.39 26.83
N ILE Q 247 42.00 49.46 25.58
CA ILE Q 247 42.64 50.37 24.62
C ILE Q 247 42.27 51.81 24.93
N SER Q 248 40.98 52.13 24.86
CA SER Q 248 40.52 53.49 25.09
C SER Q 248 40.31 53.81 26.56
N GLY Q 249 40.31 52.81 27.45
CA GLY Q 249 40.02 53.04 28.84
C GLY Q 249 38.56 53.26 29.16
N GLN Q 250 37.67 53.01 28.21
CA GLN Q 250 36.25 53.29 28.40
C GLN Q 250 35.59 52.22 29.27
N ARG Q 251 34.71 52.66 30.15
CA ARG Q 251 33.97 51.78 31.05
C ARG Q 251 32.60 51.50 30.46
N GLY Q 252 32.22 50.21 30.46
CA GLY Q 252 30.97 49.79 29.88
C GLY Q 252 29.98 49.25 30.92
N GLU Q 253 28.92 48.66 30.40
CA GLU Q 253 27.87 48.04 31.20
C GLU Q 253 27.70 46.60 30.75
N CYS Q 254 27.70 45.67 31.70
CA CYS Q 254 27.57 44.26 31.40
C CYS Q 254 26.13 43.82 31.58
N LEU Q 255 25.58 43.17 30.56
CA LEU Q 255 24.23 42.63 30.59
C LEU Q 255 24.30 41.12 30.75
N VAL Q 256 23.60 40.60 31.76
CA VAL Q 256 23.59 39.17 32.04
C VAL Q 256 22.18 38.65 31.79
N LEU Q 257 22.08 37.57 31.03
CA LEU Q 257 20.81 36.98 30.65
C LEU Q 257 20.59 35.61 31.25
N TRP Q 258 21.61 34.76 31.26
CA TRP Q 258 21.57 33.46 31.92
C TRP Q 258 22.68 33.44 32.96
N PRO Q 259 22.39 33.75 34.22
CA PRO Q 259 23.46 34.01 35.18
C PRO Q 259 24.29 32.77 35.44
N PRO Q 260 25.58 32.91 35.71
CA PRO Q 260 26.46 31.76 35.90
C PRO Q 260 26.40 31.25 37.34
N LEU Q 261 27.26 30.27 37.62
CA LEU Q 261 27.33 29.61 38.92
C LEU Q 261 28.77 29.62 39.40
N TRP Q 262 28.97 30.00 40.66
CA TRP Q 262 30.30 30.09 41.26
C TRP Q 262 30.47 28.94 42.25
N THR Q 263 31.49 28.12 42.03
CA THR Q 263 31.71 26.90 42.81
C THR Q 263 33.11 26.87 43.40
N GLY Q 264 33.52 27.98 43.98
CA GLY Q 264 34.85 28.06 44.60
C GLY Q 264 35.88 28.65 43.64
N ASP Q 265 36.95 27.90 43.39
CA ASP Q 265 37.98 28.39 42.48
C ASP Q 265 37.60 28.09 41.03
N ARG Q 266 36.38 28.45 40.65
CA ARG Q 266 35.85 28.17 39.33
C ARG Q 266 34.77 29.19 39.01
N LEU Q 267 34.23 29.09 37.80
CA LEU Q 267 33.02 29.81 37.43
C LEU Q 267 32.43 29.08 36.22
N VAL Q 268 31.24 28.53 36.37
CA VAL Q 268 30.62 27.70 35.34
C VAL Q 268 29.44 28.48 34.77
N PHE Q 269 29.51 28.78 33.47
CA PHE Q 269 28.41 29.43 32.78
C PHE Q 269 27.38 28.39 32.38
N ASP Q 270 26.27 28.84 31.81
CA ASP Q 270 25.23 27.95 31.32
C ASP Q 270 24.91 28.23 29.86
N SER Q 271 25.94 28.60 29.11
CA SER Q 271 25.83 28.76 27.66
C SER Q 271 25.79 27.39 27.00
N PRO Q 272 25.20 27.29 25.80
CA PRO Q 272 25.15 25.98 25.12
C PRO Q 272 26.52 25.35 24.89
N VAL Q 273 27.53 26.17 24.60
CA VAL Q 273 28.87 25.62 24.38
C VAL Q 273 29.42 25.03 25.66
N GLN Q 274 29.12 25.64 26.80
CA GLN Q 274 29.56 25.08 28.08
C GLN Q 274 28.93 23.73 28.33
N ARG Q 275 27.64 23.58 28.02
CA ARG Q 275 26.98 22.30 28.21
C ARG Q 275 27.52 21.25 27.24
N LEU Q 276 27.85 21.66 26.03
CA LEU Q 276 28.33 20.74 24.99
C LEU Q 276 29.83 20.50 25.06
N PHE Q 277 30.55 21.17 25.95
CA PHE Q 277 32.01 21.15 25.91
C PHE Q 277 32.64 19.78 26.14
N PRO Q 278 32.29 19.02 27.18
CA PRO Q 278 33.01 17.74 27.41
C PRO Q 278 32.88 16.73 26.27
N GLU Q 279 31.70 16.66 25.63
CA GLU Q 279 31.46 15.64 24.61
C GLU Q 279 32.38 15.85 23.40
N ILE Q 280 32.50 17.10 22.95
CA ILE Q 280 33.32 17.39 21.77
C ILE Q 280 34.79 17.17 22.08
N VAL Q 281 35.21 17.48 23.31
CA VAL Q 281 36.61 17.23 23.69
C VAL Q 281 36.90 15.74 23.69
N ALA Q 282 35.98 14.94 24.23
CA ALA Q 282 36.17 13.49 24.21
C ALA Q 282 36.24 12.96 22.79
N CYS Q 283 35.37 13.44 21.91
CA CYS Q 283 35.39 13.01 20.51
C CYS Q 283 36.71 13.39 19.84
N HIS Q 284 37.19 14.61 20.10
CA HIS Q 284 38.45 15.06 19.51
C HIS Q 284 39.62 14.19 19.98
N SER Q 285 39.66 13.87 21.28
CA SER Q 285 40.72 13.02 21.80
C SER Q 285 40.65 11.62 21.20
N LEU Q 286 39.43 11.09 21.05
CA LEU Q 286 39.27 9.78 20.43
C LEU Q 286 39.78 9.79 18.98
N ARG Q 287 39.48 10.85 18.24
CA ARG Q 287 39.92 10.92 16.85
C ARG Q 287 41.45 11.01 16.78
N GLU Q 288 42.07 11.79 17.67
CA GLU Q 288 43.53 11.88 17.66
C GLU Q 288 44.17 10.55 18.01
N HIS Q 289 43.61 9.84 19.00
CA HIS Q 289 44.14 8.52 19.34
C HIS Q 289 43.98 7.54 18.18
N ALA Q 290 42.84 7.60 17.50
CA ALA Q 290 42.65 6.73 16.33
C ALA Q 290 43.65 7.03 15.24
N HIS Q 291 43.95 8.31 15.01
CA HIS Q 291 44.97 8.67 14.03
C HIS Q 291 46.34 8.13 14.43
N VAL Q 292 46.70 8.26 15.70
CA VAL Q 292 48.00 7.77 16.16
C VAL Q 292 48.09 6.27 15.99
N CYS Q 293 47.03 5.54 16.34
CA CYS Q 293 47.02 4.10 16.15
C CYS Q 293 47.09 3.73 14.67
N ARG Q 294 46.44 4.52 13.82
CA ARG Q 294 46.45 4.26 12.38
C ARG Q 294 47.86 4.39 11.81
N LEU Q 295 48.61 5.41 12.24
CA LEU Q 295 49.96 5.58 11.73
C LEU Q 295 50.93 4.50 12.21
N ARG Q 296 50.53 3.69 13.19
CA ARG Q 296 51.41 2.65 13.72
C ARG Q 296 51.49 1.42 12.82
N ASN Q 297 50.40 1.08 12.14
CA ASN Q 297 50.29 -0.17 11.39
C ASN Q 297 50.79 -0.06 9.95
N THR Q 298 51.66 0.90 9.67
CA THR Q 298 52.14 1.10 8.30
C THR Q 298 53.19 0.07 7.87
N ALA Q 299 53.69 -0.74 8.80
CA ALA Q 299 54.68 -1.77 8.50
C ALA Q 299 54.04 -3.14 8.64
N SER Q 300 54.13 -3.95 7.59
CA SER Q 300 53.43 -5.23 7.58
C SER Q 300 54.07 -6.26 8.49
N VAL Q 301 55.41 -6.37 8.46
CA VAL Q 301 56.13 -7.38 9.21
C VAL Q 301 56.89 -6.72 10.35
N LYS Q 302 57.04 -7.44 11.45
CA LYS Q 302 57.77 -6.96 12.61
C LYS Q 302 58.65 -8.08 13.15
N VAL Q 303 59.80 -7.69 13.70
CA VAL Q 303 60.81 -8.62 14.18
C VAL Q 303 61.13 -8.30 15.63
N LEU Q 304 61.14 -9.32 16.48
CA LEU Q 304 61.47 -9.16 17.89
C LEU Q 304 62.71 -9.99 18.20
N LEU Q 305 63.75 -9.32 18.71
CA LEU Q 305 65.01 -9.97 19.03
C LEU Q 305 65.11 -10.24 20.52
N GLY Q 306 66.04 -11.13 20.87
CA GLY Q 306 66.27 -11.45 22.27
C GLY Q 306 67.69 -11.95 22.47
N ARG Q 307 68.22 -11.71 23.66
CA ARG Q 307 69.59 -12.09 23.96
C ARG Q 307 69.74 -13.61 24.04
N LYS Q 308 70.87 -14.12 23.57
CA LYS Q 308 71.18 -15.52 23.75
C LYS Q 308 71.43 -15.83 25.22
N SER Q 309 71.06 -17.05 25.62
CA SER Q 309 71.50 -17.59 26.90
C SER Q 309 72.90 -18.16 26.70
N ASP Q 310 73.90 -17.46 27.25
CA ASP Q 310 75.31 -17.73 27.00
C ASP Q 310 75.67 -17.47 25.53
N TYR Q 494 58.21 0.02 6.28
CA TYR Q 494 57.90 -1.25 5.62
C TYR Q 494 58.08 -2.40 6.60
N ASP Q 495 59.27 -2.48 7.21
CA ASP Q 495 59.53 -3.40 8.30
C ASP Q 495 60.00 -2.61 9.52
N ILE Q 496 59.60 -3.07 10.69
CA ILE Q 496 59.95 -2.41 11.96
C ILE Q 496 60.59 -3.44 12.88
N ILE Q 497 61.71 -3.06 13.47
CA ILE Q 497 62.53 -3.95 14.29
C ILE Q 497 62.43 -3.51 15.75
N ASP Q 498 62.20 -4.46 16.63
CA ASP Q 498 62.15 -4.24 18.07
C ASP Q 498 63.35 -4.91 18.72
N VAL Q 499 64.11 -4.14 19.49
CA VAL Q 499 65.34 -4.62 20.12
C VAL Q 499 65.11 -4.61 21.61
N SER Q 500 65.01 -5.80 22.21
CA SER Q 500 64.90 -5.94 23.65
C SER Q 500 66.16 -6.55 24.27
N LYS Q 501 67.30 -6.44 23.60
CA LYS Q 501 68.55 -6.98 24.13
C LYS Q 501 68.95 -6.29 25.42
N SER Q 502 68.80 -4.96 25.45
CA SER Q 502 69.45 -4.15 26.49
C SER Q 502 68.94 -4.48 27.88
N MET Q 503 67.64 -4.67 28.05
CA MET Q 503 67.07 -4.93 29.36
C MET Q 503 66.99 -6.41 29.72
N ASP Q 504 67.36 -7.30 28.80
CA ASP Q 504 67.46 -8.71 29.15
C ASP Q 504 68.73 -8.97 29.94
N ASP Q 505 68.59 -9.62 31.09
CA ASP Q 505 69.73 -10.08 31.88
C ASP Q 505 69.22 -11.15 32.81
N ASP Q 506 69.80 -12.35 32.74
CA ASP Q 506 69.39 -13.50 33.52
C ASP Q 506 67.96 -13.96 33.19
N THR Q 507 67.35 -13.37 32.17
CA THR Q 507 65.96 -13.61 31.82
C THR Q 507 65.86 -14.17 30.41
N TYR Q 508 64.64 -14.55 30.03
CA TYR Q 508 64.35 -15.06 28.71
C TYR Q 508 62.95 -14.63 28.30
N VAL Q 509 62.69 -14.64 27.00
CA VAL Q 509 61.40 -14.25 26.46
C VAL Q 509 60.45 -15.44 26.63
N ALA Q 510 59.60 -15.38 27.66
CA ALA Q 510 58.68 -16.48 27.92
C ALA Q 510 57.60 -16.56 26.86
N ASN Q 511 56.97 -15.44 26.54
CA ASN Q 511 55.91 -15.42 25.53
C ASN Q 511 55.77 -14.01 24.98
N SER Q 512 55.16 -13.93 23.80
CA SER Q 512 54.89 -12.65 23.15
C SER Q 512 53.56 -12.72 22.41
N PHE Q 513 52.93 -11.56 22.27
CA PHE Q 513 51.60 -11.48 21.66
C PHE Q 513 51.57 -10.34 20.65
N GLN Q 514 50.53 -10.35 19.82
CA GLN Q 514 50.26 -9.24 18.91
C GLN Q 514 48.75 -9.08 18.77
N HIS Q 515 48.29 -7.83 18.84
CA HIS Q 515 46.87 -7.51 18.67
C HIS Q 515 46.75 -6.07 18.20
N PRO Q 516 46.63 -5.84 16.88
CA PRO Q 516 46.60 -4.49 16.31
C PRO Q 516 45.25 -3.78 16.41
N TYR Q 517 45.01 -3.17 17.57
CA TYR Q 517 43.76 -2.45 17.81
C TYR Q 517 43.71 -1.15 17.02
N ILE Q 518 42.51 -0.79 16.56
CA ILE Q 518 42.26 0.49 15.91
C ILE Q 518 40.90 1.01 16.35
N PRO Q 519 40.85 2.08 17.14
CA PRO Q 519 39.56 2.63 17.57
C PRO Q 519 38.76 3.17 16.39
N SER Q 520 37.44 3.09 16.50
CA SER Q 520 36.51 3.60 15.50
C SER Q 520 35.74 4.78 16.07
N TYR Q 521 35.49 5.79 15.22
CA TYR Q 521 34.93 7.05 15.69
C TYR Q 521 33.74 7.55 14.88
N ALA Q 522 33.15 6.71 14.02
CA ALA Q 522 32.03 7.17 13.21
C ALA Q 522 30.77 7.35 14.05
N GLN Q 523 30.49 6.40 14.95
CA GLN Q 523 29.28 6.48 15.78
C GLN Q 523 29.31 7.71 16.66
N ASP Q 524 30.48 8.02 17.25
CA ASP Q 524 30.59 9.19 18.09
C ASP Q 524 30.37 10.47 17.30
N LEU Q 525 30.90 10.54 16.09
CA LEU Q 525 30.69 11.72 15.25
C LEU Q 525 29.22 11.90 14.91
N GLU Q 526 28.53 10.81 14.56
CA GLU Q 526 27.10 10.90 14.25
C GLU Q 526 26.31 11.36 15.48
N ARG Q 527 26.61 10.77 16.64
CA ARG Q 527 25.92 11.17 17.87
C ARG Q 527 26.16 12.64 18.19
N LEU Q 528 27.40 13.09 18.03
CA LEU Q 528 27.74 14.47 18.35
C LEU Q 528 27.05 15.45 17.38
N SER Q 529 26.97 15.09 16.10
CA SER Q 529 26.27 15.93 15.15
C SER Q 529 24.80 16.07 15.52
N ARG Q 530 24.14 14.94 15.80
CA ARG Q 530 22.73 14.99 16.17
C ARG Q 530 22.53 15.78 17.46
N LEU Q 531 23.44 15.61 18.43
CA LEU Q 531 23.35 16.34 19.68
C LEU Q 531 23.49 17.84 19.47
N TRP Q 532 24.46 18.26 18.65
CA TRP Q 532 24.63 19.66 18.31
C TRP Q 532 23.34 20.23 17.72
N GLU Q 533 22.79 19.52 16.74
CA GLU Q 533 21.59 20.03 16.06
C GLU Q 533 20.43 20.15 17.03
N HIS Q 534 20.18 19.12 17.84
CA HIS Q 534 19.04 19.15 18.75
C HIS Q 534 19.21 20.25 19.80
N GLU Q 535 20.41 20.39 20.36
CA GLU Q 535 20.63 21.42 21.38
C GLU Q 535 20.43 22.81 20.80
N LEU Q 536 20.96 23.06 19.60
CA LEU Q 536 20.80 24.39 19.01
C LEU Q 536 19.36 24.67 18.60
N VAL Q 537 18.62 23.64 18.17
CA VAL Q 537 17.22 23.85 17.84
C VAL Q 537 16.41 24.18 19.08
N ARG Q 538 16.60 23.42 20.16
CA ARG Q 538 15.76 23.61 21.34
C ARG Q 538 16.14 24.83 22.16
N CYS Q 539 17.42 25.23 22.14
CA CYS Q 539 17.84 26.34 22.99
C CYS Q 539 17.37 27.68 22.42
N PHE Q 540 17.45 27.86 21.11
CA PHE Q 540 17.12 29.13 20.48
C PHE Q 540 15.73 29.16 19.86
N LYS Q 541 14.93 28.11 20.07
CA LYS Q 541 13.55 28.05 19.61
C LYS Q 541 13.45 28.23 18.09
N ILE Q 542 14.12 27.33 17.37
CA ILE Q 542 14.17 27.37 15.92
C ILE Q 542 13.05 26.50 15.36
N LEU Q 543 12.26 27.06 14.46
CA LEU Q 543 11.16 26.35 13.83
C LEU Q 543 11.62 25.77 12.49
N CYS Q 544 11.56 24.45 12.36
CA CYS Q 544 12.02 23.77 11.17
C CYS Q 544 10.82 23.45 10.27
N HIS Q 545 10.80 24.02 9.08
CA HIS Q 545 9.78 23.72 8.09
C HIS Q 545 10.17 22.47 7.32
N ARG Q 546 9.18 21.64 6.99
CA ARG Q 546 9.45 20.37 6.33
C ARG Q 546 8.44 20.14 5.22
N ASN Q 547 8.83 19.30 4.28
CA ASN Q 547 7.99 18.92 3.14
C ASN Q 547 6.99 17.87 3.59
N ASN Q 548 6.33 17.22 2.63
CA ASN Q 548 5.46 16.09 2.97
C ASN Q 548 6.25 14.99 3.67
N GLN Q 549 7.44 14.68 3.15
CA GLN Q 549 8.38 13.81 3.84
C GLN Q 549 9.81 14.32 3.84
N GLY Q 550 10.18 15.19 2.91
CA GLY Q 550 11.51 15.77 2.95
C GLY Q 550 11.70 16.62 4.18
N GLN Q 551 12.92 16.60 4.72
CA GLN Q 551 13.23 17.30 5.96
C GLN Q 551 14.01 18.58 5.67
N GLU Q 552 13.71 19.61 6.46
CA GLU Q 552 14.43 20.89 6.43
C GLU Q 552 14.37 21.54 5.04
N THR Q 553 13.14 21.84 4.61
CA THR Q 553 12.96 22.65 3.42
C THR Q 553 13.46 24.07 3.65
N SER Q 554 13.16 24.65 4.81
CA SER Q 554 13.64 25.97 5.18
C SER Q 554 13.59 26.08 6.69
N ILE Q 555 14.39 27.01 7.22
CA ILE Q 555 14.54 27.20 8.67
C ILE Q 555 14.38 28.68 8.97
N SER Q 556 13.58 29.00 9.99
CA SER Q 556 13.33 30.37 10.38
C SER Q 556 13.01 30.41 11.88
N TYR Q 557 13.01 31.61 12.44
CA TYR Q 557 12.68 31.80 13.84
C TYR Q 557 11.23 31.44 14.13
N SER Q 558 11.00 30.85 15.30
CA SER Q 558 9.65 30.58 15.75
C SER Q 558 8.99 31.86 16.27
N SER Q 559 7.69 31.78 16.55
CA SER Q 559 6.97 32.95 17.03
C SER Q 559 7.47 33.39 18.40
N GLY Q 560 7.94 32.44 19.22
CA GLY Q 560 8.49 32.78 20.52
C GLY Q 560 9.97 33.11 20.51
N ALA Q 561 10.70 32.65 19.49
CA ALA Q 561 12.13 32.95 19.44
C ALA Q 561 12.39 34.43 19.30
N ILE Q 562 11.60 35.12 18.47
CA ILE Q 562 11.81 36.55 18.30
C ILE Q 562 11.41 37.30 19.56
N ALA Q 563 10.35 36.86 20.24
CA ALA Q 563 9.96 37.50 21.50
C ALA Q 563 11.00 37.29 22.58
N ALA Q 564 11.71 36.15 22.56
CA ALA Q 564 12.69 35.86 23.59
C ALA Q 564 14.08 36.41 23.29
N PHE Q 565 14.40 36.68 22.02
CA PHE Q 565 15.74 37.12 21.66
C PHE Q 565 15.79 38.47 20.96
N VAL Q 566 14.90 38.72 20.00
CA VAL Q 566 14.91 40.00 19.30
C VAL Q 566 14.40 41.12 20.22
N ALA Q 567 13.31 40.85 20.94
CA ALA Q 567 12.73 41.88 21.81
C ALA Q 567 13.68 42.35 22.90
N PRO Q 568 14.37 41.48 23.66
CA PRO Q 568 15.36 41.99 24.62
C PRO Q 568 16.46 42.80 23.97
N TYR Q 569 16.88 42.44 22.76
CA TYR Q 569 17.87 43.23 22.05
C TYR Q 569 17.39 44.67 21.86
N PHE Q 570 16.18 44.83 21.32
CA PHE Q 570 15.64 46.17 21.08
C PHE Q 570 15.42 46.92 22.38
N GLU Q 571 14.99 46.23 23.43
CA GLU Q 571 14.54 46.93 24.62
C GLU Q 571 15.65 47.20 25.62
N SER Q 572 16.77 46.48 25.55
CA SER Q 572 17.87 46.72 26.48
C SER Q 572 19.19 47.02 25.79
N VAL Q 573 19.51 46.31 24.70
CA VAL Q 573 20.80 46.51 24.05
C VAL Q 573 20.84 47.88 23.37
N LEU Q 574 19.76 48.25 22.68
CA LEU Q 574 19.67 49.54 22.03
C LEU Q 574 19.01 50.60 22.88
N ARG Q 575 18.22 50.19 23.88
CA ARG Q 575 17.38 51.10 24.66
C ARG Q 575 16.49 51.93 23.73
N ALA Q 576 15.91 51.25 22.74
CA ALA Q 576 15.08 51.93 21.75
C ALA Q 576 13.80 52.45 22.40
N PRO Q 577 13.22 53.52 21.87
CA PRO Q 577 11.98 54.05 22.49
C PRO Q 577 10.81 53.08 22.43
N ARG Q 578 10.44 52.61 21.24
CA ARG Q 578 9.33 51.68 21.12
C ARG Q 578 9.44 50.95 19.79
N VAL Q 579 8.81 49.78 19.72
CA VAL Q 579 8.74 48.99 18.50
C VAL Q 579 7.32 48.52 18.18
N GLY Q 580 6.33 48.93 18.97
CA GLY Q 580 4.96 48.51 18.70
C GLY Q 580 4.75 47.03 19.00
N ALA Q 581 3.63 46.54 18.49
CA ALA Q 581 3.29 45.13 18.68
C ALA Q 581 4.27 44.25 17.90
N PRO Q 582 4.81 43.21 18.52
CA PRO Q 582 5.77 42.35 17.81
C PRO Q 582 5.10 41.58 16.69
N ILE Q 583 5.90 41.25 15.68
CA ILE Q 583 5.45 40.43 14.57
C ILE Q 583 5.39 38.98 15.02
N THR Q 584 4.80 38.11 14.20
CA THR Q 584 4.71 36.69 14.53
C THR Q 584 5.84 35.93 13.84
N GLY Q 585 5.82 34.61 13.98
CA GLY Q 585 6.84 33.77 13.37
C GLY Q 585 6.62 33.48 11.90
N SER Q 586 5.51 33.94 11.34
CA SER Q 586 5.23 33.75 9.91
C SER Q 586 5.55 34.98 9.08
N ASP Q 587 5.59 36.17 9.68
CA ASP Q 587 5.92 37.38 8.94
C ASP Q 587 7.40 37.44 8.58
N VAL Q 588 8.23 36.65 9.24
CA VAL Q 588 9.65 36.58 8.86
C VAL Q 588 9.80 36.04 7.45
N ILE Q 589 8.98 35.05 7.09
CA ILE Q 589 9.05 34.45 5.76
C ILE Q 589 8.70 35.48 4.69
N LEU Q 590 7.71 36.34 4.97
CA LEU Q 590 7.23 37.28 3.98
C LEU Q 590 8.31 38.26 3.57
N GLY Q 591 8.20 38.75 2.33
CA GLY Q 591 9.07 39.80 1.85
C GLY Q 591 8.63 41.16 2.35
N GLU Q 592 9.37 42.19 1.94
CA GLU Q 592 9.07 43.55 2.37
C GLU Q 592 7.71 44.00 1.84
N GLU Q 593 7.44 43.71 0.56
CA GLU Q 593 6.15 44.10 -0.02
C GLU Q 593 4.99 43.37 0.63
N GLU Q 594 5.15 42.06 0.87
CA GLU Q 594 4.09 41.30 1.53
C GLU Q 594 3.85 41.80 2.94
N LEU Q 595 4.93 42.10 3.67
CA LEU Q 595 4.77 42.64 5.03
C LEU Q 595 4.06 43.99 5.00
N TRP Q 596 4.44 44.86 4.07
CA TRP Q 596 3.77 46.15 3.96
C TRP Q 596 2.29 45.98 3.64
N ASP Q 597 1.96 45.06 2.74
CA ASP Q 597 0.56 44.81 2.42
C ASP Q 597 -0.19 44.27 3.63
N ALA Q 598 0.45 43.40 4.41
CA ALA Q 598 -0.19 42.82 5.58
C ALA Q 598 -0.48 43.89 6.63
N VAL Q 599 0.51 44.74 6.92
CA VAL Q 599 0.29 45.79 7.93
C VAL Q 599 -0.67 46.85 7.40
N PHE Q 600 -0.67 47.11 6.09
CA PHE Q 600 -1.50 48.17 5.53
C PHE Q 600 -2.99 47.83 5.64
N LYS Q 601 -3.35 46.55 5.43
CA LYS Q 601 -4.76 46.19 5.40
C LYS Q 601 -5.44 46.40 6.74
N LYS Q 602 -4.77 46.01 7.83
CA LYS Q 602 -5.39 46.03 9.15
C LYS Q 602 -5.12 47.31 9.94
N THR Q 603 -4.49 48.30 9.33
CA THR Q 603 -4.09 49.51 10.06
C THR Q 603 -5.19 50.55 10.00
N ARG Q 604 -4.86 51.77 10.46
CA ARG Q 604 -5.85 52.84 10.57
C ARG Q 604 -6.37 53.28 9.21
N LEU Q 605 -5.50 53.30 8.19
CA LEU Q 605 -5.81 53.98 6.94
C LEU Q 605 -6.98 53.31 6.22
N GLN Q 606 -7.03 51.98 6.22
CA GLN Q 606 -8.01 51.27 5.40
C GLN Q 606 -9.44 51.58 5.81
N THR Q 607 -9.69 51.77 7.10
CA THR Q 607 -11.03 52.12 7.54
C THR Q 607 -11.47 53.45 6.95
N TYR Q 608 -10.59 54.45 6.97
CA TYR Q 608 -10.91 55.73 6.35
C TYR Q 608 -11.12 55.58 4.84
N LEU Q 609 -10.24 54.81 4.18
CA LEU Q 609 -10.32 54.68 2.73
C LEU Q 609 -11.62 54.02 2.30
N THR Q 610 -12.03 52.96 3.01
CA THR Q 610 -13.29 52.30 2.69
C THR Q 610 -14.50 53.08 3.20
N ASP Q 611 -14.30 54.00 4.16
CA ASP Q 611 -15.39 54.86 4.60
C ASP Q 611 -15.71 55.90 3.54
N ILE Q 612 -14.68 56.54 2.97
CA ILE Q 612 -14.93 57.58 1.97
C ILE Q 612 -15.56 56.98 0.72
N ALA Q 613 -15.14 55.78 0.32
CA ALA Q 613 -15.66 55.17 -0.89
C ALA Q 613 -17.17 54.93 -0.80
N ALA Q 614 -17.63 54.44 0.35
CA ALA Q 614 -19.06 54.16 0.51
C ALA Q 614 -19.88 55.44 0.43
N LEU Q 615 -19.43 56.50 1.11
CA LEU Q 615 -20.17 57.76 1.08
C LEU Q 615 -20.18 58.36 -0.31
N PHE Q 616 -19.05 58.30 -1.02
CA PHE Q 616 -18.99 58.84 -2.38
C PHE Q 616 -19.90 58.05 -3.32
N VAL Q 617 -19.91 56.72 -3.18
CA VAL Q 617 -20.77 55.89 -4.03
C VAL Q 617 -22.23 56.18 -3.75
N ALA Q 618 -22.59 56.34 -2.47
CA ALA Q 618 -23.98 56.64 -2.13
C ALA Q 618 -24.40 58.01 -2.66
N ASP Q 619 -23.61 59.04 -2.36
CA ASP Q 619 -23.98 60.42 -2.69
C ASP Q 619 -23.93 60.72 -4.17
N VAL Q 620 -23.39 59.83 -5.00
CA VAL Q 620 -23.23 60.15 -6.41
C VAL Q 620 -24.57 60.16 -7.15
N GLN Q 621 -25.62 59.53 -6.60
CA GLN Q 621 -26.92 59.52 -7.24
C GLN Q 621 -28.04 60.12 -6.42
N HIS Q 622 -27.91 60.20 -5.09
CA HIS Q 622 -28.98 60.82 -4.30
C HIS Q 622 -29.10 62.30 -4.59
N ALA Q 623 -27.99 63.00 -4.77
CA ALA Q 623 -28.01 64.43 -5.07
C ALA Q 623 -28.43 64.66 -6.51
N ASP R 25 21.65 20.44 68.25
CA ASP R 25 20.44 20.16 69.01
C ASP R 25 19.33 19.66 68.10
N GLY R 26 19.71 18.86 67.10
CA GLY R 26 18.79 18.31 66.14
C GLY R 26 18.81 19.00 64.79
N TRP R 27 19.37 20.20 64.71
CA TRP R 27 19.48 20.90 63.44
C TRP R 27 20.48 20.20 62.53
N VAL R 28 20.22 20.25 61.23
CA VAL R 28 21.09 19.65 60.22
C VAL R 28 21.22 20.63 59.07
N LYS R 29 22.44 20.80 58.55
CA LYS R 29 22.64 21.57 57.33
C LYS R 29 22.32 20.69 56.13
N VAL R 30 21.50 21.20 55.22
CA VAL R 30 20.97 20.42 54.11
C VAL R 30 21.47 20.91 52.75
N HIS R 31 21.37 22.21 52.48
CA HIS R 31 21.60 22.64 51.10
C HIS R 31 23.07 22.67 50.70
N PRO R 32 23.95 23.41 51.39
CA PRO R 32 25.30 23.63 50.86
C PRO R 32 26.24 22.44 50.95
N THR R 33 25.75 21.26 51.31
CA THR R 33 26.58 20.07 51.27
C THR R 33 26.97 19.76 49.81
N PRO R 34 28.15 19.18 49.59
CA PRO R 34 28.59 18.92 48.21
C PRO R 34 27.65 18.01 47.42
N GLY R 35 26.96 17.09 48.11
CA GLY R 35 26.03 16.21 47.42
C GLY R 35 24.85 16.93 46.82
N THR R 36 24.70 18.22 47.10
CA THR R 36 23.68 19.07 46.48
C THR R 36 24.24 19.94 45.37
N MET R 37 25.46 20.46 45.54
CA MET R 37 26.14 21.13 44.43
C MET R 37 26.35 20.19 43.25
N LEU R 38 26.53 18.89 43.54
CA LEU R 38 26.70 17.93 42.45
C LEU R 38 25.45 17.86 41.58
N PHE R 39 24.27 18.01 42.17
CA PHE R 39 23.04 17.97 41.38
C PHE R 39 23.00 19.10 40.35
N ARG R 40 23.30 20.32 40.80
CA ARG R 40 23.28 21.45 39.87
C ARG R 40 24.39 21.35 38.83
N GLU R 41 25.58 20.89 39.23
CA GLU R 41 26.64 20.74 38.24
C GLU R 41 26.30 19.64 37.24
N ILE R 42 25.55 18.63 37.67
CA ILE R 42 24.98 17.66 36.72
C ILE R 42 24.02 18.36 35.77
N LEU R 43 23.19 19.25 36.31
CA LEU R 43 22.23 19.97 35.47
C LEU R 43 22.93 20.85 34.45
N HIS R 44 24.14 21.33 34.77
CA HIS R 44 24.93 22.11 33.82
C HIS R 44 25.75 21.24 32.88
N GLY R 45 25.69 19.92 33.00
CA GLY R 45 26.39 19.03 32.09
C GLY R 45 27.80 18.66 32.47
N GLN R 46 28.12 18.59 33.77
CA GLN R 46 29.48 18.22 34.17
C GLN R 46 29.72 16.72 34.16
N LEU R 47 28.66 15.92 34.08
CA LEU R 47 28.79 14.46 33.99
C LEU R 47 28.31 13.93 32.64
N GLY R 48 28.64 14.62 31.56
CA GLY R 48 28.20 14.22 30.24
C GLY R 48 26.88 14.85 29.85
N TYR R 49 26.59 14.80 28.56
CA TYR R 49 25.40 15.42 28.01
C TYR R 49 24.74 14.47 27.02
N THR R 50 23.44 14.65 26.81
CA THR R 50 22.65 13.77 25.99
C THR R 50 21.61 14.59 25.23
N GLU R 51 21.04 13.98 24.18
CA GLU R 51 19.96 14.63 23.45
C GLU R 51 18.71 14.79 24.33
N GLY R 52 18.44 13.80 25.18
CA GLY R 52 17.26 13.87 26.03
C GLY R 52 17.30 15.01 27.01
N GLN R 53 18.48 15.32 27.54
CA GLN R 53 18.62 16.42 28.49
C GLN R 53 18.28 17.77 27.85
N GLY R 54 18.26 17.85 26.52
CA GLY R 54 17.97 19.11 25.85
C GLY R 54 16.52 19.55 25.96
N VAL R 55 15.62 18.66 26.38
CA VAL R 55 14.23 19.07 26.60
C VAL R 55 14.12 20.05 27.76
N TYR R 56 15.09 20.03 28.68
CA TYR R 56 15.05 20.92 29.83
C TYR R 56 15.13 22.39 29.45
N ASN R 57 15.59 22.70 28.23
CA ASN R 57 15.65 24.09 27.80
C ASN R 57 14.27 24.69 27.55
N VAL R 58 13.25 23.86 27.40
CA VAL R 58 11.90 24.35 27.22
C VAL R 58 11.15 24.44 28.55
N VAL R 59 11.54 23.62 29.53
CA VAL R 59 10.90 23.65 30.83
C VAL R 59 11.16 24.99 31.54
N ARG R 60 12.28 25.64 31.21
CA ARG R 60 12.66 26.87 31.86
C ARG R 60 12.14 28.12 31.17
N SER R 61 11.47 27.99 30.03
CA SER R 61 11.04 29.16 29.27
C SER R 61 10.02 29.97 30.06
N SER R 62 10.10 31.29 29.93
CA SER R 62 9.20 32.21 30.61
C SER R 62 8.00 32.60 29.75
N GLU R 63 7.67 31.79 28.75
CA GLU R 63 6.56 32.12 27.87
C GLU R 63 5.22 32.02 28.58
N ALA R 64 5.03 30.97 29.39
CA ALA R 64 3.74 30.77 30.03
C ALA R 64 3.42 31.89 31.02
N THR R 65 4.40 32.31 31.81
CA THR R 65 4.15 33.36 32.79
C THR R 65 3.84 34.68 32.10
N THR R 66 4.53 34.99 31.00
CA THR R 66 4.24 36.22 30.28
C THR R 66 2.85 36.17 29.66
N ARG R 67 2.46 35.02 29.12
CA ARG R 67 1.11 34.88 28.57
C ARG R 67 0.06 35.08 29.66
N GLN R 68 0.27 34.47 30.83
CA GLN R 68 -0.67 34.62 31.94
C GLN R 68 -0.75 36.08 32.39
N LEU R 69 0.40 36.76 32.47
CA LEU R 69 0.41 38.16 32.86
C LEU R 69 -0.34 39.02 31.86
N GLN R 70 -0.13 38.79 30.57
CA GLN R 70 -0.83 39.54 29.54
C GLN R 70 -2.34 39.32 29.63
N ALA R 71 -2.76 38.06 29.83
CA ALA R 71 -4.18 37.77 29.95
C ALA R 71 -4.77 38.46 31.18
N ALA R 72 -4.05 38.44 32.31
CA ALA R 72 -4.54 39.09 33.51
C ALA R 72 -4.69 40.59 33.31
N ILE R 73 -3.70 41.22 32.67
CA ILE R 73 -3.78 42.65 32.42
C ILE R 73 -4.97 42.97 31.51
N PHE R 74 -5.16 42.17 30.46
CA PHE R 74 -6.26 42.42 29.53
C PHE R 74 -7.62 42.27 30.23
N HIS R 75 -7.78 41.22 31.03
CA HIS R 75 -9.03 41.04 31.76
C HIS R 75 -9.28 42.19 32.73
N ALA R 76 -8.24 42.60 33.48
CA ALA R 76 -8.41 43.69 34.43
C ALA R 76 -8.78 44.99 33.72
N LEU R 77 -8.16 45.26 32.57
CA LEU R 77 -8.43 46.51 31.87
C LEU R 77 -9.82 46.52 31.24
N LEU R 78 -10.22 45.42 30.60
CA LEU R 78 -11.50 45.36 29.93
C LEU R 78 -12.68 45.18 30.88
N ASN R 79 -12.45 44.66 32.10
CA ASN R 79 -13.55 44.44 33.03
C ASN R 79 -14.08 45.74 33.61
N ALA R 80 -13.36 46.85 33.46
CA ALA R 80 -13.79 48.14 34.02
C ALA R 80 -14.58 48.97 33.02
N THR R 81 -14.93 48.41 31.87
CA THR R 81 -15.71 49.15 30.88
C THR R 81 -17.10 49.47 31.41
N THR R 82 -17.57 50.68 31.13
CA THR R 82 -18.89 51.14 31.56
C THR R 82 -19.72 51.51 30.34
N TYR R 83 -20.96 51.01 30.31
CA TYR R 83 -21.84 51.24 29.16
C TYR R 83 -22.17 52.71 28.99
N ARG R 84 -22.43 53.41 30.09
CA ARG R 84 -22.92 54.78 30.01
C ARG R 84 -21.90 55.72 29.38
N ASP R 85 -20.66 55.68 29.86
CA ASP R 85 -19.64 56.57 29.32
C ASP R 85 -19.27 56.21 27.89
N LEU R 86 -19.28 54.92 27.55
CA LEU R 86 -19.02 54.52 26.17
C LEU R 86 -20.11 55.03 25.24
N GLU R 87 -21.36 54.92 25.65
CA GLU R 87 -22.44 55.46 24.83
C GLU R 87 -22.34 56.98 24.74
N ALA R 88 -21.90 57.63 25.81
CA ALA R 88 -21.70 59.08 25.77
C ALA R 88 -20.62 59.45 24.76
N ASP R 89 -19.52 58.71 24.73
CA ASP R 89 -18.46 58.97 23.75
C ASP R 89 -18.95 58.73 22.33
N TRP R 90 -19.73 57.66 22.13
CA TRP R 90 -20.29 57.39 20.81
C TRP R 90 -21.21 58.51 20.36
N LEU R 91 -22.06 59.01 21.26
CA LEU R 91 -22.95 60.11 20.92
C LEU R 91 -22.17 61.39 20.63
N GLY R 92 -21.09 61.62 21.38
CA GLY R 92 -20.24 62.76 21.09
C GLY R 92 -19.60 62.67 19.72
N HIS R 93 -19.14 61.47 19.34
CA HIS R 93 -18.60 61.27 18.01
C HIS R 93 -19.66 61.50 16.93
N VAL R 94 -20.88 61.04 17.18
CA VAL R 94 -21.97 61.26 16.23
C VAL R 94 -22.25 62.75 16.07
N ALA R 95 -22.28 63.47 17.19
CA ALA R 95 -22.50 64.91 17.14
C ALA R 95 -21.37 65.61 16.39
N ALA R 96 -20.13 65.16 16.60
CA ALA R 96 -18.99 65.74 15.89
C ALA R 96 -19.11 65.52 14.39
N ARG R 97 -19.52 64.31 13.98
CA ARG R 97 -19.69 64.04 12.55
C ARG R 97 -20.92 64.72 11.97
N GLY R 98 -21.87 65.12 12.81
CA GLY R 98 -23.11 65.70 12.30
C GLY R 98 -23.89 64.73 11.43
N LEU R 99 -23.95 63.47 11.83
CA LEU R 99 -24.61 62.42 11.06
C LEU R 99 -25.72 61.76 11.87
N GLN R 100 -26.51 62.57 12.56
CA GLN R 100 -27.63 62.04 13.32
C GLN R 100 -28.68 61.45 12.38
N PRO R 101 -29.47 60.48 12.86
CA PRO R 101 -30.47 59.86 11.97
C PRO R 101 -31.44 60.85 11.36
N GLN R 102 -31.85 61.88 12.11
CA GLN R 102 -32.75 62.89 11.56
C GLN R 102 -32.13 63.59 10.36
N ARG R 103 -30.91 64.12 10.55
CA ARG R 103 -30.23 64.82 9.46
C ARG R 103 -29.94 63.90 8.29
N LEU R 104 -29.49 62.68 8.58
CA LEU R 104 -29.14 61.75 7.52
C LEU R 104 -30.35 61.38 6.67
N VAL R 105 -31.48 61.10 7.32
CA VAL R 105 -32.70 60.75 6.59
C VAL R 105 -33.23 61.96 5.83
N ARG R 106 -33.23 63.13 6.47
CA ARG R 106 -33.70 64.34 5.78
C ARG R 106 -32.80 64.73 4.61
N ARG R 107 -31.53 64.31 4.62
CA ARG R 107 -30.65 64.59 3.50
C ARG R 107 -30.82 63.59 2.38
N TYR R 108 -30.95 62.30 2.72
CA TYR R 108 -31.00 61.28 1.67
C TYR R 108 -32.35 61.27 0.96
N ARG R 109 -33.45 61.41 1.72
CA ARG R 109 -34.80 61.51 1.16
C ARG R 109 -35.13 60.33 0.24
N ASN R 110 -34.77 59.13 0.66
CA ASN R 110 -35.07 57.93 -0.11
C ASN R 110 -35.50 56.81 0.82
N ALA R 111 -36.23 55.85 0.27
CA ALA R 111 -36.78 54.73 1.02
C ALA R 111 -35.96 53.45 0.84
N ARG R 112 -34.78 53.55 0.25
CA ARG R 112 -33.91 52.38 0.06
C ARG R 112 -33.32 52.00 1.40
N GLU R 113 -33.98 51.04 2.07
CA GLU R 113 -33.59 50.68 3.43
C GLU R 113 -32.21 50.04 3.47
N ALA R 114 -31.89 49.18 2.50
CA ALA R 114 -30.64 48.44 2.53
C ALA R 114 -29.44 49.38 2.46
N ASP R 115 -29.48 50.36 1.55
CA ASP R 115 -28.33 51.25 1.37
C ASP R 115 -28.10 52.11 2.62
N ILE R 116 -29.17 52.69 3.17
CA ILE R 116 -29.01 53.56 4.34
C ILE R 116 -28.60 52.74 5.56
N ALA R 117 -29.15 51.53 5.70
CA ALA R 117 -28.75 50.67 6.81
C ALA R 117 -27.27 50.30 6.71
N GLY R 118 -26.81 49.95 5.51
CA GLY R 118 -25.39 49.65 5.34
C GLY R 118 -24.51 50.86 5.60
N VAL R 119 -24.97 52.04 5.20
CA VAL R 119 -24.20 53.26 5.45
C VAL R 119 -24.05 53.49 6.95
N ALA R 120 -25.16 53.38 7.69
CA ALA R 120 -25.09 53.55 9.14
C ALA R 120 -24.21 52.50 9.79
N GLU R 121 -24.32 51.24 9.32
CA GLU R 121 -23.52 50.17 9.89
C GLU R 121 -22.03 50.41 9.66
N ARG R 122 -21.65 50.88 8.47
CA ARG R 122 -20.25 51.16 8.19
C ARG R 122 -19.75 52.36 8.99
N VAL R 123 -20.60 53.37 9.17
CA VAL R 123 -20.22 54.50 10.00
C VAL R 123 -19.94 54.05 11.43
N PHE R 124 -20.77 53.15 11.95
CA PHE R 124 -20.49 52.58 13.27
C PHE R 124 -19.24 51.72 13.26
N ASP R 125 -19.03 50.97 12.17
CA ASP R 125 -17.94 50.00 12.12
C ASP R 125 -16.58 50.68 12.14
N THR R 126 -16.45 51.83 11.45
CA THR R 126 -15.18 52.55 11.46
C THR R 126 -14.81 52.96 12.89
N TRP R 127 -15.77 53.52 13.62
CA TRP R 127 -15.53 53.92 15.00
C TRP R 127 -15.21 52.70 15.86
N ARG R 128 -15.91 51.59 15.65
CA ARG R 128 -15.67 50.39 16.43
C ARG R 128 -14.24 49.88 16.23
N ASN R 129 -13.79 49.84 14.97
CA ASN R 129 -12.43 49.34 14.70
C ASN R 129 -11.38 50.29 15.26
N THR R 130 -11.58 51.60 15.13
CA THR R 130 -10.61 52.54 15.70
C THR R 130 -10.55 52.40 17.21
N LEU R 131 -11.70 52.21 17.86
CA LEU R 131 -11.72 52.00 19.31
C LEU R 131 -10.97 50.72 19.70
N ARG R 132 -11.18 49.64 18.95
CA ARG R 132 -10.51 48.39 19.29
C ARG R 132 -9.00 48.51 19.14
N THR R 133 -8.53 49.22 18.10
CA THR R 133 -7.09 49.33 17.92
C THR R 133 -6.48 50.28 18.97
N THR R 134 -7.22 51.33 19.36
CA THR R 134 -6.75 52.18 20.44
C THR R 134 -6.62 51.41 21.74
N LEU R 135 -7.62 50.58 22.05
CA LEU R 135 -7.55 49.78 23.27
C LEU R 135 -6.41 48.76 23.21
N LEU R 136 -6.18 48.17 22.03
CA LEU R 136 -5.05 47.26 21.88
C LEU R 136 -3.73 47.97 22.16
N ASP R 137 -3.56 49.18 21.63
CA ASP R 137 -2.32 49.91 21.85
C ASP R 137 -2.14 50.24 23.33
N PHE R 138 -3.20 50.69 24.00
CA PHE R 138 -3.10 50.99 25.42
C PHE R 138 -2.77 49.74 26.22
N ALA R 139 -3.39 48.62 25.88
CA ALA R 139 -3.14 47.38 26.61
C ALA R 139 -1.70 46.92 26.45
N HIS R 140 -1.15 47.02 25.23
CA HIS R 140 0.24 46.67 25.03
C HIS R 140 1.16 47.60 25.82
N GLY R 141 0.84 48.89 25.85
CA GLY R 141 1.62 49.82 26.64
C GLY R 141 1.61 49.47 28.12
N LEU R 142 0.45 49.08 28.64
CA LEU R 142 0.37 48.66 30.04
C LEU R 142 1.17 47.38 30.29
N VAL R 143 1.09 46.43 29.36
CA VAL R 143 1.79 45.16 29.54
C VAL R 143 3.30 45.36 29.52
N ALA R 144 3.79 46.30 28.71
CA ALA R 144 5.23 46.43 28.50
C ALA R 144 6.00 46.71 29.78
N CYS R 145 5.35 47.23 30.82
CA CYS R 145 6.06 47.58 32.05
C CYS R 145 6.43 46.35 32.88
N PHE R 146 5.59 45.33 32.88
CA PHE R 146 5.79 44.17 33.75
C PHE R 146 6.71 43.12 33.13
N ALA R 147 6.51 42.80 31.86
CA ALA R 147 7.11 41.61 31.24
C ALA R 147 8.63 41.51 31.39
N PRO R 148 9.42 42.56 31.15
CA PRO R 148 10.89 42.38 31.26
C PRO R 148 11.35 41.98 32.65
N GLY R 149 10.69 42.44 33.71
CA GLY R 149 11.13 42.18 35.06
C GLY R 149 10.79 40.82 35.61
N GLY R 150 10.06 40.00 34.86
CA GLY R 150 9.69 38.68 35.30
C GLY R 150 10.82 37.67 35.28
N PRO R 151 11.36 37.36 34.09
CA PRO R 151 12.38 36.31 34.00
C PRO R 151 13.68 36.63 34.72
N SER R 152 14.00 37.90 34.96
CA SER R 152 15.26 38.27 35.57
C SER R 152 15.01 39.29 36.68
N GLY R 153 16.02 39.46 37.53
CA GLY R 153 15.92 40.33 38.68
C GLY R 153 15.14 39.67 39.80
N PRO R 154 14.44 40.48 40.59
CA PRO R 154 13.57 39.92 41.63
C PRO R 154 12.51 39.01 41.03
N SER R 155 12.24 37.92 41.73
CA SER R 155 11.22 36.94 41.36
C SER R 155 11.40 36.43 39.93
N SER R 156 12.53 35.77 39.70
CA SER R 156 12.83 35.18 38.41
C SER R 156 12.22 33.79 38.31
N PHE R 157 11.63 33.48 37.14
CA PHE R 157 10.94 32.21 36.94
C PHE R 157 11.87 31.05 36.62
N PRO R 158 12.82 31.18 35.68
CA PRO R 158 13.72 30.03 35.42
C PRO R 158 14.52 29.61 36.64
N LYS R 159 14.94 30.56 37.48
CA LYS R 159 15.59 30.18 38.73
C LYS R 159 14.65 29.37 39.59
N TYR R 160 13.38 29.78 39.68
CA TYR R 160 12.38 29.01 40.42
C TYR R 160 12.24 27.59 39.88
N ILE R 161 12.20 27.45 38.56
CA ILE R 161 12.06 26.12 37.96
C ILE R 161 13.27 25.25 38.29
N ASP R 162 14.49 25.81 38.24
CA ASP R 162 15.64 24.96 38.53
C ASP R 162 15.76 24.66 40.02
N TRP R 163 15.29 25.56 40.89
CA TRP R 163 15.16 25.22 42.31
C TRP R 163 14.26 24.01 42.48
N LEU R 164 13.10 24.02 41.80
CA LEU R 164 12.18 22.89 41.89
C LEU R 164 12.82 21.61 41.35
N THR R 165 13.55 21.72 40.24
CA THR R 165 14.14 20.54 39.61
C THR R 165 15.25 19.94 40.46
N CYS R 166 16.01 20.77 41.17
CA CYS R 166 17.16 20.23 41.90
C CYS R 166 16.76 19.65 43.25
N LEU R 167 15.92 20.35 44.01
CA LEU R 167 15.60 19.91 45.36
C LEU R 167 14.10 19.78 45.62
N GLY R 168 13.31 20.67 45.04
CA GLY R 168 11.92 20.80 45.40
C GLY R 168 11.64 21.92 46.38
N LEU R 169 12.66 22.58 46.90
CA LEU R 169 12.53 23.72 47.79
C LEU R 169 12.77 25.00 47.01
N VAL R 170 12.11 26.08 47.43
CA VAL R 170 12.29 27.39 46.81
C VAL R 170 12.44 28.43 47.90
N PRO R 171 13.64 28.64 48.46
CA PRO R 171 13.82 29.72 49.43
C PRO R 171 13.47 31.06 48.81
N ILE R 172 12.79 31.90 49.60
CA ILE R 172 12.26 33.16 49.11
C ILE R 172 12.57 34.24 50.14
N LEU R 173 13.08 35.38 49.67
CA LEU R 173 13.42 36.51 50.52
C LEU R 173 12.49 37.67 50.22
N ARG R 174 11.98 38.31 51.27
CA ARG R 174 10.96 39.36 51.11
C ARG R 174 11.39 40.64 51.81
N LYS R 175 11.08 41.77 51.18
CA LYS R 175 11.25 43.09 51.77
C LYS R 175 10.24 44.04 51.14
N ARG R 176 9.69 44.93 51.96
CA ARG R 176 8.68 45.88 51.51
C ARG R 176 9.36 47.16 51.05
N GLN R 177 9.38 47.39 49.74
CA GLN R 177 9.99 48.57 49.17
C GLN R 177 9.44 48.79 47.77
N GLU R 178 9.66 49.99 47.25
CA GLU R 178 9.27 50.34 45.89
C GLU R 178 10.47 50.26 44.96
N GLY R 179 10.22 49.92 43.70
CA GLY R 179 11.28 49.65 42.76
C GLY R 179 10.95 50.02 41.34
N GLY R 180 11.70 49.46 40.39
CA GLY R 180 11.60 49.93 39.01
C GLY R 180 10.21 49.78 38.42
N VAL R 181 9.49 48.72 38.81
CA VAL R 181 8.17 48.48 38.23
C VAL R 181 7.19 49.58 38.62
N THR R 182 7.21 50.00 39.88
CA THR R 182 6.28 51.03 40.34
C THR R 182 6.59 52.38 39.69
N GLN R 183 7.87 52.75 39.61
CA GLN R 183 8.22 53.99 38.94
C GLN R 183 7.87 53.94 37.46
N GLY R 184 8.05 52.78 36.82
CA GLY R 184 7.66 52.64 35.43
C GLY R 184 6.18 52.85 35.23
N LEU R 185 5.35 52.24 36.08
CA LEU R 185 3.90 52.43 35.98
C LEU R 185 3.52 53.89 36.22
N ARG R 186 4.14 54.52 37.22
CA ARG R 186 3.82 55.93 37.50
C ARG R 186 4.21 56.82 36.33
N ALA R 187 5.37 56.59 35.73
CA ALA R 187 5.80 57.40 34.60
C ALA R 187 4.92 57.18 33.38
N PHE R 188 4.50 55.93 33.15
CA PHE R 188 3.72 55.65 31.95
C PHE R 188 2.28 56.14 32.07
N LEU R 189 1.65 55.96 33.22
CA LEU R 189 0.22 56.20 33.33
C LEU R 189 -0.11 57.68 33.47
N LYS R 190 0.63 58.41 34.31
CA LYS R 190 0.22 59.76 34.71
C LYS R 190 0.29 60.77 33.57
N GLN R 191 0.95 60.45 32.45
CA GLN R 191 1.01 61.39 31.33
C GLN R 191 0.80 60.69 30.00
N HIS R 192 -0.15 59.75 29.94
CA HIS R 192 -0.49 59.08 28.69
C HIS R 192 -1.65 59.82 28.02
N PRO R 193 -1.52 60.27 26.78
CA PRO R 193 -2.56 61.11 26.18
C PRO R 193 -3.91 60.42 26.00
N LEU R 194 -3.93 59.08 25.94
CA LEU R 194 -5.19 58.38 25.66
C LEU R 194 -6.22 58.61 26.76
N THR R 195 -5.77 58.82 28.00
CA THR R 195 -6.71 59.05 29.10
C THR R 195 -7.52 60.32 28.87
N ARG R 196 -6.85 61.41 28.50
CA ARG R 196 -7.56 62.65 28.21
C ARG R 196 -8.36 62.57 26.92
N GLN R 197 -7.98 61.67 26.01
CA GLN R 197 -8.66 61.58 24.73
C GLN R 197 -10.04 60.94 24.86
N LEU R 198 -10.14 59.87 25.65
CA LEU R 198 -11.38 59.12 25.79
C LEU R 198 -11.77 59.04 27.26
N ALA R 199 -13.03 59.35 27.56
CA ALA R 199 -13.51 59.27 28.94
C ALA R 199 -13.56 57.82 29.42
N THR R 200 -14.00 56.90 28.56
CA THR R 200 -14.12 55.50 28.95
C THR R 200 -12.75 54.91 29.29
N VAL R 201 -11.74 55.21 28.48
CA VAL R 201 -10.40 54.67 28.72
C VAL R 201 -9.85 55.19 30.04
N ALA R 202 -9.99 56.49 30.28
CA ALA R 202 -9.50 57.07 31.53
C ALA R 202 -10.25 56.49 32.74
N GLU R 203 -11.56 56.31 32.63
CA GLU R 203 -12.33 55.74 33.72
C GLU R 203 -11.89 54.31 34.02
N ALA R 204 -11.70 53.50 32.98
CA ALA R 204 -11.24 52.13 33.19
C ALA R 204 -9.84 52.11 33.79
N ALA R 205 -8.96 52.98 33.31
CA ALA R 205 -7.59 53.02 33.84
C ALA R 205 -7.57 53.41 35.31
N GLU R 206 -8.35 54.43 35.69
CA GLU R 206 -8.36 54.84 37.09
C GLU R 206 -9.05 53.82 37.98
N ARG R 207 -10.02 53.07 37.43
CA ARG R 207 -10.69 52.05 38.24
C ARG R 207 -9.79 50.84 38.46
N ALA R 208 -9.08 50.39 37.43
CA ALA R 208 -8.22 49.22 37.54
C ALA R 208 -6.81 49.57 38.00
N GLY R 209 -6.50 50.85 38.21
CA GLY R 209 -5.16 51.27 38.56
C GLY R 209 -4.60 50.68 39.85
N PRO R 210 -5.36 50.73 40.95
CA PRO R 210 -4.83 50.19 42.21
C PRO R 210 -4.36 48.74 42.13
N GLY R 211 -5.09 47.90 41.40
CA GLY R 211 -4.66 46.52 41.25
C GLY R 211 -3.32 46.40 40.56
N PHE R 212 -3.07 47.25 39.55
CA PHE R 212 -1.78 47.25 38.89
C PHE R 212 -0.66 47.63 39.86
N PHE R 213 -0.91 48.61 40.72
CA PHE R 213 0.10 49.01 41.70
C PHE R 213 0.37 47.90 42.71
N GLU R 214 -0.68 47.21 43.16
CA GLU R 214 -0.49 46.08 44.07
C GLU R 214 0.33 44.98 43.40
N LEU R 215 0.02 44.68 42.13
CA LEU R 215 0.79 43.66 41.42
C LEU R 215 2.23 44.08 41.23
N ALA R 216 2.48 45.36 40.96
CA ALA R 216 3.84 45.86 40.82
C ALA R 216 4.61 45.72 42.13
N LEU R 217 3.97 46.06 43.25
CA LEU R 217 4.61 45.89 44.55
C LEU R 217 4.90 44.42 44.81
N ALA R 218 3.99 43.53 44.43
CA ALA R 218 4.22 42.11 44.59
C ALA R 218 5.42 41.65 43.76
N PHE R 219 5.54 42.14 42.53
CA PHE R 219 6.69 41.82 41.70
C PHE R 219 7.98 42.31 42.33
N ASP R 220 7.96 43.51 42.91
CA ASP R 220 9.18 44.07 43.49
C ASP R 220 9.61 43.30 44.74
N SER R 221 8.67 43.06 45.66
CA SER R 221 9.05 42.69 47.02
C SER R 221 9.82 41.38 47.06
N THR R 222 9.32 40.36 46.38
CA THR R 222 9.94 39.04 46.49
C THR R 222 11.24 38.97 45.69
N ARG R 223 12.08 38.01 46.06
CA ARG R 223 13.30 37.73 45.32
C ARG R 223 13.76 36.33 45.69
N VAL R 224 13.77 35.43 44.70
CA VAL R 224 14.25 34.07 44.92
C VAL R 224 15.75 34.10 45.10
N ALA R 225 16.24 33.34 46.07
CA ALA R 225 17.66 33.35 46.43
C ALA R 225 18.50 32.77 45.30
N ASP R 226 19.82 32.93 45.45
CA ASP R 226 20.79 32.37 44.51
C ASP R 226 21.29 31.02 45.02
N TYR R 227 21.55 30.11 44.08
CA TYR R 227 21.82 28.71 44.43
C TYR R 227 23.14 28.51 45.17
N ASP R 228 24.06 29.46 45.08
CA ASP R 228 25.39 29.27 45.67
C ASP R 228 25.58 30.00 46.99
N ARG R 229 24.74 30.98 47.30
CA ARG R 229 24.91 31.82 48.48
C ARG R 229 24.12 31.35 49.70
N VAL R 230 22.90 30.85 49.49
CA VAL R 230 21.96 30.73 50.61
C VAL R 230 22.30 29.52 51.49
N TYR R 231 21.82 29.58 52.73
CA TYR R 231 21.96 28.53 53.72
C TYR R 231 20.58 28.03 54.10
N ILE R 232 20.41 26.71 54.16
CA ILE R 232 19.13 26.11 54.53
C ILE R 232 19.37 25.07 55.63
N TYR R 233 18.54 25.11 56.66
CA TYR R 233 18.64 24.20 57.80
C TYR R 233 17.31 23.49 58.01
N TYR R 234 17.39 22.21 58.39
CA TYR R 234 16.22 21.37 58.59
C TYR R 234 16.34 20.63 59.91
N ASN R 235 15.26 20.63 60.70
CA ASN R 235 15.21 19.96 61.99
C ASN R 235 14.10 18.93 61.96
N HIS R 236 14.46 17.65 62.16
CA HIS R 236 13.50 16.57 62.02
C HIS R 236 12.40 16.68 63.07
N ARG R 237 12.77 16.81 64.35
CA ARG R 237 11.83 16.60 65.44
C ARG R 237 10.64 17.55 65.39
N ARG R 238 10.77 18.69 64.73
CA ARG R 238 9.64 19.60 64.55
C ARG R 238 9.20 19.73 63.10
N GLY R 239 10.10 19.55 62.14
CA GLY R 239 9.75 19.66 60.74
C GLY R 239 9.57 21.07 60.24
N ASP R 240 10.41 22.01 60.69
CA ASP R 240 10.38 23.38 60.23
C ASP R 240 11.73 23.76 59.61
N TRP R 241 11.72 24.81 58.80
CA TRP R 241 12.88 25.21 58.03
C TRP R 241 13.38 26.57 58.49
N LEU R 242 14.71 26.72 58.54
CA LEU R 242 15.36 27.99 58.82
C LEU R 242 16.32 28.27 57.67
N VAL R 243 15.99 29.26 56.85
CA VAL R 243 16.79 29.62 55.69
C VAL R 243 17.42 30.99 55.93
N ARG R 244 18.73 31.05 55.73
CA ARG R 244 19.52 32.22 56.08
C ARG R 244 20.37 32.66 54.89
N ASP R 245 20.49 33.98 54.72
CA ASP R 245 21.39 34.56 53.74
C ASP R 245 22.65 35.01 54.46
N PRO R 246 23.80 34.39 54.21
CA PRO R 246 24.99 34.68 55.04
C PRO R 246 25.61 36.05 54.79
N ILE R 247 25.43 36.63 53.60
CA ILE R 247 26.08 37.90 53.30
C ILE R 247 25.42 39.04 54.07
N SER R 248 24.13 39.28 53.81
CA SER R 248 23.40 40.36 54.46
C SER R 248 22.80 39.96 55.80
N GLY R 249 22.80 38.68 56.15
CA GLY R 249 22.17 38.23 57.37
C GLY R 249 20.65 38.20 57.33
N GLN R 250 20.06 38.29 56.14
CA GLN R 250 18.60 38.36 56.02
C GLN R 250 17.98 36.98 56.18
N ARG R 251 16.87 36.93 56.90
CA ARG R 251 16.14 35.69 57.14
C ARG R 251 15.05 35.53 56.08
N GLY R 252 14.96 34.34 55.51
CA GLY R 252 14.04 34.06 54.43
C GLY R 252 12.81 33.31 54.87
N GLU R 253 12.20 32.61 53.91
CA GLU R 253 10.97 31.86 54.15
C GLU R 253 10.91 30.72 53.16
N CYS R 254 11.23 29.51 53.63
CA CYS R 254 11.40 28.37 52.75
C CYS R 254 10.04 27.79 52.34
N LEU R 255 9.87 27.59 51.04
CA LEU R 255 8.70 26.95 50.48
C LEU R 255 9.03 25.51 50.11
N VAL R 256 8.07 24.61 50.29
CA VAL R 256 8.24 23.21 49.96
C VAL R 256 7.05 22.76 49.12
N LEU R 257 7.34 22.07 48.01
CA LEU R 257 6.32 21.57 47.10
C LEU R 257 6.23 20.06 47.10
N TRP R 258 7.37 19.38 47.04
CA TRP R 258 7.44 17.92 47.13
C TRP R 258 8.31 17.57 48.33
N PRO R 259 7.70 17.28 49.49
CA PRO R 259 8.47 17.17 50.73
C PRO R 259 9.45 16.02 50.70
N PRO R 260 10.60 16.17 51.35
CA PRO R 260 11.63 15.13 51.33
C PRO R 260 11.36 14.05 52.38
N LEU R 261 12.29 13.11 52.46
CA LEU R 261 12.21 11.97 53.37
C LEU R 261 13.48 11.88 54.20
N TRP R 262 13.33 11.59 55.48
CA TRP R 262 14.44 11.52 56.41
C TRP R 262 14.63 10.07 56.85
N THR R 263 15.82 9.53 56.66
CA THR R 263 16.09 8.11 56.87
C THR R 263 17.36 7.93 57.71
N GLY R 264 17.46 8.66 58.81
CA GLY R 264 18.61 8.55 59.69
C GLY R 264 19.64 9.60 59.40
N ASP R 265 20.89 9.17 59.18
CA ASP R 265 21.95 10.12 58.87
C ASP R 265 21.93 10.47 57.38
N ARG R 266 20.75 10.83 56.88
CA ARG R 266 20.57 11.13 55.47
C ARG R 266 19.39 12.09 55.33
N LEU R 267 19.13 12.49 54.09
CA LEU R 267 17.90 13.20 53.74
C LEU R 267 17.73 13.05 52.24
N VAL R 268 16.67 12.36 51.83
CA VAL R 268 16.45 12.01 50.43
C VAL R 268 15.31 12.85 49.89
N PHE R 269 15.61 13.68 48.89
CA PHE R 269 14.59 14.47 48.23
C PHE R 269 13.89 13.62 47.17
N ASP R 270 12.84 14.18 46.59
CA ASP R 270 12.10 13.52 45.52
C ASP R 270 12.06 14.39 44.28
N SER R 271 13.17 15.06 43.98
CA SER R 271 13.33 15.83 42.76
C SER R 271 13.71 14.89 41.62
N PRO R 272 13.43 15.29 40.37
CA PRO R 272 13.77 14.42 39.23
C PRO R 272 15.25 14.05 39.16
N VAL R 273 16.14 14.98 39.52
CA VAL R 273 17.56 14.70 39.48
C VAL R 273 17.93 13.65 40.53
N GLN R 274 17.27 13.67 41.68
CA GLN R 274 17.53 12.67 42.71
C GLN R 274 17.12 11.28 42.23
N ARG R 275 15.98 11.17 41.54
CA ARG R 275 15.56 9.89 41.00
C ARG R 275 16.50 9.42 39.90
N LEU R 276 16.98 10.33 39.07
CA LEU R 276 17.85 9.98 37.94
C LEU R 276 19.31 9.85 38.33
N PHE R 277 19.68 10.15 39.58
CA PHE R 277 21.10 10.29 39.92
C PHE R 277 21.91 9.01 39.76
N PRO R 278 21.50 7.85 40.31
CA PRO R 278 22.39 6.67 40.21
C PRO R 278 22.67 6.22 38.78
N GLU R 279 21.68 6.33 37.88
CA GLU R 279 21.84 5.84 36.52
C GLU R 279 22.93 6.60 35.78
N ILE R 280 22.92 7.93 35.89
CA ILE R 280 23.90 8.74 35.18
C ILE R 280 25.29 8.53 35.77
N VAL R 281 25.39 8.32 37.08
CA VAL R 281 26.68 8.03 37.70
C VAL R 281 27.24 6.72 37.17
N ALA R 282 26.39 5.69 37.07
CA ALA R 282 26.84 4.41 36.53
C ALA R 282 27.30 4.55 35.08
N CYS R 283 26.55 5.28 34.27
CA CYS R 283 26.94 5.48 32.88
C CYS R 283 28.26 6.23 32.77
N HIS R 284 28.44 7.27 33.58
CA HIS R 284 29.69 8.04 33.57
C HIS R 284 30.88 7.17 33.97
N SER R 285 30.71 6.35 35.01
CA SER R 285 31.80 5.47 35.42
C SER R 285 32.12 4.44 34.36
N LEU R 286 31.09 3.91 33.69
CA LEU R 286 31.33 2.96 32.60
C LEU R 286 32.11 3.61 31.47
N ARG R 287 31.75 4.84 31.11
CA ARG R 287 32.47 5.52 30.03
C ARG R 287 33.93 5.78 30.42
N GLU R 288 34.17 6.18 31.68
CA GLU R 288 35.54 6.41 32.12
C GLU R 288 36.36 5.13 32.09
N HIS R 289 35.78 4.02 32.54
CA HIS R 289 36.50 2.75 32.49
C HIS R 289 36.77 2.33 31.04
N ALA R 290 35.81 2.57 30.15
CA ALA R 290 36.03 2.25 28.74
C ALA R 290 37.17 3.07 28.15
N HIS R 291 37.25 4.35 28.51
CA HIS R 291 38.37 5.17 28.06
C HIS R 291 39.69 4.64 28.59
N VAL R 292 39.74 4.27 29.87
CA VAL R 292 40.97 3.74 30.45
C VAL R 292 41.40 2.46 29.74
N CYS R 293 40.45 1.56 29.48
CA CYS R 293 40.78 0.33 28.75
C CYS R 293 41.23 0.65 27.33
N ARG R 294 40.65 1.69 26.71
CA ARG R 294 41.04 2.06 25.36
C ARG R 294 42.48 2.53 25.31
N LEU R 295 42.92 3.32 26.30
CA LEU R 295 44.29 3.81 26.29
C LEU R 295 45.32 2.69 26.51
N ARG R 296 44.88 1.52 26.98
CA ARG R 296 45.81 0.43 27.27
C ARG R 296 46.27 -0.30 26.01
N ASN R 297 45.41 -0.42 25.01
CA ASN R 297 45.66 -1.24 23.84
C ASN R 297 46.45 -0.51 22.75
N THR R 298 47.19 0.53 23.09
CA THR R 298 47.88 1.32 22.08
C THR R 298 49.16 0.66 21.59
N ALA R 299 49.64 -0.38 22.27
CA ALA R 299 50.85 -1.09 21.88
C ALA R 299 50.47 -2.42 21.24
N SER R 300 50.99 -2.68 20.05
CA SER R 300 50.57 -3.85 19.30
C SER R 300 51.17 -5.13 19.87
N VAL R 301 52.45 -5.12 20.23
CA VAL R 301 53.14 -6.31 20.69
C VAL R 301 53.51 -6.16 22.16
N LYS R 302 53.57 -7.29 22.85
CA LYS R 302 53.91 -7.32 24.27
C LYS R 302 54.85 -8.47 24.53
N VAL R 303 55.71 -8.32 25.53
CA VAL R 303 56.74 -9.30 25.86
C VAL R 303 56.64 -9.61 27.35
N LEU R 304 56.78 -10.89 27.69
CA LEU R 304 56.77 -11.35 29.08
C LEU R 304 58.06 -12.11 29.35
N LEU R 305 58.73 -11.76 30.44
CA LEU R 305 60.02 -12.34 30.80
C LEU R 305 59.88 -13.21 32.05
N GLY R 306 61.00 -13.81 32.44
CA GLY R 306 61.02 -14.64 33.62
C GLY R 306 62.43 -15.12 33.90
N ARG R 307 62.60 -15.72 35.08
CA ARG R 307 63.91 -16.17 35.54
C ARG R 307 64.30 -17.48 34.87
N LYS R 308 65.60 -17.62 34.59
CA LYS R 308 66.12 -18.93 34.21
C LYS R 308 66.15 -19.84 35.43
N SER R 309 65.71 -21.08 35.23
CA SER R 309 65.90 -22.10 36.27
C SER R 309 67.38 -22.42 36.31
N ASP R 310 68.07 -21.88 37.32
CA ASP R 310 69.53 -21.87 37.41
C ASP R 310 70.13 -21.05 36.27
N TYR R 494 54.47 1.55 21.07
CA TYR R 494 54.50 0.60 19.96
C TYR R 494 54.94 -0.79 20.43
N ASP R 495 55.62 -0.84 21.58
CA ASP R 495 55.84 -2.10 22.29
C ASP R 495 55.91 -1.81 23.78
N ILE R 496 55.46 -2.78 24.57
CA ILE R 496 55.52 -2.70 26.03
C ILE R 496 56.02 -4.03 26.56
N ILE R 497 57.01 -3.99 27.45
CA ILE R 497 57.61 -5.18 28.03
C ILE R 497 57.17 -5.31 29.48
N ASP R 498 56.84 -6.53 29.88
CA ASP R 498 56.41 -6.84 31.25
C ASP R 498 57.49 -7.69 31.91
N VAL R 499 58.03 -7.21 33.02
CA VAL R 499 59.10 -7.89 33.73
C VAL R 499 58.50 -8.50 34.99
N SER R 500 58.33 -9.82 34.97
CA SER R 500 57.89 -10.57 36.14
C SER R 500 59.04 -11.33 36.80
N LYS R 501 60.29 -10.93 36.51
CA LYS R 501 61.45 -11.63 37.05
C LYS R 501 61.59 -11.43 38.55
N SER R 502 61.19 -10.26 39.06
CA SER R 502 61.51 -9.89 40.44
C SER R 502 60.87 -10.85 41.44
N MET R 503 59.63 -11.25 41.20
CA MET R 503 58.90 -12.05 42.18
C MET R 503 59.04 -13.55 41.97
N ASP R 504 59.75 -13.99 40.94
CA ASP R 504 59.99 -15.42 40.77
C ASP R 504 61.03 -15.92 41.77
N ASP R 505 60.73 -17.05 42.40
CA ASP R 505 61.68 -17.74 43.26
C ASP R 505 61.18 -19.16 43.46
N ASP R 506 61.98 -20.14 43.05
CA ASP R 506 61.58 -21.56 43.05
C ASP R 506 60.31 -21.77 42.26
N THR R 507 60.00 -20.88 41.30
CA THR R 507 58.75 -20.92 40.57
C THR R 507 59.03 -20.72 39.09
N TYR R 508 58.09 -21.17 38.26
CA TYR R 508 58.19 -21.04 36.81
C TYR R 508 56.85 -20.58 36.26
N VAL R 509 56.89 -19.97 35.07
CA VAL R 509 55.68 -19.48 34.42
C VAL R 509 54.97 -20.70 33.84
N ALA R 510 53.93 -21.16 34.53
CA ALA R 510 53.21 -22.36 34.08
C ALA R 510 52.41 -22.06 32.82
N ASN R 511 51.68 -20.94 32.81
CA ASN R 511 50.87 -20.58 31.65
C ASN R 511 50.61 -19.09 31.68
N SER R 512 50.27 -18.54 30.51
CA SER R 512 49.94 -17.14 30.37
C SER R 512 48.84 -16.97 29.33
N PHE R 513 48.05 -15.92 29.48
CA PHE R 513 46.88 -15.69 28.63
C PHE R 513 46.87 -14.25 28.15
N GLN R 514 45.95 -13.96 27.23
CA GLN R 514 45.68 -12.60 26.80
C GLN R 514 44.22 -12.49 26.38
N HIS R 515 43.57 -11.40 26.80
CA HIS R 515 42.19 -11.11 26.40
C HIS R 515 41.98 -9.61 26.48
N PRO R 516 42.08 -8.90 25.35
CA PRO R 516 41.94 -7.43 25.33
C PRO R 516 40.49 -6.96 25.34
N TYR R 517 39.90 -6.91 26.54
CA TYR R 517 38.51 -6.50 26.69
C TYR R 517 38.36 -4.99 26.54
N ILE R 518 37.28 -4.58 25.90
CA ILE R 518 36.93 -3.17 25.77
C ILE R 518 35.42 -3.02 25.98
N PRO R 519 34.99 -2.42 27.10
CA PRO R 519 33.56 -2.23 27.33
C PRO R 519 32.94 -1.29 26.30
N SER R 520 31.68 -1.55 25.97
CA SER R 520 30.91 -0.75 25.04
C SER R 520 29.82 0.02 25.80
N TYR R 521 29.61 1.29 25.41
CA TYR R 521 28.74 2.18 26.17
C TYR R 521 27.69 2.87 25.32
N ALA R 522 27.41 2.40 24.10
CA ALA R 522 26.42 3.07 23.26
C ALA R 522 25.00 2.82 23.76
N GLN R 523 24.70 1.56 24.12
CA GLN R 523 23.35 1.22 24.57
C GLN R 523 22.99 1.98 25.83
N ASP R 524 23.93 2.09 26.77
CA ASP R 524 23.66 2.81 28.01
C ASP R 524 23.38 4.28 27.74
N LEU R 525 24.14 4.90 26.84
CA LEU R 525 23.92 6.31 26.50
C LEU R 525 22.55 6.51 25.87
N GLU R 526 22.16 5.63 24.93
CA GLU R 526 20.86 5.75 24.30
C GLU R 526 19.73 5.58 25.33
N ARG R 527 19.85 4.56 26.19
CA ARG R 527 18.83 4.33 27.21
C ARG R 527 18.72 5.51 28.15
N LEU R 528 19.87 6.07 28.55
CA LEU R 528 19.86 7.19 29.48
C LEU R 528 19.26 8.44 28.85
N SER R 529 19.53 8.67 27.56
CA SER R 529 18.92 9.80 26.86
C SER R 529 17.40 9.65 26.82
N ARG R 530 16.92 8.47 26.46
CA ARG R 530 15.47 8.24 26.41
C ARG R 530 14.85 8.39 27.79
N LEU R 531 15.54 7.88 28.82
CA LEU R 531 15.03 7.99 30.18
C LEU R 531 14.94 9.45 30.63
N TRP R 532 15.98 10.24 30.35
CA TRP R 532 15.95 11.67 30.64
C TRP R 532 14.75 12.33 29.99
N GLU R 533 14.56 12.05 28.69
CA GLU R 533 13.47 12.70 27.97
C GLU R 533 12.11 12.33 28.56
N HIS R 534 11.89 11.04 28.81
CA HIS R 534 10.59 10.61 29.34
C HIS R 534 10.34 11.17 30.73
N GLU R 535 11.37 11.16 31.59
CA GLU R 535 11.21 11.71 32.93
C GLU R 535 10.84 13.18 32.89
N LEU R 536 11.55 13.96 32.06
CA LEU R 536 11.25 15.39 32.00
C LEU R 536 9.90 15.68 31.37
N VAL R 537 9.47 14.87 30.40
CA VAL R 537 8.16 15.07 29.80
C VAL R 537 7.05 14.77 30.80
N ARG R 538 7.17 13.65 31.52
CA ARG R 538 6.06 13.24 32.39
C ARG R 538 6.03 14.00 33.70
N CYS R 539 7.18 14.45 34.22
CA CYS R 539 7.18 15.12 35.52
C CYS R 539 6.60 16.53 35.43
N PHE R 540 6.95 17.27 34.38
CA PHE R 540 6.52 18.65 34.23
C PHE R 540 5.32 18.80 33.29
N LYS R 541 4.75 17.70 32.82
CA LYS R 541 3.54 17.70 32.00
C LYS R 541 3.72 18.56 30.73
N ILE R 542 4.67 18.13 29.91
CA ILE R 542 5.02 18.82 28.67
C ILE R 542 4.22 18.21 27.53
N LEU R 543 3.55 19.07 26.76
CA LEU R 543 2.77 18.63 25.62
C LEU R 543 3.61 18.70 24.35
N CYS R 544 3.81 17.55 23.71
CA CYS R 544 4.64 17.44 22.52
C CYS R 544 3.76 17.46 21.28
N HIS R 545 3.86 18.51 20.49
CA HIS R 545 3.18 18.58 19.20
C HIS R 545 3.99 17.82 18.16
N ARG R 546 3.28 17.14 17.25
CA ARG R 546 3.92 16.30 16.26
C ARG R 546 3.25 16.50 14.91
N ASN R 547 4.00 16.14 13.86
CA ASN R 547 3.51 16.22 12.49
C ASN R 547 2.62 15.01 12.21
N ASN R 548 2.31 14.77 10.94
CA ASN R 548 1.61 13.54 10.56
C ASN R 548 2.41 12.32 10.99
N GLN R 549 3.71 12.33 10.73
CA GLN R 549 4.62 11.33 11.28
C GLN R 549 5.90 11.91 11.87
N GLY R 550 6.29 13.13 11.50
CA GLY R 550 7.48 13.72 12.08
C GLY R 550 7.31 13.97 13.56
N GLN R 551 8.39 13.76 14.31
CA GLN R 551 8.37 13.87 15.76
C GLN R 551 8.84 15.24 16.22
N GLU R 552 8.13 15.80 17.20
CA GLU R 552 8.50 17.04 17.87
C GLU R 552 8.59 18.21 16.88
N THR R 553 7.44 18.54 16.29
CA THR R 553 7.34 19.77 15.52
C THR R 553 7.55 21.00 16.40
N SER R 554 6.95 20.98 17.59
CA SER R 554 7.12 22.06 18.56
C SER R 554 6.75 21.53 19.94
N ILE R 555 7.19 22.24 20.96
CA ILE R 555 7.01 21.84 22.36
C ILE R 555 6.48 23.02 23.15
N SER R 556 5.45 22.79 23.96
CA SER R 556 4.86 23.83 24.78
C SER R 556 4.24 23.19 26.02
N TYR R 557 3.87 24.04 26.98
CA TYR R 557 3.23 23.57 28.20
C TYR R 557 1.85 22.99 27.90
N SER R 558 1.46 21.98 28.66
CA SER R 558 0.12 21.43 28.58
C SER R 558 -0.85 22.31 29.35
N SER R 559 -2.15 22.02 29.20
CA SER R 559 -3.16 22.81 29.88
C SER R 559 -3.07 22.65 31.40
N GLY R 560 -2.64 21.47 31.87
CA GLY R 560 -2.48 21.25 33.29
C GLY R 560 -1.14 21.65 33.84
N ALA R 561 -0.11 21.74 32.98
CA ALA R 561 1.21 22.11 33.46
C ALA R 561 1.23 23.53 34.00
N ILE R 562 0.55 24.45 33.32
CA ILE R 562 0.52 25.83 33.80
C ILE R 562 -0.28 25.93 35.09
N ALA R 563 -1.35 25.16 35.23
CA ALA R 563 -2.10 25.17 36.47
C ALA R 563 -1.30 24.56 37.62
N ALA R 564 -0.41 23.61 37.32
CA ALA R 564 0.36 22.95 38.37
C ALA R 564 1.63 23.71 38.73
N PHE R 565 2.19 24.50 37.81
CA PHE R 565 3.46 25.15 38.07
C PHE R 565 3.39 26.67 38.00
N VAL R 566 2.72 27.22 36.99
CA VAL R 566 2.62 28.68 36.87
C VAL R 566 1.72 29.24 37.96
N ALA R 567 0.60 28.59 38.23
CA ALA R 567 -0.35 29.08 39.23
C ALA R 567 0.25 29.13 40.63
N PRO R 568 0.92 28.09 41.15
CA PRO R 568 1.55 28.24 42.47
C PRO R 568 2.59 29.34 42.52
N TYR R 569 3.29 29.59 41.42
CA TYR R 569 4.24 30.70 41.38
C TYR R 569 3.56 32.02 41.72
N PHE R 570 2.48 32.34 40.99
CA PHE R 570 1.76 33.59 41.23
C PHE R 570 1.10 33.59 42.61
N GLU R 571 0.65 32.43 43.08
CA GLU R 571 -0.12 32.38 44.32
C GLU R 571 0.77 32.54 45.55
N SER R 572 1.88 31.80 45.61
CA SER R 572 2.73 31.78 46.79
C SER R 572 4.07 32.47 46.58
N VAL R 573 4.75 32.20 45.46
CA VAL R 573 6.09 32.76 45.28
C VAL R 573 6.01 34.27 45.11
N LEU R 574 4.98 34.75 44.41
CA LEU R 574 4.80 36.17 44.16
C LEU R 574 3.79 36.83 45.10
N ARG R 575 2.88 36.06 45.69
CA ARG R 575 1.81 36.61 46.52
C ARG R 575 1.02 37.67 45.77
N ALA R 576 0.76 37.41 44.49
CA ALA R 576 0.01 38.34 43.67
C ALA R 576 -1.44 38.43 44.14
N PRO R 577 -2.09 39.58 43.97
CA PRO R 577 -3.48 39.72 44.41
C PRO R 577 -4.43 38.79 43.67
N ARG R 578 -4.45 38.86 42.35
CA ARG R 578 -5.32 38.01 41.55
C ARG R 578 -4.81 37.96 40.12
N VAL R 579 -5.16 36.89 39.42
CA VAL R 579 -4.82 36.72 38.01
C VAL R 579 -6.02 36.31 37.17
N GLY R 580 -7.22 36.24 37.75
CA GLY R 580 -8.38 35.85 36.99
C GLY R 580 -8.35 34.37 36.60
N ALA R 581 -9.22 34.03 35.66
CA ALA R 581 -9.29 32.66 35.18
C ALA R 581 -8.02 32.29 34.43
N PRO R 582 -7.44 31.13 34.71
CA PRO R 582 -6.20 30.74 34.01
C PRO R 582 -6.45 30.48 32.53
N ILE R 583 -5.40 30.67 31.74
CA ILE R 583 -5.49 30.43 30.31
C ILE R 583 -5.39 28.93 30.03
N THR R 584 -5.67 28.57 28.78
CA THR R 584 -5.59 27.18 28.36
C THR R 584 -4.19 26.91 27.80
N GLY R 585 -3.87 25.63 27.60
CA GLY R 585 -2.58 25.27 27.04
C GLY R 585 -2.42 25.56 25.57
N SER R 586 -3.51 25.94 24.89
CA SER R 586 -3.45 26.35 23.49
C SER R 586 -3.19 27.84 23.33
N ASP R 587 -3.52 28.65 24.34
CA ASP R 587 -3.28 30.08 24.25
C ASP R 587 -1.80 30.43 24.38
N VAL R 588 -0.98 29.51 24.91
CA VAL R 588 0.46 29.73 24.96
C VAL R 588 1.01 29.83 23.54
N ILE R 589 0.47 29.03 22.62
CA ILE R 589 0.91 29.06 21.23
C ILE R 589 0.63 30.43 20.61
N LEU R 590 -0.55 30.99 20.89
CA LEU R 590 -0.97 32.23 20.26
C LEU R 590 -0.02 33.37 20.60
N GLY R 591 0.02 34.36 19.71
CA GLY R 591 0.85 35.55 19.90
C GLY R 591 0.12 36.62 20.70
N GLU R 592 0.74 37.80 20.73
CA GLU R 592 0.20 38.91 21.50
C GLU R 592 -1.15 39.37 20.93
N GLU R 593 -1.18 39.66 19.63
CA GLU R 593 -2.41 40.18 19.02
C GLU R 593 -3.51 39.13 19.02
N GLU R 594 -3.16 37.87 18.74
CA GLU R 594 -4.17 36.80 18.75
C GLU R 594 -4.74 36.61 20.15
N LEU R 595 -3.88 36.65 21.17
CA LEU R 595 -4.38 36.52 22.54
C LEU R 595 -5.29 37.68 22.91
N TRP R 596 -4.91 38.90 22.52
CA TRP R 596 -5.78 40.05 22.80
C TRP R 596 -7.12 39.91 22.10
N ASP R 597 -7.11 39.46 20.84
CA ASP R 597 -8.36 39.30 20.10
C ASP R 597 -9.23 38.22 20.74
N ALA R 598 -8.62 37.12 21.18
CA ALA R 598 -9.39 36.06 21.84
C ALA R 598 -10.01 36.56 23.13
N VAL R 599 -9.24 37.32 23.92
CA VAL R 599 -9.78 37.89 25.15
C VAL R 599 -10.87 38.91 24.84
N PHE R 600 -10.65 39.74 23.83
CA PHE R 600 -11.55 40.85 23.53
C PHE R 600 -12.92 40.35 23.08
N LYS R 601 -12.97 39.28 22.29
CA LYS R 601 -14.24 38.85 21.69
C LYS R 601 -15.24 38.39 22.74
N LYS R 602 -14.78 37.63 23.74
CA LYS R 602 -15.67 36.99 24.70
C LYS R 602 -15.86 37.81 25.97
N THR R 603 -15.26 38.99 26.07
CA THR R 603 -15.33 39.77 27.29
C THR R 603 -16.59 40.64 27.30
N ARG R 604 -16.71 41.50 28.31
CA ARG R 604 -17.91 42.31 28.51
C ARG R 604 -18.13 43.30 27.37
N LEU R 605 -17.05 43.90 26.86
CA LEU R 605 -17.19 45.06 25.97
C LEU R 605 -17.92 44.71 24.68
N GLN R 606 -17.61 43.55 24.09
CA GLN R 606 -18.23 43.18 22.83
C GLN R 606 -19.74 43.11 22.94
N THR R 607 -20.27 42.70 24.10
CA THR R 607 -21.72 42.68 24.28
C THR R 607 -22.31 44.07 24.17
N TYR R 608 -21.70 45.05 24.83
CA TYR R 608 -22.17 46.43 24.73
C TYR R 608 -22.06 46.95 23.30
N LEU R 609 -20.93 46.66 22.65
CA LEU R 609 -20.74 47.16 21.28
C LEU R 609 -21.76 46.57 20.32
N THR R 610 -22.05 45.28 20.45
CA THR R 610 -23.07 44.66 19.62
C THR R 610 -24.45 45.23 19.94
N ASP R 611 -24.73 45.48 21.22
CA ASP R 611 -26.03 46.02 21.61
C ASP R 611 -26.26 47.40 21.01
N ILE R 612 -25.23 48.25 21.04
CA ILE R 612 -25.39 49.61 20.52
C ILE R 612 -25.64 49.58 19.01
N ALA R 613 -24.92 48.73 18.29
CA ALA R 613 -25.04 48.70 16.83
C ALA R 613 -26.45 48.35 16.39
N ALA R 614 -27.06 47.35 17.03
CA ALA R 614 -28.43 46.97 16.67
C ALA R 614 -29.41 48.10 16.93
N LEU R 615 -29.27 48.79 18.07
CA LEU R 615 -30.17 49.88 18.40
C LEU R 615 -30.04 51.02 17.39
N PHE R 616 -28.81 51.37 17.01
CA PHE R 616 -28.61 52.44 16.04
C PHE R 616 -29.15 52.03 14.67
N VAL R 617 -28.92 50.79 14.26
CA VAL R 617 -29.40 50.32 12.97
C VAL R 617 -30.92 50.35 12.92
N ALA R 618 -31.57 49.91 14.00
CA ALA R 618 -33.04 49.94 14.01
C ALA R 618 -33.57 51.37 14.06
N ASP R 619 -33.04 52.20 14.95
CA ASP R 619 -33.58 53.53 15.19
C ASP R 619 -33.35 54.49 14.03
N VAL R 620 -32.51 54.13 13.05
CA VAL R 620 -32.19 55.09 12.00
C VAL R 620 -33.37 55.32 11.06
N GLN R 621 -34.26 54.33 10.90
CA GLN R 621 -35.39 54.48 9.99
C GLN R 621 -36.74 54.57 10.69
N HIS R 622 -36.87 54.07 11.91
CA HIS R 622 -38.15 54.18 12.61
C HIS R 622 -38.47 55.64 12.92
N ALA R 623 -37.48 56.44 13.30
CA ALA R 623 -37.68 57.84 13.58
C ALA R 623 -37.77 58.65 12.28
N ASP S 25 1.55 -9.40 74.09
CA ASP S 25 0.32 -10.15 73.85
C ASP S 25 -0.11 -10.02 72.39
N GLY S 26 0.62 -10.71 71.50
CA GLY S 26 0.25 -10.79 70.11
C GLY S 26 0.47 -9.54 69.29
N TRP S 27 0.88 -8.43 69.91
CA TRP S 27 1.10 -7.20 69.15
C TRP S 27 2.39 -7.29 68.37
N VAL S 28 2.35 -6.81 67.14
CA VAL S 28 3.51 -6.78 66.24
C VAL S 28 3.57 -5.40 65.60
N LYS S 29 4.78 -4.83 65.55
CA LYS S 29 4.97 -3.56 64.86
C LYS S 29 5.04 -3.81 63.36
N VAL S 30 4.53 -2.87 62.59
CA VAL S 30 4.31 -3.05 61.15
C VAL S 30 5.14 -2.08 60.33
N HIS S 31 4.96 -0.78 60.55
CA HIS S 31 5.48 0.22 59.62
C HIS S 31 7.00 0.46 59.72
N PRO S 32 7.55 0.83 60.89
CA PRO S 32 8.94 1.30 60.89
C PRO S 32 9.99 0.22 60.76
N THR S 33 9.58 -1.00 60.45
CA THR S 33 10.56 -2.05 60.19
C THR S 33 11.31 -1.73 58.90
N PRO S 34 12.60 -2.11 58.83
CA PRO S 34 13.39 -1.77 57.63
C PRO S 34 12.83 -2.34 56.34
N GLY S 35 12.21 -3.53 56.39
CA GLY S 35 11.63 -4.11 55.20
C GLY S 35 10.48 -3.30 54.63
N THR S 36 9.91 -2.40 55.43
CA THR S 36 8.91 -1.45 54.96
C THR S 36 9.50 -0.11 54.58
N MET S 37 10.57 0.32 55.27
CA MET S 37 11.26 1.54 54.89
C MET S 37 12.00 1.40 53.57
N LEU S 38 12.26 0.16 53.13
CA LEU S 38 12.91 -0.03 51.85
C LEU S 38 11.97 0.26 50.68
N PHE S 39 10.67 0.04 50.86
CA PHE S 39 9.73 0.23 49.76
C PHE S 39 9.69 1.69 49.31
N ARG S 40 9.68 2.63 50.25
CA ARG S 40 9.63 4.04 49.88
C ARG S 40 10.91 4.47 49.17
N GLU S 41 12.06 4.00 49.64
CA GLU S 41 13.31 4.33 48.97
C GLU S 41 13.37 3.71 47.57
N ILE S 42 12.79 2.52 47.40
CA ILE S 42 12.62 1.97 46.05
C ILE S 42 11.76 2.90 45.22
N LEU S 43 10.70 3.45 45.81
CA LEU S 43 9.83 4.36 45.10
C LEU S 43 10.57 5.64 44.71
N HIS S 44 11.57 6.04 45.50
CA HIS S 44 12.38 7.20 45.16
C HIS S 44 13.51 6.86 44.19
N GLY S 45 13.62 5.61 43.77
CA GLY S 45 14.65 5.21 42.83
C GLY S 45 16.02 5.01 43.47
N GLN S 46 16.05 4.43 44.67
CA GLN S 46 17.31 4.17 45.35
C GLN S 46 17.98 2.88 44.92
N LEU S 47 17.31 2.08 44.07
CA LEU S 47 17.94 0.91 43.45
C LEU S 47 17.40 0.84 42.02
N GLY S 48 18.14 1.44 41.09
CA GLY S 48 17.76 1.44 39.70
C GLY S 48 16.65 2.44 39.39
N TYR S 49 16.51 2.72 38.10
CA TYR S 49 15.41 3.52 37.59
C TYR S 49 15.12 3.11 36.17
N THR S 50 13.87 3.28 35.75
CA THR S 50 13.41 2.78 34.46
C THR S 50 12.44 3.78 33.86
N GLU S 51 12.22 3.65 32.55
CA GLU S 51 11.22 4.48 31.88
C GLU S 51 9.81 4.15 32.37
N GLY S 52 9.56 2.88 32.69
CA GLY S 52 8.24 2.48 33.15
C GLY S 52 7.86 3.13 34.47
N GLN S 53 8.84 3.29 35.37
CA GLN S 53 8.56 3.90 36.66
C GLN S 53 8.15 5.36 36.54
N GLY S 54 8.39 5.99 35.37
CA GLY S 54 8.03 7.38 35.19
C GLY S 54 6.56 7.64 35.03
N VAL S 55 5.76 6.58 34.85
CA VAL S 55 4.31 6.75 34.80
C VAL S 55 3.77 7.14 36.16
N TYR S 56 4.50 6.82 37.23
CA TYR S 56 4.04 7.10 38.59
C TYR S 56 3.90 8.59 38.86
N ASN S 57 4.53 9.44 38.06
CA ASN S 57 4.42 10.88 38.26
C ASN S 57 3.04 11.40 37.88
N VAL S 58 2.28 10.65 37.10
CA VAL S 58 0.91 11.05 36.77
C VAL S 58 -0.08 10.52 37.80
N VAL S 59 0.22 9.37 38.41
CA VAL S 59 -0.67 8.79 39.41
C VAL S 59 -0.79 9.70 40.62
N ARG S 60 0.26 10.48 40.90
CA ARG S 60 0.26 11.35 42.07
C ARG S 60 -0.38 12.71 41.80
N SER S 61 -0.71 13.03 40.55
CA SER S 61 -1.18 14.37 40.22
C SER S 61 -2.48 14.69 40.97
N SER S 62 -2.59 15.94 41.42
CA SER S 62 -3.75 16.42 42.15
C SER S 62 -4.79 17.07 41.24
N GLU S 63 -4.78 16.72 39.95
CA GLU S 63 -5.71 17.35 39.01
C GLU S 63 -7.13 16.84 39.19
N ALA S 64 -7.30 15.54 39.42
CA ALA S 64 -8.64 14.97 39.54
C ALA S 64 -9.37 15.54 40.75
N THR S 65 -8.68 15.66 41.88
CA THR S 65 -9.34 16.17 43.08
C THR S 65 -9.73 17.63 42.92
N THR S 66 -8.88 18.43 42.28
CA THR S 66 -9.23 19.82 42.05
C THR S 66 -10.41 19.94 41.10
N ARG S 67 -10.46 19.10 40.06
CA ARG S 67 -11.60 19.11 39.16
C ARG S 67 -12.89 18.73 39.90
N GLN S 68 -12.82 17.70 40.75
CA GLN S 68 -13.98 17.29 41.53
C GLN S 68 -14.44 18.40 42.47
N LEU S 69 -13.49 19.07 43.12
CA LEU S 69 -13.83 20.16 44.02
C LEU S 69 -14.50 21.31 43.27
N GLN S 70 -13.96 21.67 42.10
CA GLN S 70 -14.55 22.74 41.31
C GLN S 70 -15.96 22.37 40.88
N ALA S 71 -16.16 21.13 40.44
CA ALA S 71 -17.50 20.69 40.03
C ALA S 71 -18.47 20.74 41.21
N ALA S 72 -18.03 20.29 42.38
CA ALA S 72 -18.90 20.31 43.56
C ALA S 72 -19.29 21.73 43.93
N ILE S 73 -18.32 22.66 43.91
CA ILE S 73 -18.62 24.05 44.23
C ILE S 73 -19.60 24.64 43.21
N PHE S 74 -19.39 24.36 41.93
CA PHE S 74 -20.27 24.89 40.90
C PHE S 74 -21.70 24.36 41.06
N HIS S 75 -21.83 23.06 41.31
CA HIS S 75 -23.16 22.49 41.52
C HIS S 75 -23.84 23.10 42.75
N ALA S 76 -23.11 23.22 43.85
CA ALA S 76 -23.69 23.78 45.07
C ALA S 76 -24.12 25.22 44.87
N LEU S 77 -23.32 26.00 44.14
CA LEU S 77 -23.64 27.42 43.94
C LEU S 77 -24.82 27.58 43.01
N LEU S 78 -24.85 26.85 41.89
CA LEU S 78 -25.92 26.99 40.91
C LEU S 78 -27.23 26.36 41.36
N ASN S 79 -27.20 25.37 42.26
CA ASN S 79 -28.43 24.74 42.69
C ASN S 79 -29.32 25.70 43.48
N ALA S 80 -28.71 26.61 44.25
CA ALA S 80 -29.47 27.47 45.15
C ALA S 80 -30.22 28.59 44.44
N THR S 81 -30.00 28.79 43.14
CA THR S 81 -30.70 29.85 42.43
C THR S 81 -32.19 29.56 42.36
N THR S 82 -32.99 30.63 42.40
CA THR S 82 -34.44 30.52 42.39
C THR S 82 -35.01 31.36 41.25
N TYR S 83 -36.19 30.96 40.78
CA TYR S 83 -36.80 31.61 39.63
C TYR S 83 -37.38 32.98 39.98
N ARG S 84 -38.04 33.08 41.14
CA ARG S 84 -38.79 34.29 41.47
C ARG S 84 -37.87 35.50 41.57
N ASP S 85 -36.78 35.39 42.33
CA ASP S 85 -35.93 36.55 42.57
C ASP S 85 -35.08 36.89 41.35
N LEU S 86 -34.71 35.89 40.54
CA LEU S 86 -34.04 36.20 39.28
C LEU S 86 -34.98 36.94 38.33
N GLU S 87 -36.25 36.53 38.29
CA GLU S 87 -37.25 37.28 37.53
C GLU S 87 -37.39 38.69 38.06
N ALA S 88 -37.36 38.86 39.38
CA ALA S 88 -37.43 40.19 39.97
C ALA S 88 -36.24 41.05 39.54
N ASP S 89 -35.04 40.47 39.53
CA ASP S 89 -33.86 41.21 39.10
C ASP S 89 -33.96 41.60 37.63
N TRP S 90 -34.45 40.69 36.78
CA TRP S 90 -34.62 41.01 35.37
C TRP S 90 -35.64 42.14 35.19
N LEU S 91 -36.73 42.10 35.97
CA LEU S 91 -37.73 43.15 35.89
C LEU S 91 -37.15 44.49 36.36
N GLY S 92 -36.33 44.46 37.40
CA GLY S 92 -35.65 45.68 37.82
C GLY S 92 -34.74 46.23 36.74
N HIS S 93 -34.02 45.35 36.05
CA HIS S 93 -33.15 45.80 34.96
C HIS S 93 -33.96 46.43 33.83
N VAL S 94 -35.06 45.79 33.44
CA VAL S 94 -35.84 46.32 32.33
C VAL S 94 -36.54 47.62 32.74
N ALA S 95 -36.89 47.76 34.02
CA ALA S 95 -37.42 49.03 34.51
C ALA S 95 -36.35 50.12 34.48
N ALA S 96 -35.11 49.78 34.85
CA ALA S 96 -34.02 50.75 34.79
C ALA S 96 -33.76 51.20 33.36
N ARG S 97 -33.77 50.27 32.41
CA ARG S 97 -33.56 50.63 31.02
C ARG S 97 -34.74 51.38 30.42
N GLY S 98 -35.92 51.29 31.04
CA GLY S 98 -37.10 51.93 30.47
C GLY S 98 -37.48 51.37 29.13
N LEU S 99 -37.34 50.06 28.94
CA LEU S 99 -37.60 49.40 27.68
C LEU S 99 -38.73 48.38 27.81
N GLN S 100 -39.79 48.76 28.52
CA GLN S 100 -40.94 47.88 28.68
C GLN S 100 -41.63 47.67 27.34
N PRO S 101 -42.32 46.54 27.16
CA PRO S 101 -42.98 46.30 25.86
C PRO S 101 -43.96 47.39 25.46
N GLN S 102 -44.70 47.95 26.42
CA GLN S 102 -45.63 49.02 26.09
C GLN S 102 -44.91 50.23 25.50
N ARG S 103 -43.88 50.71 26.21
CA ARG S 103 -43.13 51.87 25.73
C ARG S 103 -42.43 51.58 24.41
N LEU S 104 -41.82 50.40 24.30
CA LEU S 104 -41.07 50.05 23.09
C LEU S 104 -41.99 49.99 21.88
N VAL S 105 -43.15 49.35 22.02
CA VAL S 105 -44.09 49.25 20.90
C VAL S 105 -44.68 50.61 20.58
N ARG S 106 -45.03 51.40 21.59
CA ARG S 106 -45.57 52.74 21.35
C ARG S 106 -44.54 53.67 20.73
N ARG S 107 -43.25 53.40 20.92
CA ARG S 107 -42.22 54.21 20.29
C ARG S 107 -41.96 53.78 18.85
N TYR S 108 -41.92 52.46 18.61
CA TYR S 108 -41.56 51.98 17.28
C TYR S 108 -42.71 52.19 16.29
N ARG S 109 -43.96 51.92 16.71
CA ARG S 109 -45.14 52.17 15.89
C ARG S 109 -45.07 51.48 14.53
N ASN S 110 -44.66 50.22 14.52
CA ASN S 110 -44.56 49.46 13.29
C ASN S 110 -44.98 48.02 13.53
N ALA S 111 -45.37 47.35 12.46
CA ALA S 111 -45.85 45.97 12.51
C ALA S 111 -44.78 44.97 12.08
N ARG S 112 -43.53 45.40 11.93
CA ARG S 112 -42.45 44.49 11.55
C ARG S 112 -42.08 43.60 12.73
N GLU S 113 -42.68 42.41 12.78
CA GLU S 113 -42.53 41.54 13.95
C GLU S 113 -41.09 41.02 14.08
N ALA S 114 -40.45 40.70 12.96
CA ALA S 114 -39.11 40.09 13.03
C ALA S 114 -38.11 41.05 13.66
N ASP S 115 -38.12 42.31 13.23
CA ASP S 115 -37.14 43.27 13.73
C ASP S 115 -37.32 43.52 15.23
N ILE S 116 -38.56 43.74 15.67
CA ILE S 116 -38.79 44.03 17.08
C ILE S 116 -38.52 42.80 17.94
N ALA S 117 -38.86 41.61 17.44
CA ALA S 117 -38.57 40.39 18.17
C ALA S 117 -37.06 40.19 18.32
N GLY S 118 -36.31 40.44 17.25
CA GLY S 118 -34.86 40.34 17.34
C GLY S 118 -34.28 41.36 18.30
N VAL S 119 -34.83 42.58 18.30
CA VAL S 119 -34.35 43.62 19.22
C VAL S 119 -34.57 43.19 20.66
N ALA S 120 -35.77 42.69 20.96
CA ALA S 120 -36.05 42.24 22.32
C ALA S 120 -35.16 41.07 22.71
N GLU S 121 -34.94 40.12 21.79
CA GLU S 121 -34.10 38.97 22.07
C GLU S 121 -32.66 39.39 22.34
N ARG S 122 -32.16 40.38 21.60
CA ARG S 122 -30.80 40.85 21.84
C ARG S 122 -30.69 41.60 23.16
N VAL S 123 -31.71 42.39 23.49
CA VAL S 123 -31.73 43.05 24.80
C VAL S 123 -31.67 42.02 25.92
N PHE S 124 -32.41 40.91 25.77
CA PHE S 124 -32.33 39.85 26.78
C PHE S 124 -30.98 39.16 26.76
N ASP S 125 -30.40 38.98 25.56
CA ASP S 125 -29.15 38.25 25.44
C ASP S 125 -28.00 38.99 26.11
N THR S 126 -27.99 40.32 26.02
CA THR S 126 -26.97 41.10 26.71
C THR S 126 -26.98 40.81 28.21
N TRP S 127 -28.17 40.90 28.82
CA TRP S 127 -28.31 40.64 30.25
C TRP S 127 -27.92 39.21 30.60
N ARG S 128 -28.34 38.25 29.77
CA ARG S 128 -28.00 36.85 30.03
C ARG S 128 -26.49 36.65 30.03
N ASN S 129 -25.80 37.22 29.03
CA ASN S 129 -24.36 37.02 28.93
C ASN S 129 -23.63 37.67 30.10
N THR S 130 -24.02 38.89 30.48
CA THR S 130 -23.32 39.54 31.59
C THR S 130 -23.60 38.83 32.91
N LEU S 131 -24.82 38.32 33.09
CA LEU S 131 -25.10 37.53 34.29
C LEU S 131 -24.26 36.26 34.33
N ARG S 132 -24.11 35.60 33.18
CA ARG S 132 -23.30 34.40 33.12
C ARG S 132 -21.84 34.69 33.48
N THR S 133 -21.28 35.77 32.95
CA THR S 133 -19.88 36.05 33.26
C THR S 133 -19.70 36.49 34.71
N THR S 134 -20.68 37.20 35.27
CA THR S 134 -20.61 37.55 36.69
C THR S 134 -20.63 36.30 37.56
N LEU S 135 -21.52 35.35 37.24
CA LEU S 135 -21.57 34.11 38.01
C LEU S 135 -20.29 33.31 37.87
N LEU S 136 -19.69 33.30 36.67
CA LEU S 136 -18.41 32.62 36.50
C LEU S 136 -17.33 33.25 37.37
N ASP S 137 -17.27 34.58 37.41
CA ASP S 137 -16.26 35.24 38.25
C ASP S 137 -16.47 34.90 39.72
N PHE S 138 -17.72 34.94 40.19
CA PHE S 138 -17.98 34.61 41.59
C PHE S 138 -17.62 33.16 41.89
N ALA S 139 -17.93 32.24 40.97
CA ALA S 139 -17.62 30.84 41.19
C ALA S 139 -16.12 30.61 41.28
N HIS S 140 -15.35 31.25 40.40
CA HIS S 140 -13.89 31.12 40.47
C HIS S 140 -13.36 31.70 41.78
N GLY S 141 -13.92 32.84 42.21
CA GLY S 141 -13.50 33.41 43.48
C GLY S 141 -13.76 32.47 44.65
N LEU S 142 -14.92 31.81 44.65
CA LEU S 142 -15.23 30.85 45.70
C LEU S 142 -14.30 29.64 45.63
N VAL S 143 -14.00 29.16 44.43
CA VAL S 143 -13.14 27.99 44.28
C VAL S 143 -11.74 28.27 44.76
N ALA S 144 -11.25 29.50 44.55
CA ALA S 144 -9.85 29.82 44.82
C ALA S 144 -9.45 29.58 46.27
N CYS S 145 -10.41 29.56 47.21
CA CYS S 145 -10.05 29.41 48.62
C CYS S 145 -9.65 27.99 48.97
N PHE S 146 -10.22 27.00 48.29
CA PHE S 146 -10.00 25.59 48.66
C PHE S 146 -8.79 24.97 47.95
N ALA S 147 -8.67 25.18 46.64
CA ALA S 147 -7.76 24.40 45.81
C ALA S 147 -6.31 24.39 46.28
N PRO S 148 -5.69 25.52 46.66
CA PRO S 148 -4.27 25.46 47.08
C PRO S 148 -4.02 24.57 48.29
N GLY S 149 -4.97 24.51 49.23
CA GLY S 149 -4.79 23.75 50.44
C GLY S 149 -5.01 22.26 50.34
N GLY S 150 -5.37 21.76 49.16
CA GLY S 150 -5.62 20.35 48.97
C GLY S 150 -4.35 19.52 48.86
N PRO S 151 -3.57 19.73 47.81
CA PRO S 151 -2.38 18.88 47.60
C PRO S 151 -1.32 19.01 48.68
N SER S 152 -1.30 20.10 49.44
CA SER S 152 -0.28 20.31 50.46
C SER S 152 -0.94 20.72 51.77
N GLY S 153 -0.20 20.48 52.86
CA GLY S 153 -0.71 20.74 54.19
C GLY S 153 -1.58 19.61 54.68
N PRO S 154 -2.53 19.92 55.56
CA PRO S 154 -3.48 18.90 56.02
C PRO S 154 -4.26 18.32 54.85
N SER S 155 -4.46 17.00 54.89
CA SER S 155 -5.22 16.27 53.88
C SER S 155 -4.61 16.43 52.50
N SER S 156 -3.38 15.96 52.37
CA SER S 156 -2.65 16.03 51.10
C SER S 156 -2.94 14.78 50.27
N PHE S 157 -3.18 14.98 48.97
CA PHE S 157 -3.56 13.86 48.11
C PHE S 157 -2.37 13.01 47.67
N PRO S 158 -1.28 13.58 47.14
CA PRO S 158 -0.16 12.72 46.72
C PRO S 158 0.42 11.89 47.86
N LYS S 159 0.44 12.43 49.08
CA LYS S 159 0.86 11.61 50.21
C LYS S 159 -0.07 10.42 50.38
N TYR S 160 -1.39 10.64 50.26
CA TYR S 160 -2.35 9.54 50.33
C TYR S 160 -2.10 8.51 49.26
N ILE S 161 -1.83 8.95 48.02
CA ILE S 161 -1.59 8.01 46.94
C ILE S 161 -0.34 7.18 47.21
N ASP S 162 0.71 7.80 47.74
CA ASP S 162 1.92 7.00 47.99
C ASP S 162 1.77 6.10 49.19
N TRP S 163 0.95 6.48 50.18
CA TRP S 163 0.59 5.54 51.24
C TRP S 163 -0.08 4.31 50.65
N LEU S 164 -1.03 4.52 49.74
CA LEU S 164 -1.71 3.39 49.10
C LEU S 164 -0.72 2.54 48.30
N THR S 165 0.18 3.19 47.57
CA THR S 165 1.10 2.46 46.69
C THR S 165 2.10 1.63 47.50
N CYS S 166 2.59 2.15 48.62
CA CYS S 166 3.62 1.43 49.35
C CYS S 166 3.05 0.31 50.19
N LEU S 167 1.96 0.55 50.90
CA LEU S 167 1.43 -0.41 51.87
C LEU S 167 -0.03 -0.79 51.63
N GLY S 168 -0.87 0.16 51.25
CA GLY S 168 -2.31 -0.03 51.27
C GLY S 168 -2.98 0.54 52.48
N LEU S 169 -2.21 0.95 53.49
CA LEU S 169 -2.71 1.60 54.69
C LEU S 169 -2.62 3.11 54.53
N VAL S 170 -3.54 3.82 55.19
CA VAL S 170 -3.52 5.27 55.19
C VAL S 170 -3.80 5.77 56.62
N PRO S 171 -2.79 5.84 57.49
CA PRO S 171 -3.02 6.41 58.82
C PRO S 171 -3.51 7.84 58.72
N ILE S 172 -4.46 8.19 59.58
CA ILE S 172 -5.11 9.49 59.55
C ILE S 172 -5.26 9.99 60.98
N LEU S 173 -4.96 11.28 61.19
CA LEU S 173 -5.09 11.91 62.49
C LEU S 173 -6.09 13.06 62.38
N ARG S 174 -6.90 13.23 63.43
CA ARG S 174 -8.00 14.18 63.40
C ARG S 174 -8.00 15.06 64.63
N LYS S 175 -8.39 16.33 64.44
CA LYS S 175 -8.61 17.27 65.53
C LYS S 175 -9.58 18.33 65.06
N ARG S 176 -10.57 18.65 65.89
CA ARG S 176 -11.55 19.67 65.54
C ARG S 176 -10.99 21.05 65.89
N GLN S 177 -10.68 21.84 64.87
CA GLN S 177 -10.14 23.18 65.05
C GLN S 177 -10.40 23.98 63.78
N GLU S 178 -10.15 25.28 63.86
CA GLU S 178 -10.34 26.19 62.73
C GLU S 178 -8.99 26.61 62.18
N GLY S 179 -8.91 26.72 60.86
CA GLY S 179 -7.64 26.96 60.20
C GLY S 179 -7.73 27.90 59.01
N GLY S 180 -6.68 27.92 58.20
CA GLY S 180 -6.58 28.94 57.15
C GLY S 180 -7.75 28.92 56.18
N VAL S 181 -8.32 27.74 55.93
CA VAL S 181 -9.38 27.63 54.94
C VAL S 181 -10.62 28.40 55.38
N THR S 182 -11.02 28.22 56.64
CA THR S 182 -12.25 28.87 57.10
C THR S 182 -12.06 30.37 57.28
N GLN S 183 -10.88 30.80 57.73
CA GLN S 183 -10.62 32.24 57.77
C GLN S 183 -10.60 32.86 56.38
N GLY S 184 -10.03 32.15 55.40
CA GLY S 184 -10.08 32.64 54.03
C GLY S 184 -11.50 32.76 53.51
N LEU S 185 -12.33 31.75 53.79
CA LEU S 185 -13.74 31.83 53.39
C LEU S 185 -14.44 33.01 54.05
N ARG S 186 -14.21 33.21 55.35
CA ARG S 186 -14.83 34.33 56.04
C ARG S 186 -14.38 35.67 55.45
N ALA S 187 -13.08 35.81 55.17
CA ALA S 187 -12.57 37.05 54.62
C ALA S 187 -13.12 37.32 53.23
N PHE S 188 -13.25 36.26 52.42
CA PHE S 188 -13.70 36.45 51.04
C PHE S 188 -15.20 36.73 50.96
N LEU S 189 -16.00 36.04 51.78
CA LEU S 189 -17.44 36.10 51.60
C LEU S 189 -18.08 37.34 52.21
N LYS S 190 -17.65 37.71 53.42
CA LYS S 190 -18.40 38.68 54.21
C LYS S 190 -18.35 40.10 53.65
N GLN S 191 -17.47 40.39 52.70
CA GLN S 191 -17.40 41.73 52.12
C GLN S 191 -17.23 41.69 50.61
N HIS S 192 -17.90 40.76 49.93
CA HIS S 192 -17.86 40.74 48.48
C HIS S 192 -18.93 41.67 47.91
N PRO S 193 -18.56 42.59 47.01
CA PRO S 193 -19.56 43.52 46.46
C PRO S 193 -20.65 42.85 45.65
N LEU S 194 -20.40 41.65 45.12
CA LEU S 194 -21.39 41.01 44.26
C LEU S 194 -22.67 40.68 45.01
N THR S 195 -22.57 40.38 46.31
CA THR S 195 -23.77 40.07 47.09
C THR S 195 -24.71 41.26 47.16
N ARG S 196 -24.18 42.44 47.48
CA ARG S 196 -25.02 43.63 47.52
C ARG S 196 -25.49 44.06 46.14
N GLN S 197 -24.75 43.70 45.09
CA GLN S 197 -25.13 44.10 43.75
C GLN S 197 -26.35 43.33 43.25
N LEU S 198 -26.39 42.03 43.47
CA LEU S 198 -27.46 41.17 42.97
C LEU S 198 -28.10 40.43 44.14
N ALA S 199 -29.42 40.50 44.24
CA ALA S 199 -30.13 39.81 45.31
C ALA S 199 -30.06 38.30 45.13
N THR S 200 -30.22 37.82 43.88
CA THR S 200 -30.21 36.39 43.62
C THR S 200 -28.88 35.76 44.02
N VAL S 201 -27.77 36.40 43.63
CA VAL S 201 -26.45 35.88 43.96
C VAL S 201 -26.24 35.86 45.47
N ALA S 202 -26.64 36.95 46.14
CA ALA S 202 -26.47 37.04 47.59
C ALA S 202 -27.24 35.95 48.31
N GLU S 203 -28.50 35.75 47.92
CA GLU S 203 -29.31 34.75 48.62
C GLU S 203 -28.85 33.34 48.29
N ALA S 204 -28.37 33.11 47.06
CA ALA S 204 -27.82 31.79 46.74
C ALA S 204 -26.57 31.50 47.56
N ALA S 205 -25.69 32.50 47.71
CA ALA S 205 -24.51 32.34 48.54
C ALA S 205 -24.89 32.10 49.99
N GLU S 206 -25.91 32.82 50.49
CA GLU S 206 -26.36 32.61 51.85
C GLU S 206 -26.91 31.20 52.05
N ARG S 207 -27.70 30.71 51.10
CA ARG S 207 -28.30 29.39 51.23
C ARG S 207 -27.26 28.28 51.15
N ALA S 208 -26.30 28.41 50.22
CA ALA S 208 -25.28 27.38 50.07
C ALA S 208 -24.10 27.58 51.01
N GLY S 209 -24.10 28.64 51.81
CA GLY S 209 -22.97 28.97 52.66
C GLY S 209 -22.58 27.94 53.69
N PRO S 210 -23.55 27.43 54.47
CA PRO S 210 -23.20 26.45 55.52
C PRO S 210 -22.45 25.24 54.99
N GLY S 211 -22.82 24.73 53.82
CA GLY S 211 -22.09 23.60 53.24
C GLY S 211 -20.64 23.93 52.98
N PHE S 212 -20.36 25.15 52.52
CA PHE S 212 -18.98 25.57 52.32
C PHE S 212 -18.20 25.57 53.62
N PHE S 213 -18.81 26.05 54.70
CA PHE S 213 -18.15 26.04 56.00
C PHE S 213 -17.88 24.62 56.50
N GLU S 214 -18.85 23.72 56.31
CA GLU S 214 -18.64 22.32 56.69
C GLU S 214 -17.49 21.71 55.89
N LEU S 215 -17.44 21.99 54.58
CA LEU S 215 -16.36 21.46 53.76
C LEU S 215 -15.01 22.04 54.17
N ALA S 216 -14.98 23.33 54.52
CA ALA S 216 -13.74 23.94 54.98
C ALA S 216 -13.26 23.31 56.28
N LEU S 217 -14.19 23.08 57.21
CA LEU S 217 -13.82 22.40 58.45
C LEU S 217 -13.30 20.98 58.17
N ALA S 218 -13.94 20.28 57.22
CA ALA S 218 -13.47 18.95 56.86
C ALA S 218 -12.06 19.00 56.30
N PHE S 219 -11.78 19.98 55.42
CA PHE S 219 -10.43 20.13 54.89
C PHE S 219 -9.43 20.41 55.99
N ASP S 220 -9.81 21.25 56.96
CA ASP S 220 -8.86 21.62 58.01
C ASP S 220 -8.56 20.45 58.94
N SER S 221 -9.60 19.76 59.42
CA SER S 221 -9.44 18.88 60.56
C SER S 221 -8.49 17.73 60.29
N THR S 222 -8.72 17.00 59.19
CA THR S 222 -7.93 15.80 58.93
C THR S 222 -6.50 16.15 58.53
N ARG S 223 -5.59 15.20 58.76
CA ARG S 223 -4.21 15.34 58.32
C ARG S 223 -3.59 13.95 58.23
N VAL S 224 -3.15 13.58 57.05
CA VAL S 224 -2.50 12.28 56.86
C VAL S 224 -1.09 12.35 57.47
N ALA S 225 -0.66 11.25 58.09
CA ALA S 225 0.60 11.22 58.79
C ALA S 225 1.77 11.31 57.82
N ASP S 226 2.96 11.55 58.37
CA ASP S 226 4.20 11.55 57.61
C ASP S 226 4.83 10.17 57.64
N TYR S 227 5.46 9.79 56.51
CA TYR S 227 5.91 8.41 56.34
C TYR S 227 7.06 8.04 57.25
N ASP S 228 7.82 9.00 57.77
CA ASP S 228 9.00 8.69 58.57
C ASP S 228 8.77 8.76 60.07
N ARG S 229 7.61 9.26 60.51
CA ARG S 229 7.37 9.51 61.92
C ARG S 229 6.45 8.49 62.58
N VAL S 230 5.40 8.05 61.88
CA VAL S 230 4.28 7.40 62.55
C VAL S 230 4.64 5.97 62.96
N TYR S 231 3.89 5.45 63.92
CA TYR S 231 4.01 4.08 64.42
C TYR S 231 2.70 3.35 64.16
N ILE S 232 2.80 2.11 63.67
CA ILE S 232 1.62 1.30 63.36
C ILE S 232 1.78 -0.08 63.99
N TYR S 233 0.76 -0.52 64.72
CA TYR S 233 0.75 -1.79 65.41
C TYR S 233 -0.43 -2.64 64.97
N TYR S 234 -0.21 -3.95 64.83
CA TYR S 234 -1.22 -4.87 64.34
C TYR S 234 -1.27 -6.10 65.25
N ASN S 235 -2.49 -6.45 65.68
CA ASN S 235 -2.73 -7.63 66.51
C ASN S 235 -3.51 -8.64 65.68
N HIS S 236 -2.89 -9.79 65.42
CA HIS S 236 -3.49 -10.76 64.50
C HIS S 236 -4.78 -11.35 65.07
N ARG S 237 -4.81 -11.68 66.35
CA ARG S 237 -5.94 -12.43 66.91
C ARG S 237 -7.24 -11.66 66.82
N ARG S 238 -7.20 -10.33 66.92
CA ARG S 238 -8.39 -9.50 66.85
C ARG S 238 -8.53 -8.74 65.54
N GLY S 239 -7.43 -8.51 64.82
CA GLY S 239 -7.48 -7.76 63.57
C GLY S 239 -7.86 -6.30 63.72
N ASP S 240 -7.32 -5.62 64.73
CA ASP S 240 -7.51 -4.20 64.90
C ASP S 240 -6.17 -3.48 64.89
N TRP S 241 -6.21 -2.18 64.61
CA TRP S 241 -5.00 -1.39 64.40
C TRP S 241 -4.88 -0.32 65.47
N LEU S 242 -3.66 -0.15 65.99
CA LEU S 242 -3.32 0.95 66.88
C LEU S 242 -2.20 1.75 66.24
N VAL S 243 -2.52 2.97 65.80
CA VAL S 243 -1.58 3.85 65.13
C VAL S 243 -1.35 5.07 66.01
N ARG S 244 -0.09 5.38 66.27
CA ARG S 244 0.27 6.44 67.20
C ARG S 244 1.33 7.33 66.57
N ASP S 245 1.38 8.58 67.05
CA ASP S 245 2.39 9.56 66.65
C ASP S 245 3.37 9.71 67.79
N PRO S 246 4.64 9.30 67.64
CA PRO S 246 5.54 9.27 68.80
C PRO S 246 5.95 10.64 69.32
N ILE S 247 5.93 11.67 68.47
CA ILE S 247 6.41 12.99 68.91
C ILE S 247 5.37 13.65 69.83
N SER S 248 4.17 13.89 69.31
CA SER S 248 3.14 14.55 70.09
C SER S 248 2.35 13.60 70.97
N GLY S 249 2.49 12.29 70.78
CA GLY S 249 1.70 11.33 71.53
C GLY S 249 0.27 11.19 71.06
N GLN S 250 -0.10 11.80 69.94
CA GLN S 250 -1.48 11.77 69.48
C GLN S 250 -1.82 10.41 68.87
N ARG S 251 -3.02 9.93 69.17
CA ARG S 251 -3.50 8.66 68.66
C ARG S 251 -4.32 8.88 67.40
N GLY S 252 -4.04 8.08 66.36
CA GLY S 252 -4.70 8.22 65.09
C GLY S 252 -5.74 7.15 64.83
N GLU S 253 -6.17 7.08 63.57
CA GLU S 253 -7.16 6.13 63.11
C GLU S 253 -6.70 5.57 61.78
N CYS S 254 -6.42 4.26 61.74
CA CYS S 254 -5.83 3.63 60.56
C CYS S 254 -6.92 3.18 59.61
N LEU S 255 -6.76 3.52 58.33
CA LEU S 255 -7.65 3.07 57.27
C LEU S 255 -6.98 1.96 56.48
N VAL S 256 -7.78 0.98 56.08
CA VAL S 256 -7.29 -0.15 55.28
C VAL S 256 -8.17 -0.25 54.03
N LEU S 257 -7.52 -0.32 52.87
CA LEU S 257 -8.21 -0.43 51.59
C LEU S 257 -8.01 -1.79 50.94
N TRP S 258 -6.79 -2.29 50.95
CA TRP S 258 -6.47 -3.63 50.45
C TRP S 258 -5.88 -4.43 51.60
N PRO S 259 -6.67 -5.26 52.28
CA PRO S 259 -6.22 -5.85 53.54
C PRO S 259 -5.04 -6.79 53.33
N PRO S 260 -4.12 -6.86 54.30
CA PRO S 260 -2.93 -7.70 54.13
C PRO S 260 -3.15 -9.15 54.54
N LEU S 261 -2.10 -9.95 54.46
CA LEU S 261 -2.14 -11.37 54.80
C LEU S 261 -1.10 -11.68 55.87
N TRP S 262 -1.46 -12.55 56.81
CA TRP S 262 -0.59 -12.93 57.91
C TRP S 262 -0.23 -14.40 57.76
N THR S 263 1.07 -14.69 57.72
CA THR S 263 1.56 -16.03 57.43
C THR S 263 2.57 -16.48 58.48
N GLY S 264 2.23 -16.28 59.74
CA GLY S 264 3.11 -16.69 60.83
C GLY S 264 3.99 -15.53 61.29
N ASP S 265 5.31 -15.73 61.22
CA ASP S 265 6.25 -14.69 61.65
C ASP S 265 6.53 -13.71 60.52
N ARG S 266 5.47 -13.22 59.88
CA ARG S 266 5.58 -12.32 58.75
C ARG S 266 4.28 -11.54 58.61
N LEU S 267 4.26 -10.65 57.62
CA LEU S 267 3.06 -9.95 57.19
C LEU S 267 3.26 -9.52 55.75
N VAL S 268 2.41 -10.00 54.86
CA VAL S 268 2.56 -9.77 53.42
C VAL S 268 1.45 -8.84 52.97
N PHE S 269 1.83 -7.65 52.52
CA PHE S 269 0.87 -6.70 51.97
C PHE S 269 0.56 -7.06 50.52
N ASP S 270 -0.44 -6.39 49.96
CA ASP S 270 -0.82 -6.59 48.57
C ASP S 270 -0.75 -5.28 47.80
N SER S 271 0.24 -4.46 48.13
CA SER S 271 0.53 -3.23 47.40
C SER S 271 1.30 -3.54 46.13
N PRO S 272 1.23 -2.67 45.13
CA PRO S 272 1.97 -2.94 43.88
C PRO S 272 3.46 -3.11 44.08
N VAL S 273 4.07 -2.36 45.00
CA VAL S 273 5.50 -2.48 45.24
C VAL S 273 5.83 -3.84 45.83
N GLN S 274 4.94 -4.37 46.68
CA GLN S 274 5.17 -5.70 47.23
C GLN S 274 5.12 -6.77 46.14
N ARG S 275 4.19 -6.65 45.20
CA ARG S 275 4.11 -7.60 44.10
C ARG S 275 5.34 -7.49 43.19
N LEU S 276 5.84 -6.28 42.98
CA LEU S 276 6.98 -6.05 42.10
C LEU S 276 8.32 -6.20 42.78
N PHE S 277 8.34 -6.46 44.09
CA PHE S 277 9.59 -6.39 44.85
C PHE S 277 10.64 -7.40 44.42
N PRO S 278 10.35 -8.72 44.32
CA PRO S 278 11.43 -9.66 44.01
C PRO S 278 12.11 -9.42 42.67
N GLU S 279 11.35 -9.01 41.65
CA GLU S 279 11.89 -8.86 40.30
C GLU S 279 12.95 -7.76 40.27
N ILE S 280 12.66 -6.61 40.87
CA ILE S 280 13.61 -5.50 40.84
C ILE S 280 14.85 -5.82 41.67
N VAL S 281 14.69 -6.58 42.76
CA VAL S 281 15.84 -7.00 43.54
C VAL S 281 16.74 -7.91 42.73
N ALA S 282 16.15 -8.87 42.00
CA ALA S 282 16.94 -9.75 41.15
C ALA S 282 17.68 -8.97 40.08
N CYS S 283 16.99 -8.00 39.45
CA CYS S 283 17.65 -7.18 38.43
C CYS S 283 18.80 -6.37 39.01
N HIS S 284 18.60 -5.78 40.19
CA HIS S 284 19.66 -5.01 40.83
C HIS S 284 20.86 -5.88 41.14
N SER S 285 20.62 -7.08 41.67
CA SER S 285 21.73 -7.99 41.98
C SER S 285 22.47 -8.40 40.71
N LEU S 286 21.74 -8.65 39.63
CA LEU S 286 22.38 -8.99 38.37
C LEU S 286 23.25 -7.85 37.88
N ARG S 287 22.76 -6.61 37.96
CA ARG S 287 23.55 -5.47 37.52
C ARG S 287 24.81 -5.31 38.36
N GLU S 288 24.70 -5.49 39.67
CA GLU S 288 25.88 -5.36 40.53
C GLU S 288 26.91 -6.45 40.22
N HIS S 289 26.45 -7.69 40.00
CA HIS S 289 27.38 -8.75 39.63
C HIS S 289 28.04 -8.47 38.28
N ALA S 290 27.28 -7.92 37.34
CA ALA S 290 27.85 -7.58 36.04
C ALA S 290 28.91 -6.50 36.18
N HIS S 291 28.68 -5.52 37.05
CA HIS S 291 29.69 -4.51 37.31
C HIS S 291 30.96 -5.13 37.89
N VAL S 292 30.79 -6.04 38.86
CA VAL S 292 31.95 -6.67 39.48
C VAL S 292 32.74 -7.48 38.45
N CYS S 293 32.05 -8.22 37.60
CA CYS S 293 32.72 -8.97 36.54
C CYS S 293 33.42 -8.03 35.55
N ARG S 294 32.80 -6.88 35.26
CA ARG S 294 33.40 -5.91 34.35
C ARG S 294 34.71 -5.37 34.90
N LEU S 295 34.75 -5.08 36.21
CA LEU S 295 35.98 -4.54 36.79
C LEU S 295 37.12 -5.55 36.83
N ARG S 296 36.83 -6.83 36.61
CA ARG S 296 37.86 -7.86 36.69
C ARG S 296 38.74 -7.92 35.43
N ASN S 297 38.18 -7.64 34.26
CA ASN S 297 38.87 -7.85 32.99
C ASN S 297 39.72 -6.66 32.57
N THR S 298 40.16 -5.82 33.51
CA THR S 298 40.98 -4.66 33.15
C THR S 298 42.33 -5.09 32.58
N ALA S 299 42.97 -6.09 33.20
CA ALA S 299 44.30 -6.51 32.79
C ALA S 299 44.22 -7.44 31.59
N SER S 300 45.00 -7.13 30.54
CA SER S 300 44.94 -7.92 29.31
C SER S 300 45.64 -9.26 29.49
N VAL S 301 46.81 -9.27 30.14
CA VAL S 301 47.62 -10.48 30.26
C VAL S 301 47.59 -10.95 31.71
N LYS S 302 47.67 -12.27 31.87
CA LYS S 302 47.69 -12.89 33.19
C LYS S 302 48.74 -13.98 33.22
N VAL S 303 49.37 -14.15 34.38
CA VAL S 303 50.47 -15.09 34.55
C VAL S 303 50.14 -16.01 35.72
N LEU S 304 50.34 -17.32 35.51
CA LEU S 304 50.09 -18.32 36.54
C LEU S 304 51.40 -19.02 36.88
N LEU S 305 51.79 -18.95 38.15
CA LEU S 305 53.04 -19.52 38.61
C LEU S 305 52.80 -20.88 39.24
N GLY S 306 53.89 -21.60 39.47
CA GLY S 306 53.83 -22.92 40.07
C GLY S 306 55.18 -23.32 40.61
N ARG S 307 55.18 -24.31 41.49
CA ARG S 307 56.38 -24.74 42.20
C ARG S 307 57.18 -25.71 41.35
N LYS S 308 58.51 -25.58 41.39
CA LYS S 308 59.39 -26.55 40.75
C LYS S 308 59.22 -27.92 41.42
N SER S 309 59.16 -28.96 40.60
CA SER S 309 59.32 -30.32 41.11
C SER S 309 60.79 -30.53 41.45
N ASP S 310 61.11 -30.50 42.75
CA ASP S 310 62.47 -30.47 43.26
C ASP S 310 63.16 -29.17 42.86
N TYR S 494 46.97 -3.69 34.56
CA TYR S 494 47.50 -3.94 33.23
C TYR S 494 47.94 -5.40 33.11
N ASP S 495 48.75 -5.86 34.06
CA ASP S 495 49.07 -7.27 34.19
C ASP S 495 48.74 -7.71 35.61
N ILE S 496 48.20 -8.91 35.74
CA ILE S 496 47.82 -9.48 37.03
C ILE S 496 48.49 -10.83 37.17
N ILE S 497 49.15 -11.05 38.30
CA ILE S 497 50.00 -12.23 38.53
C ILE S 497 49.39 -13.06 39.65
N ASP S 498 49.06 -14.31 39.33
CA ASP S 498 48.47 -15.25 40.28
C ASP S 498 49.56 -16.17 40.80
N VAL S 499 49.63 -16.33 42.11
CA VAL S 499 50.65 -17.16 42.75
C VAL S 499 49.94 -18.32 43.43
N SER S 500 50.02 -19.50 42.83
CA SER S 500 49.55 -20.73 43.45
C SER S 500 50.69 -21.54 44.05
N LYS S 501 51.88 -20.95 44.15
CA LYS S 501 53.05 -21.68 44.65
C LYS S 501 52.91 -22.04 46.12
N SER S 502 52.35 -21.14 46.93
CA SER S 502 52.33 -21.33 48.38
C SER S 502 51.54 -22.58 48.77
N MET S 503 50.59 -23.00 47.95
CA MET S 503 49.74 -24.14 48.27
C MET S 503 50.26 -25.45 47.69
N ASP S 504 51.02 -25.40 46.61
CA ASP S 504 51.54 -26.61 45.98
C ASP S 504 52.42 -27.38 46.96
N ASP S 505 52.22 -28.69 47.03
CA ASP S 505 53.07 -29.58 47.81
C ASP S 505 52.93 -30.98 47.26
N ASP S 506 54.02 -31.56 46.77
CA ASP S 506 54.05 -32.92 46.23
C ASP S 506 53.12 -33.09 45.03
N THR S 507 52.72 -31.99 44.39
CA THR S 507 51.76 -32.02 43.31
C THR S 507 52.15 -31.01 42.25
N TYR S 508 51.49 -31.10 41.10
CA TYR S 508 51.78 -30.27 39.95
C TYR S 508 50.49 -29.70 39.39
N VAL S 509 50.64 -28.82 38.41
CA VAL S 509 49.50 -28.20 37.73
C VAL S 509 49.12 -29.09 36.55
N ALA S 510 48.04 -29.86 36.71
CA ALA S 510 47.62 -30.77 35.64
C ALA S 510 47.11 -30.00 34.43
N ASN S 511 46.23 -29.03 34.65
CA ASN S 511 45.67 -28.26 33.55
C ASN S 511 45.12 -26.94 34.10
N SER S 512 44.95 -25.98 33.19
CA SER S 512 44.40 -24.67 33.53
C SER S 512 43.52 -24.19 32.40
N PHE S 513 42.55 -23.35 32.74
CA PHE S 513 41.55 -22.87 31.78
C PHE S 513 41.34 -21.38 31.97
N GLN S 514 40.77 -20.75 30.94
CA GLN S 514 40.33 -19.37 31.03
C GLN S 514 39.00 -19.22 30.30
N HIS S 515 38.06 -18.50 30.91
CA HIS S 515 36.78 -18.19 30.28
C HIS S 515 36.24 -16.91 30.91
N PRO S 516 36.45 -15.76 30.27
CA PRO S 516 36.04 -14.45 30.82
C PRO S 516 34.56 -14.13 30.62
N TYR S 517 33.74 -14.64 31.52
CA TYR S 517 32.30 -14.42 31.42
C TYR S 517 31.92 -13.01 31.86
N ILE S 518 30.96 -12.43 31.15
CA ILE S 518 30.40 -11.12 31.49
C ILE S 518 28.89 -11.17 31.34
N PRO S 519 28.13 -11.15 32.43
CA PRO S 519 26.66 -11.19 32.31
C PRO S 519 26.12 -9.95 31.61
N SER S 520 25.01 -10.14 30.91
CA SER S 520 24.31 -9.08 30.20
C SER S 520 22.97 -8.80 30.88
N TYR S 521 22.59 -7.52 30.94
CA TYR S 521 21.42 -7.11 31.71
C TYR S 521 20.46 -6.18 30.95
N ALA S 522 20.58 -6.09 29.62
CA ALA S 522 19.69 -5.20 28.87
C ALA S 522 18.27 -5.76 28.80
N GLN S 523 18.15 -7.06 28.52
CA GLN S 523 16.84 -7.69 28.41
C GLN S 523 16.06 -7.58 29.71
N ASP S 524 16.74 -7.80 30.83
CA ASP S 524 16.08 -7.70 32.13
C ASP S 524 15.58 -6.28 32.39
N LEU S 525 16.38 -5.28 32.04
CA LEU S 525 15.95 -3.90 32.25
C LEU S 525 14.74 -3.56 31.39
N GLU S 526 14.75 -4.00 30.12
CA GLU S 526 13.61 -3.74 29.25
C GLU S 526 12.36 -4.41 29.79
N ARG S 527 12.47 -5.68 30.19
CA ARG S 527 11.33 -6.40 30.74
C ARG S 527 10.81 -5.73 32.00
N LEU S 528 11.72 -5.29 32.87
CA LEU S 528 11.32 -4.65 34.13
C LEU S 528 10.61 -3.33 33.86
N SER S 529 11.10 -2.55 32.90
CA SER S 529 10.44 -1.29 32.55
C SER S 529 9.02 -1.55 32.06
N ARG S 530 8.87 -2.49 31.12
CA ARG S 530 7.52 -2.77 30.61
C ARG S 530 6.61 -3.31 31.70
N LEU S 531 7.15 -4.13 32.60
CA LEU S 531 6.36 -4.68 33.69
C LEU S 531 5.89 -3.58 34.64
N TRP S 532 6.80 -2.66 34.99
CA TRP S 532 6.42 -1.52 35.82
C TRP S 532 5.29 -0.74 35.18
N GLU S 533 5.43 -0.43 33.89
CA GLU S 533 4.42 0.37 33.20
C GLU S 533 3.07 -0.33 33.19
N HIS S 534 3.05 -1.61 32.83
CA HIS S 534 1.79 -2.34 32.76
C HIS S 534 1.14 -2.46 34.13
N GLU S 535 1.94 -2.75 35.17
CA GLU S 535 1.38 -2.87 36.51
C GLU S 535 0.75 -1.55 36.96
N LEU S 536 1.45 -0.44 36.75
CA LEU S 536 0.90 0.84 37.19
C LEU S 536 -0.30 1.26 36.37
N VAL S 537 -0.34 0.92 35.07
CA VAL S 537 -1.50 1.25 34.26
C VAL S 537 -2.72 0.46 34.72
N ARG S 538 -2.55 -0.85 34.94
CA ARG S 538 -3.72 -1.67 35.25
C ARG S 538 -4.18 -1.53 36.70
N CYS S 539 -3.27 -1.23 37.64
CA CYS S 539 -3.67 -1.18 39.04
C CYS S 539 -4.46 0.07 39.36
N PHE S 540 -4.05 1.22 38.82
CA PHE S 540 -4.68 2.49 39.12
C PHE S 540 -5.65 2.96 38.04
N LYS S 541 -5.91 2.11 37.04
CA LYS S 541 -6.90 2.39 35.99
C LYS S 541 -6.59 3.69 35.27
N ILE S 542 -5.41 3.73 34.63
CA ILE S 542 -4.94 4.90 33.92
C ILE S 542 -5.34 4.78 32.45
N LEU S 543 -5.97 5.83 31.92
CA LEU S 543 -6.39 5.85 30.53
C LEU S 543 -5.34 6.57 29.69
N CYS S 544 -4.78 5.85 28.72
CA CYS S 544 -3.69 6.36 27.88
C CYS S 544 -4.27 6.84 26.55
N HIS S 545 -4.30 8.15 26.35
CA HIS S 545 -4.66 8.70 25.05
C HIS S 545 -3.51 8.52 24.08
N ARG S 546 -3.86 8.26 22.81
CA ARG S 546 -2.85 7.97 21.80
C ARG S 546 -3.20 8.67 20.50
N ASN S 547 -2.19 8.85 19.66
CA ASN S 547 -2.34 9.48 18.35
C ASN S 547 -2.92 8.46 17.37
N ASN S 548 -2.87 8.78 16.07
CA ASN S 548 -3.27 7.80 15.06
C ASN S 548 -2.38 6.56 15.15
N GLN S 549 -1.07 6.76 15.28
CA GLN S 549 -0.14 5.69 15.58
C GLN S 549 0.86 6.02 16.68
N GLY S 550 1.11 7.30 16.95
CA GLY S 550 1.99 7.66 18.05
C GLY S 550 1.39 7.25 19.39
N GLN S 551 2.27 6.89 20.32
CA GLN S 551 1.86 6.36 21.62
C GLN S 551 2.00 7.44 22.70
N GLU S 552 1.02 7.46 23.61
CA GLU S 552 1.04 8.33 24.79
C GLU S 552 1.14 9.81 24.42
N THR S 553 0.11 10.28 23.71
CA THR S 553 -0.03 11.71 23.49
C THR S 553 -0.30 12.44 24.80
N SER S 554 -1.14 11.87 25.65
CA SER S 554 -1.42 12.43 26.97
C SER S 554 -1.97 11.31 27.85
N ILE S 555 -1.85 11.51 29.16
CA ILE S 555 -2.23 10.50 30.15
C ILE S 555 -3.09 11.18 31.21
N SER S 556 -4.20 10.54 31.57
CA SER S 556 -5.11 11.07 32.58
C SER S 556 -5.89 9.92 33.20
N TYR S 557 -6.60 10.23 34.29
CA TYR S 557 -7.42 9.24 34.97
C TYR S 557 -8.56 8.77 34.09
N SER S 558 -8.92 7.49 34.23
CA SER S 558 -10.08 6.95 33.55
C SER S 558 -11.36 7.34 34.30
N SER S 559 -12.51 6.97 33.72
CA SER S 559 -13.78 7.29 34.35
C SER S 559 -13.98 6.52 35.65
N GLY S 560 -13.47 5.28 35.71
CA GLY S 560 -13.58 4.50 36.92
C GLY S 560 -12.47 4.73 37.93
N ALA S 561 -11.33 5.25 37.49
CA ALA S 561 -10.22 5.48 38.41
C ALA S 561 -10.59 6.54 39.44
N ILE S 562 -11.26 7.61 39.02
CA ILE S 562 -11.63 8.66 39.97
C ILE S 562 -12.69 8.16 40.93
N ALA S 563 -13.61 7.31 40.46
CA ALA S 563 -14.61 6.74 41.36
C ALA S 563 -13.98 5.77 42.35
N ALA S 564 -12.91 5.09 41.95
CA ALA S 564 -12.28 4.11 42.82
C ALA S 564 -11.28 4.74 43.79
N PHE S 565 -10.70 5.89 43.45
CA PHE S 565 -9.65 6.47 44.28
C PHE S 565 -10.00 7.87 44.79
N VAL S 566 -10.49 8.76 43.94
CA VAL S 566 -10.83 10.10 44.38
C VAL S 566 -12.03 10.08 45.32
N ALA S 567 -13.06 9.28 44.96
CA ALA S 567 -14.27 9.23 45.77
C ALA S 567 -14.04 8.72 47.19
N PRO S 568 -13.33 7.60 47.41
CA PRO S 568 -13.07 7.21 48.80
C PRO S 568 -12.27 8.23 49.58
N TYR S 569 -11.41 9.00 48.91
CA TYR S 569 -10.68 10.07 49.59
C TYR S 569 -11.66 11.07 50.21
N PHE S 570 -12.59 11.59 49.40
CA PHE S 570 -13.58 12.54 49.90
C PHE S 570 -14.53 11.90 50.90
N GLU S 571 -14.77 10.59 50.78
CA GLU S 571 -15.78 9.95 51.62
C GLU S 571 -15.24 9.61 53.01
N SER S 572 -14.03 9.05 53.09
CA SER S 572 -13.47 8.60 54.35
C SER S 572 -12.28 9.41 54.83
N VAL S 573 -11.37 9.81 53.93
CA VAL S 573 -10.18 10.51 54.37
C VAL S 573 -10.53 11.91 54.86
N LEU S 574 -11.44 12.58 54.17
CA LEU S 574 -11.86 13.93 54.53
C LEU S 574 -13.15 13.97 55.33
N ARG S 575 -14.00 12.94 55.22
CA ARG S 575 -15.34 12.95 55.79
C ARG S 575 -16.12 14.18 55.34
N ALA S 576 -16.01 14.47 54.05
CA ALA S 576 -16.69 15.64 53.49
C ALA S 576 -18.20 15.45 53.51
N PRO S 577 -18.96 16.54 53.60
CA PRO S 577 -20.43 16.42 53.63
C PRO S 577 -21.01 15.79 52.37
N ARG S 578 -20.72 16.39 51.22
CA ARG S 578 -21.23 15.87 49.96
C ARG S 578 -20.41 16.46 48.81
N VAL S 579 -20.41 15.73 47.70
CA VAL S 579 -19.75 16.18 46.48
C VAL S 579 -20.65 16.08 45.25
N GLY S 580 -21.91 15.71 45.41
CA GLY S 580 -22.79 15.59 44.27
C GLY S 580 -22.42 14.43 43.36
N ALA S 581 -22.99 14.47 42.17
CA ALA S 581 -22.73 13.44 41.17
C ALA S 581 -21.27 13.53 40.72
N PRO S 582 -20.54 12.42 40.69
CA PRO S 582 -19.13 12.48 40.27
C PRO S 582 -19.00 12.84 38.80
N ILE S 583 -17.87 13.48 38.49
CA ILE S 583 -17.54 13.82 37.10
C ILE S 583 -17.06 12.57 36.39
N THR S 584 -16.90 12.64 35.08
CA THR S 584 -16.41 11.52 34.29
C THR S 584 -14.93 11.72 33.97
N GLY S 585 -14.37 10.78 33.21
CA GLY S 585 -12.98 10.87 32.83
C GLY S 585 -12.69 11.82 31.69
N SER S 586 -13.72 12.39 31.08
CA SER S 586 -13.54 13.37 30.01
C SER S 586 -13.49 14.81 30.54
N ASP S 587 -14.10 15.07 31.69
CA ASP S 587 -14.07 16.40 32.28
C ASP S 587 -12.74 16.72 32.95
N VAL S 588 -11.90 15.72 33.21
CA VAL S 588 -10.57 15.97 33.76
C VAL S 588 -9.74 16.77 32.77
N ILE S 589 -9.85 16.45 31.48
CA ILE S 589 -9.08 17.15 30.46
C ILE S 589 -9.50 18.61 30.36
N LEU S 590 -10.79 18.88 30.52
CA LEU S 590 -11.32 20.22 30.34
C LEU S 590 -10.72 21.21 31.34
N GLY S 591 -10.73 22.48 30.95
CA GLY S 591 -10.23 23.55 31.80
C GLY S 591 -11.28 24.06 32.77
N GLU S 592 -10.92 25.12 33.47
CA GLU S 592 -11.83 25.73 34.45
C GLU S 592 -13.08 26.28 33.78
N GLU S 593 -12.90 27.12 32.75
CA GLU S 593 -14.03 27.74 32.09
C GLU S 593 -14.85 26.71 31.32
N GLU S 594 -14.18 25.74 30.69
CA GLU S 594 -14.91 24.69 29.98
C GLU S 594 -15.76 23.86 30.95
N LEU S 595 -15.20 23.53 32.11
CA LEU S 595 -15.97 22.79 33.11
C LEU S 595 -17.15 23.61 33.61
N TRP S 596 -16.94 24.91 33.86
CA TRP S 596 -18.05 25.75 34.29
C TRP S 596 -19.14 25.82 33.24
N ASP S 597 -18.76 25.95 31.97
CA ASP S 597 -19.75 26.01 30.91
C ASP S 597 -20.50 24.69 30.78
N ALA S 598 -19.80 23.56 30.92
CA ALA S 598 -20.47 22.27 30.87
C ALA S 598 -21.46 22.13 32.02
N VAL S 599 -21.08 22.56 33.23
CA VAL S 599 -22.00 22.50 34.36
C VAL S 599 -23.19 23.43 34.14
N PHE S 600 -22.94 24.62 33.60
CA PHE S 600 -23.99 25.64 33.48
C PHE S 600 -25.11 25.19 32.55
N LYS S 601 -24.77 24.53 31.44
CA LYS S 601 -25.79 24.21 30.44
C LYS S 601 -26.81 23.21 30.97
N LYS S 602 -26.35 22.17 31.68
CA LYS S 602 -27.26 21.12 32.12
C LYS S 602 -27.86 21.39 33.50
N THR S 603 -27.50 22.48 34.15
CA THR S 603 -27.95 22.73 35.51
C THR S 603 -29.33 23.38 35.50
N ARG S 604 -29.83 23.76 36.69
CA ARG S 604 -31.19 24.24 36.84
C ARG S 604 -31.38 25.62 36.23
N LEU S 605 -30.36 26.48 36.29
CA LEU S 605 -30.54 27.88 35.90
C LEU S 605 -30.88 28.03 34.42
N GLN S 606 -30.32 27.18 33.57
CA GLN S 606 -30.52 27.33 32.13
C GLN S 606 -31.99 27.23 31.75
N THR S 607 -32.73 26.34 32.41
CA THR S 607 -34.15 26.18 32.08
C THR S 607 -34.92 27.45 32.40
N TYR S 608 -34.67 28.06 33.57
CA TYR S 608 -35.33 29.32 33.89
C TYR S 608 -34.95 30.41 32.90
N LEU S 609 -33.66 30.51 32.56
CA LEU S 609 -33.21 31.58 31.67
C LEU S 609 -33.84 31.43 30.29
N THR S 610 -33.94 30.20 29.78
CA THR S 610 -34.60 29.99 28.49
C THR S 610 -36.10 30.21 28.58
N ASP S 611 -36.72 29.85 29.70
CA ASP S 611 -38.15 30.04 29.86
C ASP S 611 -38.53 31.51 29.86
N ILE S 612 -37.74 32.34 30.55
CA ILE S 612 -38.05 33.77 30.61
C ILE S 612 -37.96 34.40 29.23
N ALA S 613 -36.94 34.02 28.45
CA ALA S 613 -36.74 34.64 27.14
C ALA S 613 -37.93 34.38 26.22
N ALA S 614 -38.45 33.15 26.21
CA ALA S 614 -39.59 32.84 25.35
C ALA S 614 -40.82 33.63 25.76
N LEU S 615 -41.07 33.74 27.08
CA LEU S 615 -42.23 34.49 27.55
C LEU S 615 -42.13 35.96 27.16
N PHE S 616 -40.94 36.56 27.32
CA PHE S 616 -40.77 37.96 26.96
C PHE S 616 -40.90 38.16 25.45
N VAL S 617 -40.35 37.25 24.65
CA VAL S 617 -40.44 37.36 23.20
C VAL S 617 -41.90 37.26 22.75
N ALA S 618 -42.65 36.34 23.33
CA ALA S 618 -44.06 36.24 22.99
C ALA S 618 -44.84 37.47 23.43
N ASP S 619 -44.69 37.87 24.69
CA ASP S 619 -45.49 38.94 25.27
C ASP S 619 -45.14 40.32 24.73
N VAL S 620 -44.05 40.45 23.98
CA VAL S 620 -43.63 41.79 23.55
C VAL S 620 -44.59 42.36 22.51
N GLN S 621 -45.27 41.51 21.73
CA GLN S 621 -46.13 41.99 20.67
C GLN S 621 -47.60 41.65 20.83
N HIS S 622 -47.96 40.64 21.63
CA HIS S 622 -49.37 40.34 21.83
C HIS S 622 -50.07 41.46 22.60
N ALA S 623 -49.40 42.05 23.58
CA ALA S 623 -49.96 43.13 24.35
C ALA S 623 -50.06 44.41 23.52
N ASP T 25 -12.39 -40.27 61.54
CA ASP T 25 -13.58 -41.01 61.12
C ASP T 25 -13.96 -40.65 59.68
N GLY T 26 -12.95 -40.38 58.86
CA GLY T 26 -13.14 -40.01 57.48
C GLY T 26 -12.98 -38.53 57.19
N TRP T 27 -13.00 -37.69 58.22
CA TRP T 27 -12.81 -36.26 58.02
C TRP T 27 -11.37 -35.96 57.61
N VAL T 28 -11.21 -34.96 56.74
CA VAL T 28 -9.90 -34.53 56.27
C VAL T 28 -9.85 -33.01 56.34
N LYS T 29 -8.72 -32.47 56.81
CA LYS T 29 -8.53 -31.03 56.86
C LYS T 29 -8.10 -30.55 55.48
N VAL T 30 -8.74 -29.49 55.01
CA VAL T 30 -8.58 -29.03 53.63
C VAL T 30 -7.81 -27.71 53.56
N HIS T 31 -8.34 -26.65 54.16
CA HIS T 31 -7.83 -25.31 53.89
C HIS T 31 -6.45 -25.04 54.47
N PRO T 32 -6.23 -25.14 55.80
CA PRO T 32 -4.99 -24.58 56.36
C PRO T 32 -3.74 -25.40 56.08
N THR T 33 -3.85 -26.38 55.19
CA THR T 33 -2.67 -27.07 54.71
C THR T 33 -1.76 -26.08 53.97
N PRO T 34 -0.45 -26.34 53.96
CA PRO T 34 0.48 -25.38 53.34
C PRO T 34 0.23 -25.16 51.85
N GLY T 35 -0.46 -26.08 51.18
CA GLY T 35 -0.70 -25.92 49.75
C GLY T 35 -1.50 -24.67 49.42
N THR T 36 -2.57 -24.43 50.18
CA THR T 36 -3.40 -23.26 49.89
C THR T 36 -2.69 -21.96 50.25
N MET T 37 -1.90 -21.97 51.32
CA MET T 37 -1.09 -20.79 51.64
C MET T 37 -0.08 -20.52 50.53
N LEU T 38 0.50 -21.57 49.95
CA LEU T 38 1.38 -21.40 48.81
C LEU T 38 0.61 -20.82 47.62
N PHE T 39 -0.61 -21.28 47.40
CA PHE T 39 -1.43 -20.74 46.31
C PHE T 39 -1.65 -19.24 46.51
N ARG T 40 -2.05 -18.84 47.71
CA ARG T 40 -2.30 -17.42 47.97
C ARG T 40 -1.04 -16.59 47.84
N GLU T 41 0.09 -17.09 48.34
CA GLU T 41 1.33 -16.35 48.23
C GLU T 41 1.79 -16.25 46.78
N ILE T 42 1.52 -17.27 45.98
CA ILE T 42 1.73 -17.17 44.53
C ILE T 42 0.86 -16.06 43.96
N LEU T 43 -0.39 -15.98 44.41
CA LEU T 43 -1.28 -14.91 43.94
C LEU T 43 -0.74 -13.54 44.33
N HIS T 44 -0.06 -13.45 45.47
CA HIS T 44 0.57 -12.19 45.88
C HIS T 44 1.90 -11.95 45.18
N GLY T 45 2.40 -12.92 44.40
CA GLY T 45 3.64 -12.75 43.69
C GLY T 45 4.87 -13.09 44.50
N GLN T 46 4.80 -14.16 45.29
CA GLN T 46 5.93 -14.56 46.12
C GLN T 46 6.95 -15.40 45.37
N LEU T 47 6.64 -15.84 44.15
CA LEU T 47 7.59 -16.55 43.29
C LEU T 47 7.39 -16.00 41.88
N GLY T 48 8.17 -14.98 41.53
CA GLY T 48 8.13 -14.40 40.21
C GLY T 48 6.94 -13.49 40.01
N TYR T 49 7.04 -12.67 38.96
CA TYR T 49 5.93 -11.84 38.53
C TYR T 49 6.05 -11.63 37.02
N THR T 50 4.89 -11.37 36.39
CA THR T 50 4.82 -11.31 34.94
C THR T 50 3.80 -10.24 34.55
N GLU T 51 3.90 -9.79 33.30
CA GLU T 51 2.92 -8.84 32.78
C GLU T 51 1.54 -9.48 32.64
N GLY T 52 1.49 -10.79 32.39
CA GLY T 52 0.21 -11.46 32.28
C GLY T 52 -0.56 -11.48 33.59
N GLN T 53 0.15 -11.68 34.70
CA GLN T 53 -0.51 -11.71 36.01
C GLN T 53 -1.14 -10.38 36.37
N GLY T 54 -0.75 -9.29 35.69
CA GLY T 54 -1.30 -7.99 36.01
C GLY T 54 -2.74 -7.81 35.54
N VAL T 55 -3.24 -8.72 34.71
CA VAL T 55 -4.66 -8.68 34.34
C VAL T 55 -5.55 -8.97 35.53
N TYR T 56 -5.03 -9.66 36.55
CA TYR T 56 -5.82 -9.98 37.73
C TYR T 56 -6.25 -8.76 38.51
N ASN T 57 -5.62 -7.60 38.28
CA ASN T 57 -5.96 -6.39 39.02
C ASN T 57 -7.32 -5.82 38.61
N VAL T 58 -7.82 -6.18 37.42
CA VAL T 58 -9.14 -5.71 37.00
C VAL T 58 -10.20 -6.80 37.21
N VAL T 59 -9.80 -8.06 37.36
CA VAL T 59 -10.75 -9.12 37.66
C VAL T 59 -11.36 -8.91 39.04
N ARG T 60 -10.63 -8.21 39.93
CA ARG T 60 -11.08 -7.99 41.29
C ARG T 60 -11.85 -6.69 41.48
N SER T 61 -11.95 -5.86 40.45
CA SER T 61 -12.56 -4.55 40.61
C SER T 61 -14.04 -4.67 40.99
N SER T 62 -14.50 -3.77 41.86
CA SER T 62 -15.87 -3.74 42.33
C SER T 62 -16.76 -2.82 41.50
N GLU T 63 -16.40 -2.58 40.23
CA GLU T 63 -17.18 -1.68 39.41
C GLU T 63 -18.49 -2.31 38.96
N ALA T 64 -18.46 -3.59 38.59
CA ALA T 64 -19.67 -4.26 38.11
C ALA T 64 -20.72 -4.36 39.20
N THR T 65 -20.29 -4.70 40.43
CA THR T 65 -21.24 -4.81 41.54
C THR T 65 -21.90 -3.46 41.83
N THR T 66 -21.11 -2.38 41.84
CA THR T 66 -21.68 -1.07 42.10
C THR T 66 -22.63 -0.66 40.98
N ARG T 67 -22.29 -0.97 39.73
CA ARG T 67 -23.20 -0.66 38.62
C ARG T 67 -24.52 -1.41 38.76
N GLN T 68 -24.43 -2.71 39.09
CA GLN T 68 -25.63 -3.50 39.27
C GLN T 68 -26.49 -2.97 40.41
N LEU T 69 -25.86 -2.59 41.52
CA LEU T 69 -26.60 -2.07 42.66
C LEU T 69 -27.27 -0.74 42.34
N GLN T 70 -26.55 0.14 41.63
CA GLN T 70 -27.14 1.41 41.21
C GLN T 70 -28.34 1.18 40.29
N ALA T 71 -28.21 0.26 39.35
CA ALA T 71 -29.32 -0.03 38.45
C ALA T 71 -30.51 -0.59 39.22
N ALA T 72 -30.26 -1.47 40.18
CA ALA T 72 -31.34 -2.03 40.99
C ALA T 72 -32.06 -0.93 41.77
N ILE T 73 -31.29 -0.01 42.37
CA ILE T 73 -31.91 1.07 43.12
C ILE T 73 -32.74 1.96 42.21
N PHE T 74 -32.21 2.29 41.03
CA PHE T 74 -32.95 3.15 40.11
C PHE T 74 -34.23 2.49 39.64
N HIS T 75 -34.17 1.19 39.30
CA HIS T 75 -35.37 0.47 38.88
C HIS T 75 -36.41 0.43 40.00
N ALA T 76 -35.96 0.13 41.23
CA ALA T 76 -36.89 0.05 42.35
C ALA T 76 -37.55 1.40 42.61
N LEU T 77 -36.79 2.48 42.51
CA LEU T 77 -37.35 3.80 42.79
C LEU T 77 -38.30 4.25 41.69
N LEU T 78 -37.93 4.05 40.43
CA LEU T 78 -38.77 4.52 39.33
C LEU T 78 -40.01 3.65 39.14
N ASN T 79 -39.94 2.36 39.47
CA ASN T 79 -41.08 1.48 39.28
C ASN T 79 -42.26 1.83 40.19
N ALA T 80 -42.02 2.57 41.26
CA ALA T 80 -43.05 2.87 42.25
C ALA T 80 -43.83 4.14 41.96
N THR T 81 -43.52 4.85 40.87
CA THR T 81 -44.26 6.05 40.55
C THR T 81 -45.68 5.71 40.09
N THR T 82 -46.59 6.67 40.25
CA THR T 82 -47.97 6.49 39.85
C THR T 82 -48.42 7.69 39.01
N TYR T 83 -49.39 7.43 38.14
CA TYR T 83 -49.87 8.46 37.22
C TYR T 83 -50.71 9.50 37.94
N ARG T 84 -51.55 9.06 38.89
CA ARG T 84 -52.50 9.97 39.53
C ARG T 84 -51.77 11.07 40.29
N ASP T 85 -50.76 10.70 41.10
CA ASP T 85 -50.08 11.69 41.92
C ASP T 85 -49.24 12.63 41.07
N LEU T 86 -48.61 12.11 40.01
CA LEU T 86 -47.86 12.98 39.10
C LEU T 86 -48.77 13.99 38.43
N GLU T 87 -49.95 13.55 37.96
CA GLU T 87 -50.90 14.47 37.36
C GLU T 87 -51.40 15.49 38.37
N ALA T 88 -51.62 15.06 39.62
CA ALA T 88 -52.06 15.99 40.66
C ALA T 88 -50.99 17.05 40.92
N ASP T 89 -49.72 16.65 40.99
CA ASP T 89 -48.65 17.61 41.21
C ASP T 89 -48.51 18.57 40.04
N TRP T 90 -48.66 18.07 38.80
CA TRP T 90 -48.62 18.94 37.64
C TRP T 90 -49.76 19.95 37.67
N LEU T 91 -50.96 19.50 38.04
CA LEU T 91 -52.10 20.42 38.15
C LEU T 91 -51.87 21.44 39.24
N GLY T 92 -51.29 21.03 40.37
CA GLY T 92 -50.96 21.99 41.40
C GLY T 92 -49.96 23.04 40.93
N HIS T 93 -48.95 22.61 40.17
CA HIS T 93 -47.97 23.54 39.64
C HIS T 93 -48.61 24.52 38.66
N VAL T 94 -49.47 24.02 37.76
CA VAL T 94 -50.09 24.91 36.79
C VAL T 94 -51.09 25.85 37.46
N ALA T 95 -51.71 25.41 38.56
CA ALA T 95 -52.55 26.31 39.33
C ALA T 95 -51.72 27.38 40.03
N ALA T 96 -50.55 27.01 40.54
CA ALA T 96 -49.67 27.99 41.16
C ALA T 96 -49.20 29.03 40.16
N ARG T 97 -48.83 28.59 38.94
CA ARG T 97 -48.43 29.53 37.92
C ARG T 97 -49.60 30.34 37.37
N GLY T 98 -50.83 29.85 37.55
CA GLY T 98 -51.98 30.53 36.96
C GLY T 98 -51.94 30.54 35.45
N LEU T 99 -51.54 29.43 34.83
CA LEU T 99 -51.36 29.34 33.40
C LEU T 99 -52.30 28.30 32.79
N GLN T 100 -53.55 28.28 33.26
CA GLN T 100 -54.55 27.41 32.67
C GLN T 100 -54.79 27.82 31.22
N PRO T 101 -55.09 26.86 30.34
CA PRO T 101 -55.35 27.23 28.94
C PRO T 101 -56.45 28.25 28.77
N GLN T 102 -57.47 28.23 29.63
CA GLN T 102 -58.52 29.24 29.56
C GLN T 102 -57.94 30.64 29.74
N ARG T 103 -57.20 30.85 30.83
CA ARG T 103 -56.61 32.16 31.10
C ARG T 103 -55.58 32.53 30.03
N LEU T 104 -54.74 31.58 29.64
CA LEU T 104 -53.69 31.86 28.67
C LEU T 104 -54.28 32.28 27.32
N VAL T 105 -55.30 31.57 26.85
CA VAL T 105 -55.92 31.92 25.58
C VAL T 105 -56.69 33.23 25.69
N ARG T 106 -57.41 33.43 26.80
CA ARG T 106 -58.12 34.68 27.00
C ARG T 106 -57.20 35.88 27.11
N ARG T 107 -55.95 35.66 27.51
CA ARG T 107 -54.95 36.73 27.58
C ARG T 107 -54.30 36.98 26.22
N TYR T 108 -53.93 35.92 25.50
CA TYR T 108 -53.21 36.10 24.24
C TYR T 108 -54.13 36.62 23.14
N ARG T 109 -55.34 36.05 23.03
CA ARG T 109 -56.35 36.51 22.06
C ARG T 109 -55.82 36.50 20.64
N ASN T 110 -55.11 35.43 20.27
CA ASN T 110 -54.58 35.29 18.92
C ASN T 110 -54.78 33.86 18.45
N ALA T 111 -54.82 33.69 17.12
CA ALA T 111 -55.05 32.41 16.49
C ALA T 111 -53.75 31.75 16.01
N ARG T 112 -52.59 32.29 16.39
CA ARG T 112 -51.30 31.74 15.99
C ARG T 112 -51.07 30.46 16.80
N GLU T 113 -51.46 29.33 16.21
CA GLU T 113 -51.43 28.06 16.93
C GLU T 113 -50.00 27.64 17.25
N ALA T 114 -49.06 27.85 16.33
CA ALA T 114 -47.69 27.37 16.54
C ALA T 114 -47.04 28.03 17.75
N ASP T 115 -47.20 29.36 17.88
CA ASP T 115 -46.55 30.08 18.97
C ASP T 115 -47.12 29.65 20.32
N ILE T 116 -48.45 29.56 20.43
CA ILE T 116 -49.05 29.20 21.71
C ILE T 116 -48.75 27.75 22.06
N ALA T 117 -48.74 26.87 21.05
CA ALA T 117 -48.39 25.47 21.31
C ALA T 117 -46.95 25.35 21.80
N GLY T 118 -46.03 26.09 21.17
CA GLY T 118 -44.65 26.07 21.64
C GLY T 118 -44.50 26.64 23.03
N VAL T 119 -45.27 27.69 23.35
CA VAL T 119 -45.22 28.26 24.69
C VAL T 119 -45.66 27.24 25.72
N ALA T 120 -46.78 26.56 25.46
CA ALA T 120 -47.26 25.54 26.38
C ALA T 120 -46.26 24.39 26.51
N GLU T 121 -45.67 23.97 25.39
CA GLU T 121 -44.71 22.87 25.42
C GLU T 121 -43.48 23.23 26.23
N ARG T 122 -42.98 24.46 26.09
CA ARG T 122 -41.82 24.89 26.88
C ARG T 122 -42.17 25.02 28.35
N VAL T 123 -43.37 25.51 28.65
CA VAL T 123 -43.82 25.58 30.04
C VAL T 123 -43.82 24.20 30.67
N PHE T 124 -44.29 23.19 29.93
CA PHE T 124 -44.24 21.82 30.44
C PHE T 124 -42.80 21.31 30.52
N ASP T 125 -41.96 21.71 29.56
CA ASP T 125 -40.60 21.19 29.48
C ASP T 125 -39.75 21.64 30.67
N THR T 126 -39.95 22.88 31.12
CA THR T 126 -39.20 23.35 32.29
C THR T 126 -39.51 22.49 33.52
N TRP T 127 -40.80 22.22 33.75
CA TRP T 127 -41.20 21.37 34.87
C TRP T 127 -40.65 19.95 34.69
N ARG T 128 -40.67 19.44 33.46
CA ARG T 128 -40.15 18.10 33.20
C ARG T 128 -38.66 18.00 33.56
N ASN T 129 -37.88 18.99 33.13
CA ASN T 129 -36.45 18.98 33.43
C ASN T 129 -36.19 19.10 34.92
N THR T 130 -36.91 19.99 35.60
CA THR T 130 -36.71 20.13 37.04
C THR T 130 -37.07 18.84 37.77
N LEU T 131 -38.15 18.18 37.36
CA LEU T 131 -38.53 16.92 37.98
C LEU T 131 -37.46 15.85 37.75
N ARG T 132 -36.92 15.77 36.52
CA ARG T 132 -35.92 14.74 36.24
C ARG T 132 -34.66 14.97 37.07
N THR T 133 -34.24 16.23 37.23
CA THR T 133 -33.01 16.47 38.00
C THR T 133 -33.24 16.25 39.48
N THR T 134 -34.44 16.57 39.98
CA THR T 134 -34.77 16.27 41.37
C THR T 134 -34.74 14.77 41.63
N LEU T 135 -35.33 13.99 40.73
CA LEU T 135 -35.33 12.54 40.88
C LEU T 135 -33.91 11.98 40.80
N LEU T 136 -33.07 12.55 39.91
CA LEU T 136 -31.68 12.11 39.84
C LEU T 136 -30.96 12.35 41.16
N ASP T 137 -31.16 13.54 41.74
CA ASP T 137 -30.49 13.83 43.01
C ASP T 137 -30.95 12.89 44.12
N PHE T 138 -32.26 12.64 44.20
CA PHE T 138 -32.75 11.73 45.23
C PHE T 138 -32.21 10.31 45.02
N ALA T 139 -32.16 9.86 43.77
CA ALA T 139 -31.65 8.52 43.49
C ALA T 139 -30.18 8.39 43.87
N HIS T 140 -29.38 9.42 43.56
CA HIS T 140 -27.97 9.37 43.97
C HIS T 140 -27.85 9.37 45.49
N GLY T 141 -28.68 10.15 46.17
CA GLY T 141 -28.67 10.13 47.62
C GLY T 141 -28.98 8.75 48.19
N LEU T 142 -29.97 8.08 47.61
CA LEU T 142 -30.29 6.72 48.04
C LEU T 142 -29.15 5.75 47.76
N VAL T 143 -28.51 5.89 46.60
CA VAL T 143 -27.42 4.98 46.23
C VAL T 143 -26.23 5.15 47.16
N ALA T 144 -25.96 6.38 47.59
CA ALA T 144 -24.73 6.67 48.34
C ALA T 144 -24.63 5.86 49.64
N CYS T 145 -25.74 5.39 50.18
CA CYS T 145 -25.69 4.69 51.47
C CYS T 145 -25.10 3.29 51.32
N PHE T 146 -25.38 2.61 50.21
CA PHE T 146 -24.99 1.22 50.04
C PHE T 146 -23.57 1.05 49.49
N ALA T 147 -23.20 1.85 48.49
CA ALA T 147 -22.02 1.57 47.68
C ALA T 147 -20.73 1.42 48.48
N PRO T 148 -20.38 2.32 49.42
CA PRO T 148 -19.09 2.17 50.12
C PRO T 148 -18.94 0.86 50.88
N GLY T 149 -20.02 0.32 51.42
CA GLY T 149 -19.95 -0.89 52.23
C GLY T 149 -19.86 -2.18 51.46
N GLY T 150 -19.88 -2.13 50.13
CA GLY T 150 -19.79 -3.31 49.31
C GLY T 150 -18.40 -3.92 49.26
N PRO T 151 -17.45 -3.21 48.66
CA PRO T 151 -16.11 -3.80 48.47
C PRO T 151 -15.35 -4.06 49.76
N SER T 152 -15.72 -3.42 50.87
CA SER T 152 -15.00 -3.57 52.12
C SER T 152 -15.98 -3.80 53.26
N GLY T 153 -15.49 -4.43 54.32
CA GLY T 153 -16.31 -4.79 55.45
C GLY T 153 -17.03 -6.10 55.21
N PRO T 154 -18.20 -6.27 55.84
CA PRO T 154 -19.00 -7.47 55.58
C PRO T 154 -19.38 -7.57 54.10
N SER T 155 -19.33 -8.79 53.59
CA SER T 155 -19.71 -9.09 52.21
C SER T 155 -18.88 -8.28 51.20
N SER T 156 -17.58 -8.58 51.20
CA SER T 156 -16.64 -7.90 50.31
C SER T 156 -16.47 -8.68 49.02
N PHE T 157 -16.58 -7.98 47.89
CA PHE T 157 -16.50 -8.64 46.58
C PHE T 157 -15.09 -9.15 46.25
N PRO T 158 -14.02 -8.36 46.39
CA PRO T 158 -12.69 -8.91 46.02
C PRO T 158 -12.28 -10.11 46.83
N LYS T 159 -12.67 -10.20 48.10
CA LYS T 159 -12.39 -11.40 48.87
C LYS T 159 -13.13 -12.61 48.30
N TYR T 160 -14.37 -12.40 47.87
CA TYR T 160 -15.11 -13.45 47.17
C TYR T 160 -14.38 -13.89 45.91
N ILE T 161 -13.90 -12.93 45.12
CA ILE T 161 -13.25 -13.26 43.86
C ILE T 161 -11.95 -14.01 44.10
N ASP T 162 -11.15 -13.61 45.09
CA ASP T 162 -9.88 -14.31 45.27
C ASP T 162 -10.07 -15.63 46.01
N TRP T 163 -11.16 -15.79 46.77
CA TRP T 163 -11.57 -17.11 47.23
C TRP T 163 -11.85 -18.02 46.04
N LEU T 164 -12.62 -17.52 45.07
CA LEU T 164 -12.92 -18.32 43.88
C LEU T 164 -11.64 -18.66 43.11
N THR T 165 -10.73 -17.69 42.98
CA THR T 165 -9.53 -17.91 42.19
C THR T 165 -8.58 -18.90 42.88
N CYS T 166 -8.53 -18.89 44.21
CA CYS T 166 -7.59 -19.77 44.89
C CYS T 166 -8.11 -21.20 44.98
N LEU T 167 -9.36 -21.38 45.39
CA LEU T 167 -9.88 -22.72 45.67
C LEU T 167 -11.16 -23.04 44.91
N GLY T 168 -12.04 -22.07 44.71
CA GLY T 168 -13.39 -22.33 44.24
C GLY T 168 -14.42 -22.41 45.34
N LEU T 169 -13.99 -22.42 46.60
CA LEU T 169 -14.88 -22.40 47.75
C LEU T 169 -14.98 -20.98 48.30
N VAL T 170 -16.14 -20.65 48.86
CA VAL T 170 -16.36 -19.35 49.47
C VAL T 170 -17.03 -19.53 50.82
N PRO T 171 -16.27 -19.80 51.89
CA PRO T 171 -16.89 -19.88 53.21
C PRO T 171 -17.58 -18.58 53.58
N ILE T 172 -18.76 -18.70 54.19
CA ILE T 172 -19.60 -17.55 54.51
C ILE T 172 -20.14 -17.72 55.93
N LEU T 173 -20.13 -16.62 56.68
CA LEU T 173 -20.62 -16.60 58.05
C LEU T 173 -21.81 -15.66 58.13
N ARG T 174 -22.82 -16.05 58.91
CA ARG T 174 -24.09 -15.33 58.94
C ARG T 174 -24.54 -15.04 60.36
N LYS T 175 -25.05 -13.84 60.57
CA LYS T 175 -25.69 -13.43 61.81
C LYS T 175 -26.67 -12.31 61.51
N ARG T 176 -27.88 -12.42 62.06
CA ARG T 176 -28.92 -11.42 61.83
C ARG T 176 -28.74 -10.30 62.87
N GLN T 177 -28.24 -9.16 62.41
CA GLN T 177 -28.07 -7.99 63.26
C GLN T 177 -28.35 -6.74 62.46
N GLU T 178 -28.72 -5.68 63.16
CA GLU T 178 -29.10 -4.40 62.56
C GLU T 178 -28.01 -3.39 62.88
N GLY T 179 -27.30 -2.92 61.85
CA GLY T 179 -26.14 -2.09 62.07
C GLY T 179 -25.96 -0.95 61.07
N GLY T 180 -24.72 -0.78 60.60
CA GLY T 180 -24.32 0.48 59.98
C GLY T 180 -25.18 0.89 58.79
N VAL T 181 -25.43 -0.05 57.88
CA VAL T 181 -26.16 0.31 56.65
C VAL T 181 -27.60 0.68 56.97
N THR T 182 -28.26 -0.09 57.85
CA THR T 182 -29.64 0.22 58.20
C THR T 182 -29.73 1.52 58.99
N GLN T 183 -28.78 1.77 59.88
CA GLN T 183 -28.75 3.05 60.59
C GLN T 183 -28.58 4.21 59.60
N GLY T 184 -27.71 4.03 58.60
CA GLY T 184 -27.53 5.06 57.60
C GLY T 184 -28.80 5.34 56.81
N LEU T 185 -29.50 4.28 56.39
CA LEU T 185 -30.76 4.47 55.68
C LEU T 185 -31.80 5.16 56.56
N ARG T 186 -31.88 4.76 57.84
CA ARG T 186 -32.84 5.39 58.74
C ARG T 186 -32.53 6.88 58.92
N ALA T 187 -31.26 7.23 59.06
CA ALA T 187 -30.89 8.64 59.18
C ALA T 187 -31.20 9.40 57.90
N PHE T 188 -30.94 8.78 56.75
CA PHE T 188 -31.11 9.48 55.48
C PHE T 188 -32.58 9.73 55.15
N LEU T 189 -33.40 8.68 55.25
CA LEU T 189 -34.76 8.75 54.69
C LEU T 189 -35.72 9.56 55.56
N LYS T 190 -35.63 9.42 56.88
CA LYS T 190 -36.68 9.92 57.75
C LYS T 190 -36.75 11.44 57.84
N GLN T 191 -35.72 12.15 57.36
CA GLN T 191 -35.76 13.62 57.41
C GLN T 191 -35.24 14.24 56.11
N HIS T 192 -35.65 13.69 54.97
CA HIS T 192 -35.24 14.25 53.69
C HIS T 192 -36.32 15.21 53.19
N PRO T 193 -35.99 16.47 52.90
CA PRO T 193 -37.02 17.46 52.55
C PRO T 193 -37.80 17.13 51.27
N LEU T 194 -37.22 16.38 50.34
CA LEU T 194 -37.90 16.13 49.07
C LEU T 194 -39.19 15.33 49.26
N THR T 195 -39.27 14.52 50.32
CA THR T 195 -40.50 13.79 50.60
C THR T 195 -41.65 14.76 50.88
N ARG T 196 -41.40 15.78 51.70
CA ARG T 196 -42.45 16.77 51.96
C ARG T 196 -42.70 17.67 50.76
N GLN T 197 -41.65 17.95 49.98
CA GLN T 197 -41.79 18.88 48.86
C GLN T 197 -42.69 18.30 47.76
N LEU T 198 -42.46 17.04 47.39
CA LEU T 198 -43.20 16.41 46.30
C LEU T 198 -43.95 15.20 46.84
N ALA T 199 -45.24 15.12 46.53
CA ALA T 199 -46.04 13.98 46.99
C ALA T 199 -45.67 12.71 46.25
N THR T 200 -45.34 12.83 44.95
CA THR T 200 -44.96 11.65 44.18
C THR T 200 -43.70 11.00 44.72
N VAL T 201 -42.69 11.81 45.03
CA VAL T 201 -41.42 11.29 45.55
C VAL T 201 -41.65 10.61 46.88
N ALA T 202 -42.43 11.24 47.77
CA ALA T 202 -42.70 10.64 49.07
C ALA T 202 -43.47 9.32 48.94
N GLU T 203 -44.47 9.30 48.05
CA GLU T 203 -45.24 8.08 47.85
C GLU T 203 -44.36 6.95 47.33
N ALA T 204 -43.52 7.24 46.33
CA ALA T 204 -42.62 6.23 45.80
C ALA T 204 -41.63 5.74 46.85
N ALA T 205 -41.09 6.67 47.64
CA ALA T 205 -40.12 6.28 48.66
C ALA T 205 -40.77 5.40 49.73
N GLU T 206 -41.98 5.75 50.17
CA GLU T 206 -42.64 4.95 51.19
C GLU T 206 -43.11 3.61 50.63
N ARG T 207 -43.40 3.55 49.33
CA ARG T 207 -43.79 2.28 48.73
C ARG T 207 -42.61 1.34 48.56
N ALA T 208 -41.46 1.86 48.12
CA ALA T 208 -40.29 1.04 47.87
C ALA T 208 -39.35 0.95 49.07
N GLY T 209 -39.72 1.56 50.19
CA GLY T 209 -38.88 1.57 51.37
C GLY T 209 -38.53 0.22 51.96
N PRO T 210 -39.53 -0.66 52.15
CA PRO T 210 -39.23 -1.97 52.74
C PRO T 210 -38.18 -2.77 51.98
N GLY T 211 -38.21 -2.72 50.64
CA GLY T 211 -37.21 -3.43 49.88
C GLY T 211 -35.80 -2.95 50.15
N PHE T 212 -35.63 -1.63 50.29
CA PHE T 212 -34.32 -1.08 50.63
C PHE T 212 -33.86 -1.58 51.99
N PHE T 213 -34.77 -1.65 52.96
CA PHE T 213 -34.41 -2.14 54.29
C PHE T 213 -34.01 -3.60 54.25
N GLU T 214 -34.74 -4.43 53.49
CA GLU T 214 -34.37 -5.83 53.36
C GLU T 214 -33.01 -5.98 52.70
N LEU T 215 -32.74 -5.18 51.66
CA LEU T 215 -31.43 -5.24 51.01
C LEU T 215 -30.32 -4.79 51.95
N ALA T 216 -30.59 -3.78 52.78
CA ALA T 216 -29.59 -3.34 53.74
C ALA T 216 -29.31 -4.42 54.78
N LEU T 217 -30.35 -5.09 55.25
CA LEU T 217 -30.16 -6.19 56.20
C LEU T 217 -29.36 -7.32 55.56
N ALA T 218 -29.62 -7.60 54.27
CA ALA T 218 -28.84 -8.61 53.56
C ALA T 218 -27.38 -8.20 53.46
N PHE T 219 -27.11 -6.93 53.16
CA PHE T 219 -25.72 -6.44 53.12
C PHE T 219 -25.05 -6.59 54.48
N ASP T 220 -25.77 -6.28 55.55
CA ASP T 220 -25.16 -6.25 56.87
C ASP T 220 -24.93 -7.65 57.43
N SER T 221 -25.86 -8.58 57.18
CA SER T 221 -25.84 -9.85 57.88
C SER T 221 -24.63 -10.69 57.50
N THR T 222 -24.38 -10.87 56.21
CA THR T 222 -23.35 -11.80 55.77
C THR T 222 -21.96 -11.21 55.96
N ARG T 223 -20.96 -12.10 55.98
CA ARG T 223 -19.57 -11.69 56.03
C ARG T 223 -18.69 -12.85 55.58
N VAL T 224 -17.98 -12.67 54.47
CA VAL T 224 -17.08 -13.70 53.97
C VAL T 224 -15.87 -13.80 54.89
N ALA T 225 -15.46 -15.02 55.20
CA ALA T 225 -14.38 -15.24 56.15
C ALA T 225 -13.04 -14.79 55.57
N ASP T 226 -12.05 -14.71 56.45
CA ASP T 226 -10.70 -14.29 56.09
C ASP T 226 -9.85 -15.52 55.73
N TYR T 227 -8.92 -15.32 54.80
CA TYR T 227 -8.17 -16.44 54.24
C TYR T 227 -7.21 -17.08 55.23
N ASP T 228 -6.82 -16.39 56.29
CA ASP T 228 -5.83 -16.92 57.20
C ASP T 228 -6.40 -17.51 58.48
N ARG T 229 -7.64 -17.18 58.82
CA ARG T 229 -8.22 -17.59 60.10
C ARG T 229 -9.07 -18.85 60.03
N VAL T 230 -9.79 -19.07 58.92
CA VAL T 230 -10.89 -20.02 58.93
C VAL T 230 -10.36 -21.45 58.82
N TYR T 231 -11.22 -22.40 59.22
CA TYR T 231 -10.96 -23.84 59.15
C TYR T 231 -12.00 -24.48 58.25
N ILE T 232 -11.56 -25.36 57.35
CA ILE T 232 -12.44 -26.02 56.40
C ILE T 232 -12.18 -27.52 56.43
N TYR T 233 -13.25 -28.30 56.58
CA TYR T 233 -13.16 -29.76 56.70
C TYR T 233 -14.04 -30.42 55.66
N TYR T 234 -13.57 -31.53 55.10
CA TYR T 234 -14.26 -32.25 54.03
C TYR T 234 -14.26 -33.74 54.35
N ASN T 235 -15.42 -34.38 54.24
CA ASN T 235 -15.58 -35.81 54.45
C ASN T 235 -15.99 -36.43 53.11
N HIS T 236 -15.04 -37.06 52.42
CA HIS T 236 -15.28 -37.54 51.06
C HIS T 236 -16.27 -38.68 50.99
N ARG T 237 -16.52 -39.37 52.10
CA ARG T 237 -17.47 -40.49 52.07
C ARG T 237 -18.90 -40.03 51.91
N ARG T 238 -19.22 -38.79 52.27
CA ARG T 238 -20.57 -38.26 52.15
C ARG T 238 -20.64 -36.93 51.42
N GLY T 239 -19.52 -36.28 51.17
CA GLY T 239 -19.53 -34.97 50.51
C GLY T 239 -20.15 -33.86 51.33
N ASP T 240 -19.82 -33.78 52.61
CA ASP T 240 -20.36 -32.77 53.51
C ASP T 240 -19.25 -31.85 53.98
N TRP T 241 -19.51 -30.54 53.95
CA TRP T 241 -18.54 -29.53 54.34
C TRP T 241 -18.83 -29.03 55.75
N LEU T 242 -17.76 -28.87 56.54
CA LEU T 242 -17.84 -28.28 57.88
C LEU T 242 -16.79 -27.19 57.97
N VAL T 243 -17.24 -25.93 57.97
CA VAL T 243 -16.35 -24.77 58.02
C VAL T 243 -16.59 -24.04 59.33
N ARG T 244 -15.51 -23.78 60.07
CA ARG T 244 -15.61 -23.19 61.40
C ARG T 244 -14.58 -22.09 61.55
N ASP T 245 -14.88 -21.15 62.44
CA ASP T 245 -13.99 -20.05 62.78
C ASP T 245 -13.39 -20.30 64.15
N PRO T 246 -12.08 -20.54 64.26
CA PRO T 246 -11.51 -20.96 65.55
C PRO T 246 -11.41 -19.86 66.58
N ILE T 247 -11.46 -18.59 66.17
CA ILE T 247 -11.32 -17.50 67.14
C ILE T 247 -12.57 -17.37 67.99
N SER T 248 -13.71 -17.09 67.34
CA SER T 248 -14.97 -16.93 68.05
C SER T 248 -15.74 -18.23 68.22
N GLY T 249 -15.30 -19.32 67.60
CA GLY T 249 -16.04 -20.57 67.65
C GLY T 249 -17.28 -20.59 66.78
N GLN T 250 -17.46 -19.60 65.92
CA GLN T 250 -18.67 -19.50 65.11
C GLN T 250 -18.62 -20.44 63.92
N ARG T 251 -19.73 -21.11 63.65
CA ARG T 251 -19.83 -22.05 62.54
C ARG T 251 -20.53 -21.39 61.37
N GLY T 252 -19.87 -21.40 60.21
CA GLY T 252 -20.46 -20.92 58.98
C GLY T 252 -20.86 -22.05 58.05
N GLU T 253 -21.29 -21.67 56.85
CA GLU T 253 -21.65 -22.63 55.81
C GLU T 253 -20.78 -22.37 54.59
N CYS T 254 -20.33 -23.45 53.97
CA CYS T 254 -19.39 -23.37 52.86
C CYS T 254 -20.12 -23.45 51.53
N LEU T 255 -19.82 -22.51 50.64
CA LEU T 255 -20.32 -22.53 49.28
C LEU T 255 -19.31 -23.22 48.37
N VAL T 256 -19.82 -23.95 47.38
CA VAL T 256 -18.99 -24.61 46.39
C VAL T 256 -19.53 -24.27 45.00
N LEU T 257 -18.65 -23.88 44.10
CA LEU T 257 -19.01 -23.46 42.76
C LEU T 257 -18.38 -24.30 41.67
N TRP T 258 -17.11 -24.69 41.85
CA TRP T 258 -16.40 -25.60 40.96
C TRP T 258 -15.93 -26.76 41.81
N PRO T 259 -16.72 -27.83 41.92
CA PRO T 259 -16.44 -28.88 42.92
C PRO T 259 -15.10 -29.56 42.66
N PRO T 260 -14.40 -29.94 43.72
CA PRO T 260 -13.06 -30.53 43.57
C PRO T 260 -13.15 -32.01 43.24
N LEU T 261 -11.98 -32.65 43.18
CA LEU T 261 -11.84 -34.06 42.86
C LEU T 261 -11.00 -34.73 43.93
N TRP T 262 -11.45 -35.89 44.41
CA TRP T 262 -10.77 -36.64 45.46
C TRP T 262 -10.16 -37.89 44.85
N THR T 263 -8.84 -38.03 44.99
CA THR T 263 -8.09 -39.12 44.34
C THR T 263 -7.28 -39.88 45.36
N GLY T 264 -7.89 -40.23 46.47
CA GLY T 264 -7.21 -40.99 47.52
C GLY T 264 -6.63 -40.07 48.59
N ASP T 265 -5.31 -40.08 48.73
CA ASP T 265 -4.64 -39.26 49.73
C ASP T 265 -4.28 -37.90 49.14
N ARG T 266 -5.27 -37.28 48.50
CA ARG T 266 -5.11 -35.98 47.86
C ARG T 266 -6.46 -35.29 47.82
N LEU T 267 -6.46 -34.08 47.27
CA LEU T 267 -7.69 -33.38 46.90
C LEU T 267 -7.28 -32.31 45.89
N VAL T 268 -7.71 -32.48 44.65
CA VAL T 268 -7.30 -31.61 43.55
C VAL T 268 -8.47 -30.70 43.21
N PHE T 269 -8.29 -29.40 43.43
CA PHE T 269 -9.29 -28.42 43.06
C PHE T 269 -9.19 -28.15 41.55
N ASP T 270 -10.09 -27.31 41.05
CA ASP T 270 -10.08 -26.92 39.65
C ASP T 270 -10.10 -25.41 39.52
N SER T 271 -9.42 -24.73 40.45
CA SER T 271 -9.22 -23.29 40.37
C SER T 271 -8.13 -22.98 39.35
N PRO T 272 -8.15 -21.77 38.78
CA PRO T 272 -7.12 -21.43 37.78
C PRO T 272 -5.69 -21.55 38.30
N VAL T 273 -5.46 -21.22 39.57
CA VAL T 273 -4.12 -21.34 40.13
C VAL T 273 -3.68 -22.79 40.20
N GLN T 274 -4.61 -23.70 40.49
CA GLN T 274 -4.28 -25.12 40.51
C GLN T 274 -3.86 -25.61 39.13
N ARG T 275 -4.57 -25.17 38.08
CA ARG T 275 -4.19 -25.56 36.73
C ARG T 275 -2.85 -24.96 36.34
N LEU T 276 -2.58 -23.72 36.75
CA LEU T 276 -1.35 -23.04 36.38
C LEU T 276 -0.17 -23.38 37.29
N PHE T 277 -0.38 -24.18 38.34
CA PHE T 277 0.63 -24.34 39.37
C PHE T 277 1.92 -25.00 38.89
N PRO T 278 1.91 -26.16 38.20
CA PRO T 278 3.20 -26.79 37.86
C PRO T 278 4.10 -25.96 36.96
N GLU T 279 3.51 -25.22 36.01
CA GLU T 279 4.32 -24.47 35.04
C GLU T 279 5.12 -23.38 35.73
N ILE T 280 4.50 -22.62 36.62
CA ILE T 280 5.19 -21.54 37.31
C ILE T 280 6.27 -22.09 38.24
N VAL T 281 6.01 -23.24 38.86
CA VAL T 281 7.02 -23.87 39.71
C VAL T 281 8.24 -24.27 38.88
N ALA T 282 8.01 -24.86 37.71
CA ALA T 282 9.12 -25.22 36.83
C ALA T 282 9.91 -23.99 36.41
N CYS T 283 9.21 -22.90 36.06
CA CYS T 283 9.91 -21.68 35.68
C CYS T 283 10.74 -21.12 36.83
N HIS T 284 10.18 -21.13 38.05
CA HIS T 284 10.91 -20.64 39.21
C HIS T 284 12.15 -21.47 39.48
N SER T 285 12.03 -22.79 39.38
CA SER T 285 13.19 -23.65 39.60
C SER T 285 14.26 -23.42 38.53
N LEU T 286 13.84 -23.22 37.28
CA LEU T 286 14.80 -22.92 36.22
C LEU T 286 15.52 -21.61 36.49
N ARG T 287 14.80 -20.59 36.95
CA ARG T 287 15.45 -19.31 37.24
C ARG T 287 16.45 -19.44 38.38
N GLU T 288 16.10 -20.19 39.42
CA GLU T 288 17.04 -20.38 40.53
C GLU T 288 18.29 -21.14 40.07
N HIS T 289 18.11 -22.17 39.24
CA HIS T 289 19.27 -22.90 38.73
C HIS T 289 20.14 -22.00 37.85
N ALA T 290 19.52 -21.15 37.05
CA ALA T 290 20.28 -20.22 36.22
C ALA T 290 21.07 -19.25 37.08
N HIS T 291 20.47 -18.76 38.17
CA HIS T 291 21.20 -17.90 39.09
C HIS T 291 22.41 -18.62 39.69
N VAL T 292 22.21 -19.86 40.14
CA VAL T 292 23.31 -20.62 40.74
C VAL T 292 24.43 -20.83 39.73
N CYS T 293 24.08 -21.19 38.49
CA CYS T 293 25.11 -21.35 37.46
C CYS T 293 25.80 -20.02 37.16
N ARG T 294 25.05 -18.91 37.23
CA ARG T 294 25.64 -17.60 36.96
C ARG T 294 26.69 -17.24 38.00
N LEU T 295 26.42 -17.51 39.27
CA LEU T 295 27.40 -17.17 40.30
C LEU T 295 28.64 -18.06 40.25
N ARG T 296 28.62 -19.14 39.47
CA ARG T 296 29.76 -20.04 39.39
C ARG T 296 30.88 -19.48 38.51
N ASN T 297 30.55 -18.74 37.46
CA ASN T 297 31.51 -18.31 36.45
C ASN T 297 32.16 -16.96 36.78
N THR T 298 32.25 -16.60 38.06
CA THR T 298 32.80 -15.30 38.43
C THR T 298 34.32 -15.28 38.43
N ALA T 299 34.98 -16.42 38.26
CA ALA T 299 36.43 -16.50 38.20
C ALA T 299 36.86 -16.91 36.80
N SER T 300 37.76 -16.12 36.21
CA SER T 300 38.15 -16.36 34.82
C SER T 300 39.05 -17.56 34.67
N VAL T 301 40.03 -17.72 35.56
CA VAL T 301 41.07 -18.74 35.44
C VAL T 301 40.87 -19.78 36.53
N LYS T 302 41.01 -21.05 36.15
CA LYS T 302 40.87 -22.17 37.07
C LYS T 302 42.10 -23.07 36.96
N VAL T 303 42.45 -23.70 38.09
CA VAL T 303 43.63 -24.55 38.18
C VAL T 303 43.22 -25.91 38.72
N LEU T 304 43.76 -26.97 38.10
CA LEU T 304 43.50 -28.33 38.54
C LEU T 304 44.83 -29.01 38.87
N LEU T 305 44.88 -29.70 40.00
CA LEU T 305 46.09 -30.32 40.48
C LEU T 305 45.95 -31.84 40.52
N GLY T 306 47.09 -32.52 40.61
CA GLY T 306 47.10 -33.97 40.72
C GLY T 306 48.38 -34.42 41.40
N ARG T 307 48.30 -35.56 42.07
CA ARG T 307 49.45 -36.10 42.79
C ARG T 307 50.53 -36.56 41.82
N LYS T 308 51.78 -36.35 42.20
CA LYS T 308 52.90 -36.87 41.43
C LYS T 308 52.90 -38.39 41.45
N SER T 309 53.24 -38.99 40.31
CA SER T 309 53.52 -40.42 40.28
C SER T 309 54.85 -40.67 40.96
N ASP T 310 54.80 -41.23 42.17
CA ASP T 310 55.97 -41.43 43.02
C ASP T 310 56.64 -40.10 43.36
N TYR T 494 38.62 -14.14 41.51
CA TYR T 494 39.46 -13.85 40.36
C TYR T 494 40.24 -15.09 39.91
N ASP T 495 40.50 -16.00 40.85
CA ASP T 495 41.02 -17.32 40.51
C ASP T 495 40.48 -18.35 41.49
N ILE T 496 40.18 -19.55 40.99
CA ILE T 496 39.66 -20.64 41.80
C ILE T 496 40.48 -21.88 41.51
N ILE T 497 40.88 -22.59 42.57
CA ILE T 497 41.73 -23.76 42.47
C ILE T 497 40.96 -25.00 42.92
N ASP T 498 41.13 -26.07 42.16
CA ASP T 498 40.52 -27.37 42.47
C ASP T 498 41.60 -28.33 42.95
N VAL T 499 41.34 -29.00 44.06
CA VAL T 499 42.31 -29.90 44.69
C VAL T 499 41.74 -31.30 44.61
N SER T 500 42.30 -32.13 43.73
CA SER T 500 41.92 -33.54 43.63
C SER T 500 43.08 -34.47 43.95
N LYS T 501 44.06 -33.98 44.73
CA LYS T 501 45.24 -34.78 45.04
C LYS T 501 44.98 -35.75 46.19
N SER T 502 43.95 -35.51 47.00
CA SER T 502 43.73 -36.35 48.17
C SER T 502 43.22 -37.73 47.78
N MET T 503 42.30 -37.79 46.81
CA MET T 503 41.68 -39.06 46.43
C MET T 503 42.55 -39.90 45.51
N ASP T 504 43.57 -39.31 44.90
CA ASP T 504 44.42 -40.06 43.99
C ASP T 504 45.21 -41.13 44.74
N ASP T 505 45.28 -42.32 44.14
CA ASP T 505 46.08 -43.40 44.71
C ASP T 505 46.40 -44.38 43.59
N ASP T 506 47.67 -44.42 43.19
CA ASP T 506 48.15 -45.32 42.13
C ASP T 506 47.43 -45.09 40.81
N THR T 507 46.96 -43.85 40.58
CA THR T 507 46.22 -43.51 39.37
C THR T 507 46.62 -42.10 38.94
N TYR T 508 46.11 -41.68 37.78
CA TYR T 508 46.52 -40.43 37.16
C TYR T 508 45.31 -39.77 36.52
N VAL T 509 45.46 -38.48 36.22
CA VAL T 509 44.43 -37.71 35.53
C VAL T 509 44.52 -38.05 34.05
N ALA T 510 43.62 -38.91 33.57
CA ALA T 510 43.65 -39.32 32.17
C ALA T 510 43.28 -38.17 31.25
N ASN T 511 42.21 -37.45 31.58
CA ASN T 511 41.75 -36.34 30.74
C ASN T 511 40.94 -35.38 31.59
N SER T 512 40.81 -34.15 31.09
CA SER T 512 40.02 -33.12 31.75
C SER T 512 39.23 -32.35 30.71
N PHE T 513 38.09 -31.82 31.13
CA PHE T 513 37.20 -31.09 30.24
C PHE T 513 36.69 -29.84 30.93
N GLN T 514 36.24 -28.87 30.12
CA GLN T 514 35.56 -27.70 30.63
C GLN T 514 34.45 -27.30 29.66
N HIS T 515 33.27 -27.01 30.20
CA HIS T 515 32.14 -26.54 29.40
C HIS T 515 31.22 -25.74 30.30
N PRO T 516 31.32 -24.40 30.27
CA PRO T 516 30.54 -23.52 31.17
C PRO T 516 29.11 -23.27 30.71
N TYR T 517 28.23 -24.19 31.05
CA TYR T 517 26.82 -24.08 30.67
C TYR T 517 26.11 -23.02 31.51
N ILE T 518 25.21 -22.29 30.86
CA ILE T 518 24.36 -21.30 31.53
C ILE T 518 22.94 -21.40 30.96
N PRO T 519 21.97 -21.90 31.71
CA PRO T 519 20.60 -21.98 31.20
C PRO T 519 20.00 -20.60 30.96
N SER T 520 19.12 -20.54 29.96
CA SER T 520 18.41 -19.32 29.60
C SER T 520 16.94 -19.46 29.92
N TYR T 521 16.31 -18.37 30.37
CA TYR T 521 14.96 -18.43 30.90
C TYR T 521 14.02 -17.36 30.35
N ALA T 522 14.41 -16.65 29.30
CA ALA T 522 13.56 -15.57 28.79
C ALA T 522 12.34 -16.12 28.06
N GLN T 523 12.54 -17.15 27.23
CA GLN T 523 11.43 -17.70 26.44
C GLN T 523 10.37 -18.31 27.34
N ASP T 524 10.79 -19.00 28.40
CA ASP T 524 9.84 -19.58 29.33
C ASP T 524 9.06 -18.49 30.06
N LEU T 525 9.71 -17.40 30.43
CA LEU T 525 9.02 -16.30 31.08
C LEU T 525 7.97 -15.68 30.16
N GLU T 526 8.33 -15.49 28.88
CA GLU T 526 7.36 -14.94 27.94
C GLU T 526 6.17 -15.88 27.76
N ARG T 527 6.44 -17.18 27.61
CA ARG T 527 5.37 -18.15 27.48
C ARG T 527 4.47 -18.16 28.70
N LEU T 528 5.07 -18.08 29.89
CA LEU T 528 4.28 -18.11 31.12
C LEU T 528 3.42 -16.85 31.26
N SER T 529 3.96 -15.69 30.87
CA SER T 529 3.16 -14.47 30.89
C SER T 529 1.95 -14.58 29.96
N ARG T 530 2.18 -15.03 28.73
CA ARG T 530 1.08 -15.18 27.78
C ARG T 530 0.05 -16.19 28.28
N LEU T 531 0.53 -17.28 28.88
CA LEU T 531 -0.38 -18.30 29.41
C LEU T 531 -1.22 -17.74 30.56
N TRP T 532 -0.60 -17.00 31.47
CA TRP T 532 -1.34 -16.36 32.55
C TRP T 532 -2.44 -15.46 31.99
N GLU T 533 -2.08 -14.61 31.02
CA GLU T 533 -3.05 -13.67 30.48
C GLU T 533 -4.21 -14.41 29.83
N HIS T 534 -3.91 -15.41 28.99
CA HIS T 534 -4.98 -16.11 28.28
C HIS T 534 -5.88 -16.86 29.26
N GLU T 535 -5.29 -17.52 30.27
CA GLU T 535 -6.09 -18.24 31.25
C GLU T 535 -7.03 -17.31 31.99
N LEU T 536 -6.52 -16.16 32.44
CA LEU T 536 -7.36 -15.25 33.20
C LEU T 536 -8.41 -14.58 32.32
N VAL T 537 -8.11 -14.35 31.04
CA VAL T 537 -9.12 -13.78 30.15
C VAL T 537 -10.24 -14.78 29.89
N ARG T 538 -9.90 -16.03 29.61
CA ARG T 538 -10.92 -16.99 29.21
C ARG T 538 -11.70 -17.56 30.39
N CYS T 539 -11.09 -17.61 31.58
CA CYS T 539 -11.79 -18.22 32.72
C CYS T 539 -12.85 -17.29 33.28
N PHE T 540 -12.58 -15.99 33.36
CA PHE T 540 -13.49 -15.04 33.96
C PHE T 540 -14.28 -14.24 32.93
N LYS T 541 -14.19 -14.59 31.65
CA LYS T 541 -14.95 -13.95 30.58
C LYS T 541 -14.69 -12.44 30.54
N ILE T 542 -13.43 -12.08 30.39
CA ILE T 542 -13.03 -10.67 30.32
C ILE T 542 -13.08 -10.22 28.86
N LEU T 543 -13.76 -9.10 28.61
CA LEU T 543 -13.89 -8.54 27.28
C LEU T 543 -12.87 -7.41 27.13
N CYS T 544 -11.94 -7.57 26.20
CA CYS T 544 -10.85 -6.62 26.01
C CYS T 544 -11.17 -5.71 24.82
N HIS T 545 -11.36 -4.42 25.10
CA HIS T 545 -11.52 -3.44 24.04
C HIS T 545 -10.16 -3.13 23.41
N ARG T 546 -10.18 -2.81 22.13
CA ARG T 546 -8.95 -2.55 21.39
C ARG T 546 -9.14 -1.39 20.44
N ASN T 547 -8.02 -0.79 20.05
CA ASN T 547 -8.00 0.34 19.13
C ASN T 547 -8.15 -0.17 17.70
N ASN T 548 -7.89 0.69 16.71
CA ASN T 548 -7.85 0.23 15.33
C ASN T 548 -6.79 -0.83 15.15
N GLN T 549 -5.61 -0.61 15.71
CA GLN T 549 -4.58 -1.64 15.82
C GLN T 549 -3.93 -1.72 17.19
N GLY T 550 -4.02 -0.67 18.01
CA GLY T 550 -3.47 -0.74 19.35
C GLY T 550 -4.21 -1.76 20.21
N GLN T 551 -3.48 -2.36 21.14
CA GLN T 551 -4.00 -3.43 21.96
C GLN T 551 -4.33 -2.94 23.36
N GLU T 552 -5.48 -3.39 23.88
CA GLU T 552 -5.91 -3.14 25.26
C GLU T 552 -6.04 -1.64 25.53
N THR T 553 -6.98 -1.01 24.81
CA THR T 553 -7.35 0.35 25.15
C THR T 553 -8.01 0.42 26.53
N SER T 554 -8.89 -0.54 26.83
CA SER T 554 -9.52 -0.63 28.13
C SER T 554 -10.04 -2.06 28.31
N ILE T 555 -10.25 -2.43 29.57
CA ILE T 555 -10.68 -3.78 29.93
C ILE T 555 -11.87 -3.68 30.87
N SER T 556 -12.91 -4.47 30.60
CA SER T 556 -14.11 -4.49 31.43
C SER T 556 -14.77 -5.85 31.32
N TYR T 557 -15.71 -6.11 32.23
CA TYR T 557 -16.45 -7.37 32.21
C TYR T 557 -17.27 -7.50 30.94
N SER T 558 -17.37 -8.73 30.43
CA SER T 558 -18.26 -9.03 29.33
C SER T 558 -19.70 -9.15 29.84
N SER T 559 -20.64 -9.26 28.90
CA SER T 559 -22.04 -9.35 29.27
C SER T 559 -22.33 -10.65 30.02
N GLY T 560 -21.65 -11.74 29.65
CA GLY T 560 -21.84 -13.00 30.35
C GLY T 560 -21.06 -13.11 31.65
N ALA T 561 -19.97 -12.35 31.77
CA ALA T 561 -19.16 -12.42 32.98
C ALA T 561 -19.95 -11.96 34.21
N ILE T 562 -20.71 -10.88 34.07
CA ILE T 562 -21.48 -10.39 35.21
C ILE T 562 -22.60 -11.36 35.55
N ALA T 563 -23.21 -11.98 34.54
CA ALA T 563 -24.26 -12.96 34.81
C ALA T 563 -23.70 -14.20 35.49
N ALA T 564 -22.44 -14.55 35.18
CA ALA T 564 -21.85 -15.76 35.74
C ALA T 564 -21.21 -15.52 37.10
N PHE T 565 -20.80 -14.29 37.41
CA PHE T 565 -20.07 -14.03 38.65
C PHE T 565 -20.78 -13.04 39.57
N VAL T 566 -21.25 -11.92 39.04
CA VAL T 566 -21.94 -10.93 39.88
C VAL T 566 -23.29 -11.46 40.33
N ALA T 567 -24.05 -12.08 39.43
CA ALA T 567 -25.37 -12.58 39.78
C ALA T 567 -25.35 -13.64 40.88
N PRO T 568 -24.49 -14.67 40.84
CA PRO T 568 -24.46 -15.60 41.97
C PRO T 568 -24.08 -14.94 43.29
N TYR T 569 -23.25 -13.89 43.24
CA TYR T 569 -22.91 -13.16 44.46
C TYR T 569 -24.15 -12.62 45.13
N PHE T 570 -24.97 -11.88 44.39
CA PHE T 570 -26.21 -11.34 44.95
C PHE T 570 -27.18 -12.45 45.32
N GLU T 571 -27.24 -13.52 44.53
CA GLU T 571 -28.25 -14.55 44.74
C GLU T 571 -27.97 -15.39 45.98
N SER T 572 -26.72 -15.78 46.20
CA SER T 572 -26.38 -16.70 47.28
C SER T 572 -25.49 -16.08 48.35
N VAL T 573 -24.45 -15.32 47.97
CA VAL T 573 -23.54 -14.79 48.97
C VAL T 573 -24.24 -13.76 49.84
N LEU T 574 -25.03 -12.88 49.23
CA LEU T 574 -25.76 -11.86 49.96
C LEU T 574 -27.18 -12.29 50.30
N ARG T 575 -27.75 -13.23 49.55
CA ARG T 575 -29.15 -13.61 49.68
C ARG T 575 -30.06 -12.40 49.58
N ALA T 576 -29.77 -11.52 48.61
CA ALA T 576 -30.53 -10.31 48.43
C ALA T 576 -31.94 -10.63 47.93
N PRO T 577 -32.92 -9.76 48.24
CA PRO T 577 -34.30 -10.02 47.80
C PRO T 577 -34.44 -10.08 46.29
N ARG T 578 -34.04 -9.01 45.60
CA ARG T 578 -34.15 -8.97 44.15
C ARG T 578 -33.23 -7.88 43.62
N VAL T 579 -32.84 -8.03 42.35
CA VAL T 579 -32.04 -7.04 41.66
C VAL T 579 -32.60 -6.66 40.29
N GLY T 580 -33.77 -7.19 39.93
CA GLY T 580 -34.34 -6.88 38.63
C GLY T 580 -33.56 -7.52 37.49
N ALA T 581 -33.87 -7.05 36.29
CA ALA T 581 -33.18 -7.56 35.11
C ALA T 581 -31.69 -7.17 35.15
N PRO T 582 -30.80 -8.10 34.88
CA PRO T 582 -29.37 -7.78 34.90
C PRO T 582 -29.00 -6.78 33.82
N ILE T 583 -27.98 -5.97 34.10
CA ILE T 583 -27.50 -5.00 33.14
C ILE T 583 -26.69 -5.68 32.05
N THR T 584 -26.40 -4.94 31.00
CA THR T 584 -25.58 -5.44 29.91
C THR T 584 -24.10 -5.11 30.19
N GLY T 585 -23.21 -5.87 29.56
CA GLY T 585 -21.79 -5.61 29.68
C GLY T 585 -21.34 -4.28 29.09
N SER T 586 -22.20 -3.63 28.31
CA SER T 586 -21.91 -2.31 27.77
C SER T 586 -22.36 -1.18 28.69
N ASP T 587 -23.08 -1.49 29.77
CA ASP T 587 -23.48 -0.48 30.73
C ASP T 587 -22.48 -0.31 31.87
N VAL T 588 -21.49 -1.21 31.97
CA VAL T 588 -20.46 -1.06 32.99
C VAL T 588 -19.60 0.17 32.70
N ILE T 589 -19.24 0.37 31.42
CA ILE T 589 -18.37 1.49 31.07
C ILE T 589 -19.04 2.84 31.31
N LEU T 590 -20.37 2.87 31.31
CA LEU T 590 -21.09 4.12 31.51
C LEU T 590 -20.88 4.66 32.92
N GLY T 591 -21.11 5.97 33.07
CA GLY T 591 -21.06 6.62 34.36
C GLY T 591 -22.38 6.54 35.09
N GLU T 592 -22.42 7.18 36.26
CA GLU T 592 -23.63 7.17 37.07
C GLU T 592 -24.75 7.94 36.38
N GLU T 593 -24.47 9.16 35.93
CA GLU T 593 -25.50 9.96 35.26
C GLU T 593 -25.95 9.31 33.97
N GLU T 594 -25.01 8.75 33.20
CA GLU T 594 -25.36 8.08 31.96
C GLU T 594 -26.24 6.86 32.23
N LEU T 595 -25.92 6.09 33.28
CA LEU T 595 -26.74 4.94 33.62
C LEU T 595 -28.14 5.35 34.04
N TRP T 596 -28.24 6.40 34.87
CA TRP T 596 -29.56 6.88 35.27
C TRP T 596 -30.37 7.37 34.07
N ASP T 597 -29.73 8.08 33.15
CA ASP T 597 -30.43 8.54 31.96
C ASP T 597 -30.88 7.36 31.10
N ALA T 598 -30.02 6.34 30.98
CA ALA T 598 -30.39 5.16 30.18
C ALA T 598 -31.58 4.44 30.78
N VAL T 599 -31.60 4.27 32.11
CA VAL T 599 -32.72 3.59 32.73
C VAL T 599 -33.96 4.48 32.82
N PHE T 600 -33.80 5.79 32.64
CA PHE T 600 -34.94 6.69 32.77
C PHE T 600 -35.83 6.65 31.55
N LYS T 601 -35.25 6.53 30.35
CA LYS T 601 -36.04 6.60 29.13
C LYS T 601 -36.92 5.37 28.98
N LYS T 602 -36.38 4.18 29.22
CA LYS T 602 -37.12 2.94 28.97
C LYS T 602 -38.03 2.54 30.12
N THR T 603 -38.00 3.25 31.24
CA THR T 603 -38.77 2.85 32.41
C THR T 603 -40.21 3.34 32.30
N ARG T 604 -40.98 3.14 33.36
CA ARG T 604 -42.41 3.42 33.34
C ARG T 604 -42.71 4.91 33.27
N LEU T 605 -41.89 5.73 33.94
CA LEU T 605 -42.24 7.14 34.12
C LEU T 605 -42.30 7.90 32.81
N GLN T 606 -41.40 7.59 31.86
CA GLN T 606 -41.32 8.38 30.63
C GLN T 606 -42.61 8.31 29.83
N THR T 607 -43.29 7.15 29.85
CA THR T 607 -44.54 7.02 29.10
C THR T 607 -45.60 7.97 29.62
N TYR T 608 -45.79 8.03 30.95
CA TYR T 608 -46.73 8.98 31.53
C TYR T 608 -46.29 10.42 31.25
N LEU T 609 -44.99 10.68 31.36
CA LEU T 609 -44.49 12.04 31.19
C LEU T 609 -44.75 12.54 29.78
N THR T 610 -44.57 11.69 28.77
CA THR T 610 -44.89 12.07 27.40
C THR T 610 -46.38 12.10 27.16
N ASP T 611 -47.15 11.25 27.86
CA ASP T 611 -48.60 11.26 27.71
C ASP T 611 -49.21 12.57 28.20
N ILE T 612 -48.67 13.11 29.31
CA ILE T 612 -49.20 14.36 29.85
C ILE T 612 -49.04 15.49 28.85
N ALA T 613 -47.86 15.59 28.22
CA ALA T 613 -47.59 16.71 27.33
C ALA T 613 -48.51 16.70 26.12
N ALA T 614 -48.75 15.52 25.54
CA ALA T 614 -49.60 15.45 24.35
C ALA T 614 -51.03 15.89 24.65
N LEU T 615 -51.58 15.43 25.78
CA LEU T 615 -52.93 15.82 26.15
C LEU T 615 -53.03 17.32 26.41
N PHE T 616 -52.03 17.88 27.10
CA PHE T 616 -52.04 19.31 27.38
C PHE T 616 -51.93 20.13 26.10
N VAL T 617 -51.08 19.70 25.17
CA VAL T 617 -50.94 20.42 23.91
C VAL T 617 -52.21 20.34 23.10
N ALA T 618 -52.84 19.16 23.05
CA ALA T 618 -54.09 19.02 22.31
C ALA T 618 -55.20 19.85 22.93
N ASP T 619 -55.27 19.91 24.27
CA ASP T 619 -56.35 20.58 24.96
C ASP T 619 -56.12 22.08 25.13
N VAL T 620 -54.93 22.59 24.80
CA VAL T 620 -54.64 24.00 25.07
C VAL T 620 -55.44 24.92 24.16
N GLN T 621 -55.76 24.48 22.94
CA GLN T 621 -56.48 25.31 21.99
C GLN T 621 -57.87 24.79 21.64
N HIS T 622 -58.17 23.51 21.89
CA HIS T 622 -59.51 23.00 21.61
C HIS T 622 -60.56 23.66 22.48
N ALA T 623 -60.26 23.86 23.76
CA ALA T 623 -61.20 24.49 24.68
C ALA T 623 -61.28 25.99 24.41
N ASP U 25 -17.50 -63.77 34.33
CA ASP U 25 -18.51 -64.23 33.38
C ASP U 25 -18.69 -63.23 32.24
N GLY U 26 -17.61 -62.54 31.89
CA GLY U 26 -17.62 -61.59 30.79
C GLY U 26 -17.65 -60.14 31.20
N TRP U 27 -18.03 -59.84 32.44
CA TRP U 27 -18.05 -58.47 32.90
C TRP U 27 -16.64 -57.92 33.06
N VAL U 28 -16.50 -56.62 32.84
CA VAL U 28 -15.19 -55.96 32.85
C VAL U 28 -15.32 -54.62 33.57
N LYS U 29 -14.32 -54.28 34.37
CA LYS U 29 -14.24 -52.95 34.96
C LYS U 29 -13.98 -51.92 33.87
N VAL U 30 -14.66 -50.78 33.96
CA VAL U 30 -14.50 -49.75 32.93
C VAL U 30 -13.99 -48.45 33.54
N HIS U 31 -14.78 -47.86 34.44
CA HIS U 31 -14.48 -46.49 34.88
C HIS U 31 -13.37 -46.40 35.91
N PRO U 32 -13.46 -47.06 37.08
CA PRO U 32 -12.50 -46.75 38.16
C PRO U 32 -11.09 -47.28 37.95
N THR U 33 -10.80 -47.78 36.74
CA THR U 33 -9.43 -48.12 36.41
C THR U 33 -8.58 -46.84 36.39
N PRO U 34 -7.28 -46.94 36.67
CA PRO U 34 -6.45 -45.72 36.67
C PRO U 34 -6.37 -45.03 35.33
N GLY U 35 -6.68 -45.73 34.23
CA GLY U 35 -6.61 -45.14 32.91
C GLY U 35 -7.60 -44.01 32.67
N THR U 36 -8.61 -43.87 33.53
CA THR U 36 -9.54 -42.76 33.43
C THR U 36 -9.27 -41.67 34.46
N MET U 37 -8.79 -42.05 35.65
CA MET U 37 -8.30 -41.05 36.59
C MET U 37 -7.15 -40.26 35.98
N LEU U 38 -6.31 -40.92 35.19
CA LEU U 38 -5.26 -40.20 34.48
C LEU U 38 -5.85 -39.21 33.49
N PHE U 39 -6.90 -39.60 32.78
CA PHE U 39 -7.54 -38.68 31.84
C PHE U 39 -8.09 -37.45 32.57
N ARG U 40 -8.80 -37.67 33.68
CA ARG U 40 -9.37 -36.54 34.40
C ARG U 40 -8.29 -35.63 34.98
N GLU U 41 -7.23 -36.22 35.55
CA GLU U 41 -6.15 -35.39 36.07
C GLU U 41 -5.43 -34.64 34.97
N ILE U 42 -5.32 -35.23 33.78
CA ILE U 42 -4.83 -34.49 32.62
C ILE U 42 -5.74 -33.30 32.34
N LEU U 43 -7.06 -33.52 32.44
CA LEU U 43 -8.00 -32.43 32.21
C LEU U 43 -7.84 -31.33 33.25
N HIS U 44 -7.43 -31.71 34.48
CA HIS U 44 -7.12 -30.74 35.53
C HIS U 44 -5.70 -30.21 35.45
N GLY U 45 -5.01 -30.42 34.34
CA GLY U 45 -3.65 -29.93 34.20
C GLY U 45 -2.64 -30.53 35.17
N GLN U 46 -2.72 -31.84 35.41
CA GLN U 46 -1.77 -32.49 36.31
C GLN U 46 -0.48 -32.92 35.61
N LEU U 47 -0.40 -32.76 34.29
CA LEU U 47 0.85 -32.96 33.56
C LEU U 47 0.89 -31.90 32.46
N GLY U 48 1.63 -30.81 32.73
CA GLY U 48 1.75 -29.73 31.77
C GLY U 48 0.51 -28.88 31.62
N TYR U 49 0.65 -27.73 30.99
CA TYR U 49 -0.47 -26.87 30.65
C TYR U 49 -0.08 -26.01 29.47
N THR U 50 -1.08 -25.55 28.72
CA THR U 50 -0.86 -24.85 27.46
C THR U 50 -1.91 -23.77 27.28
N GLU U 51 -1.62 -22.85 26.36
CA GLU U 51 -2.62 -21.84 26.00
C GLU U 51 -3.82 -22.46 25.31
N GLY U 52 -3.59 -23.51 24.51
CA GLY U 52 -4.67 -24.13 23.79
C GLY U 52 -5.68 -24.80 24.69
N GLN U 53 -5.21 -25.39 25.80
CA GLN U 53 -6.11 -26.05 26.74
C GLN U 53 -7.06 -25.07 27.40
N GLY U 54 -6.77 -23.77 27.35
CA GLY U 54 -7.63 -22.77 27.96
C GLY U 54 -8.94 -22.53 27.24
N VAL U 55 -9.08 -23.03 26.01
CA VAL U 55 -10.35 -22.94 25.31
C VAL U 55 -11.42 -23.80 25.98
N TYR U 56 -11.00 -24.82 26.72
CA TYR U 56 -11.94 -25.72 27.38
C TYR U 56 -12.79 -25.01 28.43
N ASN U 57 -12.36 -23.84 28.91
CA ASN U 57 -13.14 -23.12 29.90
C ASN U 57 -14.44 -22.60 29.31
N VAL U 58 -14.44 -22.29 28.02
CA VAL U 58 -15.66 -21.82 27.36
C VAL U 58 -16.61 -22.99 27.11
N VAL U 59 -16.05 -24.16 26.78
CA VAL U 59 -16.86 -25.33 26.43
C VAL U 59 -17.75 -25.74 27.61
N ARG U 60 -17.33 -25.46 28.83
CA ARG U 60 -18.08 -25.85 30.01
C ARG U 60 -19.09 -24.81 30.47
N SER U 61 -19.16 -23.66 29.81
CA SER U 61 -20.04 -22.59 30.26
C SER U 61 -21.51 -23.02 30.16
N SER U 62 -22.32 -22.48 31.06
CA SER U 62 -23.74 -22.79 31.13
C SER U 62 -24.61 -21.70 30.51
N GLU U 63 -24.04 -20.87 29.63
CA GLU U 63 -24.81 -19.78 29.05
C GLU U 63 -25.84 -20.30 28.05
N ALA U 64 -25.46 -21.29 27.23
CA ALA U 64 -26.36 -21.80 26.20
C ALA U 64 -27.61 -22.42 26.82
N THR U 65 -27.43 -23.22 27.87
CA THR U 65 -28.58 -23.89 28.48
C THR U 65 -29.50 -22.89 29.16
N THR U 66 -28.93 -21.86 29.80
CA THR U 66 -29.78 -20.83 30.41
C THR U 66 -30.53 -20.05 29.35
N ARG U 67 -29.88 -19.74 28.22
CA ARG U 67 -30.59 -19.05 27.13
C ARG U 67 -31.73 -19.91 26.59
N GLN U 68 -31.47 -21.21 26.40
CA GLN U 68 -32.51 -22.11 25.91
C GLN U 68 -33.67 -22.18 26.91
N LEU U 69 -33.35 -22.25 28.21
CA LEU U 69 -34.39 -22.31 29.23
C LEU U 69 -35.22 -21.04 29.24
N GLN U 70 -34.56 -19.88 29.13
CA GLN U 70 -35.29 -18.61 29.10
C GLN U 70 -36.20 -18.54 27.89
N ALA U 71 -35.70 -18.95 26.71
CA ALA U 71 -36.53 -18.94 25.51
C ALA U 71 -37.74 -19.87 25.66
N ALA U 72 -37.52 -21.06 26.23
CA ALA U 72 -38.61 -22.00 26.43
C ALA U 72 -39.66 -21.44 27.38
N ILE U 73 -39.22 -20.82 28.47
CA ILE U 73 -40.16 -20.24 29.43
C ILE U 73 -40.95 -19.11 28.78
N PHE U 74 -40.27 -18.26 28.01
CA PHE U 74 -40.98 -17.16 27.34
C PHE U 74 -42.01 -17.67 26.36
N HIS U 75 -41.64 -18.67 25.55
CA HIS U 75 -42.59 -19.23 24.59
C HIS U 75 -43.79 -19.85 25.31
N ALA U 76 -43.53 -20.63 26.36
CA ALA U 76 -44.62 -21.28 27.07
C ALA U 76 -45.55 -20.27 27.72
N LEU U 77 -44.99 -19.23 28.35
CA LEU U 77 -45.82 -18.26 29.05
C LEU U 77 -46.61 -17.39 28.09
N LEU U 78 -45.98 -16.95 27.00
CA LEU U 78 -46.58 -15.96 26.14
C LEU U 78 -47.42 -16.56 25.00
N ASN U 79 -47.25 -17.85 24.72
CA ASN U 79 -48.08 -18.48 23.70
C ASN U 79 -49.51 -18.69 24.20
N ALA U 80 -49.70 -18.83 25.51
CA ALA U 80 -51.02 -19.08 26.08
C ALA U 80 -51.91 -17.84 26.11
N THR U 81 -51.45 -16.72 25.55
CA THR U 81 -52.26 -15.51 25.51
C THR U 81 -53.40 -15.69 24.52
N THR U 82 -54.60 -15.23 24.90
CA THR U 82 -55.75 -15.23 24.01
C THR U 82 -56.17 -13.79 23.73
N TYR U 83 -56.84 -13.61 22.59
CA TYR U 83 -57.25 -12.28 22.15
C TYR U 83 -58.37 -11.71 23.01
N ARG U 84 -59.30 -12.56 23.46
CA ARG U 84 -60.52 -12.08 24.11
C ARG U 84 -60.22 -11.39 25.43
N ASP U 85 -59.40 -11.99 26.28
CA ASP U 85 -59.19 -11.44 27.61
C ASP U 85 -58.42 -10.13 27.56
N LEU U 86 -57.41 -10.04 26.68
CA LEU U 86 -56.67 -8.79 26.58
C LEU U 86 -57.52 -7.71 25.92
N GLU U 87 -58.39 -8.08 24.98
CA GLU U 87 -59.36 -7.12 24.45
C GLU U 87 -60.28 -6.61 25.55
N ALA U 88 -60.75 -7.51 26.41
CA ALA U 88 -61.60 -7.09 27.52
C ALA U 88 -60.86 -6.17 28.49
N ASP U 89 -59.58 -6.47 28.75
CA ASP U 89 -58.79 -5.61 29.63
C ASP U 89 -58.59 -4.23 29.02
N TRP U 90 -58.34 -4.17 27.71
CA TRP U 90 -58.23 -2.88 27.04
C TRP U 90 -59.54 -2.10 27.12
N LEU U 91 -60.67 -2.78 26.93
CA LEU U 91 -61.96 -2.11 27.05
C LEU U 91 -62.19 -1.60 28.47
N GLY U 92 -61.80 -2.39 29.47
CA GLY U 92 -61.92 -1.94 30.84
C GLY U 92 -61.05 -0.73 31.14
N HIS U 93 -59.83 -0.71 30.59
CA HIS U 93 -58.96 0.44 30.75
C HIS U 93 -59.56 1.68 30.09
N VAL U 94 -60.14 1.51 28.90
CA VAL U 94 -60.79 2.63 28.23
C VAL U 94 -61.97 3.15 29.06
N ALA U 95 -62.75 2.23 29.63
CA ALA U 95 -63.86 2.64 30.48
C ALA U 95 -63.37 3.38 31.71
N ALA U 96 -62.27 2.91 32.31
CA ALA U 96 -61.71 3.59 33.48
C ALA U 96 -61.24 4.99 33.14
N ARG U 97 -60.58 5.16 31.99
CA ARG U 97 -60.13 6.48 31.59
C ARG U 97 -61.27 7.38 31.12
N GLY U 98 -62.42 6.79 30.78
CA GLY U 98 -63.51 7.57 30.23
C GLY U 98 -63.14 8.25 28.92
N LEU U 99 -62.42 7.56 28.05
CA LEU U 99 -61.92 8.09 26.80
C LEU U 99 -62.48 7.32 25.61
N GLN U 100 -63.76 6.99 25.67
CA GLN U 100 -64.40 6.30 24.55
C GLN U 100 -64.47 7.21 23.33
N PRO U 101 -64.51 6.64 22.13
CA PRO U 101 -64.54 7.49 20.93
C PRO U 101 -65.70 8.48 20.90
N GLN U 102 -66.88 8.06 21.39
CA GLN U 102 -68.02 8.97 21.41
C GLN U 102 -67.74 10.19 22.28
N ARG U 103 -67.31 9.97 23.52
CA ARG U 103 -67.03 11.08 24.42
C ARG U 103 -65.89 11.93 23.91
N LEU U 104 -64.82 11.31 23.41
CA LEU U 104 -63.66 12.06 22.94
C LEU U 104 -64.01 12.95 21.76
N VAL U 105 -64.74 12.41 20.79
CA VAL U 105 -65.12 13.20 19.63
C VAL U 105 -66.12 14.29 20.01
N ARG U 106 -67.08 13.97 20.88
CA ARG U 106 -68.04 14.98 21.32
C ARG U 106 -67.38 16.07 22.16
N ARG U 107 -66.23 15.77 22.77
CA ARG U 107 -65.51 16.79 23.54
C ARG U 107 -64.64 17.66 22.64
N TYR U 108 -63.94 17.05 21.68
CA TYR U 108 -62.99 17.81 20.88
C TYR U 108 -63.71 18.72 19.89
N ARG U 109 -64.75 18.21 19.21
CA ARG U 109 -65.58 19.00 18.31
C ARG U 109 -64.76 19.69 17.22
N ASN U 110 -63.84 18.95 16.61
CA ASN U 110 -63.07 19.47 15.50
C ASN U 110 -62.81 18.35 14.50
N ALA U 111 -62.58 18.73 13.26
CA ALA U 111 -62.39 17.79 12.16
C ALA U 111 -60.92 17.57 11.82
N ARG U 112 -60.01 17.93 12.71
CA ARG U 112 -58.58 17.69 12.51
C ARG U 112 -58.31 16.22 12.76
N GLU U 113 -58.39 15.42 11.69
CA GLU U 113 -58.30 13.97 11.82
C GLU U 113 -56.91 13.54 12.30
N ALA U 114 -55.86 14.20 11.83
CA ALA U 114 -54.50 13.79 12.18
C ALA U 114 -54.26 13.92 13.68
N ASP U 115 -54.69 15.03 14.28
CA ASP U 115 -54.44 15.25 15.70
C ASP U 115 -55.16 14.23 16.57
N ILE U 116 -56.44 13.99 16.28
CA ILE U 116 -57.22 13.06 17.08
C ILE U 116 -56.72 11.62 16.87
N ALA U 117 -56.34 11.28 15.64
CA ALA U 117 -55.78 9.95 15.38
C ALA U 117 -54.48 9.75 16.15
N GLY U 118 -53.61 10.77 16.16
CA GLY U 118 -52.38 10.67 16.92
C GLY U 118 -52.64 10.57 18.42
N VAL U 119 -53.64 11.30 18.91
CA VAL U 119 -53.98 11.23 20.33
C VAL U 119 -54.42 9.81 20.69
N ALA U 120 -55.31 9.23 19.89
CA ALA U 120 -55.76 7.87 20.16
C ALA U 120 -54.60 6.87 20.07
N GLU U 121 -53.73 7.05 19.08
CA GLU U 121 -52.61 6.14 18.92
C GLU U 121 -51.66 6.21 20.11
N ARG U 122 -51.39 7.41 20.61
CA ARG U 122 -50.53 7.54 21.79
C ARG U 122 -51.19 6.97 23.04
N VAL U 123 -52.51 7.17 23.17
CA VAL U 123 -53.24 6.59 24.29
C VAL U 123 -53.10 5.08 24.29
N PHE U 124 -53.20 4.46 23.11
CA PHE U 124 -53.01 3.02 23.02
C PHE U 124 -51.55 2.62 23.23
N ASP U 125 -50.62 3.46 22.78
CA ASP U 125 -49.19 3.13 22.86
C ASP U 125 -48.72 3.09 24.32
N THR U 126 -49.22 4.01 25.15
CA THR U 126 -48.86 3.99 26.55
C THR U 126 -49.29 2.67 27.21
N TRP U 127 -50.51 2.24 26.93
CA TRP U 127 -50.99 0.97 27.47
C TRP U 127 -50.16 -0.20 26.96
N ARG U 128 -49.81 -0.18 25.67
CA ARG U 128 -48.96 -1.25 25.12
C ARG U 128 -47.63 -1.32 25.84
N ASN U 129 -47.00 -0.16 26.06
CA ASN U 129 -45.70 -0.14 26.72
C ASN U 129 -45.80 -0.66 28.15
N THR U 130 -46.83 -0.22 28.89
CA THR U 130 -46.98 -0.69 30.27
C THR U 130 -47.23 -2.19 30.32
N LEU U 131 -48.06 -2.71 29.40
CA LEU U 131 -48.32 -4.15 29.38
C LEU U 131 -47.05 -4.93 29.05
N ARG U 132 -46.25 -4.43 28.10
CA ARG U 132 -45.00 -5.10 27.75
C ARG U 132 -44.06 -5.14 28.95
N THR U 133 -43.95 -4.03 29.67
CA THR U 133 -43.07 -3.99 30.85
C THR U 133 -43.55 -4.97 31.92
N THR U 134 -44.87 -5.01 32.16
CA THR U 134 -45.42 -5.92 33.16
C THR U 134 -45.14 -7.37 32.79
N LEU U 135 -45.37 -7.73 31.53
CA LEU U 135 -45.11 -9.10 31.09
C LEU U 135 -43.63 -9.44 31.18
N LEU U 136 -42.76 -8.48 30.86
CA LEU U 136 -41.33 -8.71 31.00
C LEU U 136 -40.95 -9.00 32.44
N ASP U 137 -41.47 -8.21 33.38
CA ASP U 137 -41.15 -8.42 34.79
C ASP U 137 -41.64 -9.77 35.26
N PHE U 138 -42.88 -10.14 34.90
CA PHE U 138 -43.40 -11.44 35.32
C PHE U 138 -42.58 -12.58 34.72
N ALA U 139 -42.19 -12.45 33.45
CA ALA U 139 -41.41 -13.50 32.81
C ALA U 139 -40.05 -13.67 33.48
N HIS U 140 -39.39 -12.57 33.80
CA HIS U 140 -38.10 -12.67 34.50
C HIS U 140 -38.28 -13.30 35.87
N GLY U 141 -39.33 -12.91 36.61
CA GLY U 141 -39.58 -13.53 37.90
C GLY U 141 -39.82 -15.02 37.79
N LEU U 142 -40.52 -15.45 36.73
CA LEU U 142 -40.76 -16.87 36.54
C LEU U 142 -39.49 -17.62 36.15
N VAL U 143 -38.64 -16.97 35.35
CA VAL U 143 -37.38 -17.59 34.92
C VAL U 143 -36.45 -17.76 36.12
N ALA U 144 -36.46 -16.82 37.06
CA ALA U 144 -35.48 -16.80 38.13
C ALA U 144 -35.48 -18.07 38.98
N CYS U 145 -36.58 -18.83 38.99
CA CYS U 145 -36.65 -20.01 39.82
C CYS U 145 -35.81 -21.16 39.28
N PHE U 146 -35.67 -21.26 37.96
CA PHE U 146 -34.98 -22.40 37.34
C PHE U 146 -33.48 -22.20 37.21
N ALA U 147 -33.05 -21.00 36.77
CA ALA U 147 -31.69 -20.81 36.30
C ALA U 147 -30.61 -21.20 37.31
N PRO U 148 -30.67 -20.80 38.58
CA PRO U 148 -29.56 -21.15 39.50
C PRO U 148 -29.35 -22.65 39.67
N GLY U 149 -30.41 -23.45 39.63
CA GLY U 149 -30.29 -24.87 39.88
C GLY U 149 -29.79 -25.71 38.73
N GLY U 150 -29.54 -25.10 37.57
CA GLY U 150 -29.05 -25.82 36.41
C GLY U 150 -27.60 -26.21 36.50
N PRO U 151 -26.69 -25.23 36.55
CA PRO U 151 -25.25 -25.55 36.55
C PRO U 151 -24.80 -26.39 37.73
N SER U 152 -25.42 -26.24 38.90
CA SER U 152 -24.98 -26.94 40.10
C SER U 152 -26.16 -27.67 40.71
N GLY U 153 -25.84 -28.72 41.46
CA GLY U 153 -26.84 -29.56 42.08
C GLY U 153 -27.27 -30.68 41.17
N PRO U 154 -28.50 -31.15 41.34
CA PRO U 154 -29.05 -32.17 40.43
C PRO U 154 -29.06 -31.65 38.99
N SER U 155 -28.69 -32.53 38.06
CA SER U 155 -28.68 -32.22 36.63
C SER U 155 -27.75 -31.04 36.32
N SER U 156 -26.47 -31.22 36.62
CA SER U 156 -25.46 -30.21 36.35
C SER U 156 -24.93 -30.35 34.93
N PHE U 157 -24.78 -29.22 34.24
CA PHE U 157 -24.33 -29.23 32.84
C PHE U 157 -22.82 -29.37 32.69
N PRO U 158 -21.99 -28.61 33.41
CA PRO U 158 -20.54 -28.78 33.24
C PRO U 158 -20.04 -30.17 33.59
N LYS U 159 -20.64 -30.83 34.58
CA LYS U 159 -20.29 -32.22 34.87
C LYS U 159 -20.64 -33.12 33.69
N TYR U 160 -21.78 -32.88 33.05
CA TYR U 160 -22.14 -33.60 31.84
C TYR U 160 -21.12 -33.38 30.74
N ILE U 161 -20.68 -32.13 30.56
CA ILE U 161 -19.72 -31.83 29.50
C ILE U 161 -18.38 -32.51 29.75
N ASP U 162 -17.92 -32.52 31.01
CA ASP U 162 -16.63 -33.17 31.25
C ASP U 162 -16.75 -34.69 31.21
N TRP U 163 -17.93 -35.25 31.55
CA TRP U 163 -18.18 -36.66 31.28
C TRP U 163 -18.02 -36.96 29.81
N LEU U 164 -18.65 -36.15 28.95
CA LEU U 164 -18.52 -36.35 27.50
C LEU U 164 -17.07 -36.23 27.06
N THR U 165 -16.34 -35.25 27.60
CA THR U 165 -14.98 -35.00 27.15
C THR U 165 -14.04 -36.12 27.56
N CYS U 166 -14.27 -36.73 28.72
CA CYS U 166 -13.31 -37.73 29.20
C CYS U 166 -13.60 -39.12 28.66
N LEU U 167 -14.86 -39.55 28.62
CA LEU U 167 -15.19 -40.92 28.25
C LEU U 167 -16.18 -41.01 27.10
N GLY U 168 -17.14 -40.10 27.06
CA GLY U 168 -18.28 -40.23 26.18
C GLY U 168 -19.50 -40.85 26.81
N LEU U 169 -19.38 -41.36 28.03
CA LEU U 169 -20.49 -41.89 28.81
C LEU U 169 -20.97 -40.85 29.80
N VAL U 170 -22.25 -40.90 30.13
CA VAL U 170 -22.84 -40.01 31.14
C VAL U 170 -23.75 -40.83 32.04
N PRO U 171 -23.22 -41.51 33.06
CA PRO U 171 -24.09 -42.20 34.01
C PRO U 171 -25.06 -41.23 34.68
N ILE U 172 -26.31 -41.67 34.81
CA ILE U 172 -27.39 -40.82 35.31
C ILE U 172 -28.19 -41.59 36.33
N LEU U 173 -28.48 -40.96 37.47
CA LEU U 173 -29.24 -41.57 38.55
C LEU U 173 -30.59 -40.87 38.67
N ARG U 174 -31.65 -41.65 38.83
CA ARG U 174 -33.00 -41.12 38.82
C ARG U 174 -33.77 -41.56 40.05
N LYS U 175 -34.63 -40.65 40.54
CA LYS U 175 -35.55 -40.93 41.63
C LYS U 175 -36.61 -39.86 41.63
N ARG U 176 -37.88 -40.26 41.68
CA ARG U 176 -38.99 -39.32 41.55
C ARG U 176 -39.34 -38.75 42.93
N GLN U 177 -39.12 -37.46 43.10
CA GLN U 177 -39.42 -36.78 44.36
C GLN U 177 -39.55 -35.28 44.08
N GLU U 178 -40.08 -34.56 45.06
CA GLU U 178 -40.19 -33.11 44.96
C GLU U 178 -39.04 -32.45 45.71
N GLY U 179 -38.65 -31.28 45.22
CA GLY U 179 -37.46 -30.61 45.72
C GLY U 179 -37.53 -29.10 45.64
N GLY U 180 -36.35 -28.46 45.70
CA GLY U 180 -36.32 -27.01 45.85
C GLY U 180 -37.02 -26.26 44.73
N VAL U 181 -36.91 -26.77 43.50
CA VAL U 181 -37.48 -26.07 42.35
C VAL U 181 -39.01 -26.02 42.45
N THR U 182 -39.63 -27.15 42.81
CA THR U 182 -41.09 -27.19 42.90
C THR U 182 -41.61 -26.31 44.02
N GLN U 183 -40.96 -26.34 45.19
CA GLN U 183 -41.38 -25.45 46.28
C GLN U 183 -41.18 -23.99 45.90
N GLY U 184 -40.09 -23.69 45.18
CA GLY U 184 -39.87 -22.32 44.73
C GLY U 184 -40.97 -21.85 43.80
N LEU U 185 -41.35 -22.69 42.83
CA LEU U 185 -42.44 -22.31 41.92
C LEU U 185 -43.75 -22.14 42.68
N ARG U 186 -44.04 -23.05 43.62
CA ARG U 186 -45.28 -22.95 44.37
C ARG U 186 -45.33 -21.67 45.20
N ALA U 187 -44.21 -21.33 45.85
CA ALA U 187 -44.16 -20.10 46.64
C ALA U 187 -44.27 -18.86 45.76
N PHE U 188 -43.65 -18.90 44.57
CA PHE U 188 -43.63 -17.71 43.72
C PHE U 188 -44.98 -17.47 43.06
N LEU U 189 -45.65 -18.53 42.62
CA LEU U 189 -46.84 -18.35 41.77
C LEU U 189 -48.09 -18.09 42.59
N LYS U 190 -48.28 -18.82 43.69
CA LYS U 190 -49.58 -18.82 44.36
C LYS U 190 -49.91 -17.50 45.05
N GLN U 191 -48.95 -16.59 45.21
CA GLN U 191 -49.22 -15.30 45.85
C GLN U 191 -48.56 -14.17 45.07
N HIS U 192 -48.70 -14.18 43.75
CA HIS U 192 -48.17 -13.10 42.93
C HIS U 192 -49.28 -12.10 42.63
N PRO U 193 -49.11 -10.81 42.95
CA PRO U 193 -50.20 -9.85 42.74
C PRO U 193 -50.59 -9.67 41.28
N LEU U 194 -49.70 -9.96 40.34
CA LEU U 194 -49.99 -9.73 38.93
C LEU U 194 -51.16 -10.58 38.44
N THR U 195 -51.33 -11.79 38.99
CA THR U 195 -52.43 -12.64 38.58
C THR U 195 -53.78 -11.99 38.91
N ARG U 196 -53.91 -11.44 40.12
CA ARG U 196 -55.15 -10.78 40.49
C ARG U 196 -55.34 -9.47 39.73
N GLN U 197 -54.24 -8.81 39.35
CA GLN U 197 -54.34 -7.51 38.69
C GLN U 197 -54.82 -7.63 37.26
N LEU U 198 -54.32 -8.62 36.52
CA LEU U 198 -54.63 -8.78 35.11
C LEU U 198 -55.22 -10.16 34.87
N ALA U 199 -56.34 -10.22 34.16
CA ALA U 199 -56.97 -11.50 33.86
C ALA U 199 -56.18 -12.28 32.81
N THR U 200 -55.63 -11.58 31.82
CA THR U 200 -54.86 -12.26 30.77
C THR U 200 -53.65 -12.97 31.35
N VAL U 201 -52.88 -12.28 32.20
CA VAL U 201 -51.70 -12.88 32.80
C VAL U 201 -52.10 -14.05 33.69
N ALA U 202 -53.18 -13.90 34.46
CA ALA U 202 -53.61 -14.96 35.35
C ALA U 202 -54.00 -16.22 34.57
N GLU U 203 -54.78 -16.05 33.51
CA GLU U 203 -55.21 -17.22 32.74
C GLU U 203 -54.04 -17.85 32.00
N ALA U 204 -53.11 -17.03 31.49
CA ALA U 204 -51.93 -17.60 30.83
C ALA U 204 -51.09 -18.39 31.82
N ALA U 205 -50.91 -17.86 33.03
CA ALA U 205 -50.12 -18.55 34.05
C ALA U 205 -50.79 -19.86 34.46
N GLU U 206 -52.11 -19.84 34.65
CA GLU U 206 -52.78 -21.07 35.07
C GLU U 206 -52.82 -22.09 33.95
N ARG U 207 -52.89 -21.65 32.68
CA ARG U 207 -52.91 -22.59 31.57
C ARG U 207 -51.53 -23.22 31.34
N ALA U 208 -50.47 -22.42 31.40
CA ALA U 208 -49.13 -22.94 31.19
C ALA U 208 -48.51 -23.50 32.45
N GLY U 209 -49.20 -23.42 33.59
CA GLY U 209 -48.66 -23.83 34.86
C GLY U 209 -48.22 -25.28 34.96
N PRO U 210 -49.05 -26.23 34.52
CA PRO U 210 -48.65 -27.65 34.62
C PRO U 210 -47.35 -27.95 33.90
N GLY U 211 -47.09 -27.30 32.76
CA GLY U 211 -45.83 -27.52 32.07
C GLY U 211 -44.64 -27.09 32.90
N PHE U 212 -44.74 -25.95 33.58
CA PHE U 212 -43.66 -25.51 34.46
C PHE U 212 -43.42 -26.52 35.59
N PHE U 213 -44.50 -27.07 36.16
CA PHE U 213 -44.35 -28.05 37.23
C PHE U 213 -43.69 -29.32 36.72
N GLU U 214 -44.06 -29.79 35.54
CA GLU U 214 -43.42 -30.97 34.98
C GLU U 214 -41.95 -30.71 34.71
N LEU U 215 -41.61 -29.52 34.19
CA LEU U 215 -40.21 -29.19 33.96
C LEU U 215 -39.43 -29.12 35.27
N ALA U 216 -40.06 -28.58 36.33
CA ALA U 216 -39.40 -28.53 37.63
C ALA U 216 -39.16 -29.93 38.18
N LEU U 217 -40.14 -30.82 38.03
CA LEU U 217 -39.94 -32.21 38.45
C LEU U 217 -38.83 -32.86 37.67
N ALA U 218 -38.75 -32.58 36.36
CA ALA U 218 -37.65 -33.12 35.56
C ALA U 218 -36.30 -32.61 36.04
N PHE U 219 -36.22 -31.32 36.38
CA PHE U 219 -34.98 -30.78 36.92
C PHE U 219 -34.60 -31.45 38.23
N ASP U 220 -35.59 -31.70 39.09
CA ASP U 220 -35.30 -32.29 40.40
C ASP U 220 -34.82 -33.74 40.25
N SER U 221 -35.56 -34.55 39.49
CA SER U 221 -35.41 -36.00 39.58
C SER U 221 -34.01 -36.46 39.20
N THR U 222 -33.49 -35.98 38.08
CA THR U 222 -32.22 -36.48 37.59
C THR U 222 -31.06 -35.93 38.41
N ARG U 223 -29.93 -36.65 38.35
CA ARG U 223 -28.69 -36.20 38.99
C ARG U 223 -27.53 -36.94 38.34
N VAL U 224 -26.66 -36.22 37.66
CA VAL U 224 -25.47 -36.81 37.06
C VAL U 224 -24.52 -37.24 38.17
N ALA U 225 -23.92 -38.42 38.01
CA ALA U 225 -23.06 -38.98 39.04
C ALA U 225 -21.75 -38.18 39.16
N ASP U 226 -21.00 -38.49 40.21
CA ASP U 226 -19.71 -37.86 40.47
C ASP U 226 -18.58 -38.73 39.93
N TYR U 227 -17.55 -38.08 39.41
CA TYR U 227 -16.51 -38.78 38.66
C TYR U 227 -15.67 -39.71 39.54
N ASP U 228 -15.71 -39.58 40.85
CA ASP U 228 -14.85 -40.38 41.72
C ASP U 228 -15.59 -41.49 42.46
N ARG U 229 -16.91 -41.44 42.52
CA ARG U 229 -17.68 -42.39 43.32
C ARG U 229 -18.24 -43.56 42.50
N VAL U 230 -18.69 -43.31 41.27
CA VAL U 230 -19.55 -44.28 40.59
C VAL U 230 -18.74 -45.45 40.06
N TYR U 231 -19.44 -46.57 39.86
CA TYR U 231 -18.89 -47.80 39.28
C TYR U 231 -19.58 -48.08 37.95
N ILE U 232 -18.79 -48.44 36.93
CA ILE U 232 -19.31 -48.68 35.60
C ILE U 232 -18.81 -50.04 35.11
N TYR U 233 -19.74 -50.88 34.64
CA TYR U 233 -19.44 -52.22 34.17
C TYR U 233 -19.92 -52.40 32.74
N TYR U 234 -19.12 -53.12 31.93
CA TYR U 234 -19.42 -53.36 30.53
C TYR U 234 -19.18 -54.82 30.21
N ASN U 235 -20.15 -55.45 29.54
CA ASN U 235 -20.05 -56.85 29.12
C ASN U 235 -20.07 -56.90 27.60
N HIS U 236 -18.97 -57.33 27.00
CA HIS U 236 -18.83 -57.29 25.55
C HIS U 236 -19.88 -58.16 24.86
N ARG U 237 -20.09 -59.38 25.37
CA ARG U 237 -20.88 -60.37 24.64
C ARG U 237 -22.32 -59.91 24.40
N ARG U 238 -22.85 -59.02 25.23
CA ARG U 238 -24.19 -58.47 25.02
C ARG U 238 -24.20 -56.98 24.74
N GLY U 239 -23.16 -56.25 25.10
CA GLY U 239 -23.12 -54.81 24.90
C GLY U 239 -24.11 -54.02 25.72
N ASP U 240 -24.26 -54.35 27.00
CA ASP U 240 -25.11 -53.59 27.91
C ASP U 240 -24.28 -53.07 29.08
N TRP U 241 -24.81 -52.05 29.75
CA TRP U 241 -24.10 -51.35 30.79
C TRP U 241 -24.80 -51.52 32.13
N LEU U 242 -24.01 -51.62 33.20
CA LEU U 242 -24.51 -51.66 34.57
C LEU U 242 -23.70 -50.68 35.40
N VAL U 243 -24.32 -49.56 35.77
CA VAL U 243 -23.67 -48.55 36.60
C VAL U 243 -24.32 -48.58 37.98
N ARG U 244 -23.49 -48.49 39.01
CA ARG U 244 -23.97 -48.55 40.37
C ARG U 244 -23.23 -47.54 41.23
N ASP U 245 -23.89 -47.11 42.29
CA ASP U 245 -23.31 -46.18 43.25
C ASP U 245 -22.93 -46.94 44.50
N PRO U 246 -21.64 -47.10 44.81
CA PRO U 246 -21.27 -47.98 45.93
C PRO U 246 -21.63 -47.44 47.30
N ILE U 247 -21.89 -46.14 47.44
CA ILE U 247 -22.19 -45.57 48.75
C ILE U 247 -23.61 -45.90 49.16
N SER U 248 -24.59 -45.45 48.38
CA SER U 248 -26.00 -45.69 48.68
C SER U 248 -26.53 -46.99 48.10
N GLY U 249 -25.74 -47.68 47.28
CA GLY U 249 -26.23 -48.90 46.66
C GLY U 249 -27.28 -48.68 45.59
N GLN U 250 -27.35 -47.48 45.02
CA GLN U 250 -28.40 -47.12 44.08
C GLN U 250 -27.95 -47.44 42.66
N ARG U 251 -28.69 -48.30 41.97
CA ARG U 251 -28.39 -48.63 40.59
C ARG U 251 -28.85 -47.50 39.67
N GLY U 252 -28.06 -47.23 38.63
CA GLY U 252 -28.35 -46.14 37.73
C GLY U 252 -28.59 -46.56 36.29
N GLU U 253 -28.56 -45.59 35.39
CA GLU U 253 -28.79 -45.83 33.96
C GLU U 253 -27.71 -45.10 33.17
N CYS U 254 -27.01 -45.83 32.32
CA CYS U 254 -25.87 -45.29 31.59
C CYS U 254 -26.31 -44.80 30.21
N LEU U 255 -25.79 -43.65 29.81
CA LEU U 255 -26.03 -43.08 28.49
C LEU U 255 -24.75 -43.09 27.69
N VAL U 256 -24.84 -43.48 26.42
CA VAL U 256 -23.69 -43.54 25.53
C VAL U 256 -23.98 -42.66 24.32
N LEU U 257 -23.02 -41.79 24.00
CA LEU U 257 -23.13 -40.89 22.86
C LEU U 257 -22.15 -41.21 21.75
N TRP U 258 -20.90 -41.50 22.09
CA TRP U 258 -19.89 -41.94 21.12
C TRP U 258 -19.39 -43.30 21.56
N PRO U 259 -19.94 -44.39 21.01
CA PRO U 259 -19.68 -45.73 21.56
C PRO U 259 -18.22 -46.11 21.45
N PRO U 260 -17.71 -46.86 22.43
CA PRO U 260 -16.29 -47.24 22.44
C PRO U 260 -16.05 -48.47 21.56
N LEU U 261 -14.80 -48.91 21.54
CA LEU U 261 -14.35 -50.04 20.73
C LEU U 261 -13.66 -51.06 21.63
N TRP U 262 -13.92 -52.34 21.40
CA TRP U 262 -13.36 -53.41 22.19
C TRP U 262 -12.38 -54.20 21.32
N THR U 263 -11.14 -54.32 21.79
CA THR U 263 -10.05 -54.89 21.01
C THR U 263 -9.33 -55.99 21.79
N GLY U 264 -10.09 -56.88 22.39
CA GLY U 264 -9.52 -57.96 23.19
C GLY U 264 -9.36 -57.55 24.64
N ASP U 265 -8.12 -57.60 25.14
CA ASP U 265 -7.84 -57.16 26.51
C ASP U 265 -7.62 -55.65 26.56
N ARG U 266 -8.68 -54.93 26.21
CA ARG U 266 -8.63 -53.47 26.12
C ARG U 266 -10.05 -52.93 26.04
N LEU U 267 -10.14 -51.60 26.05
CA LEU U 267 -11.36 -50.90 25.69
C LEU U 267 -10.95 -49.48 25.33
N VAL U 268 -11.11 -49.10 24.07
CA VAL U 268 -10.64 -47.83 23.57
C VAL U 268 -11.84 -46.94 23.33
N PHE U 269 -11.93 -45.85 24.09
CA PHE U 269 -12.97 -44.86 23.87
C PHE U 269 -12.58 -43.96 22.70
N ASP U 270 -13.51 -43.08 22.32
CA ASP U 270 -13.26 -42.12 21.25
C ASP U 270 -13.53 -40.70 21.73
N SER U 271 -13.19 -40.42 22.97
CA SER U 271 -13.26 -39.08 23.52
C SER U 271 -12.05 -38.28 23.06
N PRO U 272 -12.17 -36.94 23.04
CA PRO U 272 -11.03 -36.12 22.59
C PRO U 272 -9.74 -36.36 23.38
N VAL U 273 -9.86 -36.60 24.69
CA VAL U 273 -8.68 -36.84 25.50
C VAL U 273 -8.00 -38.14 25.11
N GLN U 274 -8.80 -39.14 24.73
CA GLN U 274 -8.22 -40.42 24.28
C GLN U 274 -7.44 -40.23 22.99
N ARG U 275 -7.96 -39.42 22.06
CA ARG U 275 -7.24 -39.17 20.82
C ARG U 275 -5.97 -38.35 21.08
N LEU U 276 -6.02 -37.42 22.03
CA LEU U 276 -4.89 -36.56 22.31
C LEU U 276 -3.91 -37.15 23.31
N PHE U 277 -4.19 -38.35 23.84
CA PHE U 277 -3.40 -38.86 24.97
C PHE U 277 -1.94 -39.14 24.64
N PRO U 278 -1.59 -39.87 23.59
CA PRO U 278 -0.16 -40.19 23.37
C PRO U 278 0.73 -38.97 23.17
N GLU U 279 0.22 -37.95 22.48
CA GLU U 279 1.05 -36.80 22.15
C GLU U 279 1.48 -36.05 23.40
N ILE U 280 0.55 -35.83 24.33
CA ILE U 280 0.88 -35.10 25.54
C ILE U 280 1.79 -35.91 26.44
N VAL U 281 1.64 -37.24 26.45
CA VAL U 281 2.55 -38.08 27.22
C VAL U 281 3.97 -37.98 26.67
N ALA U 282 4.11 -38.02 25.34
CA ALA U 282 5.43 -37.88 24.74
C ALA U 282 6.05 -36.53 25.07
N CYS U 283 5.25 -35.46 24.98
CA CYS U 283 5.78 -34.12 25.30
C CYS U 283 6.21 -34.04 26.76
N HIS U 284 5.40 -34.59 27.68
CA HIS U 284 5.74 -34.57 29.09
C HIS U 284 7.04 -35.33 29.37
N SER U 285 7.19 -36.51 28.76
CA SER U 285 8.41 -37.29 28.94
C SER U 285 9.62 -36.56 28.39
N LEU U 286 9.46 -35.89 27.24
CA LEU U 286 10.57 -35.11 26.68
C LEU U 286 10.97 -33.98 27.62
N ARG U 287 9.98 -33.28 28.19
CA ARG U 287 10.30 -32.20 29.12
C ARG U 287 11.03 -32.72 30.35
N GLU U 288 10.59 -33.86 30.88
CA GLU U 288 11.26 -34.41 32.06
C GLU U 288 12.70 -34.83 31.74
N HIS U 289 12.92 -35.45 30.58
CA HIS U 289 14.28 -35.80 30.19
C HIS U 289 15.14 -34.57 29.99
N ALA U 290 14.57 -33.50 29.41
CA ALA U 290 15.32 -32.27 29.24
C ALA U 290 15.72 -31.67 30.58
N HIS U 291 14.82 -31.71 31.56
CA HIS U 291 15.15 -31.24 32.90
C HIS U 291 16.29 -32.07 33.50
N VAL U 292 16.21 -33.40 33.35
CA VAL U 292 17.25 -34.26 33.91
C VAL U 292 18.61 -33.96 33.27
N CYS U 293 18.63 -33.80 31.95
CA CYS U 293 19.88 -33.44 31.27
C CYS U 293 20.36 -32.05 31.70
N ARG U 294 19.43 -31.14 31.99
CA ARG U 294 19.82 -29.81 32.43
C ARG U 294 20.53 -29.85 33.78
N LEU U 295 20.03 -30.67 34.71
CA LEU U 295 20.67 -30.75 36.02
C LEU U 295 22.05 -31.39 35.97
N ARG U 296 22.40 -32.04 34.87
CA ARG U 296 23.69 -32.73 34.77
C ARG U 296 24.84 -31.77 34.51
N ASN U 297 24.61 -30.70 33.76
CA ASN U 297 25.67 -29.80 33.30
C ASN U 297 25.99 -28.69 34.29
N THR U 298 25.71 -28.89 35.58
CA THR U 298 25.94 -27.83 36.57
C THR U 298 27.40 -27.71 36.99
N ALA U 299 28.25 -28.67 36.64
CA ALA U 299 29.67 -28.63 36.96
C ALA U 299 30.46 -28.28 35.72
N SER U 300 31.33 -27.27 35.83
CA SER U 300 32.03 -26.76 34.66
C SER U 300 33.14 -27.71 34.22
N VAL U 301 33.91 -28.26 35.16
CA VAL U 301 35.06 -29.08 34.85
C VAL U 301 34.81 -30.50 35.31
N LYS U 302 35.37 -31.46 34.58
CA LYS U 302 35.23 -32.88 34.89
C LYS U 302 36.59 -33.56 34.79
N VAL U 303 36.81 -34.56 35.63
CA VAL U 303 38.09 -35.25 35.73
C VAL U 303 37.87 -36.74 35.54
N LEU U 304 38.74 -37.37 34.75
CA LEU U 304 38.69 -38.79 34.48
C LEU U 304 39.97 -39.43 34.98
N LEU U 305 39.83 -40.51 35.74
CA LEU U 305 40.98 -41.22 36.31
C LEU U 305 41.10 -42.61 35.69
N GLY U 306 42.27 -43.21 35.87
CA GLY U 306 42.51 -44.55 35.36
C GLY U 306 43.73 -45.15 36.02
N ARG U 307 43.73 -46.48 36.09
CA ARG U 307 44.80 -47.20 36.76
C ARG U 307 46.12 -47.04 36.02
N LYS U 308 47.21 -46.95 36.78
CA LYS U 308 48.54 -46.99 36.17
C LYS U 308 48.81 -48.36 35.57
N SER U 309 49.49 -48.37 34.43
CA SER U 309 50.01 -49.61 33.89
C SER U 309 51.18 -50.07 34.74
N ASP U 310 50.98 -51.12 35.53
CA ASP U 310 51.96 -51.61 36.50
C ASP U 310 52.27 -50.57 37.56
N TYR U 494 30.71 -27.61 41.43
CA TYR U 494 31.73 -26.81 40.77
C TYR U 494 32.74 -27.69 40.05
N ASP U 495 32.97 -28.89 40.58
CA ASP U 495 33.72 -29.92 39.86
C ASP U 495 33.08 -31.28 40.13
N ILE U 496 33.18 -32.17 39.15
CA ILE U 496 32.64 -33.52 39.25
C ILE U 496 33.69 -34.51 38.77
N ILE U 497 33.84 -35.60 39.51
CA ILE U 497 34.90 -36.58 39.30
C ILE U 497 34.30 -37.90 38.83
N ASP U 498 34.96 -38.52 37.86
CA ASP U 498 34.60 -39.84 37.37
C ASP U 498 35.71 -40.82 37.73
N VAL U 499 35.35 -41.87 38.45
CA VAL U 499 36.30 -42.89 38.89
C VAL U 499 36.05 -44.14 38.08
N SER U 500 37.02 -44.52 37.25
CA SER U 500 36.96 -45.78 36.51
C SER U 500 38.16 -46.66 36.79
N LYS U 501 38.88 -46.42 37.90
CA LYS U 501 40.06 -47.20 38.24
C LYS U 501 39.73 -48.57 38.80
N SER U 502 38.50 -48.78 39.28
CA SER U 502 38.17 -50.04 39.94
C SER U 502 38.08 -51.19 38.95
N MET U 503 37.45 -50.96 37.80
CA MET U 503 37.18 -52.02 36.83
C MET U 503 38.37 -52.32 35.92
N ASP U 504 39.35 -51.44 35.85
CA ASP U 504 40.48 -51.65 34.96
C ASP U 504 41.29 -52.87 35.42
N ASP U 505 41.67 -53.70 34.45
CA ASP U 505 42.49 -54.88 34.73
C ASP U 505 43.21 -55.26 33.44
N ASP U 506 44.51 -54.95 33.37
CA ASP U 506 45.31 -55.15 32.16
C ASP U 506 44.66 -54.45 30.96
N THR U 507 44.17 -53.24 31.20
CA THR U 507 43.44 -52.48 30.20
C THR U 507 43.81 -51.02 30.34
N TYR U 508 43.72 -50.29 29.24
CA TYR U 508 44.07 -48.87 29.22
C TYR U 508 42.97 -48.08 28.54
N VAL U 509 42.90 -46.79 28.88
CA VAL U 509 41.91 -45.90 28.28
C VAL U 509 42.40 -45.52 26.89
N ALA U 510 41.79 -46.12 25.87
CA ALA U 510 42.20 -45.86 24.49
C ALA U 510 41.80 -44.45 24.07
N ASN U 511 40.56 -44.05 24.37
CA ASN U 511 40.08 -42.74 23.99
C ASN U 511 38.90 -42.37 24.87
N SER U 512 38.60 -41.08 24.91
CA SER U 512 37.47 -40.56 25.68
C SER U 512 36.87 -39.37 24.94
N PHE U 513 35.58 -39.16 25.15
CA PHE U 513 34.82 -38.17 24.39
C PHE U 513 33.92 -37.38 25.33
N GLN U 514 33.52 -36.19 24.89
CA GLN U 514 32.50 -35.41 25.56
C GLN U 514 31.54 -34.81 24.52
N HIS U 515 30.24 -34.84 24.83
CA HIS U 515 29.23 -34.17 24.02
C HIS U 515 28.05 -33.85 24.91
N PRO U 516 27.97 -32.62 25.44
CA PRO U 516 26.89 -32.24 26.38
C PRO U 516 25.57 -31.91 25.67
N TYR U 517 24.79 -32.96 25.40
CA TYR U 517 23.50 -32.80 24.74
C TYR U 517 22.47 -32.21 25.69
N ILE U 518 21.59 -31.36 25.13
CA ILE U 518 20.45 -30.82 25.86
C ILE U 518 19.25 -30.78 24.92
N PRO U 519 18.24 -31.63 25.11
CA PRO U 519 17.06 -31.59 24.25
C PRO U 519 16.28 -30.29 24.40
N SER U 520 15.64 -29.88 23.31
CA SER U 520 14.82 -28.69 23.27
C SER U 520 13.36 -29.09 23.09
N TYR U 521 12.46 -28.35 23.75
CA TYR U 521 11.05 -28.74 23.80
C TYR U 521 10.08 -27.62 23.45
N ALA U 522 10.56 -26.51 22.88
CA ALA U 522 9.65 -25.40 22.57
C ALA U 522 8.73 -25.75 21.40
N GLN U 523 9.28 -26.36 20.34
CA GLN U 523 8.50 -26.69 19.17
C GLN U 523 7.36 -27.64 19.51
N ASP U 524 7.65 -28.66 20.32
CA ASP U 524 6.62 -29.63 20.70
C ASP U 524 5.53 -28.98 21.54
N LEU U 525 5.91 -28.08 22.45
CA LEU U 525 4.91 -27.39 23.25
C LEU U 525 4.00 -26.53 22.38
N GLU U 526 4.58 -25.80 21.43
CA GLU U 526 3.76 -24.97 20.54
C GLU U 526 2.83 -25.84 19.69
N ARG U 527 3.36 -26.93 19.14
CA ARG U 527 2.55 -27.83 18.33
C ARG U 527 1.41 -28.43 19.15
N LEU U 528 1.70 -28.83 20.40
CA LEU U 528 0.67 -29.42 21.24
C LEU U 528 -0.39 -28.40 21.62
N SER U 529 0.00 -27.15 21.86
CA SER U 529 -0.98 -26.10 22.14
C SER U 529 -1.92 -25.91 20.96
N ARG U 530 -1.35 -25.78 19.75
CA ARG U 530 -2.21 -25.61 18.58
C ARG U 530 -3.10 -26.82 18.34
N LEU U 531 -2.56 -28.03 18.58
CA LEU U 531 -3.35 -29.24 18.42
C LEU U 531 -4.53 -29.27 19.39
N TRP U 532 -4.28 -28.94 20.67
CA TRP U 532 -5.35 -28.87 21.65
C TRP U 532 -6.43 -27.90 21.21
N GLU U 533 -6.01 -26.70 20.78
CA GLU U 533 -6.99 -25.68 20.40
C GLU U 533 -7.83 -26.15 19.21
N HIS U 534 -7.19 -26.68 18.17
CA HIS U 534 -7.94 -27.10 17.00
C HIS U 534 -8.87 -28.26 17.31
N GLU U 535 -8.41 -29.22 18.12
CA GLU U 535 -9.25 -30.36 18.47
C GLU U 535 -10.49 -29.89 19.23
N LEU U 536 -10.31 -29.01 20.21
CA LEU U 536 -11.47 -28.55 20.99
C LEU U 536 -12.39 -27.67 20.17
N VAL U 537 -11.86 -26.89 19.23
CA VAL U 537 -12.73 -26.08 18.39
C VAL U 537 -13.57 -26.95 17.46
N ARG U 538 -12.94 -27.96 16.84
CA ARG U 538 -13.66 -28.72 15.83
C ARG U 538 -14.56 -29.80 16.42
N CYS U 539 -14.22 -30.34 17.60
CA CYS U 539 -15.03 -31.43 18.15
C CYS U 539 -16.34 -30.92 18.72
N PHE U 540 -16.32 -29.77 19.40
CA PHE U 540 -17.50 -29.23 20.06
C PHE U 540 -18.20 -28.13 19.27
N LYS U 541 -17.77 -27.90 18.03
CA LYS U 541 -18.41 -26.93 17.13
C LYS U 541 -18.45 -25.53 17.76
N ILE U 542 -17.26 -25.01 18.05
CA ILE U 542 -17.12 -23.70 18.68
C ILE U 542 -16.92 -22.66 17.59
N LEU U 543 -17.71 -21.59 17.63
CA LEU U 543 -17.65 -20.51 16.66
C LEU U 543 -16.84 -19.37 17.26
N CYS U 544 -15.72 -19.03 16.63
CA CYS U 544 -14.80 -18.01 17.13
C CYS U 544 -15.06 -16.70 16.40
N HIS U 545 -15.48 -15.68 17.14
CA HIS U 545 -15.62 -14.34 16.59
C HIS U 545 -14.26 -13.66 16.53
N ARG U 546 -14.05 -12.88 15.47
CA ARG U 546 -12.76 -12.23 15.26
C ARG U 546 -12.98 -10.79 14.80
N ASN U 547 -11.95 -9.98 15.03
CA ASN U 547 -11.96 -8.57 14.64
C ASN U 547 -11.66 -8.46 13.15
N ASN U 548 -11.36 -7.25 12.68
CA ASN U 548 -10.90 -7.08 11.31
C ASN U 548 -9.64 -7.90 11.06
N GLN U 549 -8.68 -7.84 11.99
CA GLN U 549 -7.53 -8.74 11.97
C GLN U 549 -7.22 -9.36 13.33
N GLY U 550 -7.69 -8.77 14.43
CA GLY U 550 -7.47 -9.37 15.74
C GLY U 550 -8.18 -10.71 15.86
N GLN U 551 -7.55 -11.62 16.58
CA GLN U 551 -8.04 -12.98 16.71
C GLN U 551 -8.72 -13.18 18.07
N GLU U 552 -9.85 -13.90 18.05
CA GLU U 552 -10.56 -14.30 19.26
C GLU U 552 -11.01 -13.09 20.08
N THR U 553 -11.86 -12.27 19.46
CA THR U 553 -12.52 -11.21 20.21
C THR U 553 -13.47 -11.78 21.26
N SER U 554 -14.21 -12.82 20.90
CA SER U 554 -15.09 -13.53 21.82
C SER U 554 -15.38 -14.91 21.27
N ILE U 555 -15.77 -15.82 22.16
CA ILE U 555 -16.00 -17.22 21.80
C ILE U 555 -17.36 -17.62 22.35
N SER U 556 -18.16 -18.28 21.50
CA SER U 556 -19.49 -18.73 21.89
C SER U 556 -19.87 -19.95 21.06
N TYR U 557 -20.90 -20.65 21.52
CA TYR U 557 -21.39 -21.82 20.80
C TYR U 557 -21.89 -21.45 19.42
N SER U 558 -21.64 -22.33 18.46
CA SER U 558 -22.19 -22.19 17.12
C SER U 558 -23.65 -22.65 17.11
N SER U 559 -24.34 -22.35 16.01
CA SER U 559 -25.74 -22.77 15.89
C SER U 559 -25.87 -24.28 15.87
N GLY U 560 -24.86 -24.97 15.33
CA GLY U 560 -24.90 -26.42 15.32
C GLY U 560 -24.56 -27.05 16.65
N ALA U 561 -23.67 -26.42 17.42
CA ALA U 561 -23.29 -26.97 18.72
C ALA U 561 -24.47 -27.00 19.68
N ILE U 562 -25.36 -26.01 19.59
CA ILE U 562 -26.53 -25.99 20.46
C ILE U 562 -27.38 -27.23 20.22
N ALA U 563 -27.70 -27.50 18.95
CA ALA U 563 -28.52 -28.67 18.63
C ALA U 563 -27.77 -29.98 18.87
N ALA U 564 -26.44 -29.95 18.81
CA ALA U 564 -25.68 -31.18 18.96
C ALA U 564 -25.42 -31.56 20.40
N PHE U 565 -25.36 -30.58 21.31
CA PHE U 565 -25.03 -30.87 22.70
C PHE U 565 -26.07 -30.40 23.70
N VAL U 566 -26.64 -29.21 23.50
CA VAL U 566 -27.67 -28.72 24.42
C VAL U 566 -28.95 -29.53 24.27
N ALA U 567 -29.34 -29.82 23.03
CA ALA U 567 -30.58 -30.56 22.79
C ALA U 567 -30.56 -31.97 23.37
N PRO U 568 -29.53 -32.80 23.17
CA PRO U 568 -29.54 -34.13 23.81
C PRO U 568 -29.59 -34.05 25.32
N TYR U 569 -28.97 -33.02 25.91
CA TYR U 569 -29.09 -32.82 27.35
C TYR U 569 -30.55 -32.74 27.77
N PHE U 570 -31.27 -31.74 27.24
CA PHE U 570 -32.67 -31.53 27.58
C PHE U 570 -33.55 -32.71 27.20
N GLU U 571 -33.16 -33.50 26.19
CA GLU U 571 -34.02 -34.57 25.72
C GLU U 571 -33.85 -35.86 26.51
N SER U 572 -32.61 -36.32 26.69
CA SER U 572 -32.33 -37.58 27.36
C SER U 572 -31.82 -37.40 28.79
N VAL U 573 -30.90 -36.48 29.03
CA VAL U 573 -30.31 -36.36 30.36
C VAL U 573 -31.33 -35.82 31.35
N LEU U 574 -32.16 -34.87 30.91
CA LEU U 574 -33.16 -34.25 31.77
C LEU U 574 -34.55 -34.80 31.56
N ARG U 575 -34.84 -35.41 30.40
CA ARG U 575 -36.16 -35.91 30.07
C ARG U 575 -37.22 -34.81 30.18
N ALA U 576 -36.86 -33.61 29.72
CA ALA U 576 -37.78 -32.48 29.78
C ALA U 576 -38.95 -32.71 28.82
N PRO U 577 -40.14 -32.16 29.15
CA PRO U 577 -41.30 -32.33 28.27
C PRO U 577 -41.11 -31.71 26.90
N ARG U 578 -40.81 -30.41 26.85
CA ARG U 578 -40.61 -29.72 25.59
C ARG U 578 -39.87 -28.42 25.84
N VAL U 579 -39.11 -27.97 24.84
CA VAL U 579 -38.39 -26.72 24.92
C VAL U 579 -38.65 -25.89 23.67
N GLY U 580 -39.64 -26.29 22.88
CA GLY U 580 -39.95 -25.55 21.67
C GLY U 580 -38.83 -25.62 20.64
N ALA U 581 -38.87 -24.67 19.72
CA ALA U 581 -37.84 -24.60 18.68
C ALA U 581 -36.51 -24.16 19.29
N PRO U 582 -35.40 -24.77 18.88
CA PRO U 582 -34.10 -24.37 19.42
C PRO U 582 -33.72 -22.97 18.97
N ILE U 583 -32.89 -22.31 19.80
CA ILE U 583 -32.46 -20.96 19.49
C ILE U 583 -31.27 -21.00 18.54
N THR U 584 -31.08 -19.88 17.83
CA THR U 584 -29.96 -19.73 16.93
C THR U 584 -28.69 -19.43 17.73
N GLY U 585 -27.54 -19.78 17.15
CA GLY U 585 -26.26 -19.52 17.81
C GLY U 585 -25.96 -18.05 18.00
N SER U 586 -26.70 -17.16 17.33
CA SER U 586 -26.55 -15.72 17.54
C SER U 586 -27.31 -15.22 18.74
N ASP U 587 -28.35 -15.93 19.18
CA ASP U 587 -29.13 -15.51 20.34
C ASP U 587 -28.39 -15.74 21.65
N VAL U 588 -27.34 -16.57 21.64
CA VAL U 588 -26.52 -16.75 22.83
C VAL U 588 -25.85 -15.43 23.21
N ILE U 589 -25.43 -14.66 22.19
CA ILE U 589 -24.80 -13.37 22.44
C ILE U 589 -25.76 -12.42 23.13
N LEU U 590 -27.02 -12.43 22.71
CA LEU U 590 -28.01 -11.50 23.24
C LEU U 590 -28.20 -11.68 24.74
N GLY U 591 -28.56 -10.58 25.41
CA GLY U 591 -28.84 -10.61 26.83
C GLY U 591 -30.28 -11.02 27.11
N GLU U 592 -30.65 -10.89 28.38
CA GLU U 592 -32.00 -11.24 28.80
C GLU U 592 -33.04 -10.36 28.12
N GLU U 593 -32.86 -9.04 28.21
CA GLU U 593 -33.82 -8.10 27.64
C GLU U 593 -33.90 -8.23 26.12
N GLU U 594 -32.74 -8.36 25.47
CA GLU U 594 -32.72 -8.50 24.01
C GLU U 594 -33.41 -9.79 23.58
N LEU U 595 -33.17 -10.88 24.30
CA LEU U 595 -33.84 -12.14 23.97
C LEU U 595 -35.35 -12.03 24.15
N TRP U 596 -35.79 -11.42 25.25
CA TRP U 596 -37.23 -11.25 25.46
C TRP U 596 -37.85 -10.38 24.37
N ASP U 597 -37.18 -9.31 23.98
CA ASP U 597 -37.69 -8.46 22.92
C ASP U 597 -37.74 -9.20 21.58
N ALA U 598 -36.73 -10.04 21.32
CA ALA U 598 -36.69 -10.79 20.07
C ALA U 598 -37.85 -11.79 20.01
N VAL U 599 -38.09 -12.51 21.10
CA VAL U 599 -39.18 -13.50 21.08
C VAL U 599 -40.54 -12.81 21.16
N PHE U 600 -40.58 -11.55 21.60
CA PHE U 600 -41.86 -10.86 21.73
C PHE U 600 -42.40 -10.38 20.38
N LYS U 601 -41.52 -10.01 19.46
CA LYS U 601 -41.98 -9.41 18.21
C LYS U 601 -42.59 -10.44 17.28
N LYS U 602 -41.96 -11.61 17.16
CA LYS U 602 -42.37 -12.62 16.19
C LYS U 602 -43.42 -13.59 16.73
N THR U 603 -43.92 -13.37 17.94
CA THR U 603 -44.84 -14.30 18.58
C THR U 603 -46.29 -13.90 18.31
N ARG U 604 -47.21 -14.59 18.98
CA ARG U 604 -48.64 -14.42 18.70
C ARG U 604 -49.17 -13.08 19.19
N LEU U 605 -48.70 -12.61 20.35
CA LEU U 605 -49.31 -11.44 20.98
C LEU U 605 -49.18 -10.18 20.13
N GLN U 606 -48.05 -10.01 19.44
CA GLN U 606 -47.81 -8.79 18.68
C GLN U 606 -48.85 -8.60 17.58
N THR U 607 -49.26 -9.70 16.92
CA THR U 607 -50.26 -9.58 15.87
C THR U 607 -51.60 -9.09 16.43
N TYR U 608 -52.02 -9.64 17.58
CA TYR U 608 -53.25 -9.15 18.21
C TYR U 608 -53.13 -7.69 18.60
N LEU U 609 -51.99 -7.31 19.19
CA LEU U 609 -51.83 -5.93 19.64
C LEU U 609 -51.87 -4.95 18.48
N THR U 610 -51.21 -5.29 17.37
CA THR U 610 -51.26 -4.44 16.19
C THR U 610 -52.65 -4.46 15.55
N ASP U 611 -53.36 -5.59 15.65
CA ASP U 611 -54.71 -5.65 15.10
C ASP U 611 -55.66 -4.71 15.83
N ILE U 612 -55.56 -4.66 17.17
CA ILE U 612 -56.46 -3.81 17.94
C ILE U 612 -56.21 -2.34 17.63
N ALA U 613 -54.94 -1.94 17.49
CA ALA U 613 -54.62 -0.54 17.28
C ALA U 613 -55.23 -0.02 15.98
N ALA U 614 -55.13 -0.79 14.90
CA ALA U 614 -55.70 -0.35 13.63
C ALA U 614 -57.22 -0.22 13.73
N LEU U 615 -57.88 -1.19 14.36
CA LEU U 615 -59.33 -1.14 14.50
C LEU U 615 -59.76 0.06 15.34
N PHE U 616 -59.05 0.34 16.44
CA PHE U 616 -59.40 1.48 17.27
C PHE U 616 -59.17 2.80 16.54
N VAL U 617 -58.07 2.90 15.79
CA VAL U 617 -57.79 4.13 15.07
C VAL U 617 -58.82 4.36 13.97
N ALA U 618 -59.21 3.30 13.25
CA ALA U 618 -60.19 3.46 12.19
C ALA U 618 -61.57 3.76 12.75
N ASP U 619 -61.96 3.10 13.84
CA ASP U 619 -63.31 3.24 14.36
C ASP U 619 -63.52 4.57 15.08
N VAL U 620 -62.45 5.17 15.61
CA VAL U 620 -62.62 6.38 16.41
C VAL U 620 -63.04 7.56 15.53
N GLN U 621 -62.53 7.63 14.30
CA GLN U 621 -62.87 8.75 13.43
C GLN U 621 -64.23 8.55 12.76
N HIS U 622 -64.57 7.30 12.41
CA HIS U 622 -65.85 7.04 11.76
C HIS U 622 -67.02 7.12 12.73
N ALA U 623 -66.77 7.01 14.03
CA ALA U 623 -67.84 7.06 15.02
C ALA U 623 -68.47 8.45 15.08
N ASP V 25 -12.59 -73.20 0.24
CA ASP V 25 -12.92 -73.44 -1.16
C ASP V 25 -13.05 -72.12 -1.92
N GLY V 26 -12.07 -71.24 -1.73
CA GLY V 26 -12.05 -69.94 -2.36
C GLY V 26 -12.44 -68.80 -1.45
N TRP V 27 -13.09 -69.08 -0.33
CA TRP V 27 -13.45 -68.03 0.63
C TRP V 27 -12.22 -67.62 1.44
N VAL V 28 -12.20 -66.35 1.86
CA VAL V 28 -11.14 -65.81 2.69
C VAL V 28 -11.75 -64.87 3.73
N LYS V 29 -10.97 -64.61 4.77
CA LYS V 29 -11.33 -63.61 5.76
C LYS V 29 -11.08 -62.20 5.22
N VAL V 30 -11.92 -61.26 5.63
CA VAL V 30 -11.75 -59.88 5.18
C VAL V 30 -11.63 -58.92 6.36
N HIS V 31 -12.69 -58.81 7.14
CA HIS V 31 -12.76 -57.74 8.14
C HIS V 31 -12.01 -58.03 9.44
N PRO V 32 -12.17 -59.20 10.08
CA PRO V 32 -11.52 -59.42 11.38
C PRO V 32 -10.02 -59.67 11.31
N THR V 33 -9.38 -59.45 10.16
CA THR V 33 -7.94 -59.56 10.09
C THR V 33 -7.29 -58.43 10.91
N PRO V 34 -6.07 -58.63 11.39
CA PRO V 34 -5.43 -57.60 12.23
C PRO V 34 -5.26 -56.26 11.54
N GLY V 35 -5.05 -56.25 10.22
CA GLY V 35 -4.85 -54.98 9.53
C GLY V 35 -6.06 -54.05 9.63
N THR V 36 -7.27 -54.63 9.59
CA THR V 36 -8.48 -53.82 9.69
C THR V 36 -8.62 -53.20 11.08
N MET V 37 -8.35 -53.99 12.12
CA MET V 37 -8.35 -53.43 13.47
C MET V 37 -7.30 -52.35 13.61
N LEU V 38 -6.15 -52.54 12.96
CA LEU V 38 -5.14 -51.49 12.92
C LEU V 38 -5.66 -50.23 12.24
N PHE V 39 -6.42 -50.39 11.16
CA PHE V 39 -7.00 -49.23 10.48
C PHE V 39 -7.90 -48.45 11.43
N ARG V 40 -8.81 -49.14 12.12
CA ARG V 40 -9.70 -48.41 13.02
C ARG V 40 -8.93 -47.78 14.18
N GLU V 41 -7.95 -48.50 14.74
CA GLU V 41 -7.17 -47.92 15.83
C GLU V 41 -6.39 -46.70 15.36
N ILE V 42 -5.88 -46.72 14.13
CA ILE V 42 -5.29 -45.53 13.53
C ILE V 42 -6.31 -44.41 13.48
N LEU V 43 -7.55 -44.74 13.10
CA LEU V 43 -8.61 -43.73 13.08
C LEU V 43 -8.87 -43.17 14.48
N HIS V 44 -8.64 -43.97 15.52
CA HIS V 44 -8.76 -43.50 16.90
C HIS V 44 -7.49 -42.88 17.44
N GLY V 45 -6.54 -42.52 16.58
CA GLY V 45 -5.30 -41.91 17.03
C GLY V 45 -4.42 -42.79 17.88
N GLN V 46 -4.33 -44.07 17.57
CA GLN V 46 -3.49 -44.99 18.35
C GLN V 46 -2.03 -44.99 17.90
N LEU V 47 -1.69 -44.26 16.84
CA LEU V 47 -0.30 -44.03 16.45
C LEU V 47 -0.22 -42.61 15.89
N GLY V 48 0.17 -41.68 16.75
CA GLY V 48 0.31 -40.29 16.37
C GLY V 48 -1.03 -39.58 16.26
N TYR V 49 -0.96 -38.25 16.28
CA TYR V 49 -2.11 -37.41 16.03
C TYR V 49 -1.64 -36.10 15.43
N THR V 50 -2.51 -35.47 14.64
CA THR V 50 -2.14 -34.30 13.87
C THR V 50 -3.31 -33.33 13.85
N GLU V 51 -3.01 -32.07 13.51
CA GLU V 51 -4.08 -31.08 13.34
C GLU V 51 -4.95 -31.43 12.14
N GLY V 52 -4.38 -32.01 11.10
CA GLY V 52 -5.16 -32.35 9.92
C GLY V 52 -6.21 -33.42 10.19
N GLN V 53 -5.89 -34.39 11.06
CA GLN V 53 -6.84 -35.45 11.38
C GLN V 53 -8.07 -34.92 12.10
N GLY V 54 -8.00 -33.70 12.64
CA GLY V 54 -9.16 -33.13 13.33
C GLY V 54 -10.29 -32.69 12.43
N VAL V 55 -10.06 -32.64 11.11
CA VAL V 55 -11.15 -32.35 10.19
C VAL V 55 -12.16 -33.48 10.16
N TYR V 56 -11.74 -34.69 10.52
CA TYR V 56 -12.62 -35.85 10.48
C TYR V 56 -13.80 -35.73 11.43
N ASN V 57 -13.72 -34.85 12.42
CA ASN V 57 -14.84 -34.70 13.35
C ASN V 57 -16.04 -34.07 12.67
N VAL V 58 -15.81 -33.18 11.70
CA VAL V 58 -16.92 -32.59 10.96
C VAL V 58 -17.52 -33.60 9.99
N VAL V 59 -16.68 -34.45 9.40
CA VAL V 59 -17.14 -35.41 8.40
C VAL V 59 -18.17 -36.37 9.00
N ARG V 60 -18.09 -36.60 10.31
CA ARG V 60 -18.99 -37.53 10.98
C ARG V 60 -20.25 -36.87 11.54
N SER V 61 -20.40 -35.56 11.38
CA SER V 61 -21.54 -34.87 11.97
C SER V 61 -22.85 -35.34 11.34
N SER V 62 -23.89 -35.42 12.17
CA SER V 62 -25.21 -35.85 11.74
C SER V 62 -26.11 -34.66 11.39
N GLU V 63 -25.53 -33.52 11.04
CA GLU V 63 -26.33 -32.34 10.74
C GLU V 63 -27.03 -32.45 9.40
N ALA V 64 -26.33 -32.97 8.38
CA ALA V 64 -26.92 -33.05 7.04
C ALA V 64 -28.14 -33.96 7.03
N THR V 65 -28.06 -35.12 7.68
CA THR V 65 -29.19 -36.05 7.67
C THR V 65 -30.39 -35.47 8.43
N THR V 66 -30.15 -34.77 9.54
CA THR V 66 -31.25 -34.15 10.26
C THR V 66 -31.89 -33.04 9.44
N ARG V 67 -31.08 -32.25 8.72
CA ARG V 67 -31.64 -31.23 7.84
C ARG V 67 -32.47 -31.86 6.73
N GLN V 68 -31.99 -32.98 6.17
CA GLN V 68 -32.73 -33.67 5.12
C GLN V 68 -34.07 -34.20 5.66
N LEU V 69 -34.05 -34.78 6.87
CA LEU V 69 -35.29 -35.26 7.49
C LEU V 69 -36.27 -34.11 7.71
N GLN V 70 -35.78 -32.98 8.21
CA GLN V 70 -36.65 -31.84 8.44
C GLN V 70 -37.27 -31.35 7.14
N ALA V 71 -36.45 -31.23 6.09
CA ALA V 71 -36.97 -30.79 4.80
C ALA V 71 -37.99 -31.77 4.24
N ALA V 72 -37.72 -33.07 4.34
CA ALA V 72 -38.64 -34.08 3.82
C ALA V 72 -39.96 -34.04 4.56
N ILE V 73 -39.92 -33.92 5.90
CA ILE V 73 -41.15 -33.87 6.68
C ILE V 73 -41.94 -32.62 6.35
N PHE V 74 -41.26 -31.48 6.23
CA PHE V 74 -41.96 -30.24 5.89
C PHE V 74 -42.63 -30.34 4.52
N HIS V 75 -41.91 -30.85 3.53
CA HIS V 75 -42.49 -31.01 2.20
C HIS V 75 -43.69 -31.95 2.23
N ALA V 76 -43.56 -33.10 2.89
CA ALA V 76 -44.65 -34.07 2.91
C ALA V 76 -45.87 -33.51 3.61
N LEU V 77 -45.68 -32.83 4.75
CA LEU V 77 -46.82 -32.31 5.49
C LEU V 77 -47.49 -31.15 4.77
N LEU V 78 -46.71 -30.24 4.21
CA LEU V 78 -47.23 -29.00 3.64
C LEU V 78 -47.67 -29.17 2.18
N ASN V 79 -47.27 -30.25 1.51
CA ASN V 79 -47.74 -30.50 0.16
C ASN V 79 -49.17 -31.03 0.12
N ALA V 80 -49.64 -31.62 1.22
CA ALA V 80 -50.97 -32.23 1.24
C ALA V 80 -52.08 -31.23 1.53
N THR V 81 -51.76 -29.95 1.69
CA THR V 81 -52.78 -28.94 1.93
C THR V 81 -53.69 -28.79 0.72
N THR V 82 -54.93 -28.38 0.98
CA THR V 82 -55.94 -28.22 -0.05
C THR V 82 -56.51 -26.81 -0.01
N TYR V 83 -56.95 -26.32 -1.17
CA TYR V 83 -57.50 -24.98 -1.26
C TYR V 83 -58.93 -24.91 -0.71
N ARG V 84 -59.72 -25.95 -0.95
CA ARG V 84 -61.14 -25.92 -0.58
C ARG V 84 -61.32 -25.80 0.93
N ASP V 85 -60.67 -26.69 1.69
CA ASP V 85 -60.87 -26.69 3.14
C ASP V 85 -60.22 -25.48 3.80
N LEU V 86 -59.10 -25.00 3.25
CA LEU V 86 -58.50 -23.78 3.79
C LEU V 86 -59.41 -22.58 3.57
N GLU V 87 -60.02 -22.47 2.39
CA GLU V 87 -60.98 -21.40 2.16
C GLU V 87 -62.19 -21.55 3.07
N ALA V 88 -62.62 -22.79 3.31
CA ALA V 88 -63.74 -23.03 4.22
C ALA V 88 -63.41 -22.57 5.64
N ASP V 89 -62.20 -22.88 6.12
CA ASP V 89 -61.79 -22.44 7.45
C ASP V 89 -61.70 -20.92 7.53
N TRP V 90 -61.17 -20.29 6.48
CA TRP V 90 -61.11 -18.82 6.45
C TRP V 90 -62.51 -18.21 6.50
N LEU V 91 -63.45 -18.78 5.73
CA LEU V 91 -64.82 -18.28 5.75
C LEU V 91 -65.47 -18.50 7.11
N GLY V 92 -65.19 -19.63 7.75
CA GLY V 92 -65.69 -19.85 9.10
C GLY V 92 -65.15 -18.84 10.09
N HIS V 93 -63.86 -18.51 9.97
CA HIS V 93 -63.28 -17.48 10.82
C HIS V 93 -63.95 -16.12 10.57
N VAL V 94 -64.20 -15.80 9.31
CA VAL V 94 -64.87 -14.54 8.99
C VAL V 94 -66.27 -14.51 9.58
N ALA V 95 -66.99 -15.63 9.48
CA ALA V 95 -68.32 -15.70 10.08
C ALA V 95 -68.26 -15.55 11.59
N ALA V 96 -67.24 -16.15 12.23
CA ALA V 96 -67.08 -16.01 13.67
C ALA V 96 -66.83 -14.56 14.06
N ARG V 97 -65.99 -13.86 13.30
CA ARG V 97 -65.73 -12.45 13.58
C ARG V 97 -66.90 -11.55 13.19
N GLY V 98 -67.78 -12.03 12.31
CA GLY V 98 -68.85 -11.18 11.81
C GLY V 98 -68.34 -9.96 11.06
N LEU V 99 -67.31 -10.14 10.23
CA LEU V 99 -66.64 -9.05 9.55
C LEU V 99 -66.66 -9.22 8.03
N GLN V 100 -67.70 -9.85 7.50
CA GLN V 100 -67.82 -9.99 6.06
C GLN V 100 -68.06 -8.61 5.43
N PRO V 101 -67.71 -8.44 4.16
CA PRO V 101 -67.74 -7.10 3.56
C PRO V 101 -69.07 -6.38 3.66
N GLN V 102 -70.18 -7.11 3.64
CA GLN V 102 -71.50 -6.48 3.74
C GLN V 102 -71.61 -5.66 5.01
N ARG V 103 -71.50 -6.31 6.17
CA ARG V 103 -71.65 -5.61 7.45
C ARG V 103 -70.55 -4.57 7.64
N LEU V 104 -69.31 -4.90 7.25
CA LEU V 104 -68.20 -3.97 7.45
C LEU V 104 -68.43 -2.67 6.68
N VAL V 105 -68.82 -2.77 5.41
CA VAL V 105 -69.06 -1.58 4.60
C VAL V 105 -70.31 -0.84 5.09
N ARG V 106 -71.36 -1.59 5.46
CA ARG V 106 -72.56 -0.95 5.98
C ARG V 106 -72.33 -0.25 7.31
N ARG V 107 -71.29 -0.65 8.04
CA ARG V 107 -70.94 0.00 9.30
C ARG V 107 -70.05 1.22 9.08
N TYR V 108 -69.05 1.10 8.21
CA TYR V 108 -68.11 2.21 8.02
C TYR V 108 -68.76 3.38 7.29
N ARG V 109 -69.55 3.10 6.26
CA ARG V 109 -70.32 4.12 5.54
C ARG V 109 -69.44 5.25 5.02
N ASN V 110 -68.28 4.87 4.47
CA ASN V 110 -67.37 5.86 3.91
C ASN V 110 -66.77 5.32 2.63
N ALA V 111 -66.31 6.24 1.78
CA ALA V 111 -65.74 5.90 0.48
C ALA V 111 -64.22 5.91 0.49
N ARG V 112 -63.59 5.98 1.66
CA ARG V 112 -62.14 5.96 1.75
C ARG V 112 -61.62 4.55 1.47
N GLU V 113 -61.24 4.29 0.22
CA GLU V 113 -60.87 2.95 -0.20
C GLU V 113 -59.60 2.48 0.50
N ALA V 114 -58.62 3.37 0.68
CA ALA V 114 -57.34 2.97 1.25
C ALA V 114 -57.49 2.44 2.66
N ASP V 115 -58.27 3.14 3.50
CA ASP V 115 -58.41 2.73 4.89
C ASP V 115 -59.10 1.39 5.01
N ILE V 116 -60.22 1.21 4.30
CA ILE V 116 -60.97 -0.05 4.40
C ILE V 116 -60.18 -1.20 3.79
N ALA V 117 -59.46 -0.95 2.70
CA ALA V 117 -58.62 -1.98 2.10
C ALA V 117 -57.51 -2.41 3.06
N GLY V 118 -56.86 -1.44 3.71
CA GLY V 118 -55.85 -1.78 4.70
C GLY V 118 -56.42 -2.54 5.88
N VAL V 119 -57.62 -2.16 6.32
CA VAL V 119 -58.26 -2.85 7.43
C VAL V 119 -58.51 -4.32 7.06
N ALA V 120 -59.06 -4.56 5.87
CA ALA V 120 -59.30 -5.93 5.44
C ALA V 120 -58.00 -6.70 5.28
N GLU V 121 -56.97 -6.06 4.73
CA GLU V 121 -55.69 -6.72 4.53
C GLU V 121 -55.07 -7.12 5.87
N ARG V 122 -55.14 -6.24 6.88
CA ARG V 122 -54.59 -6.58 8.18
C ARG V 122 -55.41 -7.66 8.88
N VAL V 123 -56.73 -7.62 8.70
CA VAL V 123 -57.58 -8.67 9.25
C VAL V 123 -57.19 -10.02 8.69
N PHE V 124 -56.91 -10.08 7.38
CA PHE V 124 -56.43 -11.33 6.79
C PHE V 124 -55.02 -11.67 7.25
N ASP V 125 -54.17 -10.65 7.44
CA ASP V 125 -52.76 -10.87 7.76
C ASP V 125 -52.61 -11.49 9.14
N THR V 126 -53.42 -11.07 10.10
CA THR V 126 -53.36 -11.68 11.44
C THR V 126 -53.64 -13.17 11.37
N TRP V 127 -54.70 -13.54 10.65
CA TRP V 127 -55.04 -14.95 10.48
C TRP V 127 -53.95 -15.72 9.77
N ARG V 128 -53.35 -15.11 8.74
CA ARG V 128 -52.27 -15.76 8.01
C ARG V 128 -51.07 -16.02 8.93
N ASN V 129 -50.71 -15.02 9.74
CA ASN V 129 -49.57 -15.18 10.63
C ASN V 129 -49.81 -16.26 11.68
N THR V 130 -51.00 -16.28 12.29
CA THR V 130 -51.25 -17.29 13.30
C THR V 130 -51.36 -18.69 12.69
N LEU V 131 -51.88 -18.80 11.47
CA LEU V 131 -51.90 -20.09 10.79
C LEU V 131 -50.48 -20.57 10.50
N ARG V 132 -49.61 -19.66 10.06
CA ARG V 132 -48.21 -20.03 9.83
C ARG V 132 -47.55 -20.52 11.12
N THR V 133 -47.80 -19.83 12.23
CA THR V 133 -47.21 -20.24 13.50
C THR V 133 -47.72 -21.62 13.92
N THR V 134 -49.03 -21.86 13.76
CA THR V 134 -49.59 -23.17 14.10
C THR V 134 -48.96 -24.28 13.27
N LEU V 135 -48.83 -24.05 11.96
CA LEU V 135 -48.22 -25.05 11.10
C LEU V 135 -46.77 -25.30 11.47
N LEU V 136 -46.04 -24.24 11.82
CA LEU V 136 -44.66 -24.40 12.26
C LEU V 136 -44.58 -25.27 13.51
N ASP V 137 -45.46 -25.02 14.47
CA ASP V 137 -45.44 -25.80 15.71
C ASP V 137 -45.74 -27.27 15.43
N PHE V 138 -46.76 -27.54 14.59
CA PHE V 138 -47.08 -28.92 14.28
C PHE V 138 -45.94 -29.61 13.54
N ALA V 139 -45.29 -28.88 12.61
CA ALA V 139 -44.19 -29.48 11.87
C ALA V 139 -43.02 -29.82 12.78
N HIS V 140 -42.69 -28.93 13.72
CA HIS V 140 -41.63 -29.23 14.67
C HIS V 140 -42.00 -30.43 15.55
N GLY V 141 -43.26 -30.50 15.98
CA GLY V 141 -43.69 -31.65 16.76
C GLY V 141 -43.55 -32.95 16.00
N LEU V 142 -43.89 -32.94 14.71
CA LEU V 142 -43.73 -34.13 13.88
C LEU V 142 -42.26 -34.49 13.69
N VAL V 143 -41.41 -33.48 13.49
CA VAL V 143 -39.99 -33.73 13.27
C VAL V 143 -39.34 -34.32 14.51
N ALA V 144 -39.78 -33.89 15.69
CA ALA V 144 -39.10 -34.27 16.93
C ALA V 144 -39.05 -35.77 17.16
N CYS V 145 -39.94 -36.54 16.53
CA CYS V 145 -39.97 -37.98 16.79
C CYS V 145 -38.82 -38.72 16.11
N PHE V 146 -38.41 -38.27 14.93
CA PHE V 146 -37.41 -38.98 14.14
C PHE V 146 -35.98 -38.63 14.52
N ALA V 147 -35.69 -37.34 14.70
CA ALA V 147 -34.31 -36.85 14.78
C ALA V 147 -33.44 -37.53 15.82
N PRO V 148 -33.88 -37.76 17.07
CA PRO V 148 -32.98 -38.39 18.04
C PRO V 148 -32.51 -39.78 17.65
N GLY V 149 -33.34 -40.57 16.98
CA GLY V 149 -33.01 -41.93 16.64
C GLY V 149 -32.13 -42.12 15.42
N GLY V 150 -31.75 -41.04 14.76
CA GLY V 150 -30.91 -41.11 13.58
C GLY V 150 -29.46 -41.41 13.89
N PRO V 151 -28.77 -40.49 14.58
CA PRO V 151 -27.33 -40.67 14.82
C PRO V 151 -26.99 -41.87 15.69
N SER V 152 -27.90 -42.33 16.56
CA SER V 152 -27.62 -43.42 17.47
C SER V 152 -28.73 -44.45 17.41
N GLY V 153 -28.40 -45.68 17.81
CA GLY V 153 -29.32 -46.78 17.73
C GLY V 153 -29.31 -47.42 16.37
N PRO V 154 -30.43 -48.04 15.99
CA PRO V 154 -30.54 -48.58 14.62
C PRO V 154 -30.36 -47.49 13.58
N SER V 155 -29.65 -47.84 12.50
CA SER V 155 -29.41 -46.91 11.38
C SER V 155 -28.65 -45.67 11.82
N SER V 156 -27.50 -45.88 12.45
CA SER V 156 -26.66 -44.76 12.88
C SER V 156 -25.83 -44.25 11.69
N PHE V 157 -25.76 -42.93 11.56
CA PHE V 157 -25.05 -42.31 10.44
C PHE V 157 -23.54 -42.24 10.66
N PRO V 158 -23.03 -41.80 11.82
CA PRO V 158 -21.57 -41.77 11.99
C PRO V 158 -20.91 -43.14 11.86
N LYS V 159 -21.58 -44.20 12.31
CA LYS V 159 -21.04 -45.54 12.13
C LYS V 159 -20.96 -45.89 10.63
N TYR V 160 -21.97 -45.48 9.86
CA TYR V 160 -21.92 -45.64 8.42
C TYR V 160 -20.73 -44.88 7.81
N ILE V 161 -20.51 -43.65 8.26
CA ILE V 161 -19.43 -42.84 7.71
C ILE V 161 -18.07 -43.46 8.03
N ASP V 162 -17.90 -43.96 9.25
CA ASP V 162 -16.60 -44.53 9.58
C ASP V 162 -16.40 -45.91 8.96
N TRP V 163 -17.49 -46.66 8.72
CA TRP V 163 -17.39 -47.85 7.87
C TRP V 163 -16.86 -47.47 6.49
N LEU V 164 -17.43 -46.43 5.89
CA LEU V 164 -16.97 -45.99 4.57
C LEU V 164 -15.50 -45.56 4.62
N THR V 165 -15.11 -44.85 5.68
CA THR V 165 -13.75 -44.34 5.76
C THR V 165 -12.73 -45.45 5.95
N CYS V 166 -13.09 -46.49 6.71
CA CYS V 166 -12.10 -47.53 7.01
C CYS V 166 -11.97 -48.54 5.86
N LEU V 167 -13.09 -48.99 5.29
CA LEU V 167 -13.04 -50.07 4.32
C LEU V 167 -13.71 -49.74 3.00
N GLY V 168 -14.81 -49.00 3.02
CA GLY V 168 -15.66 -48.86 1.86
C GLY V 168 -16.85 -49.78 1.84
N LEU V 169 -16.92 -50.74 2.74
CA LEU V 169 -18.05 -51.63 2.89
C LEU V 169 -18.92 -51.17 4.04
N VAL V 170 -20.22 -51.44 3.94
CA VAL V 170 -21.17 -51.12 5.00
C VAL V 170 -22.09 -52.31 5.24
N PRO V 171 -21.69 -53.30 6.03
CA PRO V 171 -22.59 -54.41 6.34
C PRO V 171 -23.86 -53.90 7.02
N ILE V 172 -24.99 -54.49 6.65
CA ILE V 172 -26.29 -54.04 7.12
C ILE V 172 -27.12 -55.25 7.50
N LEU V 173 -27.79 -55.17 8.66
CA LEU V 173 -28.66 -56.23 9.15
C LEU V 173 -30.10 -55.73 9.14
N ARG V 174 -31.03 -56.62 8.77
CA ARG V 174 -32.42 -56.23 8.58
C ARG V 174 -33.36 -57.18 9.32
N LYS V 175 -34.38 -56.60 9.95
CA LYS V 175 -35.47 -57.36 10.55
C LYS V 175 -36.71 -56.47 10.55
N ARG V 176 -37.84 -57.02 10.11
CA ARG V 176 -39.08 -56.25 10.00
C ARG V 176 -39.84 -56.37 11.32
N GLN V 177 -39.88 -55.27 12.08
CA GLN V 177 -40.59 -55.24 13.36
C GLN V 177 -40.89 -53.80 13.71
N GLU V 178 -41.83 -53.63 14.64
CA GLU V 178 -42.18 -52.32 15.15
C GLU V 178 -41.33 -51.98 16.37
N GLY V 179 -41.13 -50.68 16.60
CA GLY V 179 -40.22 -50.25 17.65
C GLY V 179 -40.53 -48.88 18.21
N GLY V 180 -39.49 -48.20 18.71
CA GLY V 180 -39.69 -46.96 19.43
C GLY V 180 -40.26 -45.85 18.57
N VAL V 181 -39.79 -45.75 17.32
CA VAL V 181 -40.21 -44.65 16.45
C VAL V 181 -41.69 -44.75 16.13
N THR V 182 -42.16 -45.96 15.79
CA THR V 182 -43.58 -46.14 15.47
C THR V 182 -44.46 -45.90 16.69
N GLN V 183 -44.03 -46.38 17.86
CA GLN V 183 -44.78 -46.12 19.08
C GLN V 183 -44.85 -44.62 19.36
N GLY V 184 -43.74 -43.91 19.16
CA GLY V 184 -43.75 -42.47 19.38
C GLY V 184 -44.68 -41.73 18.44
N LEU V 185 -44.67 -42.10 17.15
CA LEU V 185 -45.59 -41.46 16.21
C LEU V 185 -47.03 -41.75 16.56
N ARG V 186 -47.34 -43.00 16.94
CA ARG V 186 -48.70 -43.33 17.32
C ARG V 186 -49.15 -42.55 18.55
N ALA V 187 -48.26 -42.42 19.54
CA ALA V 187 -48.61 -41.65 20.74
C ALA V 187 -48.81 -40.18 20.42
N PHE V 188 -47.97 -39.62 19.56
CA PHE V 188 -48.03 -38.18 19.30
C PHE V 188 -49.20 -37.80 18.40
N LEU V 189 -49.48 -38.60 17.37
CA LEU V 189 -50.44 -38.18 16.35
C LEU V 189 -51.89 -38.36 16.80
N LYS V 190 -52.19 -39.51 17.43
CA LYS V 190 -53.59 -39.90 17.63
C LYS V 190 -54.33 -39.02 18.64
N GLN V 191 -53.63 -38.18 19.40
CA GLN V 191 -54.32 -37.32 20.36
C GLN V 191 -53.76 -35.90 20.36
N HIS V 192 -53.40 -35.37 19.19
CA HIS V 192 -52.96 -33.99 19.11
C HIS V 192 -54.18 -33.08 18.95
N PRO V 193 -54.32 -32.04 19.78
CA PRO V 193 -55.50 -31.17 19.68
C PRO V 193 -55.57 -30.39 18.38
N LEU V 194 -54.45 -30.20 17.68
CA LEU V 194 -54.45 -29.39 16.47
C LEU V 194 -55.32 -30.00 15.38
N THR V 195 -55.40 -31.33 15.33
CA THR V 195 -56.22 -31.99 14.30
C THR V 195 -57.69 -31.62 14.45
N ARG V 196 -58.20 -31.65 15.68
CA ARG V 196 -59.60 -31.29 15.89
C ARG V 196 -59.82 -29.79 15.73
N GLN V 197 -58.79 -28.98 15.99
CA GLN V 197 -58.94 -27.53 15.94
C GLN V 197 -59.10 -27.04 14.49
N LEU V 198 -58.30 -27.58 13.58
CA LEU V 198 -58.28 -27.13 12.19
C LEU V 198 -58.60 -28.31 11.28
N ALA V 199 -59.54 -28.09 10.34
CA ALA V 199 -59.87 -29.12 9.37
C ALA V 199 -58.72 -29.36 8.40
N THR V 200 -58.09 -28.27 7.94
CA THR V 200 -57.00 -28.41 6.97
C THR V 200 -55.82 -29.19 7.55
N VAL V 201 -55.46 -28.89 8.79
CA VAL V 201 -54.34 -29.58 9.43
C VAL V 201 -54.63 -31.07 9.59
N ALA V 202 -55.84 -31.39 10.06
CA ALA V 202 -56.21 -32.81 10.23
C ALA V 202 -56.24 -33.53 8.90
N GLU V 203 -56.78 -32.89 7.85
CA GLU V 203 -56.84 -33.53 6.54
C GLU V 203 -55.45 -33.78 6.00
N ALA V 204 -54.54 -32.80 6.11
CA ALA V 204 -53.18 -32.98 5.65
C ALA V 204 -52.47 -34.08 6.45
N ALA V 205 -52.68 -34.11 7.76
CA ALA V 205 -52.04 -35.13 8.59
C ALA V 205 -52.51 -36.53 8.22
N GLU V 206 -53.82 -36.70 8.04
CA GLU V 206 -54.32 -38.03 7.69
C GLU V 206 -53.94 -38.42 6.28
N ARG V 207 -53.78 -37.44 5.37
CA ARG V 207 -53.38 -37.76 4.01
C ARG V 207 -51.92 -38.17 3.94
N ALA V 208 -51.05 -37.46 4.66
CA ALA V 208 -49.62 -37.75 4.65
C ALA V 208 -49.21 -38.76 5.70
N GLY V 209 -50.15 -39.28 6.49
CA GLY V 209 -49.85 -40.20 7.56
C GLY V 209 -49.11 -41.47 7.16
N PRO V 210 -49.63 -42.22 6.19
CA PRO V 210 -48.99 -43.50 5.83
C PRO V 210 -47.52 -43.38 5.48
N GLY V 211 -47.13 -42.29 4.79
CA GLY V 211 -45.73 -42.10 4.48
C GLY V 211 -44.87 -41.97 5.73
N PHE V 212 -45.37 -41.27 6.74
CA PHE V 212 -44.65 -41.14 8.00
C PHE V 212 -44.46 -42.49 8.67
N PHE V 213 -45.50 -43.33 8.68
CA PHE V 213 -45.39 -44.65 9.29
C PHE V 213 -44.41 -45.53 8.52
N GLU V 214 -44.43 -45.45 7.19
CA GLU V 214 -43.49 -46.24 6.40
C GLU V 214 -42.05 -45.78 6.65
N LEU V 215 -41.83 -44.47 6.74
CA LEU V 215 -40.50 -43.96 7.05
C LEU V 215 -40.05 -44.39 8.45
N ALA V 216 -40.99 -44.42 9.41
CA ALA V 216 -40.66 -44.89 10.75
C ALA V 216 -40.26 -46.35 10.74
N LEU V 217 -40.99 -47.18 9.98
CA LEU V 217 -40.63 -48.58 9.87
C LEU V 217 -39.27 -48.75 9.21
N ALA V 218 -38.97 -47.91 8.21
CA ALA V 218 -37.66 -47.94 7.58
C ALA V 218 -36.57 -47.60 8.58
N PHE V 219 -36.80 -46.58 9.41
CA PHE V 219 -35.82 -46.23 10.44
C PHE V 219 -35.63 -47.38 11.43
N ASP V 220 -36.72 -48.04 11.80
CA ASP V 220 -36.62 -49.08 12.83
C ASP V 220 -35.93 -50.34 12.32
N SER V 221 -36.29 -50.78 11.11
CA SER V 221 -35.92 -52.13 10.68
C SER V 221 -34.40 -52.29 10.54
N THR V 222 -33.76 -51.37 9.83
CA THR V 222 -32.34 -51.53 9.53
C THR V 222 -31.48 -51.28 10.76
N ARG V 223 -30.27 -51.83 10.74
CA ARG V 223 -29.30 -51.60 11.80
C ARG V 223 -27.91 -51.93 11.27
N VAL V 224 -27.04 -50.94 11.19
CA VAL V 224 -25.67 -51.15 10.74
C VAL V 224 -24.93 -51.95 11.82
N ALA V 225 -24.08 -52.88 11.39
CA ALA V 225 -23.40 -53.76 12.32
C ALA V 225 -22.33 -53.01 13.10
N ASP V 226 -21.84 -53.67 14.16
CA ASP V 226 -20.78 -53.11 15.00
C ASP V 226 -19.43 -53.55 14.49
N TYR V 227 -18.43 -52.67 14.62
CA TYR V 227 -17.13 -52.87 13.99
C TYR V 227 -16.34 -54.01 14.63
N ASP V 228 -16.64 -54.38 15.87
CA ASP V 228 -15.83 -55.38 16.57
C ASP V 228 -16.45 -56.77 16.58
N ARG V 229 -17.69 -56.91 16.10
CA ARG V 229 -18.41 -58.18 16.19
C ARG V 229 -18.54 -58.92 14.87
N VAL V 230 -18.77 -58.19 13.76
CA VAL V 230 -19.28 -58.82 12.55
C VAL V 230 -18.18 -59.61 11.84
N TYR V 231 -18.61 -60.55 10.99
CA TYR V 231 -17.74 -61.37 10.16
C TYR V 231 -18.07 -61.10 8.69
N ILE V 232 -17.04 -60.93 7.86
CA ILE V 232 -17.22 -60.64 6.45
C ILE V 232 -16.36 -61.59 5.64
N TYR V 233 -16.97 -62.24 4.64
CA TYR V 233 -16.30 -63.23 3.80
C TYR V 233 -16.39 -62.83 2.34
N TYR V 234 -15.29 -63.06 1.60
CA TYR V 234 -15.19 -62.72 0.19
C TYR V 234 -14.69 -63.92 -0.60
N ASN V 235 -15.32 -64.17 -1.74
CA ASN V 235 -14.92 -65.23 -2.66
C ASN V 235 -14.61 -64.59 -4.01
N HIS V 236 -13.34 -64.62 -4.40
CA HIS V 236 -12.91 -63.91 -5.60
C HIS V 236 -13.55 -64.49 -6.86
N ARG V 237 -13.67 -65.81 -6.93
CA ARG V 237 -14.11 -66.45 -8.17
C ARG V 237 -15.53 -66.07 -8.57
N ARG V 238 -16.34 -65.60 -7.63
CA ARG V 238 -17.69 -65.15 -7.93
C ARG V 238 -17.94 -63.69 -7.64
N GLY V 239 -17.18 -63.08 -6.73
CA GLY V 239 -17.39 -61.70 -6.36
C GLY V 239 -18.67 -61.44 -5.60
N ASP V 240 -19.03 -62.33 -4.68
CA ASP V 240 -20.18 -62.13 -3.81
C ASP V 240 -19.73 -62.14 -2.36
N TRP V 241 -20.57 -61.57 -1.49
CA TRP V 241 -20.21 -61.36 -0.09
C TRP V 241 -21.15 -62.15 0.81
N LEU V 242 -20.57 -62.77 1.84
CA LEU V 242 -21.33 -63.41 2.91
C LEU V 242 -20.92 -62.75 4.22
N VAL V 243 -21.84 -62.02 4.83
CA VAL V 243 -21.60 -61.29 6.06
C VAL V 243 -22.52 -61.84 7.14
N ARG V 244 -21.95 -62.22 8.27
CA ARG V 244 -22.70 -62.89 9.34
C ARG V 244 -22.35 -62.28 10.68
N ASP V 245 -23.28 -62.42 11.62
CA ASP V 245 -23.13 -61.95 12.99
C ASP V 245 -22.88 -63.15 13.89
N PRO V 246 -21.69 -63.31 14.47
CA PRO V 246 -21.39 -64.55 15.20
C PRO V 246 -22.19 -64.73 16.49
N ILE V 247 -22.63 -63.64 17.13
CA ILE V 247 -23.30 -63.77 18.43
C ILE V 247 -24.70 -64.36 18.24
N SER V 248 -25.55 -63.66 17.49
CA SER V 248 -26.92 -64.09 17.29
C SER V 248 -27.08 -65.05 16.12
N GLY V 249 -26.04 -65.25 15.32
CA GLY V 249 -26.15 -66.10 14.15
C GLY V 249 -26.91 -65.51 13.00
N GLN V 250 -27.19 -64.21 13.03
CA GLN V 250 -28.02 -63.57 12.02
C GLN V 250 -27.20 -63.18 10.80
N ARG V 251 -27.66 -63.60 9.63
CA ARG V 251 -26.98 -63.27 8.38
C ARG V 251 -27.43 -61.91 7.87
N GLY V 252 -26.48 -61.15 7.33
CA GLY V 252 -26.76 -59.80 6.88
C GLY V 252 -26.72 -59.60 5.38
N GLU V 253 -26.34 -58.39 4.96
CA GLU V 253 -26.31 -58.04 3.55
C GLU V 253 -25.28 -56.94 3.36
N CYS V 254 -24.16 -57.26 2.72
CA CYS V 254 -23.06 -56.33 2.57
C CYS V 254 -23.31 -55.36 1.42
N LEU V 255 -22.96 -54.10 1.64
CA LEU V 255 -23.07 -53.07 0.63
C LEU V 255 -21.68 -52.57 0.26
N VAL V 256 -21.40 -52.50 -1.03
CA VAL V 256 -20.10 -52.07 -1.54
C VAL V 256 -20.30 -50.78 -2.32
N LEU V 257 -19.47 -49.78 -2.04
CA LEU V 257 -19.56 -48.46 -2.65
C LEU V 257 -18.27 -48.01 -3.31
N TRP V 258 -17.13 -48.45 -2.80
CA TRP V 258 -15.83 -48.32 -3.49
C TRP V 258 -15.24 -49.71 -3.61
N PRO V 259 -15.44 -50.40 -4.74
CA PRO V 259 -15.08 -51.82 -4.80
C PRO V 259 -13.58 -52.02 -4.63
N PRO V 260 -13.17 -53.13 -4.00
CA PRO V 260 -11.75 -53.36 -3.75
C PRO V 260 -11.04 -54.08 -4.89
N LEU V 261 -9.76 -54.38 -4.70
CA LEU V 261 -8.92 -55.02 -5.72
C LEU V 261 -8.27 -56.25 -5.11
N TRP V 262 -8.32 -57.37 -5.84
CA TRP V 262 -7.77 -58.64 -5.38
C TRP V 262 -6.52 -58.95 -6.21
N THR V 263 -5.40 -59.15 -5.54
CA THR V 263 -4.10 -59.33 -6.20
C THR V 263 -3.42 -60.60 -5.71
N GLY V 264 -4.16 -61.69 -5.66
CA GLY V 264 -3.60 -62.97 -5.22
C GLY V 264 -3.78 -63.17 -3.73
N ASP V 265 -2.67 -63.31 -3.00
CA ASP V 265 -2.71 -63.45 -1.54
C ASP V 265 -2.77 -62.07 -0.88
N ARG V 266 -3.86 -61.37 -1.20
CA ARG V 266 -4.05 -60.00 -0.73
C ARG V 266 -5.49 -59.59 -0.98
N LEU V 267 -5.83 -58.41 -0.46
CA LEU V 267 -7.04 -57.70 -0.86
C LEU V 267 -6.82 -56.24 -0.50
N VAL V 268 -6.68 -55.39 -1.51
CA VAL V 268 -6.35 -53.98 -1.32
C VAL V 268 -7.63 -53.17 -1.47
N PHE V 269 -8.04 -52.52 -0.39
CA PHE V 269 -9.19 -51.63 -0.44
C PHE V 269 -8.76 -50.28 -1.01
N ASP V 270 -9.75 -49.43 -1.29
CA ASP V 270 -9.49 -48.08 -1.78
C ASP V 270 -10.11 -47.03 -0.86
N SER V 271 -10.08 -47.28 0.45
CA SER V 271 -10.51 -46.33 1.43
C SER V 271 -9.41 -45.28 1.67
N PRO V 272 -9.77 -44.09 2.14
CA PRO V 272 -8.74 -43.06 2.40
C PRO V 272 -7.65 -43.52 3.35
N VAL V 273 -8.01 -44.31 4.37
CA VAL V 273 -7.00 -44.79 5.32
C VAL V 273 -6.03 -45.73 4.64
N GLN V 274 -6.51 -46.54 3.69
CA GLN V 274 -5.62 -47.42 2.95
C GLN V 274 -4.62 -46.64 2.11
N ARG V 275 -5.09 -45.56 1.46
CA ARG V 275 -4.18 -44.73 0.68
C ARG V 275 -3.17 -44.02 1.57
N LEU V 276 -3.59 -43.59 2.76
CA LEU V 276 -2.73 -42.86 3.67
C LEU V 276 -1.89 -43.75 4.57
N PHE V 277 -2.06 -45.08 4.49
CA PHE V 277 -1.45 -45.96 5.48
C PHE V 277 0.08 -45.96 5.48
N PRO V 278 0.78 -46.15 4.35
CA PRO V 278 2.25 -46.22 4.43
C PRO V 278 2.91 -44.98 4.98
N GLU V 279 2.39 -43.79 4.66
CA GLU V 279 3.03 -42.54 5.06
C GLU V 279 3.04 -42.39 6.57
N ILE V 280 1.90 -42.64 7.21
CA ILE V 280 1.82 -42.48 8.65
C ILE V 280 2.65 -43.53 9.37
N VAL V 281 2.75 -44.74 8.81
CA VAL V 281 3.60 -45.77 9.40
C VAL V 281 5.06 -45.34 9.35
N ALA V 282 5.50 -44.79 8.20
CA ALA V 282 6.87 -44.31 8.10
C ALA V 282 7.15 -43.19 9.09
N CYS V 283 6.20 -42.26 9.23
CA CYS V 283 6.38 -41.16 10.19
C CYS V 283 6.47 -41.69 11.62
N HIS V 284 5.60 -42.65 11.97
CA HIS V 284 5.64 -43.22 13.31
C HIS V 284 6.96 -43.92 13.58
N SER V 285 7.46 -44.68 12.61
CA SER V 285 8.74 -45.36 12.79
C SER V 285 9.87 -44.36 12.94
N LEU V 286 9.84 -43.27 12.16
CA LEU V 286 10.87 -42.24 12.30
C LEU V 286 10.83 -41.62 13.68
N ARG V 287 9.64 -41.32 14.19
CA ARG V 287 9.54 -40.73 15.53
C ARG V 287 10.06 -41.68 16.59
N GLU V 288 9.75 -42.97 16.47
CA GLU V 288 10.24 -43.95 17.45
C GLU V 288 11.76 -44.05 17.42
N HIS V 289 12.34 -44.08 16.21
CA HIS V 289 13.80 -44.12 16.10
C HIS V 289 14.43 -42.86 16.68
N ALA V 290 13.80 -41.70 16.45
CA ALA V 290 14.32 -40.46 17.01
C ALA V 290 14.29 -40.49 18.53
N HIS V 291 13.22 -41.04 19.12
CA HIS V 291 13.17 -41.20 20.57
C HIS V 291 14.29 -42.10 21.07
N VAL V 292 14.51 -43.23 20.38
CA VAL V 292 15.57 -44.15 20.81
C VAL V 292 16.93 -43.48 20.74
N CYS V 293 17.20 -42.75 19.66
CA CYS V 293 18.47 -42.03 19.56
C CYS V 293 18.58 -40.96 20.63
N ARG V 294 17.47 -40.32 20.98
CA ARG V 294 17.48 -39.30 22.02
C ARG V 294 17.86 -39.88 23.37
N LEU V 295 17.35 -41.07 23.70
CA LEU V 295 17.65 -41.66 25.01
C LEU V 295 19.10 -42.11 25.12
N ARG V 296 19.84 -42.19 24.02
CA ARG V 296 21.21 -42.69 24.06
C ARG V 296 22.19 -41.63 24.54
N ASN V 297 21.95 -40.36 24.22
CA ASN V 297 22.91 -39.28 24.47
C ASN V 297 22.82 -38.70 25.88
N THR V 298 22.30 -39.46 26.86
CA THR V 298 22.17 -38.92 28.21
C THR V 298 23.53 -38.63 28.83
N ALA V 299 24.49 -39.54 28.67
CA ALA V 299 25.79 -39.40 29.32
C ALA V 299 26.68 -38.47 28.52
N SER V 300 27.31 -37.51 29.20
CA SER V 300 28.14 -36.53 28.51
C SER V 300 29.47 -37.14 28.07
N VAL V 301 30.10 -37.95 28.93
CA VAL V 301 31.43 -38.48 28.66
C VAL V 301 31.32 -39.98 28.41
N LYS V 302 32.19 -40.48 27.54
CA LYS V 302 32.24 -41.89 27.18
C LYS V 302 33.69 -42.33 27.09
N VAL V 303 33.99 -43.52 27.61
CA VAL V 303 35.34 -44.05 27.61
C VAL V 303 35.37 -45.33 26.79
N LEU V 304 36.52 -45.60 26.19
CA LEU V 304 36.74 -46.79 25.38
C LEU V 304 38.01 -47.49 25.85
N LEU V 305 37.88 -48.77 26.17
CA LEU V 305 38.99 -49.56 26.69
C LEU V 305 39.52 -50.48 25.61
N GLY V 306 40.74 -50.95 25.83
CA GLY V 306 41.37 -51.89 24.91
C GLY V 306 42.49 -52.65 25.60
N ARG V 307 42.69 -53.88 25.15
CA ARG V 307 43.70 -54.75 25.76
C ARG V 307 45.10 -54.22 25.52
N LYS V 308 45.97 -54.42 26.49
CA LYS V 308 47.38 -54.11 26.32
C LYS V 308 48.02 -55.08 25.32
N SER V 309 48.97 -54.57 24.55
CA SER V 309 49.83 -55.42 23.74
C SER V 309 50.85 -56.05 24.68
N ASP V 310 50.59 -57.30 25.07
CA ASP V 310 51.36 -58.03 26.08
C ASP V 310 51.25 -57.35 27.45
N TYR V 494 25.58 -40.27 33.80
CA TYR V 494 26.51 -39.15 33.62
C TYR V 494 27.81 -39.62 32.96
N ASP V 495 28.10 -40.92 33.06
CA ASP V 495 29.16 -41.53 32.27
C ASP V 495 28.71 -42.92 31.84
N ILE V 496 29.14 -43.33 30.65
CA ILE V 496 28.85 -44.66 30.13
C ILE V 496 30.16 -45.25 29.60
N ILE V 497 30.37 -46.53 29.88
CA ILE V 497 31.66 -47.18 29.68
C ILE V 497 31.50 -48.28 28.64
N ASP V 498 32.42 -48.32 27.67
CA ASP V 498 32.44 -49.32 26.62
C ASP V 498 33.67 -50.20 26.84
N VAL V 499 33.44 -51.51 26.97
CA VAL V 499 34.52 -52.48 27.20
C VAL V 499 34.61 -53.34 25.94
N SER V 500 35.73 -53.23 25.23
CA SER V 500 35.99 -54.04 24.05
C SER V 500 37.24 -54.90 24.18
N LYS V 501 37.69 -55.15 25.42
CA LYS V 501 38.88 -55.96 25.62
C LYS V 501 38.63 -57.42 25.30
N SER V 502 37.38 -57.88 25.41
CA SER V 502 37.08 -59.28 25.17
C SER V 502 37.29 -59.64 23.70
N MET V 503 36.89 -58.75 22.78
CA MET V 503 36.98 -59.04 21.36
C MET V 503 38.42 -58.96 20.85
N ASP V 504 39.27 -58.19 21.50
CA ASP V 504 40.65 -58.05 21.06
C ASP V 504 41.41 -59.35 21.25
N ASP V 505 42.22 -59.71 20.24
CA ASP V 505 43.15 -60.83 20.35
C ASP V 505 44.22 -60.65 19.28
N ASP V 506 45.45 -60.38 19.71
CA ASP V 506 46.56 -60.07 18.80
C ASP V 506 46.20 -58.90 17.88
N THR V 507 45.54 -57.89 18.45
CA THR V 507 44.98 -56.81 17.66
C THR V 507 45.00 -55.53 18.49
N TYR V 508 44.98 -54.39 17.79
CA TYR V 508 45.03 -53.08 18.42
C TYR V 508 43.93 -52.20 17.84
N VAL V 509 43.57 -51.16 18.59
CA VAL V 509 42.57 -50.20 18.16
C VAL V 509 43.23 -49.21 17.20
N ALA V 510 42.96 -49.37 15.90
CA ALA V 510 43.59 -48.51 14.90
C ALA V 510 43.06 -47.09 14.99
N ASN V 511 41.74 -46.92 15.05
CA ASN V 511 41.16 -45.59 15.10
C ASN V 511 39.76 -45.70 15.71
N SER V 512 39.27 -44.55 16.19
CA SER V 512 37.95 -44.46 16.79
C SER V 512 37.26 -43.19 16.29
N PHE V 513 35.93 -43.23 16.28
CA PHE V 513 35.13 -42.11 15.79
C PHE V 513 33.95 -41.87 16.71
N GLN V 514 33.42 -40.65 16.66
CA GLN V 514 32.17 -40.33 17.33
C GLN V 514 31.36 -39.41 16.45
N HIS V 515 30.06 -39.68 16.33
CA HIS V 515 29.13 -38.82 15.60
C HIS V 515 27.74 -39.02 16.17
N PRO V 516 27.31 -38.15 17.08
CA PRO V 516 26.00 -38.29 17.75
C PRO V 516 24.82 -37.80 16.90
N TYR V 517 24.36 -38.67 16.01
CA TYR V 517 23.26 -38.34 15.12
C TYR V 517 21.93 -38.32 15.87
N ILE V 518 21.05 -37.40 15.48
CA ILE V 518 19.70 -37.32 16.01
C ILE V 518 18.75 -36.96 14.88
N PRO V 519 17.88 -37.88 14.45
CA PRO V 519 16.93 -37.55 13.39
C PRO V 519 15.93 -36.49 13.82
N SER V 520 15.49 -35.70 12.84
CA SER V 520 14.49 -34.66 13.04
C SER V 520 13.20 -35.04 12.32
N TYR V 521 12.06 -34.79 12.99
CA TYR V 521 10.79 -35.30 12.49
C TYR V 521 9.70 -34.22 12.39
N ALA V 522 10.04 -32.94 12.54
CA ALA V 522 9.01 -31.90 12.49
C ALA V 522 8.47 -31.71 11.07
N GLN V 523 9.36 -31.75 10.08
CA GLN V 523 8.93 -31.54 8.70
C GLN V 523 7.97 -32.64 8.26
N ASP V 524 8.26 -33.90 8.63
CA ASP V 524 7.38 -35.00 8.27
C ASP V 524 6.02 -34.85 8.93
N LEU V 525 5.99 -34.41 10.19
CA LEU V 525 4.72 -34.21 10.88
C LEU V 525 3.90 -33.12 10.20
N GLU V 526 4.53 -32.02 9.82
CA GLU V 526 3.81 -30.95 9.12
C GLU V 526 3.26 -31.44 7.78
N ARG V 527 4.10 -32.15 7.01
CA ARG V 527 3.65 -32.68 5.73
C ARG V 527 2.49 -33.64 5.91
N LEU V 528 2.57 -34.51 6.92
CA LEU V 528 1.52 -35.48 7.16
C LEU V 528 0.21 -34.80 7.57
N SER V 529 0.30 -33.73 8.38
CA SER V 529 -0.90 -33.00 8.75
C SER V 529 -1.57 -32.39 7.52
N ARG V 530 -0.79 -31.72 6.68
CA ARG V 530 -1.36 -31.12 5.48
C ARG V 530 -1.94 -32.18 4.55
N LEU V 531 -1.26 -33.32 4.43
CA LEU V 531 -1.75 -34.40 3.58
C LEU V 531 -3.07 -34.97 4.09
N TRP V 532 -3.17 -35.21 5.39
CA TRP V 532 -4.41 -35.66 5.99
C TRP V 532 -5.54 -34.69 5.69
N GLU V 533 -5.29 -33.39 5.91
CA GLU V 533 -6.34 -32.40 5.71
C GLU V 533 -6.80 -32.37 4.26
N HIS V 534 -5.85 -32.33 3.32
CA HIS V 534 -6.23 -32.25 1.91
C HIS V 534 -6.97 -33.52 1.46
N GLU V 535 -6.51 -34.69 1.90
CA GLU V 535 -7.18 -35.93 1.52
C GLU V 535 -8.61 -35.94 2.02
N LEU V 536 -8.83 -35.57 3.28
CA LEU V 536 -10.18 -35.61 3.83
C LEU V 536 -11.07 -34.54 3.21
N VAL V 537 -10.51 -33.37 2.87
CA VAL V 537 -11.32 -32.34 2.23
C VAL V 537 -11.75 -32.79 0.83
N ARG V 538 -10.83 -33.35 0.05
CA ARG V 538 -11.15 -33.67 -1.34
C ARG V 538 -11.96 -34.96 -1.47
N CYS V 539 -11.79 -35.92 -0.56
CA CYS V 539 -12.47 -37.20 -0.72
C CYS V 539 -13.95 -37.10 -0.38
N PHE V 540 -14.29 -36.37 0.68
CA PHE V 540 -15.67 -36.26 1.15
C PHE V 540 -16.35 -34.97 0.69
N LYS V 541 -15.68 -34.18 -0.14
CA LYS V 541 -16.26 -32.98 -0.74
C LYS V 541 -16.72 -31.98 0.33
N ILE V 542 -15.77 -31.59 1.18
CA ILE V 542 -16.03 -30.66 2.27
C ILE V 542 -15.80 -29.25 1.78
N LEU V 543 -16.78 -28.37 2.01
CA LEU V 543 -16.70 -26.97 1.60
C LEU V 543 -16.29 -26.13 2.80
N CYS V 544 -15.15 -25.47 2.69
CA CYS V 544 -14.58 -24.68 3.77
C CYS V 544 -14.90 -23.21 3.57
N HIS V 545 -15.63 -22.63 4.53
CA HIS V 545 -15.89 -21.20 4.54
C HIS V 545 -14.70 -20.46 5.13
N ARG V 546 -14.41 -19.29 4.58
CA ARG V 546 -13.25 -18.52 4.99
C ARG V 546 -13.62 -17.05 5.12
N ASN V 547 -12.83 -16.34 5.92
CA ASN V 547 -13.01 -14.90 6.14
C ASN V 547 -12.41 -14.15 4.95
N ASN V 548 -12.25 -12.84 5.10
CA ASN V 548 -11.55 -12.05 4.09
C ASN V 548 -10.13 -12.56 3.91
N GLN V 549 -9.44 -12.82 5.01
CA GLN V 549 -8.16 -13.52 5.00
C GLN V 549 -8.05 -14.64 6.03
N GLY V 550 -8.86 -14.63 7.07
CA GLY V 550 -8.83 -15.72 8.03
C GLY V 550 -9.27 -17.03 7.41
N GLN V 551 -8.69 -18.12 7.90
CA GLN V 551 -8.91 -19.44 7.34
C GLN V 551 -9.82 -20.26 8.24
N GLU V 552 -10.77 -20.96 7.62
CA GLU V 552 -11.65 -21.92 8.30
C GLU V 552 -12.49 -21.23 9.39
N THR V 553 -13.31 -20.27 8.95
CA THR V 553 -14.29 -19.70 9.86
C THR V 553 -15.34 -20.74 10.26
N SER V 554 -15.79 -21.53 9.30
CA SER V 554 -16.73 -22.62 9.56
C SER V 554 -16.61 -23.64 8.44
N ILE V 555 -17.02 -24.86 8.73
CA ILE V 555 -16.88 -25.98 7.80
C ILE V 555 -18.20 -26.74 7.75
N SER V 556 -18.67 -27.02 6.53
CA SER V 556 -19.93 -27.74 6.35
C SER V 556 -19.86 -28.52 5.04
N TYR V 557 -20.85 -29.38 4.83
CA TYR V 557 -20.94 -30.17 3.61
C TYR V 557 -21.17 -29.28 2.40
N SER V 558 -20.61 -29.67 1.26
CA SER V 558 -20.86 -29.01 0.00
C SER V 558 -22.18 -29.50 -0.60
N SER V 559 -22.57 -28.86 -1.71
CA SER V 559 -23.82 -29.24 -2.36
C SER V 559 -23.75 -30.66 -2.94
N GLY V 560 -22.58 -31.05 -3.45
CA GLY V 560 -22.44 -32.38 -3.99
C GLY V 560 -22.15 -33.44 -2.95
N ALA V 561 -21.60 -33.04 -1.80
CA ALA V 561 -21.27 -34.01 -0.76
C ALA V 561 -22.52 -34.69 -0.22
N ILE V 562 -23.59 -33.91 0.01
CA ILE V 562 -24.82 -34.50 0.53
C ILE V 562 -25.47 -35.40 -0.52
N ALA V 563 -25.40 -35.02 -1.79
CA ALA V 563 -25.97 -35.88 -2.83
C ALA V 563 -25.16 -37.15 -3.02
N ALA V 564 -23.86 -37.11 -2.71
CA ALA V 564 -23.03 -38.29 -2.91
C ALA V 564 -22.98 -39.20 -1.68
N PHE V 565 -23.26 -38.67 -0.49
CA PHE V 565 -23.16 -39.47 0.72
C PHE V 565 -24.47 -39.58 1.49
N VAL V 566 -25.19 -38.47 1.69
CA VAL V 566 -26.45 -38.53 2.42
C VAL V 566 -27.51 -39.26 1.60
N ALA V 567 -27.59 -38.97 0.30
CA ALA V 567 -28.61 -39.59 -0.55
C ALA V 567 -28.47 -41.11 -0.63
N PRO V 568 -27.29 -41.69 -0.88
CA PRO V 568 -27.21 -43.16 -0.89
C PRO V 568 -27.58 -43.77 0.45
N TYR V 569 -27.32 -43.07 1.56
CA TYR V 569 -27.74 -43.56 2.87
C TYR V 569 -29.25 -43.76 2.90
N PHE V 570 -30.01 -42.73 2.55
CA PHE V 570 -31.46 -42.82 2.54
C PHE V 570 -31.97 -43.79 1.48
N GLU V 571 -31.21 -44.00 0.41
CA GLU V 571 -31.71 -44.81 -0.70
C GLU V 571 -31.50 -46.30 -0.46
N SER V 572 -30.31 -46.68 0.01
CA SER V 572 -29.97 -48.08 0.20
C SER V 572 -29.85 -48.50 1.65
N VAL V 573 -29.22 -47.68 2.51
CA VAL V 573 -28.99 -48.09 3.88
C VAL V 573 -30.31 -48.16 4.65
N LEU V 574 -31.20 -47.20 4.41
CA LEU V 574 -32.49 -47.16 5.09
C LEU V 574 -33.63 -47.74 4.27
N ARG V 575 -33.48 -47.80 2.94
CA ARG V 575 -34.57 -48.20 2.05
C ARG V 575 -35.81 -47.35 2.28
N ALA V 576 -35.58 -46.05 2.47
CA ALA V 576 -36.68 -45.12 2.75
C ALA V 576 -37.58 -44.98 1.53
N PRO V 577 -38.87 -44.72 1.74
CA PRO V 577 -39.78 -44.57 0.59
C PRO V 577 -39.43 -43.40 -0.32
N ARG V 578 -39.34 -42.19 0.23
CA ARG V 578 -39.01 -41.03 -0.58
C ARG V 578 -38.52 -39.91 0.34
N VAL V 579 -37.73 -39.00 -0.24
CA VAL V 579 -37.24 -37.82 0.48
C VAL V 579 -37.45 -36.54 -0.31
N GLY V 580 -38.11 -36.58 -1.46
CA GLY V 580 -38.30 -35.39 -2.25
C GLY V 580 -37.01 -34.87 -2.85
N ALA V 581 -37.08 -33.63 -3.32
CA ALA V 581 -35.91 -33.00 -3.92
C ALA V 581 -34.84 -32.77 -2.85
N PRO V 582 -33.58 -33.08 -3.15
CA PRO V 582 -32.52 -32.86 -2.16
C PRO V 582 -32.31 -31.38 -1.88
N ILE V 583 -31.88 -31.10 -0.66
CA ILE V 583 -31.60 -29.72 -0.27
C ILE V 583 -30.28 -29.27 -0.85
N THR V 584 -30.03 -27.96 -0.76
CA THR V 584 -28.76 -27.40 -1.21
C THR V 584 -27.76 -27.37 -0.06
N GLY V 585 -26.48 -27.32 -0.41
CA GLY V 585 -25.43 -27.25 0.60
C GLY V 585 -25.47 -25.98 1.43
N SER V 586 -26.14 -24.94 0.92
CA SER V 586 -26.30 -23.71 1.69
C SER V 586 -27.37 -23.81 2.77
N ASP V 587 -28.31 -24.76 2.63
CA ASP V 587 -29.38 -24.93 3.60
C ASP V 587 -28.92 -25.67 4.85
N VAL V 588 -27.75 -26.29 4.82
CA VAL V 588 -27.22 -26.95 6.02
C VAL V 588 -26.93 -25.92 7.10
N ILE V 589 -26.44 -24.75 6.70
CA ILE V 589 -26.11 -23.70 7.66
C ILE V 589 -27.36 -23.22 8.39
N LEU V 590 -28.47 -23.10 7.68
CA LEU V 590 -29.68 -22.54 8.25
C LEU V 590 -30.20 -23.39 9.41
N GLY V 591 -30.92 -22.73 10.32
CA GLY V 591 -31.55 -23.41 11.44
C GLY V 591 -32.90 -23.99 11.06
N GLU V 592 -33.57 -24.54 12.07
CA GLU V 592 -34.88 -25.14 11.85
C GLU V 592 -35.88 -24.10 11.36
N GLU V 593 -35.94 -22.95 12.03
CA GLU V 593 -36.90 -21.92 11.65
C GLU V 593 -36.61 -21.36 10.26
N GLU V 594 -35.33 -21.11 9.96
CA GLU V 594 -34.98 -20.60 8.64
C GLU V 594 -35.31 -21.61 7.54
N LEU V 595 -35.03 -22.89 7.80
CA LEU V 595 -35.36 -23.92 6.82
C LEU V 595 -36.87 -24.01 6.60
N TRP V 596 -37.65 -23.95 7.68
CA TRP V 596 -39.10 -23.98 7.53
C TRP V 596 -39.60 -22.77 6.74
N ASP V 597 -39.04 -21.59 7.03
CA ASP V 597 -39.47 -20.38 6.32
C ASP V 597 -39.11 -20.46 4.84
N ALA V 598 -37.93 -20.99 4.53
CA ALA V 598 -37.54 -21.14 3.13
C ALA V 598 -38.45 -22.14 2.41
N VAL V 599 -38.78 -23.24 3.08
CA VAL V 599 -39.68 -24.23 2.47
C VAL V 599 -41.07 -23.64 2.28
N PHE V 600 -41.52 -22.81 3.22
CA PHE V 600 -42.90 -22.32 3.20
C PHE V 600 -43.15 -21.39 2.03
N LYS V 601 -42.16 -20.58 1.65
CA LYS V 601 -42.40 -19.55 0.64
C LYS V 601 -42.58 -20.13 -0.75
N LYS V 602 -41.73 -21.07 -1.14
CA LYS V 602 -41.73 -21.58 -2.51
C LYS V 602 -42.66 -22.79 -2.70
N THR V 603 -43.43 -23.16 -1.70
CA THR V 603 -44.25 -24.36 -1.78
C THR V 603 -45.65 -24.01 -2.31
N ARG V 604 -46.57 -24.98 -2.22
CA ARG V 604 -47.90 -24.83 -2.81
C ARG V 604 -48.78 -23.88 -2.00
N LEU V 605 -48.64 -23.88 -0.67
CA LEU V 605 -49.60 -23.17 0.18
C LEU V 605 -49.56 -21.66 -0.04
N GLN V 606 -48.36 -21.10 -0.27
CA GLN V 606 -48.24 -19.65 -0.41
C GLN V 606 -49.09 -19.11 -1.56
N THR V 607 -49.17 -19.86 -2.66
CA THR V 607 -49.97 -19.40 -3.79
C THR V 607 -51.46 -19.30 -3.42
N TYR V 608 -51.99 -20.31 -2.72
CA TYR V 608 -53.38 -20.24 -2.27
C TYR V 608 -53.58 -19.08 -1.32
N LEU V 609 -52.66 -18.90 -0.36
CA LEU V 609 -52.82 -17.86 0.64
C LEU V 609 -52.79 -16.48 0.01
N THR V 610 -51.91 -16.26 -0.97
CA THR V 610 -51.88 -14.98 -1.65
C THR V 610 -53.09 -14.80 -2.57
N ASP V 611 -53.57 -15.88 -3.19
CA ASP V 611 -54.73 -15.78 -4.07
C ASP V 611 -55.97 -15.38 -3.29
N ILE V 612 -56.17 -15.96 -2.10
CA ILE V 612 -57.35 -15.62 -1.30
C ILE V 612 -57.31 -14.17 -0.86
N ALA V 613 -56.13 -13.68 -0.45
CA ALA V 613 -56.03 -12.31 0.04
C ALA V 613 -56.40 -11.30 -1.04
N ALA V 614 -55.89 -11.50 -2.26
CA ALA V 614 -56.20 -10.57 -3.34
C ALA V 614 -57.68 -10.58 -3.68
N LEU V 615 -58.28 -11.77 -3.73
CA LEU V 615 -59.70 -11.87 -4.05
C LEU V 615 -60.56 -11.20 -2.99
N PHE V 616 -60.22 -11.38 -1.71
CA PHE V 616 -60.97 -10.73 -0.64
C PHE V 616 -60.79 -9.21 -0.67
N VAL V 617 -59.56 -8.76 -0.93
CA VAL V 617 -59.31 -7.32 -1.00
C VAL V 617 -60.09 -6.69 -2.15
N ALA V 618 -60.16 -7.38 -3.28
CA ALA V 618 -60.96 -6.87 -4.40
C ALA V 618 -62.44 -6.87 -4.07
N ASP V 619 -62.96 -7.99 -3.56
CA ASP V 619 -64.39 -8.16 -3.33
C ASP V 619 -64.91 -7.33 -2.17
N VAL V 620 -64.03 -6.72 -1.36
CA VAL V 620 -64.51 -6.03 -0.16
C VAL V 620 -65.25 -4.74 -0.53
N GLN V 621 -64.95 -4.14 -1.68
CA GLN V 621 -65.56 -2.87 -2.05
C GLN V 621 -66.40 -2.92 -3.32
N HIS V 622 -66.22 -3.91 -4.20
CA HIS V 622 -67.06 -3.99 -5.39
C HIS V 622 -68.51 -4.32 -5.03
N ALA V 623 -68.71 -5.18 -4.04
CA ALA V 623 -70.06 -5.54 -3.60
C ALA V 623 -70.69 -4.41 -2.81
N ASP W 25 1.49 -67.00 -32.65
CA ASP W 25 1.42 -66.58 -34.05
C ASP W 25 1.33 -65.06 -34.15
N GLY W 26 2.07 -64.36 -33.29
CA GLY W 26 2.09 -62.92 -33.25
C GLY W 26 1.27 -62.30 -32.13
N TRP W 27 0.39 -63.07 -31.50
CA TRP W 27 -0.39 -62.56 -30.38
C TRP W 27 0.51 -62.31 -29.17
N VAL W 28 0.16 -61.28 -28.40
CA VAL W 28 0.90 -60.92 -27.19
C VAL W 28 -0.11 -60.67 -26.08
N LYS W 29 0.20 -61.15 -24.87
CA LYS W 29 -0.62 -60.84 -23.71
C LYS W 29 -0.30 -59.41 -23.24
N VAL W 30 -1.35 -58.63 -23.00
CA VAL W 30 -1.21 -57.21 -22.72
C VAL W 30 -1.52 -56.87 -21.26
N HIS W 31 -2.75 -57.11 -20.82
CA HIS W 31 -3.18 -56.57 -19.53
C HIS W 31 -2.59 -57.31 -18.33
N PRO W 32 -2.82 -58.61 -18.14
CA PRO W 32 -2.54 -59.22 -16.83
C PRO W 32 -1.06 -59.38 -16.50
N THR W 33 -0.15 -58.88 -17.33
CA THR W 33 1.24 -58.86 -16.94
C THR W 33 1.44 -57.95 -15.73
N PRO W 34 2.38 -58.26 -14.84
CA PRO W 34 2.54 -57.47 -13.61
C PRO W 34 2.88 -56.00 -13.87
N GLY W 35 3.42 -55.68 -15.03
CA GLY W 35 3.77 -54.30 -15.35
C GLY W 35 2.58 -53.37 -15.42
N THR W 36 1.36 -53.91 -15.52
CA THR W 36 0.16 -53.09 -15.43
C THR W 36 -0.55 -53.20 -14.09
N MET W 37 -0.35 -54.31 -13.36
CA MET W 37 -0.84 -54.38 -12.00
C MET W 37 -0.11 -53.37 -11.12
N LEU W 38 1.19 -53.13 -11.41
CA LEU W 38 1.92 -52.11 -10.68
C LEU W 38 1.31 -50.73 -10.86
N PHE W 39 0.74 -50.45 -12.03
CA PHE W 39 0.10 -49.15 -12.25
C PHE W 39 -1.10 -48.97 -11.33
N ARG W 40 -1.96 -49.99 -11.22
CA ARG W 40 -3.10 -49.88 -10.32
C ARG W 40 -2.65 -49.80 -8.87
N GLU W 41 -1.61 -50.56 -8.50
CA GLU W 41 -1.08 -50.48 -7.14
C GLU W 41 -0.59 -49.06 -6.85
N ILE W 42 0.09 -48.45 -7.81
CA ILE W 42 0.52 -47.06 -7.68
C ILE W 42 -0.70 -46.16 -7.48
N LEU W 43 -1.76 -46.41 -8.26
CA LEU W 43 -2.96 -45.59 -8.15
C LEU W 43 -3.60 -45.71 -6.78
N HIS W 44 -3.49 -46.88 -6.15
CA HIS W 44 -3.98 -47.07 -4.79
C HIS W 44 -2.98 -46.63 -3.74
N GLY W 45 -1.96 -45.86 -4.10
CA GLY W 45 -0.99 -45.37 -3.15
C GLY W 45 -0.13 -46.43 -2.49
N GLN W 46 0.22 -47.49 -3.22
CA GLN W 46 1.02 -48.56 -2.64
C GLN W 46 2.52 -48.28 -2.67
N LEU W 47 2.94 -47.16 -3.27
CA LEU W 47 4.32 -46.70 -3.16
C LEU W 47 4.28 -45.17 -3.05
N GLY W 48 4.26 -44.69 -1.82
CA GLY W 48 4.23 -43.27 -1.55
C GLY W 48 2.84 -42.68 -1.74
N TYR W 49 2.67 -41.48 -1.19
CA TYR W 49 1.46 -40.70 -1.41
C TYR W 49 1.82 -39.23 -1.29
N THR W 50 1.01 -38.39 -1.93
CA THR W 50 1.31 -36.97 -2.05
C THR W 50 0.01 -36.17 -2.01
N GLU W 51 0.14 -34.87 -1.74
CA GLU W 51 -1.03 -34.00 -1.80
C GLU W 51 -1.54 -33.85 -3.23
N GLY W 52 -0.63 -33.90 -4.21
CA GLY W 52 -1.06 -33.76 -5.60
C GLY W 52 -1.93 -34.91 -6.07
N GLN W 53 -1.60 -36.13 -5.64
CA GLN W 53 -2.38 -37.29 -6.05
C GLN W 53 -3.82 -37.24 -5.56
N GLY W 54 -4.11 -36.39 -4.56
CA GLY W 54 -5.46 -36.29 -4.04
C GLY W 54 -6.44 -35.59 -4.96
N VAL W 55 -5.95 -34.94 -6.02
CA VAL W 55 -6.85 -34.36 -7.00
C VAL W 55 -7.62 -35.43 -7.74
N TYR W 56 -7.06 -36.65 -7.81
CA TYR W 56 -7.69 -37.74 -8.54
C TYR W 56 -9.03 -38.14 -7.94
N ASN W 57 -9.29 -37.79 -6.68
CA ASN W 57 -10.57 -38.10 -6.06
C ASN W 57 -11.72 -37.31 -6.68
N VAL W 58 -11.42 -36.21 -7.35
CA VAL W 58 -12.45 -35.43 -8.03
C VAL W 58 -12.65 -35.90 -9.47
N VAL W 59 -11.58 -36.39 -10.10
CA VAL W 59 -11.68 -36.85 -11.49
C VAL W 59 -12.64 -38.02 -11.61
N ARG W 60 -12.80 -38.79 -10.53
CA ARG W 60 -13.65 -39.97 -10.55
C ARG W 60 -15.10 -39.68 -10.19
N SER W 61 -15.43 -38.45 -9.78
CA SER W 61 -16.77 -38.16 -9.31
C SER W 61 -17.80 -38.35 -10.42
N SER W 62 -18.97 -38.86 -10.05
CA SER W 62 -20.05 -39.14 -10.99
C SER W 62 -21.04 -37.98 -11.10
N GLU W 63 -20.63 -36.77 -10.72
CA GLU W 63 -21.55 -35.64 -10.77
C GLU W 63 -21.91 -35.26 -12.20
N ALA W 64 -20.93 -35.27 -13.10
CA ALA W 64 -21.17 -34.83 -14.47
C ALA W 64 -22.19 -35.73 -15.17
N THR W 65 -22.03 -37.06 -15.01
CA THR W 65 -22.94 -37.97 -15.69
C THR W 65 -24.36 -37.86 -15.12
N THR W 66 -24.49 -37.69 -13.81
CA THR W 66 -25.82 -37.52 -13.23
C THR W 66 -26.46 -36.22 -13.70
N ARG W 67 -25.68 -35.14 -13.80
CA ARG W 67 -26.21 -33.88 -14.32
C ARG W 67 -26.66 -34.04 -15.76
N GLN W 68 -25.87 -34.74 -16.57
CA GLN W 68 -26.25 -34.99 -17.96
C GLN W 68 -27.54 -35.80 -18.04
N LEU W 69 -27.67 -36.82 -17.20
CA LEU W 69 -28.88 -37.62 -17.18
C LEU W 69 -30.09 -36.79 -16.81
N GLN W 70 -29.97 -35.95 -15.78
CA GLN W 70 -31.09 -35.10 -15.38
C GLN W 70 -31.48 -34.14 -16.50
N ALA W 71 -30.48 -33.52 -17.15
CA ALA W 71 -30.78 -32.60 -18.24
C ALA W 71 -31.45 -33.32 -19.40
N ALA W 72 -30.96 -34.51 -19.76
CA ALA W 72 -31.54 -35.27 -20.86
C ALA W 72 -32.97 -35.67 -20.55
N ILE W 73 -33.23 -36.12 -19.33
CA ILE W 73 -34.59 -36.52 -18.95
C ILE W 73 -35.52 -35.30 -19.00
N PHE W 74 -35.06 -34.16 -18.48
CA PHE W 74 -35.90 -32.97 -18.51
C PHE W 74 -36.22 -32.55 -19.94
N HIS W 75 -35.20 -32.54 -20.81
CA HIS W 75 -35.42 -32.17 -22.20
C HIS W 75 -36.40 -33.12 -22.88
N ALA W 76 -36.18 -34.43 -22.71
CA ALA W 76 -37.05 -35.40 -23.37
C ALA W 76 -38.48 -35.30 -22.88
N LEU W 77 -38.68 -35.14 -21.57
CA LEU W 77 -40.02 -35.10 -21.02
C LEU W 77 -40.75 -33.81 -21.41
N LEU W 78 -40.08 -32.67 -21.26
CA LEU W 78 -40.75 -31.39 -21.42
C LEU W 78 -40.75 -30.90 -22.87
N ASN W 79 -39.99 -31.53 -23.76
CA ASN W 79 -40.06 -31.18 -25.17
C ASN W 79 -41.32 -31.71 -25.85
N ALA W 80 -41.92 -32.77 -25.31
CA ALA W 80 -43.10 -33.39 -25.89
C ALA W 80 -44.39 -32.69 -25.46
N THR W 81 -44.32 -31.46 -24.98
CA THR W 81 -45.50 -30.73 -24.57
C THR W 81 -46.30 -30.27 -25.77
N THR W 82 -47.63 -30.32 -25.65
CA THR W 82 -48.55 -29.92 -26.70
C THR W 82 -49.33 -28.71 -26.25
N TYR W 83 -49.36 -27.67 -27.08
CA TYR W 83 -50.07 -26.44 -26.75
C TYR W 83 -51.57 -26.67 -26.61
N ARG W 84 -52.14 -27.47 -27.53
CA ARG W 84 -53.58 -27.69 -27.54
C ARG W 84 -54.05 -28.33 -26.23
N ASP W 85 -53.34 -29.35 -25.78
CA ASP W 85 -53.81 -30.10 -24.61
C ASP W 85 -53.72 -29.26 -23.34
N LEU W 86 -52.65 -28.49 -23.18
CA LEU W 86 -52.53 -27.66 -21.98
C LEU W 86 -53.51 -26.50 -22.02
N GLU W 87 -53.80 -25.98 -23.23
CA GLU W 87 -54.85 -24.97 -23.34
C GLU W 87 -56.20 -25.55 -22.95
N ALA W 88 -56.48 -26.79 -23.37
CA ALA W 88 -57.72 -27.44 -22.99
C ALA W 88 -57.80 -27.63 -21.48
N ASP W 89 -56.68 -28.02 -20.85
CA ASP W 89 -56.65 -28.16 -19.39
C ASP W 89 -56.90 -26.83 -18.70
N TRP W 90 -56.30 -25.75 -19.21
CA TRP W 90 -56.53 -24.43 -18.63
C TRP W 90 -57.99 -24.02 -18.77
N LEU W 91 -58.60 -24.30 -19.93
CA LEU W 91 -60.01 -24.00 -20.11
C LEU W 91 -60.88 -24.80 -19.16
N GLY W 92 -60.54 -26.08 -18.95
CA GLY W 92 -61.26 -26.88 -17.97
C GLY W 92 -61.14 -26.34 -16.56
N HIS W 93 -59.94 -25.87 -16.21
CA HIS W 93 -59.75 -25.25 -14.89
C HIS W 93 -60.59 -23.97 -14.76
N VAL W 94 -60.64 -23.17 -15.82
CA VAL W 94 -61.48 -21.96 -15.79
C VAL W 94 -62.94 -22.33 -15.62
N ALA W 95 -63.40 -23.36 -16.34
CA ALA W 95 -64.78 -23.81 -16.19
C ALA W 95 -65.05 -24.30 -14.77
N ALA W 96 -64.09 -25.00 -14.17
CA ALA W 96 -64.25 -25.47 -12.80
C ALA W 96 -64.35 -24.29 -11.83
N ARG W 97 -63.51 -23.27 -12.01
CA ARG W 97 -63.56 -22.10 -11.13
C ARG W 97 -64.76 -21.21 -11.40
N GLY W 98 -65.37 -21.32 -12.58
CA GLY W 98 -66.46 -20.43 -12.94
C GLY W 98 -66.04 -18.98 -12.99
N LEU W 99 -64.86 -18.71 -13.52
CA LEU W 99 -64.28 -17.37 -13.56
C LEU W 99 -64.03 -16.92 -14.98
N GLN W 100 -64.98 -17.18 -15.88
CA GLN W 100 -64.86 -16.75 -17.25
C GLN W 100 -64.92 -15.23 -17.33
N PRO W 101 -64.32 -14.63 -18.37
CA PRO W 101 -64.33 -13.16 -18.47
C PRO W 101 -65.73 -12.56 -18.47
N GLN W 102 -66.69 -13.22 -19.12
CA GLN W 102 -68.06 -12.71 -19.15
C GLN W 102 -68.64 -12.64 -17.74
N ARG W 103 -68.57 -13.75 -17.00
CA ARG W 103 -69.11 -13.77 -15.65
C ARG W 103 -68.36 -12.81 -14.73
N LEU W 104 -67.03 -12.78 -14.83
CA LEU W 104 -66.24 -11.92 -13.96
C LEU W 104 -66.55 -10.46 -14.19
N VAL W 105 -66.64 -10.03 -15.45
CA VAL W 105 -66.93 -8.63 -15.75
C VAL W 105 -68.38 -8.30 -15.37
N ARG W 106 -69.32 -9.20 -15.65
CA ARG W 106 -70.71 -8.96 -15.26
C ARG W 106 -70.89 -8.93 -13.75
N ARG W 107 -70.00 -9.58 -13.00
CA ARG W 107 -70.08 -9.53 -11.54
C ARG W 107 -69.44 -8.26 -10.99
N TYR W 108 -68.28 -7.87 -11.52
CA TYR W 108 -67.57 -6.73 -10.95
C TYR W 108 -68.24 -5.42 -11.31
N ARG W 109 -68.69 -5.27 -12.56
CA ARG W 109 -69.44 -4.09 -13.01
C ARG W 109 -68.68 -2.80 -12.76
N ASN W 110 -67.39 -2.79 -13.08
CA ASN W 110 -66.56 -1.59 -12.91
C ASN W 110 -65.62 -1.46 -14.09
N ALA W 111 -65.16 -0.23 -14.31
CA ALA W 111 -64.26 0.10 -15.42
C ALA W 111 -62.81 0.18 -14.98
N ARG W 112 -62.48 -0.21 -13.76
CA ARG W 112 -61.10 -0.18 -13.29
C ARG W 112 -60.29 -1.28 -13.95
N GLU W 113 -59.61 -0.94 -15.05
CA GLU W 113 -58.92 -1.95 -15.85
C GLU W 113 -57.75 -2.56 -15.10
N ALA W 114 -57.01 -1.74 -14.34
CA ALA W 114 -55.80 -2.24 -13.67
C ALA W 114 -56.13 -3.33 -12.66
N ASP W 115 -57.15 -3.11 -11.84
CA ASP W 115 -57.49 -4.08 -10.79
C ASP W 115 -57.96 -5.40 -11.39
N ILE W 116 -58.84 -5.35 -12.39
CA ILE W 116 -59.36 -6.57 -12.97
C ILE W 116 -58.28 -7.31 -13.74
N ALA W 117 -57.41 -6.57 -14.44
CA ALA W 117 -56.29 -7.19 -15.14
C ALA W 117 -55.35 -7.89 -14.17
N GLY W 118 -55.04 -7.23 -13.04
CA GLY W 118 -54.20 -7.87 -12.04
C GLY W 118 -54.86 -9.09 -11.44
N VAL W 119 -56.18 -9.04 -11.21
CA VAL W 119 -56.90 -10.19 -10.67
C VAL W 119 -56.80 -11.37 -11.63
N ALA W 120 -57.05 -11.14 -12.91
CA ALA W 120 -56.94 -12.22 -13.90
C ALA W 120 -55.51 -12.74 -13.98
N GLU W 121 -54.52 -11.85 -13.95
CA GLU W 121 -53.13 -12.27 -14.05
C GLU W 121 -52.73 -13.14 -12.85
N ARG W 122 -53.17 -12.77 -11.65
CA ARG W 122 -52.86 -13.59 -10.47
C ARG W 122 -53.59 -14.92 -10.51
N VAL W 123 -54.84 -14.92 -10.99
CA VAL W 123 -55.58 -16.18 -11.13
C VAL W 123 -54.85 -17.13 -12.05
N PHE W 124 -54.30 -16.60 -13.15
CA PHE W 124 -53.52 -17.46 -14.04
C PHE W 124 -52.14 -17.80 -13.48
N ASP W 125 -51.57 -16.90 -12.66
CA ASP W 125 -50.25 -17.15 -12.11
C ASP W 125 -50.26 -18.29 -11.11
N THR W 126 -51.33 -18.40 -10.32
CA THR W 126 -51.46 -19.53 -9.41
C THR W 126 -51.43 -20.85 -10.18
N TRP W 127 -52.16 -20.91 -11.30
CA TRP W 127 -52.16 -22.13 -12.11
C TRP W 127 -50.79 -22.39 -12.72
N ARG W 128 -50.12 -21.34 -13.22
CA ARG W 128 -48.76 -21.51 -13.73
C ARG W 128 -47.86 -22.15 -12.69
N ASN W 129 -47.87 -21.60 -11.47
CA ASN W 129 -46.94 -22.07 -10.44
C ASN W 129 -47.26 -23.49 -10.01
N THR W 130 -48.55 -23.81 -9.85
CA THR W 130 -48.92 -25.17 -9.47
C THR W 130 -48.52 -26.17 -10.55
N LEU W 131 -48.74 -25.82 -11.82
CA LEU W 131 -48.34 -26.71 -12.91
C LEU W 131 -46.83 -26.91 -12.93
N ARG W 132 -46.07 -25.84 -12.70
CA ARG W 132 -44.62 -25.96 -12.66
C ARG W 132 -44.17 -26.89 -11.54
N THR W 133 -44.76 -26.75 -10.36
CA THR W 133 -44.39 -27.62 -9.25
C THR W 133 -44.72 -29.08 -9.56
N THR W 134 -45.90 -29.32 -10.14
CA THR W 134 -46.28 -30.69 -10.49
C THR W 134 -45.31 -31.29 -11.50
N LEU W 135 -44.93 -30.52 -12.52
CA LEU W 135 -43.99 -31.02 -13.53
C LEU W 135 -42.63 -31.30 -12.91
N LEU W 136 -42.18 -30.42 -12.00
CA LEU W 136 -40.90 -30.66 -11.33
C LEU W 136 -40.94 -31.96 -10.53
N ASP W 137 -42.03 -32.20 -9.80
CA ASP W 137 -42.12 -33.42 -9.02
C ASP W 137 -42.10 -34.65 -9.92
N PHE W 138 -42.85 -34.62 -11.02
CA PHE W 138 -42.86 -35.77 -11.93
C PHE W 138 -41.49 -35.99 -12.56
N ALA W 139 -40.80 -34.90 -12.93
CA ALA W 139 -39.48 -35.04 -13.52
C ALA W 139 -38.48 -35.63 -12.55
N HIS W 140 -38.53 -35.20 -11.28
CA HIS W 140 -37.66 -35.82 -10.29
C HIS W 140 -37.98 -37.29 -10.10
N GLY W 141 -39.28 -37.63 -10.11
CA GLY W 141 -39.65 -39.03 -10.04
C GLY W 141 -39.08 -39.85 -11.18
N LEU W 142 -39.11 -39.30 -12.39
CA LEU W 142 -38.52 -39.98 -13.54
C LEU W 142 -37.01 -40.12 -13.39
N VAL W 143 -36.35 -39.07 -12.92
CA VAL W 143 -34.89 -39.09 -12.80
C VAL W 143 -34.44 -40.12 -11.76
N ALA W 144 -35.22 -40.28 -10.68
CA ALA W 144 -34.80 -41.13 -9.57
C ALA W 144 -34.54 -42.57 -9.98
N CYS W 145 -35.14 -43.05 -11.07
CA CYS W 145 -34.98 -44.45 -11.46
C CYS W 145 -33.63 -44.75 -12.12
N PHE W 146 -32.94 -43.73 -12.63
CA PHE W 146 -31.69 -43.94 -13.36
C PHE W 146 -30.44 -43.67 -12.52
N ALA W 147 -30.44 -42.58 -11.74
CA ALA W 147 -29.21 -42.09 -11.15
C ALA W 147 -28.48 -43.11 -10.28
N PRO W 148 -29.12 -43.86 -9.38
CA PRO W 148 -28.34 -44.78 -8.53
C PRO W 148 -27.58 -45.84 -9.31
N GLY W 149 -28.11 -46.32 -10.43
CA GLY W 149 -27.48 -47.38 -11.19
C GLY W 149 -26.34 -46.96 -12.08
N GLY W 150 -26.04 -45.66 -12.14
CA GLY W 150 -24.98 -45.16 -12.99
C GLY W 150 -23.59 -45.48 -12.48
N PRO W 151 -23.22 -44.93 -11.31
CA PRO W 151 -21.85 -45.10 -10.82
C PRO W 151 -21.52 -46.51 -10.31
N SER W 152 -22.51 -47.36 -10.09
CA SER W 152 -22.27 -48.70 -9.57
C SER W 152 -23.09 -49.71 -10.36
N GLY W 153 -22.62 -50.95 -10.32
CA GLY W 153 -23.24 -52.01 -11.07
C GLY W 153 -22.77 -52.03 -12.51
N PRO W 154 -23.65 -52.42 -13.43
CA PRO W 154 -23.31 -52.33 -14.86
C PRO W 154 -23.00 -50.89 -15.26
N SER W 155 -22.01 -50.75 -16.14
CA SER W 155 -21.61 -49.46 -16.72
C SER W 155 -21.35 -48.41 -15.64
N SER W 156 -20.31 -48.66 -14.84
CA SER W 156 -19.92 -47.77 -13.76
C SER W 156 -18.91 -46.74 -14.28
N PHE W 157 -19.21 -45.45 -14.04
CA PHE W 157 -18.36 -44.39 -14.55
C PHE W 157 -16.98 -44.32 -13.91
N PRO W 158 -16.83 -44.34 -12.57
CA PRO W 158 -15.47 -44.29 -12.01
C PRO W 158 -14.59 -45.43 -12.45
N LYS W 159 -15.15 -46.62 -12.63
CA LYS W 159 -14.38 -47.71 -13.20
C LYS W 159 -13.88 -47.36 -14.60
N TYR W 160 -14.75 -46.77 -15.42
CA TYR W 160 -14.36 -46.30 -16.74
C TYR W 160 -13.21 -45.29 -16.65
N ILE W 161 -13.30 -44.36 -15.72
CA ILE W 161 -12.25 -43.34 -15.58
C ILE W 161 -10.93 -43.98 -15.18
N ASP W 162 -10.95 -44.95 -14.26
CA ASP W 162 -9.68 -45.55 -13.86
C ASP W 162 -9.10 -46.47 -14.94
N TRP W 163 -9.96 -47.11 -15.75
CA TRP W 163 -9.47 -47.79 -16.95
C TRP W 163 -8.73 -46.81 -17.86
N LEU W 164 -9.33 -45.63 -18.09
CA LEU W 164 -8.68 -44.63 -18.93
C LEU W 164 -7.36 -44.17 -18.33
N THR W 165 -7.34 -43.96 -17.01
CA THR W 165 -6.14 -43.42 -16.37
C THR W 165 -5.01 -44.45 -16.33
N CYS W 166 -5.32 -45.74 -16.29
CA CYS W 166 -4.26 -46.73 -16.18
C CYS W 166 -3.70 -47.15 -17.53
N LEU W 167 -4.56 -47.39 -18.52
CA LEU W 167 -4.12 -47.95 -19.80
C LEU W 167 -4.57 -47.14 -21.00
N GLY W 168 -5.71 -46.47 -20.90
CA GLY W 168 -6.34 -45.88 -22.05
C GLY W 168 -7.28 -46.80 -22.79
N LEU W 169 -7.41 -48.04 -22.36
CA LEU W 169 -8.35 -49.00 -22.92
C LEU W 169 -9.52 -49.20 -21.96
N VAL W 170 -10.69 -49.50 -22.52
CA VAL W 170 -11.89 -49.74 -21.72
C VAL W 170 -12.58 -51.00 -22.25
N PRO W 171 -12.16 -52.19 -21.83
CA PRO W 171 -12.89 -53.41 -22.23
C PRO W 171 -14.34 -53.34 -21.78
N ILE W 172 -15.23 -53.77 -22.67
CA ILE W 172 -16.67 -53.67 -22.44
C ILE W 172 -17.32 -54.99 -22.82
N LEU W 173 -18.25 -55.45 -22.00
CA LEU W 173 -18.98 -56.69 -22.22
C LEU W 173 -20.45 -56.37 -22.42
N ARG W 174 -21.08 -57.01 -23.41
CA ARG W 174 -22.45 -56.72 -23.77
C ARG W 174 -23.31 -57.96 -23.75
N LYS W 175 -24.55 -57.79 -23.32
CA LYS W 175 -25.58 -58.82 -23.37
C LYS W 175 -26.94 -58.14 -23.37
N ARG W 176 -27.80 -58.56 -24.28
CA ARG W 176 -29.14 -57.96 -24.41
C ARG W 176 -30.09 -58.67 -23.44
N GLN W 177 -30.35 -58.04 -22.30
CA GLN W 177 -31.22 -58.61 -21.29
C GLN W 177 -31.83 -57.48 -20.47
N GLU W 178 -32.90 -57.80 -19.76
CA GLU W 178 -33.58 -56.84 -18.90
C GLU W 178 -33.16 -57.03 -17.44
N GLY W 179 -33.54 -56.06 -16.62
CA GLY W 179 -33.07 -56.03 -15.25
C GLY W 179 -33.64 -54.84 -14.51
N GLY W 180 -32.96 -54.48 -13.41
CA GLY W 180 -33.57 -53.62 -12.41
C GLY W 180 -34.10 -52.31 -12.95
N VAL W 181 -33.37 -51.69 -13.88
CA VAL W 181 -33.76 -50.36 -14.36
C VAL W 181 -35.09 -50.40 -15.08
N THR W 182 -35.28 -51.39 -15.96
CA THR W 182 -36.50 -51.41 -16.76
C THR W 182 -37.72 -51.81 -15.94
N GLN W 183 -37.56 -52.76 -15.00
CA GLN W 183 -38.67 -53.04 -14.10
C GLN W 183 -38.98 -51.84 -13.20
N GLY W 184 -37.94 -51.09 -12.80
CA GLY W 184 -38.19 -49.88 -12.03
C GLY W 184 -39.02 -48.87 -12.79
N LEU W 185 -38.67 -48.64 -14.06
CA LEU W 185 -39.44 -47.72 -14.89
C LEU W 185 -40.87 -48.23 -15.09
N ARG W 186 -41.03 -49.53 -15.34
CA ARG W 186 -42.37 -50.08 -15.54
C ARG W 186 -43.22 -49.92 -14.29
N ALA W 187 -42.65 -50.19 -13.12
CA ALA W 187 -43.40 -50.06 -11.88
C ALA W 187 -43.72 -48.60 -11.57
N PHE W 188 -42.81 -47.68 -11.90
CA PHE W 188 -43.02 -46.29 -11.55
C PHE W 188 -44.04 -45.62 -12.48
N LEU W 189 -44.00 -45.95 -13.77
CA LEU W 189 -44.80 -45.21 -14.74
C LEU W 189 -46.24 -45.68 -14.81
N LYS W 190 -46.46 -47.00 -14.81
CA LYS W 190 -47.77 -47.54 -15.17
C LYS W 190 -48.86 -47.25 -14.15
N GLN W 191 -48.52 -46.78 -12.94
CA GLN W 191 -49.52 -46.48 -11.93
C GLN W 191 -49.20 -45.16 -11.22
N HIS W 192 -48.84 -44.14 -11.99
CA HIS W 192 -48.61 -42.82 -11.42
C HIS W 192 -49.90 -42.00 -11.52
N PRO W 193 -50.42 -41.49 -10.40
CA PRO W 193 -51.69 -40.73 -10.47
C PRO W 193 -51.60 -39.45 -11.28
N LEU W 194 -50.40 -38.90 -11.49
CA LEU W 194 -50.28 -37.65 -12.22
C LEU W 194 -50.75 -37.78 -13.66
N THR W 195 -50.55 -38.95 -14.26
CA THR W 195 -51.01 -39.15 -15.64
C THR W 195 -52.52 -39.03 -15.75
N ARG W 196 -53.26 -39.64 -14.83
CA ARG W 196 -54.71 -39.52 -14.84
C ARG W 196 -55.16 -38.11 -14.47
N GLN W 197 -54.43 -37.45 -13.56
CA GLN W 197 -54.85 -36.14 -13.10
C GLN W 197 -54.75 -35.09 -14.20
N LEU W 198 -53.64 -35.08 -14.95
CA LEU W 198 -53.41 -34.09 -16.00
C LEU W 198 -53.26 -34.80 -17.33
N ALA W 199 -54.00 -34.32 -18.34
CA ALA W 199 -53.88 -34.90 -19.67
C ALA W 199 -52.54 -34.57 -20.32
N THR W 200 -52.02 -33.37 -20.07
CA THR W 200 -50.76 -32.97 -20.67
C THR W 200 -49.60 -33.85 -20.20
N VAL W 201 -49.55 -34.12 -18.88
CA VAL W 201 -48.48 -34.94 -18.33
C VAL W 201 -48.54 -36.35 -18.92
N ALA W 202 -49.75 -36.93 -18.98
CA ALA W 202 -49.89 -38.27 -19.53
C ALA W 202 -49.51 -38.31 -21.00
N GLU W 203 -49.92 -37.30 -21.76
CA GLU W 203 -49.60 -37.27 -23.19
C GLU W 203 -48.10 -37.16 -23.41
N ALA W 204 -47.44 -36.28 -22.67
CA ALA W 204 -45.99 -36.15 -22.80
C ALA W 204 -45.28 -37.42 -22.38
N ALA W 205 -45.74 -38.05 -21.29
CA ALA W 205 -45.11 -39.28 -20.81
C ALA W 205 -45.26 -40.40 -21.83
N GLU W 206 -46.45 -40.55 -22.42
CA GLU W 206 -46.64 -41.62 -23.39
C GLU W 206 -45.89 -41.35 -24.68
N ARG W 207 -45.73 -40.07 -25.06
CA ARG W 207 -44.95 -39.78 -26.27
C ARG W 207 -43.47 -40.03 -26.04
N ALA W 208 -42.94 -39.63 -24.90
CA ALA W 208 -41.51 -39.77 -24.61
C ALA W 208 -41.16 -41.12 -23.98
N GLY W 209 -42.13 -42.00 -23.78
CA GLY W 209 -41.91 -43.26 -23.13
C GLY W 209 -40.88 -44.17 -23.77
N PRO W 210 -41.03 -44.45 -25.08
CA PRO W 210 -40.10 -45.40 -25.73
C PRO W 210 -38.63 -45.00 -25.59
N GLY W 211 -38.33 -43.70 -25.64
CA GLY W 211 -36.96 -43.27 -25.45
C GLY W 211 -36.43 -43.63 -24.07
N PHE W 212 -37.26 -43.48 -23.04
CA PHE W 212 -36.85 -43.83 -21.69
C PHE W 212 -36.56 -45.32 -21.57
N PHE W 213 -37.41 -46.16 -22.17
CA PHE W 213 -37.19 -47.60 -22.12
C PHE W 213 -35.92 -47.99 -22.87
N GLU W 214 -35.68 -47.37 -24.03
CA GLU W 214 -34.47 -47.67 -24.77
C GLU W 214 -33.22 -47.24 -24.00
N LEU W 215 -33.28 -46.08 -23.34
CA LEU W 215 -32.15 -45.64 -22.52
C LEU W 215 -31.94 -46.57 -21.33
N ALA W 216 -33.02 -47.06 -20.75
CA ALA W 216 -32.89 -48.03 -19.65
C ALA W 216 -32.23 -49.31 -20.12
N LEU W 217 -32.65 -49.81 -21.30
CA LEU W 217 -32.01 -51.00 -21.85
C LEU W 217 -30.53 -50.75 -22.14
N ALA W 218 -30.20 -49.55 -22.62
CA ALA W 218 -28.79 -49.21 -22.85
C ALA W 218 -28.01 -49.22 -21.55
N PHE W 219 -28.56 -48.65 -20.48
CA PHE W 219 -27.93 -48.72 -19.17
C PHE W 219 -27.74 -50.15 -18.71
N ASP W 220 -28.73 -51.01 -18.98
CA ASP W 220 -28.73 -52.36 -18.44
C ASP W 220 -27.76 -53.28 -19.19
N SER W 221 -27.67 -53.13 -20.52
CA SER W 221 -26.99 -54.14 -21.32
C SER W 221 -25.49 -54.16 -21.06
N THR W 222 -24.85 -52.99 -21.08
CA THR W 222 -23.40 -52.95 -21.02
C THR W 222 -22.90 -53.23 -19.60
N ARG W 223 -21.63 -53.63 -19.52
CA ARG W 223 -20.96 -53.84 -18.23
C ARG W 223 -19.45 -53.77 -18.46
N VAL W 224 -18.82 -52.74 -17.93
CA VAL W 224 -17.37 -52.60 -18.01
C VAL W 224 -16.73 -53.68 -17.14
N ALA W 225 -15.71 -54.35 -17.66
CA ALA W 225 -15.10 -55.47 -16.99
C ALA W 225 -14.35 -55.01 -15.73
N ASP W 226 -14.00 -55.98 -14.89
CA ASP W 226 -13.23 -55.74 -13.68
C ASP W 226 -11.73 -55.81 -13.97
N TYR W 227 -10.95 -55.01 -13.24
CA TYR W 227 -9.54 -54.85 -13.54
C TYR W 227 -8.71 -56.09 -13.21
N ASP W 228 -9.19 -56.99 -12.36
CA ASP W 228 -8.40 -58.12 -11.92
C ASP W 228 -8.77 -59.43 -12.61
N ARG W 229 -9.86 -59.46 -13.38
CA ARG W 229 -10.34 -60.70 -13.97
C ARG W 229 -10.10 -60.83 -15.46
N VAL W 230 -10.08 -59.72 -16.21
CA VAL W 230 -10.21 -59.79 -17.65
C VAL W 230 -8.87 -60.09 -18.31
N TYR W 231 -8.93 -60.62 -19.53
CA TYR W 231 -7.77 -60.93 -20.36
C TYR W 231 -7.82 -60.07 -21.61
N ILE W 232 -6.68 -59.48 -21.98
CA ILE W 232 -6.59 -58.62 -23.16
C ILE W 232 -5.40 -59.06 -24.00
N TYR W 233 -5.64 -59.28 -25.30
CA TYR W 233 -4.61 -59.72 -26.23
C TYR W 233 -4.51 -58.74 -27.40
N TYR W 234 -3.28 -58.54 -27.87
CA TYR W 234 -3.00 -57.60 -28.95
C TYR W 234 -2.06 -58.26 -29.97
N ASN W 235 -2.44 -58.18 -31.24
CA ASN W 235 -1.63 -58.72 -32.33
C ASN W 235 -1.17 -57.55 -33.19
N HIS W 236 0.13 -57.24 -33.12
CA HIS W 236 0.63 -56.03 -33.75
C HIS W 236 0.53 -56.07 -35.28
N ARG W 237 0.67 -57.25 -35.88
CA ARG W 237 0.75 -57.33 -37.33
C ARG W 237 -0.53 -56.82 -38.01
N ARG W 238 -1.69 -57.11 -37.42
CA ARG W 238 -2.96 -56.63 -37.96
C ARG W 238 -3.61 -55.54 -37.11
N GLY W 239 -3.16 -55.36 -35.88
CA GLY W 239 -3.68 -54.29 -35.03
C GLY W 239 -5.12 -54.43 -34.59
N ASP W 240 -5.54 -55.63 -34.19
CA ASP W 240 -6.87 -55.84 -33.63
C ASP W 240 -6.75 -56.37 -32.21
N TRP W 241 -7.87 -56.29 -31.48
CA TRP W 241 -7.90 -56.63 -30.07
C TRP W 241 -8.81 -57.83 -29.83
N LEU W 242 -8.39 -58.72 -28.94
CA LEU W 242 -9.21 -59.84 -28.48
C LEU W 242 -9.24 -59.79 -26.96
N VAL W 243 -10.39 -59.43 -26.40
CA VAL W 243 -10.57 -59.31 -24.95
C VAL W 243 -11.58 -60.35 -24.51
N ARG W 244 -11.21 -61.14 -23.50
CA ARG W 244 -12.05 -62.25 -23.06
C ARG W 244 -12.14 -62.27 -21.54
N ASP W 245 -13.22 -62.86 -21.05
CA ASP W 245 -13.45 -63.03 -19.62
C ASP W 245 -13.24 -64.51 -19.28
N PRO W 246 -12.22 -64.87 -18.51
CA PRO W 246 -11.92 -66.30 -18.31
C PRO W 246 -12.89 -67.01 -17.39
N ILE W 247 -13.60 -66.31 -16.52
CA ILE W 247 -14.51 -66.98 -15.59
C ILE W 247 -15.71 -67.55 -16.35
N SER W 248 -16.48 -66.68 -17.01
CA SER W 248 -17.67 -67.10 -17.74
C SER W 248 -17.37 -67.50 -19.18
N GLY W 249 -16.15 -67.27 -19.67
CA GLY W 249 -15.85 -67.56 -21.06
C GLY W 249 -16.47 -66.59 -22.04
N GLN W 250 -16.88 -65.42 -21.58
CA GLN W 250 -17.60 -64.46 -22.42
C GLN W 250 -16.61 -63.55 -23.15
N ARG W 251 -16.77 -63.46 -24.46
CA ARG W 251 -15.92 -62.61 -25.30
C ARG W 251 -16.45 -61.20 -25.30
N GLY W 252 -15.55 -60.22 -25.15
CA GLY W 252 -15.90 -58.84 -25.03
C GLY W 252 -15.60 -58.03 -26.28
N GLU W 253 -15.42 -56.73 -26.07
CA GLU W 253 -15.16 -55.80 -27.16
C GLU W 253 -14.35 -54.63 -26.61
N CYS W 254 -13.10 -54.52 -27.04
CA CYS W 254 -12.19 -53.53 -26.46
C CYS W 254 -12.35 -52.20 -27.16
N LEU W 255 -12.38 -51.13 -26.36
CA LEU W 255 -12.42 -49.76 -26.85
C LEU W 255 -11.08 -49.10 -26.58
N VAL W 256 -10.56 -48.40 -27.58
CA VAL W 256 -9.28 -47.71 -27.48
C VAL W 256 -9.51 -46.23 -27.74
N LEU W 257 -8.94 -45.40 -26.88
CA LEU W 257 -9.12 -43.95 -26.93
C LEU W 257 -7.81 -43.20 -27.17
N TRP W 258 -6.73 -43.62 -26.53
CA TRP W 258 -5.38 -43.07 -26.76
C TRP W 258 -4.51 -44.25 -27.16
N PRO W 259 -4.35 -44.50 -28.46
CA PRO W 259 -3.72 -45.75 -28.92
C PRO W 259 -2.28 -45.86 -28.46
N PRO W 260 -1.81 -47.06 -28.15
CA PRO W 260 -0.47 -47.25 -27.63
C PRO W 260 0.57 -47.30 -28.75
N LEU W 261 1.81 -47.58 -28.35
CA LEU W 261 2.94 -47.65 -29.26
C LEU W 261 3.67 -48.97 -29.05
N TRP W 262 4.05 -49.62 -30.15
CA TRP W 262 4.72 -50.91 -30.12
C TRP W 262 6.15 -50.74 -30.60
N THR W 263 7.11 -51.12 -29.77
CA THR W 263 8.53 -50.88 -30.04
C THR W 263 9.32 -52.18 -29.95
N GLY W 264 8.82 -53.23 -30.57
CA GLY W 264 9.50 -54.52 -30.57
C GLY W 264 9.00 -55.40 -29.43
N ASP W 265 9.89 -55.75 -28.52
CA ASP W 265 9.51 -56.57 -27.37
C ASP W 265 9.00 -55.71 -26.22
N ARG W 266 8.09 -54.79 -26.54
CA ARG W 266 7.54 -53.86 -25.58
C ARG W 266 6.12 -53.50 -25.99
N LEU W 267 5.47 -52.68 -25.16
CA LEU W 267 4.25 -51.98 -25.54
C LEU W 267 4.11 -50.81 -24.59
N VAL W 268 4.24 -49.59 -25.10
CA VAL W 268 4.23 -48.40 -24.28
C VAL W 268 2.92 -47.67 -24.49
N PHE W 269 2.11 -47.60 -23.44
CA PHE W 269 0.86 -46.86 -23.48
C PHE W 269 1.15 -45.37 -23.34
N ASP W 270 0.09 -44.56 -23.39
CA ASP W 270 0.22 -43.12 -23.19
C ASP W 270 -0.75 -42.63 -22.13
N SER W 271 -1.04 -43.46 -21.15
CA SER W 271 -1.82 -43.06 -19.99
C SER W 271 -0.98 -42.15 -19.09
N PRO W 272 -1.64 -41.29 -18.29
CA PRO W 272 -0.87 -40.40 -17.41
C PRO W 272 0.05 -41.14 -16.45
N VAL W 273 -0.37 -42.31 -15.97
CA VAL W 273 0.47 -43.08 -15.05
C VAL W 273 1.73 -43.57 -15.77
N GLN W 274 1.61 -43.91 -17.05
CA GLN W 274 2.79 -44.33 -17.81
C GLN W 274 3.79 -43.19 -17.95
N ARG W 275 3.30 -41.97 -18.20
CA ARG W 275 4.21 -40.83 -18.30
C ARG W 275 4.83 -40.50 -16.96
N LEU W 276 4.08 -40.64 -15.87
CA LEU W 276 4.55 -40.31 -14.53
C LEU W 276 5.32 -41.44 -13.87
N PHE W 277 5.43 -42.60 -14.51
CA PHE W 277 5.95 -43.78 -13.83
C PHE W 277 7.41 -43.67 -13.39
N PRO W 278 8.37 -43.30 -14.26
CA PRO W 278 9.78 -43.31 -13.81
C PRO W 278 10.07 -42.36 -12.66
N GLU W 279 9.43 -41.20 -12.64
CA GLU W 279 9.73 -40.19 -11.62
C GLU W 279 9.38 -40.70 -10.23
N ILE W 280 8.20 -41.30 -10.07
CA ILE W 280 7.77 -41.78 -8.77
C ILE W 280 8.61 -42.97 -8.33
N VAL W 281 9.05 -43.81 -9.28
CA VAL W 281 9.93 -44.92 -8.93
C VAL W 281 11.27 -44.40 -8.41
N ALA W 282 11.82 -43.37 -9.07
CA ALA W 282 13.07 -42.78 -8.59
C ALA W 282 12.92 -42.19 -7.20
N CYS W 283 11.80 -41.49 -6.96
CA CYS W 283 11.56 -40.92 -5.64
C CYS W 283 11.43 -42.01 -4.58
N HIS W 284 10.72 -43.09 -4.90
CA HIS W 284 10.57 -44.20 -3.96
C HIS W 284 11.91 -44.82 -3.63
N SER W 285 12.75 -45.05 -4.64
CA SER W 285 14.07 -45.62 -4.39
C SER W 285 14.93 -44.69 -3.56
N LEU W 286 14.85 -43.39 -3.80
CA LEU W 286 15.60 -42.43 -3.00
C LEU W 286 15.16 -42.48 -1.54
N ARG W 287 13.84 -42.55 -1.30
CA ARG W 287 13.35 -42.61 0.07
C ARG W 287 13.82 -43.88 0.77
N GLU W 288 13.79 -45.02 0.05
CA GLU W 288 14.24 -46.27 0.66
C GLU W 288 15.73 -46.21 1.00
N HIS W 289 16.54 -45.65 0.10
CA HIS W 289 17.97 -45.52 0.38
C HIS W 289 18.21 -44.59 1.56
N ALA W 290 17.43 -43.51 1.66
CA ALA W 290 17.57 -42.60 2.79
C ALA W 290 17.23 -43.30 4.09
N HIS W 291 16.19 -44.12 4.10
CA HIS W 291 15.85 -44.90 5.29
C HIS W 291 16.98 -45.84 5.68
N VAL W 292 17.55 -46.54 4.69
CA VAL W 292 18.64 -47.48 4.97
C VAL W 292 19.84 -46.75 5.55
N CYS W 293 20.19 -45.60 4.97
CA CYS W 293 21.29 -44.82 5.52
C CYS W 293 20.97 -44.31 6.93
N ARG W 294 19.70 -43.97 7.18
CA ARG W 294 19.30 -43.49 8.49
C ARG W 294 19.49 -44.55 9.56
N LEU W 295 19.13 -45.80 9.27
CA LEU W 295 19.26 -46.84 10.29
C LEU W 295 20.71 -47.21 10.58
N ARG W 296 21.66 -46.76 9.76
CA ARG W 296 23.05 -47.10 9.97
C ARG W 296 23.70 -46.26 11.07
N ASN W 297 23.30 -45.00 11.21
CA ASN W 297 23.95 -44.04 12.10
C ASN W 297 23.45 -44.11 13.53
N THR W 298 22.81 -45.22 13.95
CA THR W 298 22.26 -45.29 15.29
C THR W 298 23.35 -45.46 16.36
N ALA W 299 24.53 -45.93 15.97
CA ALA W 299 25.63 -46.11 16.90
C ALA W 299 26.55 -44.91 16.85
N SER W 300 26.90 -44.37 18.03
CA SER W 300 27.64 -43.12 18.08
C SER W 300 29.14 -43.34 17.92
N VAL W 301 29.68 -44.40 18.52
CA VAL W 301 31.11 -44.67 18.50
C VAL W 301 31.38 -45.91 17.65
N LYS W 302 32.46 -45.87 16.89
CA LYS W 302 32.86 -46.98 16.03
C LYS W 302 34.34 -47.27 16.25
N VAL W 303 34.69 -48.55 16.20
CA VAL W 303 36.05 -49.01 16.50
C VAL W 303 36.57 -49.78 15.30
N LEU W 304 37.79 -49.47 14.89
CA LEU W 304 38.46 -50.15 13.79
C LEU W 304 39.66 -50.91 14.32
N LEU W 305 39.75 -52.18 13.97
CA LEU W 305 40.81 -53.06 14.45
C LEU W 305 41.73 -53.44 13.29
N GLY W 306 42.93 -53.89 13.63
CA GLY W 306 43.90 -54.28 12.63
C GLY W 306 44.97 -55.15 13.22
N ARG W 307 45.49 -56.06 12.39
CA ARG W 307 46.50 -57.02 12.83
C ARG W 307 47.77 -56.31 13.27
N LYS W 308 48.43 -56.86 14.28
CA LYS W 308 49.76 -56.39 14.65
C LYS W 308 50.78 -56.80 13.60
N SER W 309 51.76 -55.93 13.38
CA SER W 309 52.96 -56.34 12.66
C SER W 309 53.79 -57.23 13.57
N ASP W 310 53.95 -58.49 13.19
CA ASP W 310 54.52 -59.53 14.05
C ASP W 310 53.66 -59.69 15.31
N TYR W 494 24.54 -49.38 19.75
CA TYR W 494 25.11 -48.27 20.51
C TYR W 494 26.57 -48.08 20.14
N ASP W 495 27.35 -49.16 20.24
CA ASP W 495 28.71 -49.21 19.71
C ASP W 495 28.79 -50.33 18.68
N ILE W 496 29.56 -50.09 17.62
CA ILE W 496 29.74 -51.07 16.55
C ILE W 496 31.23 -51.26 16.32
N ILE W 497 31.68 -52.51 16.29
CA ILE W 497 33.09 -52.85 16.15
C ILE W 497 33.28 -53.45 14.76
N ASP W 498 34.18 -52.85 13.99
CA ASP W 498 34.53 -53.32 12.66
C ASP W 498 35.77 -54.19 12.74
N VAL W 499 35.65 -55.44 12.35
CA VAL W 499 36.75 -56.40 12.35
C VAL W 499 37.30 -56.49 10.94
N SER W 500 38.55 -56.04 10.75
CA SER W 500 39.22 -56.13 9.46
C SER W 500 40.57 -56.82 9.57
N LYS W 501 40.79 -57.62 10.60
CA LYS W 501 42.07 -58.30 10.77
C LYS W 501 42.17 -59.58 9.95
N SER W 502 41.04 -60.16 9.54
CA SER W 502 41.08 -61.41 8.79
C SER W 502 41.72 -61.22 7.42
N MET W 503 41.41 -60.11 6.75
CA MET W 503 41.95 -59.85 5.43
C MET W 503 43.40 -59.42 5.45
N ASP W 504 43.90 -58.92 6.58
CA ASP W 504 45.25 -58.39 6.64
C ASP W 504 46.27 -59.49 6.47
N ASP W 505 47.35 -59.19 5.74
CA ASP W 505 48.45 -60.13 5.56
C ASP W 505 49.68 -59.32 5.22
N ASP W 506 50.65 -59.29 6.13
CA ASP W 506 51.93 -58.56 6.02
C ASP W 506 51.77 -57.13 5.53
N THR W 507 50.65 -56.48 5.84
CA THR W 507 50.42 -55.09 5.48
C THR W 507 49.90 -54.36 6.70
N TYR W 508 49.47 -53.11 6.50
CA TYR W 508 49.02 -52.25 7.58
C TYR W 508 47.86 -51.39 7.09
N VAL W 509 47.25 -50.66 8.02
CA VAL W 509 46.19 -49.71 7.70
C VAL W 509 46.84 -48.36 7.42
N ALA W 510 46.93 -48.01 6.13
CA ALA W 510 47.59 -46.76 5.76
C ALA W 510 46.80 -45.55 6.24
N ASN W 511 45.50 -45.53 5.98
CA ASN W 511 44.65 -44.42 6.40
C ASN W 511 43.20 -44.87 6.43
N SER W 512 42.39 -44.13 7.16
CA SER W 512 40.96 -44.40 7.27
C SER W 512 40.20 -43.08 7.35
N PHE W 513 38.96 -43.10 6.90
CA PHE W 513 38.14 -41.90 6.82
C PHE W 513 36.74 -42.20 7.34
N GLN W 514 36.02 -41.13 7.69
CA GLN W 514 34.61 -41.23 8.03
C GLN W 514 33.85 -40.07 7.40
N HIS W 515 32.67 -40.38 6.84
CA HIS W 515 31.79 -39.36 6.28
C HIS W 515 30.36 -39.88 6.34
N PRO W 516 29.59 -39.51 7.36
CA PRO W 516 28.23 -40.05 7.50
C PRO W 516 27.21 -39.35 6.61
N TYR W 517 27.12 -39.76 5.36
CA TYR W 517 26.18 -39.14 4.42
C TYR W 517 24.75 -39.58 4.71
N ILE W 518 23.80 -38.66 4.51
CA ILE W 518 22.38 -38.96 4.62
C ILE W 518 21.63 -38.23 3.51
N PRO W 519 21.09 -38.96 2.52
CA PRO W 519 20.34 -38.29 1.45
C PRO W 519 19.09 -37.60 1.98
N SER W 520 18.72 -36.50 1.34
CA SER W 520 17.52 -35.74 1.67
C SER W 520 16.51 -35.86 0.52
N TYR W 521 15.22 -35.95 0.88
CA TYR W 521 14.19 -36.27 -0.09
C TYR W 521 12.97 -35.36 -0.03
N ALA W 522 13.06 -34.20 0.63
CA ALA W 522 11.89 -33.32 0.72
C ALA W 522 11.63 -32.59 -0.59
N GLN W 523 12.70 -32.12 -1.25
CA GLN W 523 12.55 -31.38 -2.50
C GLN W 523 11.93 -32.27 -3.58
N ASP W 524 12.38 -33.52 -3.66
CA ASP W 524 11.82 -34.44 -4.65
C ASP W 524 10.34 -34.71 -4.39
N LEU W 525 9.97 -34.87 -3.12
CA LEU W 525 8.56 -35.10 -2.80
C LEU W 525 7.70 -33.90 -3.18
N GLU W 526 8.18 -32.69 -2.89
CA GLU W 526 7.42 -31.50 -3.28
C GLU W 526 7.29 -31.39 -4.78
N ARG W 527 8.38 -31.62 -5.52
CA ARG W 527 8.34 -31.56 -6.97
C ARG W 527 7.38 -32.60 -7.53
N LEU W 528 7.40 -33.80 -6.97
CA LEU W 528 6.53 -34.88 -7.47
C LEU W 528 5.07 -34.57 -7.19
N SER W 529 4.77 -33.98 -6.02
CA SER W 529 3.40 -33.60 -5.72
C SER W 529 2.90 -32.56 -6.72
N ARG W 530 3.69 -31.51 -6.96
CA ARG W 530 3.28 -30.49 -7.92
C ARG W 530 3.13 -31.07 -9.32
N LEU W 531 4.04 -31.97 -9.71
CA LEU W 531 3.95 -32.60 -11.03
C LEU W 531 2.68 -33.44 -11.17
N TRP W 532 2.35 -34.22 -10.14
CA TRP W 532 1.12 -34.99 -10.13
C TRP W 532 -0.08 -34.08 -10.33
N GLU W 533 -0.15 -33.00 -9.55
CA GLU W 533 -1.30 -32.11 -9.62
C GLU W 533 -1.42 -31.48 -11.01
N HIS W 534 -0.31 -30.97 -11.55
CA HIS W 534 -0.38 -30.31 -12.85
C HIS W 534 -0.75 -31.30 -13.95
N GLU W 535 -0.19 -32.50 -13.92
CA GLU W 535 -0.51 -33.50 -14.93
C GLU W 535 -1.99 -33.86 -14.89
N LEU W 536 -2.54 -34.08 -13.69
CA LEU W 536 -3.94 -34.47 -13.61
C LEU W 536 -4.88 -33.32 -13.94
N VAL W 537 -4.47 -32.08 -13.67
CA VAL W 537 -5.30 -30.94 -14.04
C VAL W 537 -5.33 -30.77 -15.56
N ARG W 538 -4.17 -30.86 -16.21
CA ARG W 538 -4.12 -30.56 -17.63
C ARG W 538 -4.60 -31.72 -18.49
N CYS W 539 -4.46 -32.96 -18.03
CA CYS W 539 -4.85 -34.10 -18.86
C CYS W 539 -6.36 -34.25 -18.94
N PHE W 540 -7.06 -34.09 -17.81
CA PHE W 540 -8.49 -34.29 -17.74
C PHE W 540 -9.28 -32.98 -17.82
N LYS W 541 -8.61 -31.85 -18.06
CA LYS W 541 -9.25 -30.56 -18.25
C LYS W 541 -10.12 -30.18 -17.05
N ILE W 542 -9.47 -30.08 -15.90
CA ILE W 542 -10.14 -29.75 -14.64
C ILE W 542 -10.07 -28.24 -14.43
N LEU W 543 -11.22 -27.63 -14.14
CA LEU W 543 -11.33 -26.20 -13.91
C LEU W 543 -11.31 -25.94 -12.40
N CYS W 544 -10.32 -25.18 -11.95
CA CYS W 544 -10.13 -24.91 -10.52
C CYS W 544 -10.69 -23.54 -10.19
N HIS W 545 -11.78 -23.50 -9.44
CA HIS W 545 -12.31 -22.25 -8.91
C HIS W 545 -11.43 -21.76 -7.78
N ARG W 546 -11.25 -20.44 -7.71
CA ARG W 546 -10.38 -19.84 -6.71
C ARG W 546 -11.02 -18.60 -6.11
N ASN W 547 -10.58 -18.25 -4.91
CA ASN W 547 -11.07 -17.08 -4.20
C ASN W 547 -10.39 -15.82 -4.76
N ASN W 548 -10.53 -14.71 -4.05
CA ASN W 548 -9.79 -13.50 -4.42
C ASN W 548 -8.30 -13.77 -4.43
N GLN W 549 -7.80 -14.44 -3.38
CA GLN W 549 -6.43 -14.94 -3.36
C GLN W 549 -6.33 -16.38 -2.87
N GLY W 550 -7.31 -16.89 -2.14
CA GLY W 550 -7.27 -18.28 -1.72
C GLY W 550 -7.32 -19.23 -2.90
N GLN W 551 -6.62 -20.35 -2.76
CA GLN W 551 -6.47 -21.32 -3.83
C GLN W 551 -7.38 -22.52 -3.60
N GLU W 552 -8.03 -22.97 -4.68
CA GLU W 552 -8.84 -24.18 -4.69
C GLU W 552 -10.00 -24.08 -3.69
N THR W 553 -10.86 -23.09 -3.92
CA THR W 553 -12.12 -23.03 -3.17
C THR W 553 -13.01 -24.21 -3.51
N SER W 554 -13.09 -24.56 -4.79
CA SER W 554 -13.85 -25.73 -5.24
C SER W 554 -13.30 -26.16 -6.58
N ILE W 555 -13.53 -27.43 -6.91
CA ILE W 555 -13.01 -28.04 -8.13
C ILE W 555 -14.15 -28.77 -8.84
N SER W 556 -14.27 -28.55 -10.15
CA SER W 556 -15.30 -29.18 -10.97
C SER W 556 -14.78 -29.33 -12.39
N TYR W 557 -15.58 -30.03 -13.21
CA TYR W 557 -15.23 -30.23 -14.61
C TYR W 557 -15.34 -28.93 -15.39
N SER W 558 -14.44 -28.75 -16.36
CA SER W 558 -14.54 -27.65 -17.29
C SER W 558 -15.59 -27.94 -18.35
N SER W 559 -15.89 -26.92 -19.17
CA SER W 559 -16.90 -27.09 -20.21
C SER W 559 -16.45 -28.11 -21.26
N GLY W 560 -15.15 -28.14 -21.56
CA GLY W 560 -14.63 -29.10 -22.52
C GLY W 560 -14.38 -30.48 -21.95
N ALA W 561 -14.17 -30.58 -20.64
CA ALA W 561 -13.89 -31.87 -20.03
C ALA W 561 -15.08 -32.82 -20.18
N ILE W 562 -16.29 -32.32 -19.98
CA ILE W 562 -17.47 -33.18 -20.10
C ILE W 562 -17.70 -33.57 -21.56
N ALA W 563 -17.43 -32.65 -22.50
CA ALA W 563 -17.57 -32.99 -23.91
C ALA W 563 -16.53 -34.00 -24.35
N ALA W 564 -15.36 -34.01 -23.72
CA ALA W 564 -14.29 -34.92 -24.11
C ALA W 564 -14.36 -36.26 -23.39
N PHE W 565 -15.00 -36.33 -22.22
CA PHE W 565 -15.00 -37.56 -21.43
C PHE W 565 -16.40 -38.11 -21.18
N VAL W 566 -17.35 -37.27 -20.78
CA VAL W 566 -18.71 -37.74 -20.53
C VAL W 566 -19.39 -38.11 -21.84
N ALA W 567 -19.24 -37.28 -22.87
CA ALA W 567 -19.89 -37.55 -24.15
C ALA W 567 -19.46 -38.86 -24.79
N PRO W 568 -18.17 -39.20 -24.88
CA PRO W 568 -17.83 -40.54 -25.40
C PRO W 568 -18.39 -41.67 -24.58
N TYR W 569 -18.50 -41.48 -23.26
CA TYR W 569 -19.10 -42.52 -22.41
C TYR W 569 -20.51 -42.85 -22.88
N PHE W 570 -21.36 -41.82 -23.01
CA PHE W 570 -22.72 -42.03 -23.46
C PHE W 570 -22.77 -42.54 -24.90
N GLU W 571 -21.86 -42.06 -25.74
CA GLU W 571 -21.94 -42.38 -27.16
C GLU W 571 -21.52 -43.82 -27.45
N SER W 572 -20.45 -44.30 -26.82
CA SER W 572 -19.88 -45.60 -27.12
C SER W 572 -20.02 -46.60 -25.99
N VAL W 573 -19.72 -46.20 -24.75
CA VAL W 573 -19.74 -47.16 -23.65
C VAL W 573 -21.16 -47.64 -23.39
N LEU W 574 -22.14 -46.73 -23.41
CA LEU W 574 -23.53 -47.10 -23.21
C LEU W 574 -24.28 -47.33 -24.52
N ARG W 575 -23.82 -46.74 -25.62
CA ARG W 575 -24.55 -46.74 -26.89
C ARG W 575 -25.98 -46.24 -26.68
N ALA W 576 -26.10 -45.15 -25.93
CA ALA W 576 -27.39 -44.56 -25.64
C ALA W 576 -28.00 -43.96 -26.91
N PRO W 577 -29.34 -43.91 -27.00
CA PRO W 577 -29.97 -43.37 -28.20
C PRO W 577 -29.64 -41.90 -28.44
N ARG W 578 -29.91 -41.04 -27.47
CA ARG W 578 -29.62 -39.61 -27.61
C ARG W 578 -29.57 -38.98 -26.23
N VAL W 579 -28.85 -37.86 -26.14
CA VAL W 579 -28.77 -37.07 -24.91
C VAL W 579 -29.02 -35.59 -25.15
N GLY W 580 -29.36 -35.18 -26.37
CA GLY W 580 -29.59 -33.78 -26.64
C GLY W 580 -28.29 -32.97 -26.61
N ALA W 581 -28.48 -31.65 -26.58
CA ALA W 581 -27.34 -30.74 -26.54
C ALA W 581 -26.62 -30.89 -25.19
N PRO W 582 -25.30 -30.98 -25.18
CA PRO W 582 -24.59 -31.13 -23.90
C PRO W 582 -24.71 -29.89 -23.04
N ILE W 583 -24.65 -30.10 -21.73
CA ILE W 583 -24.65 -28.99 -20.79
C ILE W 583 -23.29 -28.30 -20.80
N THR W 584 -23.23 -27.14 -20.14
CA THR W 584 -21.98 -26.40 -20.04
C THR W 584 -21.25 -26.77 -18.75
N GLY W 585 -20.10 -26.14 -18.54
CA GLY W 585 -19.32 -26.40 -17.33
C GLY W 585 -19.81 -25.69 -16.10
N SER W 586 -20.82 -24.84 -16.21
CA SER W 586 -21.39 -24.15 -15.07
C SER W 586 -22.64 -24.83 -14.53
N ASP W 587 -23.29 -25.67 -15.34
CA ASP W 587 -24.48 -26.38 -14.87
C ASP W 587 -24.14 -27.54 -13.94
N VAL W 588 -22.88 -27.97 -13.93
CA VAL W 588 -22.46 -29.00 -12.98
C VAL W 588 -22.60 -28.50 -11.55
N ILE W 589 -22.24 -27.24 -11.31
CA ILE W 589 -22.34 -26.66 -9.97
C ILE W 589 -23.80 -26.59 -9.52
N LEU W 590 -24.72 -26.35 -10.45
CA LEU W 590 -26.12 -26.12 -10.10
C LEU W 590 -26.72 -27.36 -9.46
N GLY W 591 -27.73 -27.14 -8.63
CA GLY W 591 -28.47 -28.21 -7.99
C GLY W 591 -29.57 -28.74 -8.89
N GLU W 592 -30.39 -29.62 -8.31
CA GLU W 592 -31.50 -30.21 -9.03
C GLU W 592 -32.51 -29.16 -9.45
N GLU W 593 -33.10 -28.47 -8.47
CA GLU W 593 -34.13 -27.48 -8.76
C GLU W 593 -33.58 -26.32 -9.57
N GLU W 594 -32.33 -25.92 -9.30
CA GLU W 594 -31.72 -24.85 -10.09
C GLU W 594 -31.57 -25.24 -11.55
N LEU W 595 -31.13 -26.49 -11.80
CA LEU W 595 -31.01 -26.96 -13.17
C LEU W 595 -32.37 -27.05 -13.84
N TRP W 596 -33.39 -27.50 -13.11
CA TRP W 596 -34.74 -27.57 -13.67
C TRP W 596 -35.24 -26.18 -14.04
N ASP W 597 -35.00 -25.19 -13.17
CA ASP W 597 -35.40 -23.82 -13.49
C ASP W 597 -34.64 -23.29 -14.69
N ALA W 598 -33.34 -23.61 -14.79
CA ALA W 598 -32.55 -23.15 -15.93
C ALA W 598 -33.06 -23.74 -17.23
N VAL W 599 -33.41 -25.02 -17.24
CA VAL W 599 -33.88 -25.65 -18.47
C VAL W 599 -35.35 -25.35 -18.75
N PHE W 600 -36.11 -24.92 -17.74
CA PHE W 600 -37.54 -24.70 -17.92
C PHE W 600 -37.82 -23.39 -18.67
N LYS W 601 -37.03 -22.36 -18.42
CA LYS W 601 -37.33 -21.04 -18.99
C LYS W 601 -37.01 -20.99 -20.47
N LYS W 602 -35.87 -21.54 -20.88
CA LYS W 602 -35.42 -21.41 -22.26
C LYS W 602 -36.09 -22.42 -23.20
N THR W 603 -36.89 -23.33 -22.66
CA THR W 603 -37.41 -24.44 -23.46
C THR W 603 -38.77 -24.08 -24.05
N ARG W 604 -39.46 -25.09 -24.59
CA ARG W 604 -40.65 -24.88 -25.40
C ARG W 604 -41.83 -24.37 -24.58
N LEU W 605 -42.07 -24.96 -23.40
CA LEU W 605 -43.32 -24.71 -22.69
C LEU W 605 -43.48 -23.26 -22.25
N GLN W 606 -42.37 -22.59 -21.93
CA GLN W 606 -42.47 -21.22 -21.43
C GLN W 606 -43.09 -20.29 -22.46
N THR W 607 -42.80 -20.51 -23.75
CA THR W 607 -43.39 -19.66 -24.78
C THR W 607 -44.91 -19.81 -24.83
N TYR W 608 -45.41 -21.04 -24.76
CA TYR W 608 -46.86 -21.24 -24.72
C TYR W 608 -47.47 -20.61 -23.48
N LEU W 609 -46.82 -20.81 -22.32
CA LEU W 609 -47.37 -20.29 -21.07
C LEU W 609 -47.44 -18.77 -21.10
N THR W 610 -46.41 -18.11 -21.64
CA THR W 610 -46.43 -16.66 -21.78
C THR W 610 -47.47 -16.22 -22.80
N ASP W 611 -47.62 -16.97 -23.90
CA ASP W 611 -48.57 -16.59 -24.94
C ASP W 611 -50.00 -16.63 -24.42
N ILE W 612 -50.35 -17.67 -23.66
CA ILE W 612 -51.72 -17.79 -23.15
C ILE W 612 -52.04 -16.65 -22.19
N ALA W 613 -51.08 -16.30 -21.32
CA ALA W 613 -51.32 -15.27 -20.32
C ALA W 613 -51.66 -13.93 -20.97
N ALA W 614 -50.90 -13.56 -22.01
CA ALA W 614 -51.17 -12.30 -22.70
C ALA W 614 -52.54 -12.31 -23.36
N LEU W 615 -52.89 -13.41 -24.01
CA LEU W 615 -54.19 -13.50 -24.69
C LEU W 615 -55.34 -13.39 -23.69
N PHE W 616 -55.22 -14.09 -22.56
CA PHE W 616 -56.28 -14.04 -21.56
C PHE W 616 -56.37 -12.65 -20.93
N VAL W 617 -55.22 -12.04 -20.66
CA VAL W 617 -55.22 -10.69 -20.06
C VAL W 617 -55.86 -9.69 -21.00
N ALA W 618 -55.54 -9.76 -22.30
CA ALA W 618 -56.14 -8.85 -23.25
C ALA W 618 -57.63 -9.11 -23.41
N ASP W 619 -58.01 -10.37 -23.63
CA ASP W 619 -59.39 -10.73 -23.94
C ASP W 619 -60.34 -10.54 -22.76
N VAL W 620 -59.84 -10.30 -21.55
CA VAL W 620 -60.71 -10.28 -20.38
C VAL W 620 -61.53 -8.99 -20.30
N GLN W 621 -61.14 -7.93 -21.02
CA GLN W 621 -61.88 -6.69 -20.99
C GLN W 621 -62.41 -6.24 -22.34
N HIS W 622 -61.84 -6.70 -23.45
CA HIS W 622 -62.36 -6.30 -24.76
C HIS W 622 -63.79 -6.80 -24.97
N ALA W 623 -64.06 -8.04 -24.56
CA ALA W 623 -65.39 -8.61 -24.69
C ALA W 623 -66.38 -7.94 -23.74
N ASP X 25 20.83 -46.23 -54.90
CA ASP X 25 21.41 -45.18 -55.74
C ASP X 25 20.96 -43.79 -55.29
N GLY X 26 21.36 -43.40 -54.08
CA GLY X 26 21.05 -42.10 -53.54
C GLY X 26 19.90 -42.07 -52.56
N TRP X 27 19.07 -43.10 -52.52
CA TRP X 27 17.97 -43.14 -51.57
C TRP X 27 18.49 -43.30 -50.14
N VAL X 28 17.78 -42.71 -49.19
CA VAL X 28 18.15 -42.77 -47.79
C VAL X 28 16.93 -43.20 -46.98
N LYS X 29 17.15 -44.05 -45.99
CA LYS X 29 16.09 -44.44 -45.06
C LYS X 29 15.98 -43.39 -43.97
N VAL X 30 14.77 -42.89 -43.74
CA VAL X 30 14.54 -41.73 -42.88
C VAL X 30 13.86 -42.11 -41.57
N HIS X 31 12.63 -42.64 -41.65
CA HIS X 31 11.79 -42.69 -40.46
C HIS X 31 12.14 -43.81 -39.47
N PRO X 32 12.23 -45.08 -39.86
CA PRO X 32 12.37 -46.15 -38.88
C PRO X 32 13.74 -46.26 -38.23
N THR X 33 14.62 -45.28 -38.43
CA THR X 33 15.89 -45.27 -37.74
C THR X 33 15.65 -45.13 -36.23
N PRO X 34 16.53 -45.71 -35.40
CA PRO X 34 16.32 -45.63 -33.94
C PRO X 34 16.31 -44.21 -33.41
N GLY X 35 17.13 -43.32 -33.98
CA GLY X 35 17.15 -41.93 -33.57
C GLY X 35 15.86 -41.18 -33.83
N THR X 36 14.86 -41.84 -34.44
CA THR X 36 13.54 -41.28 -34.65
C THR X 36 12.50 -41.87 -33.72
N MET X 37 12.62 -43.17 -33.40
CA MET X 37 11.77 -43.75 -32.36
C MET X 37 12.13 -43.20 -30.98
N LEU X 38 13.39 -42.78 -30.81
CA LEU X 38 13.78 -42.13 -29.57
C LEU X 38 12.96 -40.87 -29.33
N PHE X 39 12.57 -40.17 -30.39
CA PHE X 39 11.76 -38.96 -30.22
C PHE X 39 10.38 -39.28 -29.67
N ARG X 40 9.74 -40.32 -30.20
CA ARG X 40 8.45 -40.74 -29.64
C ARG X 40 8.59 -41.19 -28.19
N GLU X 41 9.64 -41.96 -27.89
CA GLU X 41 9.80 -42.42 -26.51
C GLU X 41 10.08 -41.26 -25.57
N ILE X 42 10.78 -40.22 -26.04
CA ILE X 42 10.92 -38.99 -25.27
C ILE X 42 9.56 -38.34 -25.05
N LEU X 43 8.74 -38.32 -26.10
CA LEU X 43 7.42 -37.68 -26.00
C LEU X 43 6.53 -38.44 -25.02
N HIS X 44 6.73 -39.75 -24.87
CA HIS X 44 5.99 -40.53 -23.90
C HIS X 44 6.64 -40.52 -22.51
N GLY X 45 7.69 -39.72 -22.32
CA GLY X 45 8.34 -39.64 -21.02
C GLY X 45 9.18 -40.84 -20.65
N GLN X 46 9.92 -41.40 -21.61
CA GLN X 46 10.79 -42.53 -21.32
C GLN X 46 12.13 -42.10 -20.75
N LEU X 47 12.44 -40.81 -20.74
CA LEU X 47 13.62 -40.27 -20.08
C LEU X 47 13.20 -38.97 -19.39
N GLY X 48 12.80 -39.08 -18.14
CA GLY X 48 12.42 -37.92 -17.35
C GLY X 48 11.02 -37.42 -17.67
N TYR X 49 10.52 -36.57 -16.78
CA TYR X 49 9.26 -35.86 -17.00
C TYR X 49 9.31 -34.57 -16.21
N THR X 50 8.50 -33.61 -16.64
CA THR X 50 8.54 -32.25 -16.09
C THR X 50 7.14 -31.67 -16.07
N GLU X 51 6.98 -30.59 -15.31
CA GLU X 51 5.72 -29.86 -15.32
C GLU X 51 5.51 -29.16 -16.66
N GLY X 52 6.59 -28.69 -17.28
CA GLY X 52 6.46 -27.99 -18.55
C GLY X 52 5.96 -28.89 -19.67
N GLN X 53 6.39 -30.15 -19.67
CA GLN X 53 5.96 -31.09 -20.69
C GLN X 53 4.45 -31.35 -20.64
N GLY X 54 3.80 -31.02 -19.52
CA GLY X 54 2.37 -31.24 -19.39
C GLY X 54 1.51 -30.30 -20.20
N VAL X 55 2.08 -29.23 -20.74
CA VAL X 55 1.33 -28.35 -21.63
C VAL X 55 0.99 -29.06 -22.93
N TYR X 56 1.76 -30.09 -23.30
CA TYR X 56 1.52 -30.80 -24.55
C TYR X 56 0.17 -31.51 -24.58
N ASN X 57 -0.43 -31.76 -23.42
CA ASN X 57 -1.75 -32.41 -23.39
C ASN X 57 -2.85 -31.51 -23.92
N VAL X 58 -2.61 -30.19 -23.98
CA VAL X 58 -3.59 -29.28 -24.56
C VAL X 58 -3.37 -29.11 -26.06
N VAL X 59 -2.13 -29.23 -26.52
CA VAL X 59 -1.82 -29.07 -27.94
C VAL X 59 -2.50 -30.18 -28.75
N ARG X 60 -2.70 -31.34 -28.15
CA ARG X 60 -3.28 -32.48 -28.84
C ARG X 60 -4.81 -32.50 -28.80
N SER X 61 -5.44 -31.55 -28.11
CA SER X 61 -6.88 -31.58 -27.96
C SER X 61 -7.57 -31.39 -29.30
N SER X 62 -8.72 -32.06 -29.46
CA SER X 62 -9.50 -32.01 -30.69
C SER X 62 -10.67 -31.04 -30.59
N GLU X 63 -10.60 -30.07 -29.68
CA GLU X 63 -11.71 -29.14 -29.50
C GLU X 63 -11.82 -28.16 -30.65
N ALA X 64 -10.68 -27.67 -31.17
CA ALA X 64 -10.71 -26.68 -32.24
C ALA X 64 -11.34 -27.25 -33.50
N THR X 65 -10.97 -28.48 -33.87
CA THR X 65 -11.51 -29.07 -35.10
C THR X 65 -13.01 -29.34 -34.97
N THR X 66 -13.46 -29.75 -33.79
CA THR X 66 -14.90 -29.96 -33.61
C THR X 66 -15.65 -28.63 -33.67
N ARG X 67 -15.09 -27.57 -33.09
CA ARG X 67 -15.70 -26.26 -33.22
C ARG X 67 -15.78 -25.83 -34.68
N GLN X 68 -14.70 -26.07 -35.44
CA GLN X 68 -14.70 -25.72 -36.85
C GLN X 68 -15.76 -26.50 -37.62
N LEU X 69 -15.89 -27.80 -37.32
CA LEU X 69 -16.92 -28.61 -37.98
C LEU X 69 -18.32 -28.09 -37.65
N GLN X 70 -18.57 -27.76 -36.38
CA GLN X 70 -19.87 -27.25 -35.99
C GLN X 70 -20.18 -25.94 -36.72
N ALA X 71 -19.19 -25.03 -36.79
CA ALA X 71 -19.41 -23.77 -37.48
C ALA X 71 -19.67 -23.97 -38.96
N ALA X 72 -18.90 -24.86 -39.60
CA ALA X 72 -19.08 -25.11 -41.03
C ALA X 72 -20.45 -25.71 -41.31
N ILE X 73 -20.88 -26.66 -40.48
CA ILE X 73 -22.19 -27.28 -40.67
C ILE X 73 -23.30 -26.24 -40.49
N PHE X 74 -23.18 -25.39 -39.47
CA PHE X 74 -24.18 -24.37 -39.24
C PHE X 74 -24.27 -23.41 -40.42
N HIS X 75 -23.11 -22.94 -40.91
CA HIS X 75 -23.11 -22.04 -42.05
C HIS X 75 -23.75 -22.69 -43.27
N ALA X 76 -23.35 -23.93 -43.57
CA ALA X 76 -23.88 -24.61 -44.75
C ALA X 76 -25.39 -24.82 -44.65
N LEU X 77 -25.87 -25.22 -43.47
CA LEU X 77 -27.29 -25.49 -43.31
C LEU X 77 -28.11 -24.22 -43.33
N LEU X 78 -27.61 -23.15 -42.72
CA LEU X 78 -28.41 -21.94 -42.54
C LEU X 78 -28.30 -20.96 -43.70
N ASN X 79 -27.28 -21.11 -44.56
CA ASN X 79 -27.18 -20.24 -45.72
C ASN X 79 -28.13 -20.62 -46.85
N ALA X 80 -28.79 -21.77 -46.75
CA ALA X 80 -29.70 -22.23 -47.79
C ALA X 80 -31.14 -21.80 -47.57
N THR X 81 -31.43 -21.07 -46.49
CA THR X 81 -32.77 -20.59 -46.24
C THR X 81 -33.18 -19.55 -47.28
N THR X 82 -34.43 -19.59 -47.70
CA THR X 82 -34.97 -18.63 -48.66
C THR X 82 -36.14 -17.88 -48.04
N TYR X 83 -36.32 -16.63 -48.48
CA TYR X 83 -37.34 -15.78 -47.91
C TYR X 83 -38.75 -16.22 -48.34
N ARG X 84 -38.89 -16.68 -49.59
CA ARG X 84 -40.19 -17.02 -50.12
C ARG X 84 -40.83 -18.16 -49.32
N ASP X 85 -40.10 -19.25 -49.14
CA ASP X 85 -40.69 -20.43 -48.51
C ASP X 85 -40.95 -20.19 -47.03
N LEU X 86 -40.06 -19.45 -46.36
CA LEU X 86 -40.28 -19.12 -44.95
C LEU X 86 -41.50 -18.23 -44.79
N GLU X 87 -41.68 -17.25 -45.68
CA GLU X 87 -42.90 -16.45 -45.63
C GLU X 87 -44.13 -17.30 -45.89
N ALA X 88 -44.02 -18.27 -46.80
CA ALA X 88 -45.14 -19.17 -47.06
C ALA X 88 -45.50 -19.98 -45.82
N ASP X 89 -44.49 -20.49 -45.12
CA ASP X 89 -44.74 -21.25 -43.90
C ASP X 89 -45.36 -20.39 -42.81
N TRP X 90 -44.88 -19.14 -42.68
CA TRP X 90 -45.47 -18.22 -41.71
C TRP X 90 -46.93 -17.93 -42.04
N LEU X 91 -47.22 -17.73 -43.32
CA LEU X 91 -48.60 -17.48 -43.74
C LEU X 91 -49.48 -18.71 -43.49
N GLY X 92 -48.94 -19.90 -43.72
CA GLY X 92 -49.68 -21.11 -43.39
C GLY X 92 -49.97 -21.21 -41.91
N HIS X 93 -48.99 -20.86 -41.07
CA HIS X 93 -49.20 -20.88 -39.63
C HIS X 93 -50.27 -19.88 -39.21
N VAL X 94 -50.21 -18.66 -39.74
CA VAL X 94 -51.19 -17.64 -39.35
C VAL X 94 -52.58 -18.00 -39.88
N ALA X 95 -52.65 -18.71 -41.01
CA ALA X 95 -53.94 -19.21 -41.49
C ALA X 95 -54.47 -20.31 -40.58
N ALA X 96 -53.58 -21.18 -40.10
CA ALA X 96 -54.00 -22.24 -39.18
C ALA X 96 -54.51 -21.64 -37.87
N ARG X 97 -53.83 -20.62 -37.35
CA ARG X 97 -54.28 -19.99 -36.12
C ARG X 97 -55.54 -19.15 -36.32
N GLY X 98 -55.84 -18.76 -37.57
CA GLY X 98 -56.99 -17.91 -37.81
C GLY X 98 -56.86 -16.54 -37.16
N LEU X 99 -55.66 -15.96 -37.19
CA LEU X 99 -55.36 -14.69 -36.54
C LEU X 99 -54.90 -13.65 -37.54
N GLN X 100 -55.57 -13.58 -38.69
CA GLN X 100 -55.24 -12.58 -39.69
C GLN X 100 -55.55 -11.18 -39.16
N PRO X 101 -54.86 -10.15 -39.67
CA PRO X 101 -55.12 -8.79 -39.16
C PRO X 101 -56.57 -8.36 -39.30
N GLN X 102 -57.23 -8.74 -40.40
CA GLN X 102 -58.63 -8.37 -40.58
C GLN X 102 -59.50 -8.96 -39.47
N ARG X 103 -59.39 -10.28 -39.25
CA ARG X 103 -60.18 -10.93 -38.22
C ARG X 103 -59.84 -10.40 -36.84
N LEU X 104 -58.55 -10.22 -36.56
CA LEU X 104 -58.13 -9.78 -35.23
C LEU X 104 -58.64 -8.38 -34.92
N VAL X 105 -58.53 -7.47 -35.89
CA VAL X 105 -59.00 -6.10 -35.67
C VAL X 105 -60.53 -6.07 -35.58
N ARG X 106 -61.22 -6.84 -36.43
CA ARG X 106 -62.67 -6.89 -36.37
C ARG X 106 -63.18 -7.54 -35.10
N ARG X 107 -62.36 -8.38 -34.45
CA ARG X 107 -62.76 -8.97 -33.17
C ARG X 107 -62.49 -8.01 -32.02
N TYR X 108 -61.34 -7.33 -32.02
CA TYR X 108 -60.99 -6.49 -30.88
C TYR X 108 -61.81 -5.21 -30.86
N ARG X 109 -61.99 -4.57 -32.01
CA ARG X 109 -62.83 -3.38 -32.15
C ARG X 109 -62.39 -2.27 -31.19
N ASN X 110 -61.09 -2.00 -31.14
CA ASN X 110 -60.56 -0.95 -30.29
C ASN X 110 -59.39 -0.27 -30.99
N ALA X 111 -59.11 0.97 -30.58
CA ALA X 111 -58.07 1.79 -31.17
C ALA X 111 -56.81 1.82 -30.32
N ARG X 112 -56.69 0.95 -29.32
CA ARG X 112 -55.50 0.88 -28.47
C ARG X 112 -54.39 0.24 -29.27
N GLU X 113 -53.58 1.08 -29.91
CA GLU X 113 -52.55 0.59 -30.83
C GLU X 113 -51.47 -0.21 -30.10
N ALA X 114 -51.08 0.24 -28.92
CA ALA X 114 -49.97 -0.41 -28.21
C ALA X 114 -50.32 -1.85 -27.86
N ASP X 115 -51.52 -2.08 -27.34
CA ASP X 115 -51.91 -3.43 -26.91
C ASP X 115 -51.97 -4.39 -28.09
N ILE X 116 -52.62 -3.97 -29.18
CA ILE X 116 -52.76 -4.85 -30.34
C ILE X 116 -51.42 -5.09 -31.01
N ALA X 117 -50.58 -4.05 -31.06
CA ALA X 117 -49.24 -4.23 -31.62
C ALA X 117 -48.42 -5.22 -30.80
N GLY X 118 -48.48 -5.11 -29.47
CA GLY X 118 -47.78 -6.05 -28.63
C GLY X 118 -48.32 -7.47 -28.77
N VAL X 119 -49.64 -7.60 -28.93
CA VAL X 119 -50.24 -8.92 -29.11
C VAL X 119 -49.72 -9.55 -30.40
N ALA X 120 -49.72 -8.78 -31.49
CA ALA X 120 -49.20 -9.31 -32.76
C ALA X 120 -47.73 -9.65 -32.66
N GLU X 121 -46.95 -8.79 -31.99
CA GLU X 121 -45.52 -9.04 -31.87
C GLU X 121 -45.25 -10.31 -31.08
N ARG X 122 -46.00 -10.55 -30.00
CA ARG X 122 -45.80 -11.77 -29.21
C ARG X 122 -46.26 -13.01 -29.98
N VAL X 123 -47.35 -12.88 -30.75
CA VAL X 123 -47.80 -13.98 -31.59
C VAL X 123 -46.70 -14.37 -32.58
N PHE X 124 -46.04 -13.37 -33.17
CA PHE X 124 -44.91 -13.66 -34.05
C PHE X 124 -43.73 -14.24 -33.27
N ASP X 125 -43.50 -13.73 -32.07
CA ASP X 125 -42.31 -14.11 -31.30
C ASP X 125 -42.35 -15.57 -30.88
N THR X 126 -43.53 -16.07 -30.52
CA THR X 126 -43.65 -17.50 -30.17
C THR X 126 -43.22 -18.38 -31.34
N TRP X 127 -43.74 -18.08 -32.54
CA TRP X 127 -43.38 -18.84 -33.72
C TRP X 127 -41.89 -18.71 -34.03
N ARG X 128 -41.34 -17.51 -33.87
CA ARG X 128 -39.93 -17.29 -34.14
C ARG X 128 -39.06 -18.14 -33.21
N ASN X 129 -39.39 -18.15 -31.92
CA ASN X 129 -38.60 -18.93 -30.97
C ASN X 129 -38.71 -20.43 -31.22
N THR X 130 -39.93 -20.90 -31.52
CA THR X 130 -40.09 -22.32 -31.82
C THR X 130 -39.31 -22.73 -33.07
N LEU X 131 -39.33 -21.87 -34.11
CA LEU X 131 -38.54 -22.16 -35.30
C LEU X 131 -37.06 -22.18 -34.98
N ARG X 132 -36.60 -21.26 -34.15
CA ARG X 132 -35.19 -21.22 -33.77
C ARG X 132 -34.77 -22.51 -33.07
N THR X 133 -35.58 -22.98 -32.11
CA THR X 133 -35.21 -24.19 -31.39
C THR X 133 -35.30 -25.43 -32.28
N THR X 134 -36.26 -25.47 -33.21
CA THR X 134 -36.33 -26.58 -34.14
C THR X 134 -35.08 -26.64 -35.01
N LEU X 135 -34.66 -25.49 -35.55
CA LEU X 135 -33.45 -25.45 -36.36
C LEU X 135 -32.23 -25.84 -35.54
N LEU X 136 -32.19 -25.41 -34.26
CA LEU X 136 -31.08 -25.79 -33.40
C LEU X 136 -31.01 -27.31 -33.23
N ASP X 137 -32.15 -27.94 -32.99
CA ASP X 137 -32.17 -29.40 -32.82
C ASP X 137 -31.72 -30.09 -34.09
N PHE X 138 -32.21 -29.65 -35.25
CA PHE X 138 -31.79 -30.27 -36.50
C PHE X 138 -30.29 -30.09 -36.73
N ALA X 139 -29.76 -28.90 -36.43
CA ALA X 139 -28.34 -28.66 -36.62
C ALA X 139 -27.49 -29.55 -35.72
N HIS X 140 -27.91 -29.72 -34.46
CA HIS X 140 -27.17 -30.62 -33.58
C HIS X 140 -27.23 -32.06 -34.10
N GLY X 141 -28.40 -32.48 -34.58
CA GLY X 141 -28.50 -33.80 -35.17
C GLY X 141 -27.57 -34.01 -36.35
N LEU X 142 -27.47 -33.00 -37.22
CA LEU X 142 -26.54 -33.07 -38.34
C LEU X 142 -25.09 -33.12 -37.87
N VAL X 143 -24.76 -32.33 -36.85
CA VAL X 143 -23.38 -32.27 -36.37
C VAL X 143 -22.97 -33.60 -35.75
N ALA X 144 -23.91 -34.27 -35.07
CA ALA X 144 -23.56 -35.46 -34.30
C ALA X 144 -22.94 -36.58 -35.13
N CYS X 145 -23.14 -36.59 -36.45
CA CYS X 145 -22.61 -37.68 -37.26
C CYS X 145 -21.09 -37.54 -37.46
N PHE X 146 -20.59 -36.33 -37.63
CA PHE X 146 -19.19 -36.14 -37.97
C PHE X 146 -18.28 -36.19 -36.74
N ALA X 147 -18.71 -35.57 -35.64
CA ALA X 147 -17.80 -35.27 -34.54
C ALA X 147 -17.05 -36.48 -33.97
N PRO X 148 -17.70 -37.61 -33.69
CA PRO X 148 -16.94 -38.74 -33.10
C PRO X 148 -15.82 -39.26 -33.99
N GLY X 149 -16.00 -39.25 -35.31
CA GLY X 149 -15.02 -39.80 -36.21
C GLY X 149 -13.82 -38.93 -36.52
N GLY X 150 -13.79 -37.71 -35.99
CA GLY X 150 -12.70 -36.79 -36.23
C GLY X 150 -11.41 -37.19 -35.53
N PRO X 151 -11.43 -37.21 -34.19
CA PRO X 151 -10.18 -37.47 -33.45
C PRO X 151 -9.72 -38.92 -33.47
N SER X 152 -10.58 -39.86 -33.86
CA SER X 152 -10.21 -41.27 -33.86
C SER X 152 -10.62 -41.92 -35.17
N GLY X 153 -9.93 -43.00 -35.52
CA GLY X 153 -10.16 -43.69 -36.76
C GLY X 153 -9.40 -43.05 -37.90
N PRO X 154 -9.99 -43.07 -39.10
CA PRO X 154 -9.38 -42.36 -40.23
C PRO X 154 -9.26 -40.87 -39.95
N SER X 155 -8.16 -40.29 -40.42
CA SER X 155 -7.86 -38.86 -40.30
C SER X 155 -8.03 -38.37 -38.86
N SER X 156 -7.18 -38.90 -37.98
CA SER X 156 -7.19 -38.53 -36.57
C SER X 156 -6.31 -37.30 -36.34
N PHE X 157 -6.87 -36.31 -35.65
CA PHE X 157 -6.15 -35.05 -35.45
C PHE X 157 -4.95 -35.19 -34.50
N PRO X 158 -5.07 -35.81 -33.32
CA PRO X 158 -3.89 -35.89 -32.44
C PRO X 158 -2.71 -36.63 -33.05
N LYS X 159 -2.97 -37.65 -33.88
CA LYS X 159 -1.87 -38.31 -34.58
C LYS X 159 -1.19 -37.35 -35.54
N TYR X 160 -1.97 -36.52 -36.22
CA TYR X 160 -1.41 -35.47 -37.07
C TYR X 160 -0.54 -34.50 -36.26
N ILE X 161 -1.03 -34.10 -35.08
CA ILE X 161 -0.29 -33.14 -34.27
C ILE X 161 1.02 -33.73 -33.78
N ASP X 162 1.02 -34.98 -33.34
CA ASP X 162 2.27 -35.56 -32.86
C ASP X 162 3.21 -35.94 -33.99
N TRP X 163 2.68 -36.25 -35.18
CA TRP X 163 3.53 -36.33 -36.36
C TRP X 163 4.25 -35.02 -36.60
N LEU X 164 3.52 -33.90 -36.55
CA LEU X 164 4.14 -32.59 -36.72
C LEU X 164 5.18 -32.32 -35.64
N THR X 165 4.87 -32.68 -34.40
CA THR X 165 5.78 -32.39 -33.29
C THR X 165 7.05 -33.23 -33.36
N CYS X 166 6.97 -34.46 -33.89
CA CYS X 166 8.15 -35.31 -33.88
C CYS X 166 9.08 -35.02 -35.06
N LEU X 167 8.53 -34.89 -36.27
CA LEU X 167 9.37 -34.73 -37.45
C LEU X 167 9.01 -33.51 -38.28
N GLY X 168 7.72 -33.20 -38.38
CA GLY X 168 7.24 -32.21 -39.32
C GLY X 168 6.66 -32.79 -40.59
N LEU X 169 6.77 -34.10 -40.79
CA LEU X 169 6.15 -34.79 -41.92
C LEU X 169 4.88 -35.48 -41.45
N VAL X 170 3.90 -35.58 -42.35
CA VAL X 170 2.64 -36.24 -42.06
C VAL X 170 2.29 -37.20 -43.21
N PRO X 171 2.82 -38.41 -43.21
CA PRO X 171 2.44 -39.37 -44.26
C PRO X 171 0.94 -39.62 -44.23
N ILE X 172 0.35 -39.69 -45.42
CA ILE X 172 -1.10 -39.79 -45.56
C ILE X 172 -1.41 -40.87 -46.60
N LEU X 173 -2.37 -41.72 -46.29
CA LEU X 173 -2.79 -42.81 -47.18
C LEU X 173 -4.22 -42.55 -47.64
N ARG X 174 -4.47 -42.72 -48.93
CA ARG X 174 -5.76 -42.37 -49.52
C ARG X 174 -6.36 -43.55 -50.26
N LYS X 175 -7.67 -43.72 -50.10
CA LYS X 175 -8.43 -44.71 -50.84
C LYS X 175 -9.88 -44.25 -50.90
N ARG X 176 -10.44 -44.20 -52.11
CA ARG X 176 -11.80 -43.70 -52.31
C ARG X 176 -12.80 -44.83 -52.05
N GLN X 177 -13.53 -44.74 -50.94
CA GLN X 177 -14.51 -45.75 -50.58
C GLN X 177 -15.52 -45.14 -49.61
N GLU X 178 -16.65 -45.81 -49.46
CA GLU X 178 -17.68 -45.40 -48.50
C GLU X 178 -17.58 -46.21 -47.22
N GLY X 179 -18.04 -45.61 -46.14
CA GLY X 179 -17.87 -46.17 -44.81
C GLY X 179 -18.87 -45.61 -43.83
N GLY X 180 -18.48 -45.58 -42.56
CA GLY X 180 -19.44 -45.31 -41.50
C GLY X 180 -20.11 -43.95 -41.60
N VAL X 181 -19.36 -42.92 -41.99
CA VAL X 181 -19.90 -41.57 -42.00
C VAL X 181 -21.00 -41.42 -43.05
N THR X 182 -20.77 -41.98 -44.24
CA THR X 182 -21.77 -41.87 -45.30
C THR X 182 -23.05 -42.62 -44.96
N GLN X 183 -22.92 -43.85 -44.43
CA GLN X 183 -24.12 -44.58 -44.02
C GLN X 183 -24.82 -43.88 -42.87
N GLY X 184 -24.07 -43.27 -41.95
CA GLY X 184 -24.68 -42.52 -40.88
C GLY X 184 -25.51 -41.36 -41.39
N LEU X 185 -24.95 -40.58 -42.33
CA LEU X 185 -25.70 -39.48 -42.91
C LEU X 185 -26.94 -39.98 -43.65
N ARG X 186 -26.78 -41.06 -44.42
CA ARG X 186 -27.92 -41.59 -45.18
C ARG X 186 -29.03 -42.05 -44.24
N ALA X 187 -28.67 -42.73 -43.14
CA ALA X 187 -29.68 -43.20 -42.21
C ALA X 187 -30.32 -42.05 -41.45
N PHE X 188 -29.55 -41.00 -41.15
CA PHE X 188 -30.10 -39.89 -40.37
C PHE X 188 -31.01 -38.99 -41.20
N LEU X 189 -30.65 -38.74 -42.46
CA LEU X 189 -31.33 -37.72 -43.24
C LEU X 189 -32.59 -38.23 -43.93
N LYS X 190 -32.55 -39.44 -44.49
CA LYS X 190 -33.61 -39.88 -45.40
C LYS X 190 -34.94 -40.15 -44.69
N GLN X 191 -34.96 -40.21 -43.35
CA GLN X 191 -36.22 -40.43 -42.65
C GLN X 191 -36.36 -39.51 -41.43
N HIS X 192 -35.92 -38.27 -41.55
CA HIS X 192 -36.09 -37.32 -40.46
C HIS X 192 -37.44 -36.64 -40.57
N PRO X 193 -38.27 -36.67 -39.51
CA PRO X 193 -39.60 -36.05 -39.61
C PRO X 193 -39.57 -34.54 -39.81
N LEU X 194 -38.48 -33.87 -39.45
CA LEU X 194 -38.45 -32.41 -39.55
C LEU X 194 -38.55 -31.95 -41.00
N THR X 195 -38.02 -32.73 -41.95
CA THR X 195 -38.11 -32.35 -43.36
C THR X 195 -39.57 -32.31 -43.82
N ARG X 196 -40.36 -33.31 -43.43
CA ARG X 196 -41.77 -33.31 -43.82
C ARG X 196 -42.56 -32.25 -43.07
N GLN X 197 -42.17 -31.95 -41.82
CA GLN X 197 -42.94 -31.01 -41.02
C GLN X 197 -42.80 -29.59 -41.56
N LEU X 198 -41.58 -29.17 -41.87
CA LEU X 198 -41.30 -27.80 -42.32
C LEU X 198 -40.76 -27.83 -43.74
N ALA X 199 -41.35 -27.01 -44.61
CA ALA X 199 -40.84 -26.91 -45.98
C ALA X 199 -39.48 -26.24 -46.04
N THR X 200 -39.26 -25.24 -45.18
CA THR X 200 -37.98 -24.53 -45.19
C THR X 200 -36.84 -25.46 -44.83
N VAL X 201 -37.03 -26.29 -43.79
CA VAL X 201 -35.98 -27.21 -43.36
C VAL X 201 -35.68 -28.22 -44.47
N ALA X 202 -36.73 -28.78 -45.08
CA ALA X 202 -36.52 -29.75 -46.14
C ALA X 202 -35.80 -29.14 -47.34
N GLU X 203 -36.20 -27.92 -47.73
CA GLU X 203 -35.55 -27.26 -48.86
C GLU X 203 -34.08 -26.99 -48.57
N ALA X 204 -33.78 -26.49 -47.37
CA ALA X 204 -32.40 -26.20 -47.02
C ALA X 204 -31.57 -27.48 -46.97
N ALA X 205 -32.12 -28.55 -46.39
CA ALA X 205 -31.39 -29.82 -46.32
C ALA X 205 -31.13 -30.38 -47.71
N GLU X 206 -32.13 -30.32 -48.60
CA GLU X 206 -31.93 -30.81 -49.96
C GLU X 206 -30.90 -29.98 -50.70
N ARG X 207 -30.91 -28.65 -50.50
CA ARG X 207 -29.98 -27.80 -51.23
C ARG X 207 -28.55 -27.99 -50.73
N ALA X 208 -28.36 -28.14 -49.42
CA ALA X 208 -27.03 -28.28 -48.85
C ALA X 208 -26.57 -29.72 -48.72
N GLY X 209 -27.38 -30.69 -49.14
CA GLY X 209 -27.08 -32.09 -48.97
C GLY X 209 -25.80 -32.58 -49.63
N PRO X 210 -25.58 -32.25 -50.90
CA PRO X 210 -24.36 -32.74 -51.57
C PRO X 210 -23.07 -32.33 -50.87
N GLY X 211 -23.02 -31.13 -50.31
CA GLY X 211 -21.83 -30.72 -49.59
C GLY X 211 -21.54 -31.59 -48.38
N PHE X 212 -22.58 -31.96 -47.64
CA PHE X 212 -22.41 -32.85 -46.49
C PHE X 212 -21.87 -34.21 -46.92
N PHE X 213 -22.41 -34.75 -48.02
CA PHE X 213 -21.94 -36.05 -48.51
C PHE X 213 -20.49 -35.98 -48.97
N GLU X 214 -20.12 -34.91 -49.67
CA GLU X 214 -18.73 -34.76 -50.10
C GLU X 214 -17.80 -34.62 -48.89
N LEU X 215 -18.20 -33.86 -47.87
CA LEU X 215 -17.39 -33.74 -46.68
C LEU X 215 -17.27 -35.09 -45.96
N ALA X 216 -18.35 -35.87 -45.94
CA ALA X 216 -18.29 -37.21 -45.35
C ALA X 216 -17.31 -38.10 -46.11
N LEU X 217 -17.35 -38.05 -47.44
CA LEU X 217 -16.40 -38.84 -48.22
C LEU X 217 -14.97 -38.38 -47.96
N ALA X 218 -14.76 -37.07 -47.80
CA ALA X 218 -13.44 -36.56 -47.47
C ALA X 218 -12.96 -37.09 -46.11
N PHE X 219 -13.84 -37.07 -45.12
CA PHE X 219 -13.52 -37.68 -43.82
C PHE X 219 -13.20 -39.15 -43.96
N ASP X 220 -13.85 -39.84 -44.90
CA ASP X 220 -13.77 -41.29 -44.96
C ASP X 220 -12.53 -41.77 -45.72
N SER X 221 -12.12 -41.05 -46.76
CA SER X 221 -11.11 -41.58 -47.65
C SER X 221 -9.73 -41.61 -47.01
N THR X 222 -9.36 -40.51 -46.34
CA THR X 222 -8.00 -40.37 -45.85
C THR X 222 -7.78 -41.17 -44.58
N ARG X 223 -6.51 -41.42 -44.27
CA ARG X 223 -6.12 -42.06 -43.02
C ARG X 223 -4.65 -41.77 -42.76
N VAL X 224 -4.35 -41.06 -41.68
CA VAL X 224 -2.98 -40.77 -41.30
C VAL X 224 -2.33 -42.07 -40.84
N ALA X 225 -1.12 -42.33 -41.32
CA ALA X 225 -0.44 -43.58 -41.00
C ALA X 225 -0.03 -43.64 -39.54
N ASP X 226 0.30 -44.84 -39.09
CA ASP X 226 0.72 -45.09 -37.71
C ASP X 226 2.24 -45.01 -37.61
N TYR X 227 2.72 -44.53 -36.47
CA TYR X 227 4.15 -44.23 -36.33
C TYR X 227 5.02 -45.47 -36.44
N ASP X 228 4.57 -46.61 -35.94
CA ASP X 228 5.43 -47.77 -35.82
C ASP X 228 5.47 -48.66 -37.05
N ARG X 229 4.60 -48.41 -38.03
CA ARG X 229 4.49 -49.28 -39.20
C ARG X 229 5.12 -48.70 -40.46
N VAL X 230 4.96 -47.39 -40.71
CA VAL X 230 5.18 -46.84 -42.03
C VAL X 230 6.67 -46.71 -42.32
N TYR X 231 7.01 -46.66 -43.61
CA TYR X 231 8.38 -46.50 -44.10
C TYR X 231 8.46 -45.21 -44.90
N ILE X 232 9.51 -44.43 -44.68
CA ILE X 232 9.69 -43.15 -45.35
C ILE X 232 11.09 -43.09 -45.95
N TYR X 233 11.17 -42.75 -47.24
CA TYR X 233 12.43 -42.66 -47.96
C TYR X 233 12.60 -41.28 -48.56
N TYR X 234 13.84 -40.78 -48.55
CA TYR X 234 14.14 -39.44 -49.03
C TYR X 234 15.39 -39.48 -49.90
N ASN X 235 15.32 -38.92 -51.10
CA ASN X 235 16.44 -38.86 -52.04
C ASN X 235 16.87 -37.40 -52.19
N HIS X 236 18.10 -37.10 -51.79
CA HIS X 236 18.55 -35.72 -51.71
C HIS X 236 18.66 -35.07 -53.09
N ARG X 237 19.23 -35.78 -54.05
CA ARG X 237 19.59 -35.15 -55.32
C ARG X 237 18.38 -34.66 -56.10
N ARG X 238 17.20 -35.20 -55.84
CA ARG X 238 15.99 -34.71 -56.49
C ARG X 238 15.02 -34.05 -55.52
N GLY X 239 14.91 -34.55 -54.29
CA GLY X 239 14.11 -33.92 -53.27
C GLY X 239 12.64 -34.32 -53.27
N ASP X 240 12.36 -35.61 -53.40
CA ASP X 240 11.00 -36.13 -53.33
C ASP X 240 10.95 -37.25 -52.29
N TRP X 241 9.73 -37.57 -51.87
CA TRP X 241 9.48 -38.53 -50.81
C TRP X 241 8.76 -39.76 -51.36
N LEU X 242 9.22 -40.94 -50.95
CA LEU X 242 8.53 -42.19 -51.23
C LEU X 242 8.17 -42.83 -49.90
N VAL X 243 6.87 -42.83 -49.58
CA VAL X 243 6.37 -43.34 -48.31
C VAL X 243 5.48 -44.54 -48.60
N ARG X 244 5.76 -45.66 -47.93
CA ARG X 244 5.09 -46.92 -48.20
C ARG X 244 4.66 -47.58 -46.90
N ASP X 245 3.62 -48.40 -47.01
CA ASP X 245 3.12 -49.19 -45.89
C ASP X 245 3.54 -50.63 -46.09
N PRO X 246 4.41 -51.19 -45.24
CA PRO X 246 4.97 -52.51 -45.53
C PRO X 246 3.98 -53.66 -45.36
N ILE X 247 2.93 -53.50 -44.56
CA ILE X 247 2.00 -54.60 -44.32
C ILE X 247 1.16 -54.86 -45.56
N SER X 248 0.38 -53.87 -45.98
CA SER X 248 -0.49 -54.01 -47.14
C SER X 248 0.19 -53.69 -48.45
N GLY X 249 1.40 -53.11 -48.42
CA GLY X 249 2.05 -52.70 -49.65
C GLY X 249 1.44 -51.49 -50.32
N GLN X 250 0.73 -50.67 -49.56
CA GLN X 250 0.01 -49.53 -50.11
C GLN X 250 0.93 -48.31 -50.22
N ARG X 251 0.98 -47.72 -51.40
CA ARG X 251 1.77 -46.52 -51.62
C ARG X 251 1.09 -45.31 -51.03
N GLY X 252 1.87 -44.48 -50.33
CA GLY X 252 1.36 -43.33 -49.64
C GLY X 252 1.64 -42.03 -50.36
N GLU X 253 1.56 -40.93 -49.61
CA GLU X 253 1.82 -39.59 -50.13
C GLU X 253 2.25 -38.72 -48.96
N CYS X 254 3.50 -38.29 -48.95
CA CYS X 254 4.10 -37.64 -47.79
C CYS X 254 3.93 -36.13 -47.90
N LEU X 255 3.32 -35.54 -46.88
CA LEU X 255 3.25 -34.09 -46.74
C LEU X 255 4.44 -33.59 -45.95
N VAL X 256 4.85 -32.35 -46.23
CA VAL X 256 5.91 -31.69 -45.51
C VAL X 256 5.47 -30.26 -45.20
N LEU X 257 5.68 -29.85 -43.95
CA LEU X 257 5.28 -28.53 -43.48
C LEU X 257 6.45 -27.67 -43.05
N TRP X 258 7.43 -28.26 -42.36
CA TRP X 258 8.67 -27.58 -41.99
C TRP X 258 9.81 -28.38 -42.59
N PRO X 259 10.32 -28.01 -43.76
CA PRO X 259 11.23 -28.90 -44.48
C PRO X 259 12.52 -29.10 -43.71
N PRO X 260 13.11 -30.29 -43.82
CA PRO X 260 14.33 -30.59 -43.06
C PRO X 260 15.57 -30.12 -43.81
N LEU X 261 16.73 -30.44 -43.24
CA LEU X 261 18.03 -30.03 -43.76
C LEU X 261 18.92 -31.25 -43.91
N TRP X 262 19.71 -31.29 -44.98
CA TRP X 262 20.59 -32.40 -45.29
C TRP X 262 22.03 -31.92 -45.23
N THR X 263 22.83 -32.55 -44.36
CA THR X 263 24.21 -32.12 -44.10
C THR X 263 25.18 -33.28 -44.28
N GLY X 264 25.03 -34.02 -45.38
CA GLY X 264 25.91 -35.14 -45.64
C GLY X 264 25.34 -36.46 -45.18
N ASP X 265 26.07 -37.17 -44.33
CA ASP X 265 25.58 -38.45 -43.81
C ASP X 265 24.66 -38.21 -42.62
N ARG X 266 23.69 -37.31 -42.77
CA ARG X 266 22.75 -36.97 -41.72
C ARG X 266 21.45 -36.49 -42.34
N LEU X 267 20.51 -36.12 -41.48
CA LEU X 267 19.33 -35.37 -41.87
C LEU X 267 18.78 -34.74 -40.60
N VAL X 268 18.73 -33.42 -40.55
CA VAL X 268 18.35 -32.68 -39.36
C VAL X 268 16.99 -32.06 -39.60
N PHE X 269 15.99 -32.50 -38.83
CA PHE X 269 14.68 -31.90 -38.90
C PHE X 269 14.64 -30.61 -38.09
N ASP X 270 13.52 -29.90 -38.18
CA ASP X 270 13.32 -28.67 -37.42
C ASP X 270 12.05 -28.76 -36.59
N SER X 271 11.78 -29.93 -36.06
CA SER X 271 10.68 -30.14 -35.13
C SER X 271 11.10 -29.67 -33.74
N PRO X 272 10.13 -29.32 -32.89
CA PRO X 272 10.49 -28.85 -31.53
C PRO X 272 11.32 -29.85 -30.74
N VAL X 273 11.04 -31.15 -30.89
CA VAL X 273 11.79 -32.16 -30.15
C VAL X 273 13.24 -32.20 -30.63
N GLN X 274 13.46 -31.97 -31.93
CA GLN X 274 14.83 -31.93 -32.44
C GLN X 274 15.60 -30.76 -31.85
N ARG X 275 14.96 -29.60 -31.71
CA ARG X 275 15.62 -28.45 -31.10
C ARG X 275 15.89 -28.69 -29.63
N LEU X 276 14.97 -29.34 -28.93
CA LEU X 276 15.09 -29.57 -27.50
C LEU X 276 15.90 -30.81 -27.15
N PHE X 277 16.34 -31.58 -28.14
CA PHE X 277 16.91 -32.90 -27.86
C PHE X 277 18.20 -32.87 -27.03
N PRO X 278 19.24 -32.10 -27.38
CA PRO X 278 20.49 -32.20 -26.61
C PRO X 278 20.34 -31.83 -25.13
N GLU X 279 19.51 -30.82 -24.83
CA GLU X 279 19.40 -30.35 -23.46
C GLU X 279 18.85 -31.42 -22.53
N ILE X 280 17.79 -32.11 -22.97
CA ILE X 280 17.17 -33.13 -22.13
C ILE X 280 18.10 -34.34 -21.99
N VAL X 281 18.87 -34.65 -23.03
CA VAL X 281 19.84 -35.74 -22.92
C VAL X 281 20.90 -35.41 -21.88
N ALA X 282 21.40 -34.17 -21.90
CA ALA X 282 22.39 -33.76 -20.91
C ALA X 282 21.82 -33.83 -19.49
N CYS X 283 20.58 -33.36 -19.31
CA CYS X 283 19.96 -33.42 -17.99
C CYS X 283 19.79 -34.85 -17.52
N HIS X 284 19.35 -35.74 -18.42
CA HIS X 284 19.18 -37.15 -18.05
C HIS X 284 20.50 -37.79 -17.65
N SER X 285 21.56 -37.51 -18.41
CA SER X 285 22.87 -38.07 -18.08
C SER X 285 23.36 -37.53 -16.74
N LEU X 286 23.13 -36.25 -16.48
CA LEU X 286 23.52 -35.69 -15.18
C LEU X 286 22.77 -36.37 -14.04
N ARG X 287 21.47 -36.60 -14.21
CA ARG X 287 20.71 -37.26 -13.16
C ARG X 287 21.22 -38.69 -12.92
N GLU X 288 21.54 -39.41 -13.99
CA GLU X 288 22.04 -40.77 -13.83
C GLU X 288 23.39 -40.77 -13.11
N HIS X 289 24.28 -39.83 -13.47
CA HIS X 289 25.56 -39.75 -12.79
C HIS X 289 25.38 -39.39 -11.31
N ALA X 290 24.43 -38.50 -11.01
CA ALA X 290 24.17 -38.14 -9.63
C ALA X 290 23.67 -39.35 -8.84
N HIS X 291 22.81 -40.16 -9.44
CA HIS X 291 22.37 -41.39 -8.78
C HIS X 291 23.54 -42.33 -8.51
N VAL X 292 24.42 -42.50 -9.50
CA VAL X 292 25.57 -43.38 -9.33
C VAL X 292 26.47 -42.88 -8.20
N CYS X 293 26.73 -41.57 -8.16
CA CYS X 293 27.54 -41.02 -7.07
C CYS X 293 26.83 -41.18 -5.73
N ARG X 294 25.50 -41.09 -5.73
CA ARG X 294 24.75 -41.26 -4.48
C ARG X 294 24.89 -42.67 -3.92
N LEU X 295 24.86 -43.68 -4.79
CA LEU X 295 24.98 -45.06 -4.29
C LEU X 295 26.36 -45.38 -3.75
N ARG X 296 27.37 -44.55 -4.06
CA ARG X 296 28.73 -44.82 -3.62
C ARG X 296 28.95 -44.48 -2.15
N ASN X 297 28.28 -43.44 -1.65
CA ASN X 297 28.53 -42.92 -0.30
C ASN X 297 27.72 -43.64 0.77
N THR X 298 27.31 -44.89 0.54
CA THR X 298 26.47 -45.59 1.50
C THR X 298 27.27 -46.19 2.66
N ALA X 299 28.60 -46.20 2.58
CA ALA X 299 29.44 -46.73 3.64
C ALA X 299 30.11 -45.57 4.37
N SER X 300 29.99 -45.56 5.70
CA SER X 300 30.48 -44.42 6.47
C SER X 300 32.00 -44.40 6.59
N VAL X 301 32.63 -45.57 6.79
CA VAL X 301 34.06 -45.65 7.02
C VAL X 301 34.71 -46.40 5.86
N LYS X 302 35.93 -45.99 5.51
CA LYS X 302 36.70 -46.61 4.45
C LYS X 302 38.12 -46.85 4.93
N VAL X 303 38.74 -47.93 4.43
CA VAL X 303 40.04 -48.37 4.88
C VAL X 303 40.96 -48.52 3.67
N LEU X 304 42.19 -48.04 3.81
CA LEU X 304 43.21 -48.15 2.77
C LEU X 304 44.37 -48.98 3.29
N LEU X 305 44.85 -49.91 2.48
CA LEU X 305 45.94 -50.80 2.85
C LEU X 305 47.11 -50.59 1.90
N GLY X 306 48.29 -51.02 2.34
CA GLY X 306 49.48 -50.90 1.53
C GLY X 306 50.56 -51.84 2.03
N ARG X 307 51.41 -52.29 1.11
CA ARG X 307 52.44 -53.25 1.45
C ARG X 307 53.46 -52.66 2.41
N LYS X 308 53.98 -53.51 3.31
CA LYS X 308 55.09 -53.11 4.15
C LYS X 308 56.37 -52.97 3.32
N SER X 309 57.21 -52.03 3.73
CA SER X 309 58.58 -51.98 3.22
C SER X 309 59.37 -53.08 3.93
N ASP X 310 59.68 -54.14 3.19
CA ASP X 310 60.26 -55.37 3.74
C ASP X 310 59.27 -56.06 4.69
N TYR X 494 28.40 -50.96 4.59
CA TYR X 494 28.63 -50.25 5.85
C TYR X 494 30.08 -49.82 6.00
N ASP X 495 30.99 -50.79 5.85
CA ASP X 495 32.42 -50.50 5.75
C ASP X 495 32.93 -51.06 4.43
N ILE X 496 33.65 -50.23 3.68
CA ILE X 496 34.16 -50.60 2.36
C ILE X 496 35.68 -50.53 2.41
N ILE X 497 36.33 -51.54 1.85
CA ILE X 497 37.77 -51.75 1.99
C ILE X 497 38.42 -51.62 0.62
N ASP X 498 39.45 -50.77 0.55
CA ASP X 498 40.23 -50.59 -0.67
C ASP X 498 41.59 -51.27 -0.49
N VAL X 499 41.99 -52.06 -1.47
CA VAL X 499 43.18 -52.88 -1.38
C VAL X 499 44.11 -52.48 -2.54
N SER X 500 45.14 -51.71 -2.22
CA SER X 500 46.21 -51.42 -3.16
C SER X 500 47.45 -52.26 -2.88
N LYS X 501 47.27 -53.46 -2.31
CA LYS X 501 48.40 -54.33 -1.99
C LYS X 501 49.16 -54.73 -3.25
N SER X 502 48.43 -55.08 -4.30
CA SER X 502 49.03 -55.83 -5.41
C SER X 502 50.02 -55.01 -6.20
N MET X 503 49.66 -53.78 -6.56
CA MET X 503 50.49 -53.00 -7.48
C MET X 503 51.59 -52.22 -6.77
N ASP X 504 51.69 -52.30 -5.45
CA ASP X 504 52.84 -51.75 -4.75
C ASP X 504 54.04 -52.66 -4.96
N ASP X 505 54.95 -52.25 -5.85
CA ASP X 505 56.19 -52.97 -6.09
C ASP X 505 57.34 -51.98 -5.92
N ASP X 506 58.07 -52.10 -4.81
CA ASP X 506 59.16 -51.18 -4.48
C ASP X 506 58.67 -49.73 -4.45
N THR X 507 57.49 -49.53 -3.85
CA THR X 507 56.83 -48.23 -3.84
C THR X 507 56.08 -48.07 -2.53
N TYR X 508 55.84 -46.82 -2.15
CA TYR X 508 55.16 -46.51 -0.90
C TYR X 508 54.07 -45.49 -1.16
N VAL X 509 53.11 -45.42 -0.24
CA VAL X 509 51.97 -44.51 -0.34
C VAL X 509 52.45 -43.15 0.16
N ALA X 510 52.69 -42.22 -0.76
CA ALA X 510 53.16 -40.89 -0.38
C ALA X 510 52.05 -40.09 0.31
N ASN X 511 50.85 -40.07 -0.27
CA ASN X 511 49.75 -39.32 0.29
C ASN X 511 48.44 -39.88 -0.24
N SER X 512 47.37 -39.61 0.49
CA SER X 512 46.03 -40.03 0.10
C SER X 512 45.04 -38.93 0.44
N PHE X 513 43.96 -38.86 -0.34
CA PHE X 513 42.97 -37.80 -0.21
C PHE X 513 41.57 -38.39 -0.22
N GLN X 514 40.62 -37.64 0.34
CA GLN X 514 39.20 -37.99 0.24
C GLN X 514 38.40 -36.72 0.04
N HIS X 515 37.46 -36.77 -0.91
CA HIS X 515 36.55 -35.66 -1.17
C HIS X 515 35.29 -36.22 -1.81
N PRO X 516 34.25 -36.47 -1.02
CA PRO X 516 33.00 -37.02 -1.57
C PRO X 516 32.21 -35.93 -2.28
N TYR X 517 31.90 -36.17 -3.55
CA TYR X 517 31.22 -35.20 -4.40
C TYR X 517 29.88 -35.78 -4.85
N ILE X 518 28.83 -34.96 -4.77
CA ILE X 518 27.51 -35.35 -5.24
C ILE X 518 26.94 -34.24 -6.11
N PRO X 519 26.87 -34.43 -7.43
CA PRO X 519 26.30 -33.40 -8.30
C PRO X 519 24.84 -33.12 -7.98
N SER X 520 24.46 -31.86 -8.12
CA SER X 520 23.08 -31.42 -7.90
C SER X 520 22.40 -31.19 -9.24
N TYR X 521 21.09 -31.45 -9.28
CA TYR X 521 20.38 -31.42 -10.56
C TYR X 521 19.01 -30.74 -10.49
N ALA X 522 18.72 -30.00 -9.42
CA ALA X 522 17.41 -29.35 -9.31
C ALA X 522 17.30 -28.15 -10.24
N GLN X 523 18.37 -27.33 -10.31
CA GLN X 523 18.33 -26.13 -11.12
C GLN X 523 18.17 -26.46 -12.60
N ASP X 524 18.86 -27.50 -13.07
CA ASP X 524 18.70 -27.91 -14.46
C ASP X 524 17.31 -28.44 -14.75
N LEU X 525 16.71 -29.17 -13.79
CA LEU X 525 15.34 -29.64 -13.98
C LEU X 525 14.37 -28.47 -14.09
N GLU X 526 14.54 -27.46 -13.23
CA GLU X 526 13.68 -26.27 -13.31
C GLU X 526 13.85 -25.55 -14.65
N ARG X 527 15.11 -25.37 -15.08
CA ARG X 527 15.37 -24.71 -16.36
C ARG X 527 14.75 -25.49 -17.50
N LEU X 528 14.87 -26.82 -17.47
CA LEU X 528 14.32 -27.65 -18.54
C LEU X 528 12.80 -27.59 -18.56
N SER X 529 12.16 -27.57 -17.39
CA SER X 529 10.71 -27.44 -17.34
C SER X 529 10.27 -26.12 -17.98
N ARG X 530 10.89 -25.02 -17.58
CA ARG X 530 10.50 -23.73 -18.13
C ARG X 530 10.79 -23.65 -19.62
N LEU X 531 11.89 -24.24 -20.07
CA LEU X 531 12.23 -24.24 -21.48
C LEU X 531 11.21 -25.04 -22.30
N TRP X 532 10.82 -26.22 -21.80
CA TRP X 532 9.78 -26.99 -22.47
C TRP X 532 8.50 -26.18 -22.59
N GLU X 533 8.09 -25.54 -21.49
CA GLU X 533 6.84 -24.77 -21.49
C GLU X 533 6.90 -23.64 -22.51
N HIS X 534 7.99 -22.86 -22.49
CA HIS X 534 8.09 -21.72 -23.40
C HIS X 534 8.13 -22.18 -24.86
N GLU X 535 8.89 -23.24 -25.14
CA GLU X 535 8.99 -23.75 -26.50
C GLU X 535 7.63 -24.18 -27.02
N LEU X 536 6.87 -24.93 -26.21
CA LEU X 536 5.57 -25.41 -26.67
C LEU X 536 4.56 -24.28 -26.78
N VAL X 537 4.64 -23.27 -25.91
CA VAL X 537 3.73 -22.14 -26.02
C VAL X 537 3.99 -21.35 -27.29
N ARG X 538 5.27 -21.07 -27.59
CA ARG X 538 5.58 -20.19 -28.70
C ARG X 538 5.51 -20.90 -30.06
N CYS X 539 5.80 -22.20 -30.10
CA CYS X 539 5.83 -22.87 -31.40
C CYS X 539 4.43 -23.11 -31.95
N PHE X 540 3.49 -23.49 -31.09
CA PHE X 540 2.13 -23.81 -31.51
C PHE X 540 1.15 -22.67 -31.28
N LYS X 541 1.64 -21.50 -30.87
CA LYS X 541 0.82 -20.29 -30.71
C LYS X 541 -0.34 -20.53 -29.74
N ILE X 542 0.02 -20.89 -28.52
CA ILE X 542 -0.95 -21.17 -27.46
C ILE X 542 -1.21 -19.89 -26.67
N LEU X 543 -2.49 -19.57 -26.49
CA LEU X 543 -2.90 -18.38 -25.75
C LEU X 543 -3.28 -18.79 -24.33
N CYS X 544 -2.61 -18.20 -23.35
CA CYS X 544 -2.78 -18.55 -21.94
C CYS X 544 -3.68 -17.51 -21.27
N HIS X 545 -4.84 -17.95 -20.79
CA HIS X 545 -5.69 -17.11 -19.97
C HIS X 545 -5.18 -17.08 -18.54
N ARG X 546 -5.28 -15.91 -17.90
CA ARG X 546 -4.78 -15.74 -16.54
C ARG X 546 -5.75 -14.91 -15.72
N ASN X 547 -5.66 -15.07 -14.41
CA ASN X 547 -6.50 -14.36 -13.47
C ASN X 547 -5.96 -12.95 -13.28
N ASN X 548 -6.47 -12.24 -12.26
CA ASN X 548 -5.90 -10.94 -11.90
C ASN X 548 -4.42 -11.08 -11.56
N GLN X 549 -4.08 -12.09 -10.76
CA GLN X 549 -2.69 -12.48 -10.54
C GLN X 549 -2.45 -13.98 -10.66
N GLY X 550 -3.49 -14.81 -10.60
CA GLY X 550 -3.29 -16.24 -10.79
C GLY X 550 -2.86 -16.55 -12.20
N GLN X 551 -2.10 -17.64 -12.34
CA GLN X 551 -1.48 -18.03 -13.60
C GLN X 551 -2.14 -19.29 -14.14
N GLU X 552 -2.40 -19.29 -15.45
CA GLU X 552 -2.92 -20.45 -16.17
C GLU X 552 -4.28 -20.89 -15.61
N THR X 553 -5.25 -19.99 -15.69
CA THR X 553 -6.63 -20.35 -15.38
C THR X 553 -7.17 -21.35 -16.39
N SER X 554 -6.87 -21.15 -17.67
CA SER X 554 -7.28 -22.07 -18.72
C SER X 554 -6.37 -21.88 -19.92
N ILE X 555 -6.31 -22.90 -20.76
CA ILE X 555 -5.45 -22.92 -21.94
C ILE X 555 -6.29 -23.24 -23.16
N SER X 556 -6.07 -22.49 -24.24
CA SER X 556 -6.81 -22.70 -25.47
C SER X 556 -6.01 -22.16 -26.65
N TYR X 557 -6.40 -22.56 -27.85
CA TYR X 557 -5.76 -22.11 -29.07
C TYR X 557 -5.96 -20.61 -29.26
N SER X 558 -4.93 -19.96 -29.82
CA SER X 558 -5.01 -18.55 -30.16
C SER X 558 -5.76 -18.36 -31.47
N SER X 559 -6.07 -17.10 -31.80
CA SER X 559 -6.78 -16.81 -33.03
C SER X 559 -5.97 -17.21 -34.26
N GLY X 560 -4.64 -17.14 -34.17
CA GLY X 560 -3.79 -17.54 -35.29
C GLY X 560 -3.38 -18.99 -35.27
N ALA X 561 -3.43 -19.64 -34.10
CA ALA X 561 -3.03 -21.04 -34.03
C ALA X 561 -3.95 -21.93 -34.86
N ILE X 562 -5.26 -21.67 -34.82
CA ILE X 562 -6.18 -22.47 -35.60
C ILE X 562 -6.00 -22.20 -37.09
N ALA X 563 -5.71 -20.96 -37.47
CA ALA X 563 -5.45 -20.66 -38.88
C ALA X 563 -4.15 -21.30 -39.35
N ALA X 564 -3.19 -21.49 -38.45
CA ALA X 564 -1.90 -22.05 -38.85
C ALA X 564 -1.88 -23.57 -38.81
N PHE X 565 -2.71 -24.21 -37.98
CA PHE X 565 -2.67 -25.65 -37.82
C PHE X 565 -3.97 -26.34 -38.18
N VAL X 566 -5.12 -25.81 -37.75
CA VAL X 566 -6.40 -26.43 -38.07
C VAL X 566 -6.71 -26.26 -39.55
N ALA X 567 -6.46 -25.07 -40.10
CA ALA X 567 -6.78 -24.82 -41.50
C ALA X 567 -6.00 -25.70 -42.47
N PRO X 568 -4.68 -25.87 -42.34
CA PRO X 568 -4.00 -26.81 -43.25
C PRO X 568 -4.51 -28.23 -43.13
N TYR X 569 -4.93 -28.64 -41.94
CA TYR X 569 -5.51 -29.98 -41.76
C TYR X 569 -6.69 -30.18 -42.70
N PHE X 570 -7.66 -29.27 -42.65
CA PHE X 570 -8.83 -29.37 -43.51
C PHE X 570 -8.46 -29.19 -44.98
N GLU X 571 -7.50 -28.32 -45.27
CA GLU X 571 -7.21 -27.98 -46.66
C GLU X 571 -6.48 -29.12 -47.37
N SER X 572 -5.49 -29.73 -46.72
CA SER X 572 -4.66 -30.73 -47.38
C SER X 572 -4.82 -32.13 -46.81
N VAL X 573 -4.87 -32.28 -45.48
CA VAL X 573 -4.92 -33.62 -44.90
C VAL X 573 -6.25 -34.30 -45.23
N LEU X 574 -7.35 -33.54 -45.14
CA LEU X 574 -8.66 -34.09 -45.45
C LEU X 574 -9.10 -33.81 -46.88
N ARG X 575 -8.50 -32.80 -47.54
CA ARG X 575 -8.94 -32.36 -48.86
C ARG X 575 -10.43 -32.03 -48.86
N ALA X 576 -10.88 -31.36 -47.81
CA ALA X 576 -12.28 -31.02 -47.66
C ALA X 576 -12.70 -30.00 -48.71
N PRO X 577 -13.97 -30.02 -49.12
CA PRO X 577 -14.42 -29.05 -50.14
C PRO X 577 -14.33 -27.61 -49.68
N ARG X 578 -14.96 -27.27 -48.56
CA ARG X 578 -14.92 -25.90 -48.05
C ARG X 578 -15.33 -25.90 -46.58
N VAL X 579 -14.87 -24.88 -45.86
CA VAL X 579 -15.24 -24.70 -44.46
C VAL X 579 -15.70 -23.28 -44.16
N GLY X 580 -15.81 -22.42 -45.16
CA GLY X 580 -16.24 -21.06 -44.92
C GLY X 580 -15.18 -20.25 -44.19
N ALA X 581 -15.61 -19.09 -43.69
CA ALA X 581 -14.71 -18.22 -42.95
C ALA X 581 -14.32 -18.89 -41.63
N PRO X 582 -13.03 -18.91 -41.29
CA PRO X 582 -12.62 -19.56 -40.03
C PRO X 582 -13.14 -18.81 -38.82
N ILE X 583 -13.33 -19.56 -37.73
CA ILE X 583 -13.74 -18.99 -36.45
C ILE X 583 -12.56 -18.27 -35.83
N THR X 584 -12.81 -17.52 -34.76
CA THR X 584 -11.75 -16.81 -34.06
C THR X 584 -11.26 -17.64 -32.87
N GLY X 585 -10.30 -17.09 -32.14
CA GLY X 585 -9.77 -17.78 -30.97
C GLY X 585 -10.63 -17.68 -29.73
N SER X 586 -11.70 -16.90 -29.78
CA SER X 586 -12.62 -16.79 -28.65
C SER X 586 -13.81 -17.73 -28.77
N ASP X 587 -14.17 -18.14 -30.00
CA ASP X 587 -15.28 -19.06 -30.18
C ASP X 587 -14.94 -20.48 -29.73
N VAL X 588 -13.66 -20.79 -29.58
CA VAL X 588 -13.27 -22.10 -29.04
C VAL X 588 -13.78 -22.26 -27.62
N ILE X 589 -13.74 -21.17 -26.83
CA ILE X 589 -14.23 -21.22 -25.46
C ILE X 589 -15.73 -21.52 -25.44
N LEU X 590 -16.48 -20.92 -26.36
CA LEU X 590 -17.93 -21.06 -26.36
C LEU X 590 -18.35 -22.52 -26.53
N GLY X 591 -19.50 -22.86 -25.97
CA GLY X 591 -20.06 -24.19 -26.10
C GLY X 591 -20.87 -24.33 -27.38
N GLU X 592 -21.56 -25.47 -27.48
CA GLU X 592 -22.39 -25.75 -28.65
C GLU X 592 -23.52 -24.73 -28.77
N GLU X 593 -24.28 -24.54 -27.69
CA GLU X 593 -25.42 -23.62 -27.71
C GLU X 593 -24.96 -22.19 -27.99
N GLU X 594 -23.90 -21.74 -27.31
CA GLU X 594 -23.43 -20.38 -27.49
C GLU X 594 -22.90 -20.16 -28.91
N LEU X 595 -22.18 -21.14 -29.45
CA LEU X 595 -21.69 -21.02 -30.82
C LEU X 595 -22.84 -20.94 -31.82
N TRP X 596 -23.86 -21.79 -31.64
CA TRP X 596 -25.02 -21.71 -32.54
C TRP X 596 -25.71 -20.37 -32.42
N ASP X 597 -25.87 -19.86 -31.20
CA ASP X 597 -26.53 -18.58 -31.02
C ASP X 597 -25.72 -17.45 -31.67
N ALA X 598 -24.39 -17.51 -31.53
CA ALA X 598 -23.54 -16.48 -32.13
C ALA X 598 -23.62 -16.51 -33.65
N VAL X 599 -23.59 -17.71 -34.25
CA VAL X 599 -23.61 -17.78 -35.71
C VAL X 599 -25.01 -17.49 -36.24
N PHE X 600 -26.03 -17.65 -35.40
CA PHE X 600 -27.41 -17.44 -35.83
C PHE X 600 -27.78 -15.96 -35.94
N LYS X 601 -27.17 -15.11 -35.10
CA LYS X 601 -27.56 -13.70 -35.08
C LYS X 601 -27.04 -12.95 -36.30
N LYS X 602 -25.78 -13.18 -36.66
CA LYS X 602 -25.12 -12.41 -37.73
C LYS X 602 -25.33 -13.01 -39.11
N THR X 603 -26.09 -14.09 -39.23
CA THR X 603 -26.22 -14.81 -40.49
C THR X 603 -27.37 -14.23 -41.32
N ARG X 604 -27.72 -14.93 -42.40
CA ARG X 604 -28.68 -14.41 -43.36
C ARG X 604 -30.11 -14.45 -42.82
N LEU X 605 -30.45 -15.47 -42.04
CA LEU X 605 -31.84 -15.69 -41.66
C LEU X 605 -32.39 -14.57 -40.79
N GLN X 606 -31.54 -13.97 -39.95
CA GLN X 606 -32.00 -12.95 -39.01
C GLN X 606 -32.60 -11.75 -39.74
N THR X 607 -32.01 -11.35 -40.87
CA THR X 607 -32.53 -10.20 -41.60
C THR X 607 -33.95 -10.46 -42.09
N TYR X 608 -34.20 -11.63 -42.67
CA TYR X 608 -35.56 -11.96 -43.10
C TYR X 608 -36.51 -12.01 -41.91
N LEU X 609 -36.08 -12.64 -40.82
CA LEU X 609 -36.97 -12.79 -39.67
C LEU X 609 -37.35 -11.43 -39.08
N THR X 610 -36.40 -10.50 -39.01
CA THR X 610 -36.72 -9.16 -38.52
C THR X 610 -37.51 -8.36 -39.56
N ASP X 611 -37.30 -8.64 -40.84
CA ASP X 611 -38.05 -7.94 -41.88
C ASP X 611 -39.54 -8.30 -41.81
N ILE X 612 -39.85 -9.59 -41.68
CA ILE X 612 -41.25 -10.01 -41.68
C ILE X 612 -41.97 -9.45 -40.46
N ALA X 613 -41.32 -9.46 -39.30
CA ALA X 613 -41.95 -8.94 -38.09
C ALA X 613 -42.31 -7.46 -38.22
N ALA X 614 -41.39 -6.67 -38.78
CA ALA X 614 -41.66 -5.24 -38.94
C ALA X 614 -42.84 -5.01 -39.89
N LEU X 615 -42.88 -5.75 -41.00
CA LEU X 615 -43.99 -5.61 -41.94
C LEU X 615 -45.31 -6.01 -41.29
N PHE X 616 -45.30 -7.10 -40.52
CA PHE X 616 -46.52 -7.55 -39.85
C PHE X 616 -47.00 -6.52 -38.84
N VAL X 617 -46.08 -5.94 -38.07
CA VAL X 617 -46.46 -4.90 -37.11
C VAL X 617 -46.99 -3.67 -37.85
N ALA X 618 -46.41 -3.37 -39.01
CA ALA X 618 -46.87 -2.21 -39.77
C ALA X 618 -48.28 -2.42 -40.29
N ASP X 619 -48.49 -3.43 -41.12
CA ASP X 619 -49.76 -3.61 -41.81
C ASP X 619 -50.87 -4.18 -40.94
N VAL X 620 -50.62 -4.35 -39.64
CA VAL X 620 -51.66 -4.94 -38.79
C VAL X 620 -52.79 -3.94 -38.56
N GLN X 621 -52.50 -2.63 -38.58
CA GLN X 621 -53.52 -1.62 -38.35
C GLN X 621 -53.76 -0.68 -39.51
N HIS X 622 -52.84 -0.59 -40.48
CA HIS X 622 -53.09 0.26 -41.65
C HIS X 622 -54.27 -0.26 -42.46
N ALA X 623 -54.37 -1.57 -42.63
CA ALA X 623 -55.46 -2.18 -43.37
C ALA X 623 -56.77 -2.05 -42.61
#